data_6ZOW
#
_entry.id   6ZOW
#
loop_
_entity.id
_entity.type
_entity.pdbx_description
1 polymer 'Spike glycoprotein'
2 branched 2-acetamido-2-deoxy-beta-D-glucopyranose-(1-4)-2-acetamido-2-deoxy-beta-D-glucopyranose
3 branched alpha-D-mannopyranose-(1-3)-beta-D-mannopyranose-(1-4)-2-acetamido-2-deoxy-beta-D-glucopyranose-(1-4)-2-acetamido-2-deoxy-beta-D-glucopyranose
4 branched beta-D-mannopyranose-(1-4)-2-acetamido-2-deoxy-beta-D-glucopyranose-(1-4)-2-acetamido-2-deoxy-beta-D-glucopyranose
5 branched beta-D-mannopyranose-(1-4)-2-acetamido-2-deoxy-beta-D-glucopyranose-(1-6)-2-acetamido-2-deoxy-beta-D-glucopyranose
6 non-polymer 2-acetamido-2-deoxy-beta-D-glucopyranose
7 non-polymer alpha-D-mannopyranose
8 non-polymer 'DIMETHYL SULFOXIDE'
9 water water
#
_entity_poly.entity_id   1
_entity_poly.type   'polypeptide(L)'
_entity_poly.pdbx_seq_one_letter_code
;MFVFLVLLPLVSSQCVNLTTRTQLPPAYTNSFTRGVYYPDKVFRSSVLHSTQDLFLPFFSNVTWFHAIHVSGTNGTKRFD
NPVLPFNDGVYFASTEKSNIIRGWIFGTTLDSKTQSLLIVNNATNVVIKVCEFQFCNDPFLGVYYHKNNKSWMESEFRVY
SSANNCTFEYVSQPFLMDLEGKQGNFKNLREFVFKNIDGYFKIYSKHTPINLVRDLPQGFSALEPLVDLPIGINITRFQT
LLALHRSYLTPGDSSSGWTAGAAAYYVGYLQPRTFLLKYNENGTITDAVDCALDPLSETKCTLKSFTVEKGIYQTSNFRV
QPTESIVRFPNITNLCPFGEVFNATRFASVYAWNRKRISNCVADYSVLYNSASFSTFKCYGVSPTKLNDLCFTNVYADSF
VIRGDEVRQIAPGQTGKIADYNYKLPDDFTGCVIAWNSNNLDSKVGGNYNYLYRLFRKSNLKPFERDISTEIYQAGSTPC
NGVEGFNCYFPLQSYGFQPTNGVGYQPYRVVVLSFELLHAPATVCGPKKSTNLVKNKCVNFNFNGLTGTGVLTESNKKFL
PFQQFGRDIADTTDAVRDPQTLEILDITPCSFGGVSVITPGTNTSNQVAVLYQDVNCTEVPVAIHADQLTPTWRVYSTGS
NVFQTRAGCLIGAEHVNNSYECDIPIGAGICASYQTQTNSPGSASSVASQSIIAYTMSLGAENSVAYSNNSIAIPTNFTI
SVTTEILPVSMTKTSVDCTMYICGDSTECSNLLLQYGSFCTQLNRALTGIAVEQDKNTQEVFAQVKQIYKTPPIKDFGGF
NFSQILPDPSKPSKRSFIEDLLFNKVTLADAGFIKQYGDCLGDIAARDLICAQKFNGLTVLPPLLTDEMIAQYTSALLAG
TITSGWTFGAGAALQIPFAMQMAYRFNGIGVTQNVLYENQKLIANQFNSAIGKIQDSLSSTASALGKLQDVVNQNAQALN
TLVKQLSSNFGAISSVLNDILSRLDPPEAEVQIDRLITGRLQSLQTYVTQQLIRAAEIRASANLAATKMSECVLGQSKRV
DFCGKGYHLMSFPQSAPHGVVFLHVTYVPAQEKNFTTAPAICHDGKAHFPREGVFVSNGTHWFVTQRNFYEPQIITTDNT
FVSGNCDVVIGIVNNTVYDPLQPELDSFKEELDKYFKNHTSPDVDLGDISGINASVVNIQKEIDRLNEVAKNLNESLIDL
QELGKYEQGSGYIPEAPRDGQAYVRKDGEWVLLSTFLGRSLEVLFQGPGHHHHHHHHSAWSHPQFEKGGGSGGGGSGGSA
WSHPQFEK
;
_entity_poly.pdbx_strand_id   A,C,B,a
#
loop_
_chem_comp.id
_chem_comp.type
_chem_comp.name
_chem_comp.formula
BMA D-saccharide, beta linking beta-D-mannopyranose 'C6 H12 O6'
DMS non-polymer 'DIMETHYL SULFOXIDE' 'C2 H6 O S'
MAN D-saccharide, alpha linking alpha-D-mannopyranose 'C6 H12 O6'
NAG D-saccharide, beta linking 2-acetamido-2-deoxy-beta-D-glucopyranose 'C8 H15 N O6'
#
# COMPACT_ATOMS: atom_id res chain seq x y z
CA ALA A 27 40.93 8.49 41.59
C ALA A 27 39.49 8.24 41.13
N TYR A 28 39.34 7.84 39.87
CA TYR A 28 38.02 7.64 39.29
C TYR A 28 37.28 6.51 40.00
N THR A 29 35.97 6.44 39.76
CA THR A 29 35.19 5.30 40.20
C THR A 29 33.93 5.20 39.33
N ASN A 30 33.38 4.00 39.23
CA ASN A 30 32.23 3.76 38.39
C ASN A 30 30.94 4.19 39.07
N SER A 31 30.07 4.84 38.31
CA SER A 31 28.74 5.23 38.76
C SER A 31 27.77 4.17 38.26
N PHE A 32 27.30 3.31 39.16
CA PHE A 32 26.52 2.15 38.79
C PHE A 32 25.29 2.51 37.97
N THR A 33 24.33 3.22 38.59
CA THR A 33 23.13 3.65 37.88
C THR A 33 22.74 5.08 38.22
N ARG A 34 23.64 5.84 38.85
CA ARG A 34 23.31 7.18 39.30
C ARG A 34 23.10 8.12 38.11
N GLY A 35 22.46 9.24 38.39
CA GLY A 35 22.30 10.31 37.42
C GLY A 35 20.96 10.35 36.71
N VAL A 36 20.04 9.46 37.03
CA VAL A 36 18.75 9.43 36.36
C VAL A 36 17.86 10.51 36.95
N TYR A 37 17.26 11.32 36.07
CA TYR A 37 16.40 12.41 36.48
C TYR A 37 15.21 12.49 35.55
N TYR A 38 14.19 13.23 35.98
CA TYR A 38 12.98 13.38 35.17
C TYR A 38 13.26 14.34 34.02
N PRO A 39 13.17 13.88 32.77
CA PRO A 39 13.62 14.72 31.65
C PRO A 39 12.72 15.92 31.40
N ASP A 40 11.44 15.86 31.78
CA ASP A 40 10.54 16.95 31.52
C ASP A 40 9.49 17.01 32.62
N LYS A 41 8.90 18.19 32.79
CA LYS A 41 7.91 18.40 33.83
C LYS A 41 6.66 17.58 33.62
N VAL A 42 6.43 17.10 32.40
CA VAL A 42 5.20 16.37 32.08
C VAL A 42 5.17 15.07 32.86
N PHE A 43 4.04 14.78 33.48
CA PHE A 43 3.87 13.60 34.32
C PHE A 43 3.51 12.40 33.46
N ARG A 44 4.03 11.23 33.85
CA ARG A 44 3.65 9.96 33.28
C ARG A 44 3.61 8.93 34.40
N SER A 45 2.93 7.82 34.15
CA SER A 45 2.80 6.80 35.17
C SER A 45 2.53 5.44 34.53
N SER A 46 3.20 4.41 35.04
CA SER A 46 2.99 3.03 34.62
C SER A 46 3.19 2.86 33.11
N VAL A 47 4.18 3.56 32.56
CA VAL A 47 4.46 3.51 31.13
C VAL A 47 5.95 3.66 30.92
N LEU A 48 6.45 2.98 29.89
CA LEU A 48 7.83 3.14 29.46
C LEU A 48 7.90 4.26 28.44
N HIS A 49 8.88 5.15 28.60
CA HIS A 49 9.01 6.31 27.73
C HIS A 49 10.46 6.42 27.26
N SER A 50 10.65 6.54 25.94
CA SER A 50 11.97 6.69 25.35
C SER A 50 12.22 8.17 25.11
N THR A 51 13.28 8.70 25.70
CA THR A 51 13.59 10.12 25.62
C THR A 51 15.04 10.32 25.28
N GLN A 52 15.33 11.42 24.57
CA GLN A 52 16.69 11.80 24.23
C GLN A 52 17.04 13.08 24.96
N ASP A 53 18.10 13.02 25.77
CA ASP A 53 18.50 14.15 26.59
C ASP A 53 19.85 13.81 27.20
N LEU A 54 20.43 14.78 27.90
CA LEU A 54 21.73 14.60 28.54
C LEU A 54 21.56 13.87 29.86
N PHE A 55 22.09 12.65 29.95
CA PHE A 55 22.07 11.85 31.16
C PHE A 55 23.48 11.44 31.51
N LEU A 56 23.65 10.96 32.74
CA LEU A 56 24.92 10.38 33.15
C LEU A 56 24.98 8.95 32.65
N PRO A 57 25.89 8.63 31.74
CA PRO A 57 25.95 7.26 31.20
C PRO A 57 26.19 6.24 32.29
N PHE A 58 25.44 5.14 32.22
CA PHE A 58 25.56 4.09 33.22
C PHE A 58 26.96 3.51 33.22
N PHE A 59 27.44 3.16 34.41
CA PHE A 59 28.74 2.51 34.59
C PHE A 59 29.87 3.37 34.04
N SER A 60 29.75 4.69 34.15
CA SER A 60 30.78 5.59 33.66
C SER A 60 31.76 5.94 34.78
N ASN A 61 32.87 6.56 34.38
CA ASN A 61 33.93 6.92 35.30
C ASN A 61 33.73 8.36 35.78
N VAL A 62 33.64 8.55 37.09
CA VAL A 62 33.50 9.86 37.71
C VAL A 62 34.75 10.14 38.53
N THR A 63 35.20 11.38 38.51
CA THR A 63 36.41 11.78 39.22
C THR A 63 36.09 12.06 40.68
N TRP A 64 36.86 11.47 41.57
CA TRP A 64 36.63 11.56 43.01
C TRP A 64 37.68 12.49 43.60
N PHE A 65 37.26 13.69 44.01
CA PHE A 65 38.17 14.72 44.48
C PHE A 65 38.20 14.77 45.99
N HIS A 66 39.39 14.94 46.55
CA HIS A 66 39.57 15.07 47.99
C HIS A 66 39.90 16.51 48.36
N ASN A 81 40.96 21.07 45.61
CA ASN A 81 39.69 21.26 44.90
C ASN A 81 39.87 22.23 43.73
N PRO A 82 40.58 21.79 42.69
CA PRO A 82 40.97 22.71 41.61
C PRO A 82 39.86 22.99 40.61
N VAL A 83 40.22 23.71 39.55
CA VAL A 83 39.37 24.01 38.41
C VAL A 83 38.74 22.73 37.87
N LEU A 84 37.51 22.83 37.37
CA LEU A 84 36.80 21.70 36.79
C LEU A 84 35.89 22.16 35.66
N PRO A 85 35.99 21.57 34.48
CA PRO A 85 35.15 21.99 33.36
C PRO A 85 33.71 21.51 33.52
N PHE A 86 32.80 22.18 32.82
CA PHE A 86 31.39 21.83 32.85
C PHE A 86 31.09 20.68 31.89
N ASN A 87 31.57 20.79 30.66
CA ASN A 87 31.43 19.73 29.65
C ASN A 87 29.98 19.35 29.43
N ASP A 88 29.12 20.36 29.25
CA ASP A 88 27.73 20.18 28.88
C ASP A 88 26.99 19.32 29.90
N GLY A 89 26.94 19.81 31.12
CA GLY A 89 26.23 19.11 32.18
C GLY A 89 27.20 18.46 33.15
N VAL A 90 26.87 18.54 34.43
CA VAL A 90 27.69 17.99 35.50
C VAL A 90 26.80 17.24 36.47
N TYR A 91 27.32 16.13 37.00
CA TYR A 91 26.67 15.37 38.06
C TYR A 91 27.61 15.44 39.25
N PHE A 92 27.18 16.13 40.31
CA PHE A 92 27.97 16.34 41.51
C PHE A 92 27.32 15.56 42.64
N ALA A 93 28.01 14.52 43.12
CA ALA A 93 27.52 13.74 44.24
C ALA A 93 28.46 13.92 45.43
N SER A 94 27.91 13.77 46.64
CA SER A 94 28.75 13.85 47.81
C SER A 94 28.06 13.12 48.96
N THR A 95 28.87 12.74 49.95
CA THR A 95 28.37 12.03 51.13
C THR A 95 29.03 12.61 52.37
N GLU A 96 28.36 13.58 53.00
CA GLU A 96 28.89 14.25 54.17
C GLU A 96 27.75 14.59 55.12
N LYS A 97 28.05 14.59 56.42
CA LYS A 97 27.09 14.97 57.44
C LYS A 97 27.43 16.29 58.13
N SER A 98 28.66 16.76 57.99
CA SER A 98 29.09 18.00 58.62
C SER A 98 28.77 19.24 57.80
N ASN A 99 28.22 19.05 56.59
CA ASN A 99 27.76 20.16 55.75
C ASN A 99 28.90 21.11 55.40
N ILE A 100 30.04 20.56 55.01
CA ILE A 100 31.19 21.38 54.64
C ILE A 100 30.98 22.00 53.26
N ILE A 101 30.53 21.20 52.30
CA ILE A 101 30.25 21.70 50.96
C ILE A 101 29.03 22.61 51.04
N ARG A 102 29.24 23.91 50.80
CA ARG A 102 28.15 24.88 50.90
C ARG A 102 27.49 25.11 49.54
N GLY A 103 28.26 25.62 48.58
CA GLY A 103 27.68 25.99 47.29
C GLY A 103 28.72 25.98 46.21
N TRP A 104 28.25 26.08 44.98
CA TRP A 104 29.10 26.00 43.80
C TRP A 104 29.16 27.34 43.09
N ILE A 105 30.26 27.56 42.37
CA ILE A 105 30.41 28.73 41.50
C ILE A 105 30.56 28.23 40.08
N PHE A 106 29.99 28.98 39.13
CA PHE A 106 29.92 28.58 37.74
C PHE A 106 30.32 29.78 36.89
N GLY A 107 31.47 29.71 36.24
CA GLY A 107 31.94 30.86 35.49
C GLY A 107 32.71 30.45 34.25
N THR A 108 32.73 31.36 33.27
CA THR A 108 33.50 31.14 32.06
C THR A 108 34.99 31.10 32.37
N THR A 109 35.51 32.17 32.96
CA THR A 109 36.90 32.26 33.36
C THR A 109 37.08 32.76 34.78
N LEU A 110 35.99 32.92 35.55
CA LEU A 110 36.00 33.38 36.93
C LEU A 110 36.51 34.80 37.08
N ASP A 111 36.71 35.52 35.98
CA ASP A 111 37.10 36.92 36.05
C ASP A 111 35.88 37.79 36.32
N SER A 112 36.13 38.98 36.86
CA SER A 112 35.05 39.90 37.18
C SER A 112 34.36 40.45 35.94
N LYS A 113 35.00 40.35 34.77
CA LYS A 113 34.37 40.85 33.54
C LYS A 113 33.21 39.96 33.10
N THR A 114 33.25 38.67 33.42
CA THR A 114 32.23 37.72 33.02
C THR A 114 31.34 37.37 34.20
N GLN A 115 30.10 37.01 33.89
CA GLN A 115 29.16 36.62 34.93
C GLN A 115 29.51 35.25 35.48
N SER A 116 29.11 35.01 36.74
CA SER A 116 29.41 33.76 37.43
C SER A 116 28.23 33.41 38.32
N LEU A 117 27.64 32.24 38.10
CA LEU A 117 26.45 31.81 38.85
C LEU A 117 26.88 31.35 40.24
N LEU A 118 27.20 32.31 41.08
CA LEU A 118 27.64 32.03 42.45
C LEU A 118 26.44 31.61 43.28
N ILE A 119 26.38 30.34 43.63
CA ILE A 119 25.36 29.80 44.52
C ILE A 119 25.95 29.65 45.91
N VAL A 120 25.28 30.21 46.91
CA VAL A 120 25.73 30.16 48.30
C VAL A 120 24.61 29.57 49.14
N ASN A 121 24.97 28.63 50.02
CA ASN A 121 24.04 28.04 50.97
C ASN A 121 24.59 28.32 52.37
N ASN A 122 23.85 29.11 53.16
CA ASN A 122 24.28 29.47 54.51
C ASN A 122 23.31 28.93 55.56
N ALA A 123 22.88 27.68 55.37
CA ALA A 123 22.12 26.87 56.32
C ALA A 123 20.69 27.35 56.52
N THR A 124 20.28 28.46 55.92
CA THR A 124 18.90 28.87 56.03
C THR A 124 18.24 29.12 54.67
N ASN A 125 18.97 29.71 53.72
CA ASN A 125 18.45 30.03 52.40
C ASN A 125 19.47 29.62 51.35
N VAL A 126 19.06 29.68 50.10
CA VAL A 126 19.97 29.58 48.96
C VAL A 126 19.97 30.93 48.24
N VAL A 127 21.16 31.42 47.93
CA VAL A 127 21.34 32.70 47.25
C VAL A 127 22.08 32.43 45.95
N ILE A 128 21.66 33.09 44.88
CA ILE A 128 22.27 32.92 43.57
C ILE A 128 22.52 34.29 42.97
N LYS A 129 23.77 34.60 42.69
CA LYS A 129 24.14 35.85 42.04
C LYS A 129 24.85 35.57 40.72
N VAL A 130 24.88 36.58 39.86
CA VAL A 130 25.57 36.48 38.58
C VAL A 130 26.64 37.56 38.44
N CYS A 131 27.07 38.15 39.55
CA CYS A 131 28.14 39.13 39.52
C CYS A 131 29.20 38.80 40.59
N SER A 162 34.18 41.48 44.85
CA SER A 162 33.57 42.49 43.99
C SER A 162 32.17 42.08 43.55
N ALA A 163 31.29 43.06 43.40
CA ALA A 163 29.91 42.85 42.97
C ALA A 163 29.51 43.91 41.95
N ASN A 164 30.34 44.10 40.93
CA ASN A 164 30.11 45.13 39.93
C ASN A 164 29.42 44.56 38.70
N ASN A 165 28.61 45.40 38.05
CA ASN A 165 27.84 45.03 36.86
C ASN A 165 26.92 43.85 37.13
N CYS A 166 26.14 43.95 38.20
CA CYS A 166 25.20 42.88 38.54
C CYS A 166 24.00 42.91 37.61
N THR A 167 23.63 41.73 37.11
CA THR A 167 22.55 41.59 36.13
C THR A 167 21.32 40.89 36.67
N PHE A 168 21.49 39.91 37.55
CA PHE A 168 20.36 39.15 38.06
C PHE A 168 20.74 38.53 39.40
N GLU A 169 19.76 38.46 40.30
CA GLU A 169 19.93 37.81 41.59
C GLU A 169 18.70 36.94 41.85
N TYR A 170 18.83 36.05 42.83
CA TYR A 170 17.73 35.15 43.16
C TYR A 170 17.94 34.59 44.56
N VAL A 171 16.85 34.40 45.29
CA VAL A 171 16.89 33.90 46.65
C VAL A 171 15.75 32.92 46.84
N SER A 172 16.03 31.78 47.48
CA SER A 172 14.99 30.81 47.82
C SER A 172 15.40 30.08 49.09
N GLN A 173 14.72 28.97 49.37
CA GLN A 173 14.97 28.19 50.56
C GLN A 173 16.37 27.59 50.56
N ASN A 188 24.20 9.75 54.45
CA ASN A 188 23.33 10.63 53.68
C ASN A 188 24.09 11.29 52.53
N LEU A 189 23.70 10.96 51.31
CA LEU A 189 24.36 11.48 50.12
C LEU A 189 23.47 12.49 49.43
N ARG A 190 24.06 13.61 49.02
CA ARG A 190 23.38 14.63 48.23
C ARG A 190 23.86 14.51 46.79
N GLU A 191 22.91 14.32 45.87
CA GLU A 191 23.20 14.26 44.44
C GLU A 191 22.59 15.47 43.74
N PHE A 192 23.36 16.04 42.81
CA PHE A 192 22.91 17.16 42.00
C PHE A 192 23.28 16.92 40.55
N VAL A 193 22.44 17.45 39.67
CA VAL A 193 22.70 17.51 38.23
C VAL A 193 22.51 18.95 37.79
N PHE A 194 23.60 19.56 37.31
CA PHE A 194 23.59 20.93 36.80
C PHE A 194 23.67 20.88 35.29
N LYS A 195 22.61 21.36 34.62
CA LYS A 195 22.59 21.40 33.17
C LYS A 195 22.28 22.81 32.70
N ASN A 196 22.79 23.14 31.52
CA ASN A 196 22.59 24.46 30.91
C ASN A 196 22.17 24.26 29.47
N ILE A 197 20.88 24.47 29.19
CA ILE A 197 20.33 24.24 27.87
C ILE A 197 19.44 25.42 27.48
N ASP A 198 19.63 25.95 26.28
CA ASP A 198 18.80 27.02 25.72
C ASP A 198 18.79 28.24 26.62
N GLY A 199 19.95 28.58 27.19
CA GLY A 199 20.05 29.70 28.09
C GLY A 199 19.41 29.51 29.44
N TYR A 200 18.90 28.32 29.73
CA TYR A 200 18.30 28.01 31.01
C TYR A 200 19.25 27.14 31.83
N PHE A 201 19.41 27.48 33.11
CA PHE A 201 20.21 26.69 34.03
C PHE A 201 19.26 25.89 34.91
N LYS A 202 19.28 24.57 34.74
CA LYS A 202 18.42 23.67 35.51
C LYS A 202 19.25 22.88 36.50
N ILE A 203 18.71 22.72 37.70
CA ILE A 203 19.34 21.93 38.75
C ILE A 203 18.36 20.85 39.18
N TYR A 204 18.89 19.63 39.32
CA TYR A 204 18.13 18.51 39.85
C TYR A 204 18.87 17.97 41.06
N SER A 205 18.14 17.42 42.02
CA SER A 205 18.80 17.05 43.26
C SER A 205 18.00 15.98 43.99
N LYS A 206 18.69 15.28 44.88
CA LYS A 206 18.04 14.28 45.72
C LYS A 206 18.96 13.87 46.85
N HIS A 207 18.37 13.70 48.04
CA HIS A 207 19.05 13.10 49.17
C HIS A 207 18.78 11.61 49.20
N THR A 208 19.77 10.84 49.66
CA THR A 208 19.62 9.39 49.69
C THR A 208 20.31 8.83 50.94
N PRO A 209 19.59 8.05 51.76
CA PRO A 209 20.22 7.41 52.91
C PRO A 209 20.71 6.00 52.60
N ILE A 210 21.91 5.69 53.06
CA ILE A 210 22.53 4.38 52.86
C ILE A 210 23.18 3.95 54.17
N ASN A 211 23.69 2.71 54.17
CA ASN A 211 24.48 2.22 55.29
C ASN A 211 25.96 2.60 55.17
N LEU A 212 26.64 2.06 54.15
CA LEU A 212 28.08 2.25 53.99
C LEU A 212 28.43 2.13 52.52
N VAL A 213 29.35 2.98 52.06
CA VAL A 213 30.02 2.81 50.78
C VAL A 213 31.23 3.71 50.78
N ARG A 214 32.25 3.33 50.00
CA ARG A 214 33.38 4.20 49.77
C ARG A 214 33.14 5.08 48.54
N ASP A 215 32.58 4.53 47.47
CA ASP A 215 32.29 5.35 46.30
C ASP A 215 30.99 4.88 45.63
N LEU A 216 30.10 5.84 45.36
CA LEU A 216 28.94 5.66 44.50
C LEU A 216 28.11 4.43 44.84
N PRO A 217 27.29 4.47 45.89
CA PRO A 217 26.49 3.31 46.26
C PRO A 217 25.55 2.90 45.13
N GLN A 218 25.12 1.64 45.20
CA GLN A 218 24.27 1.08 44.16
C GLN A 218 22.82 1.50 44.39
N GLY A 219 21.89 0.86 43.69
CA GLY A 219 20.49 1.18 43.79
C GLY A 219 20.04 2.09 42.67
N PHE A 220 18.77 2.52 42.78
CA PHE A 220 18.19 3.41 41.78
C PHE A 220 17.39 4.50 42.49
N SER A 221 17.67 5.75 42.15
CA SER A 221 16.95 6.87 42.72
C SER A 221 16.88 7.99 41.68
N ALA A 222 15.67 8.44 41.38
CA ALA A 222 15.47 9.52 40.43
C ALA A 222 15.63 10.86 41.11
N LEU A 223 16.17 11.82 40.38
CA LEU A 223 16.47 13.15 40.91
C LEU A 223 15.48 14.15 40.32
N GLU A 224 14.70 14.79 41.20
CA GLU A 224 13.66 15.75 40.85
C GLU A 224 14.22 17.15 40.72
N PRO A 225 13.67 17.98 39.84
CA PRO A 225 14.17 19.34 39.67
C PRO A 225 13.72 20.26 40.79
N LEU A 226 14.55 21.26 41.07
CA LEU A 226 14.28 22.20 42.15
C LEU A 226 13.92 23.58 41.62
N VAL A 227 14.80 24.22 40.84
CA VAL A 227 14.57 25.55 40.31
C VAL A 227 15.14 25.62 38.90
N ASP A 228 14.64 26.60 38.14
CA ASP A 228 15.11 26.86 36.79
C ASP A 228 15.47 28.32 36.68
N LEU A 229 16.64 28.61 36.10
CA LEU A 229 17.13 29.97 35.98
C LEU A 229 17.40 30.28 34.52
N PRO A 230 16.83 31.34 33.97
CA PRO A 230 17.10 31.73 32.57
C PRO A 230 18.29 32.68 32.46
N ILE A 231 19.46 32.19 32.87
CA ILE A 231 20.65 33.03 32.95
C ILE A 231 21.28 33.22 31.56
N GLY A 232 21.55 32.12 30.87
CA GLY A 232 22.15 32.20 29.54
C GLY A 232 23.57 32.73 29.53
N ILE A 233 24.47 32.07 30.25
CA ILE A 233 25.87 32.50 30.32
C ILE A 233 26.77 31.39 29.81
N ASN A 234 27.83 31.78 29.11
CA ASN A 234 28.85 30.83 28.67
C ASN A 234 29.53 30.21 29.88
N ILE A 235 29.38 28.90 30.05
CA ILE A 235 29.90 28.20 31.22
C ILE A 235 30.80 27.07 30.76
N THR A 236 32.10 27.21 31.02
CA THR A 236 33.08 26.17 30.72
C THR A 236 33.85 25.74 31.96
N ARG A 237 33.43 26.16 33.15
CA ARG A 237 34.17 25.88 34.36
C ARG A 237 33.26 26.01 35.56
N PHE A 238 33.40 25.07 36.49
CA PHE A 238 32.66 25.10 37.75
C PHE A 238 33.59 24.71 38.87
N GLN A 239 33.29 25.19 40.08
CA GLN A 239 34.15 24.95 41.22
C GLN A 239 33.32 24.98 42.50
N THR A 240 33.41 23.92 43.29
CA THR A 240 32.75 23.90 44.58
C THR A 240 33.63 24.55 45.63
N LEU A 241 33.01 24.90 46.76
CA LEU A 241 33.73 25.54 47.86
C LEU A 241 33.28 24.90 49.17
N LEU A 242 34.06 25.16 50.22
CA LEU A 242 33.80 24.56 51.52
C LEU A 242 33.46 25.62 52.56
N ALA A 262 39.92 17.65 54.66
CA ALA A 262 39.22 18.14 53.48
C ALA A 262 38.02 17.26 53.15
N ALA A 263 37.17 17.73 52.25
CA ALA A 263 35.99 16.98 51.85
C ALA A 263 36.32 16.11 50.64
N ALA A 264 35.30 15.43 50.10
CA ALA A 264 35.46 14.58 48.93
C ALA A 264 34.15 14.55 48.17
N TYR A 265 34.23 14.72 46.85
CA TYR A 265 33.02 14.80 46.03
C TYR A 265 33.28 14.17 44.68
N TYR A 266 32.21 13.66 44.07
CA TYR A 266 32.28 12.95 42.80
C TYR A 266 31.74 13.83 41.69
N VAL A 267 32.50 13.96 40.61
CA VAL A 267 32.11 14.77 39.46
C VAL A 267 32.03 13.86 38.24
N GLY A 268 30.88 13.86 37.58
CA GLY A 268 30.70 13.08 36.37
C GLY A 268 29.99 13.83 35.28
N TYR A 269 30.60 13.94 34.11
CA TYR A 269 30.04 14.76 33.05
C TYR A 269 28.90 14.03 32.34
N LEU A 270 27.83 14.76 32.08
CA LEU A 270 26.70 14.19 31.36
C LEU A 270 27.07 13.96 29.90
N GLN A 271 26.16 13.31 29.18
CA GLN A 271 26.40 12.96 27.79
C GLN A 271 25.05 12.84 27.10
N PRO A 272 24.95 13.24 25.83
CA PRO A 272 23.66 13.11 25.12
C PRO A 272 23.36 11.69 24.72
N ARG A 273 22.83 10.90 25.66
CA ARG A 273 22.51 9.49 25.41
C ARG A 273 21.04 9.25 25.74
N THR A 274 20.31 8.72 24.78
CA THR A 274 18.89 8.48 24.96
C THR A 274 18.64 7.33 25.93
N PHE A 275 17.63 7.49 26.77
CA PHE A 275 17.26 6.50 27.76
C PHE A 275 15.84 6.02 27.50
N LEU A 276 15.50 4.89 28.13
CA LEU A 276 14.13 4.41 28.22
C LEU A 276 13.82 4.30 29.71
N LEU A 277 12.88 5.11 30.17
CA LEU A 277 12.54 5.24 31.57
C LEU A 277 11.27 4.44 31.85
N LYS A 278 11.27 3.69 32.96
CA LYS A 278 10.11 2.90 33.37
C LYS A 278 9.47 3.62 34.56
N TYR A 279 8.43 4.41 34.26
CA TYR A 279 7.70 5.08 35.32
C TYR A 279 6.88 4.07 36.13
N ASN A 280 6.69 4.38 37.40
CA ASN A 280 6.02 3.46 38.32
C ASN A 280 4.52 3.79 38.35
N GLU A 281 3.78 3.13 39.25
CA GLU A 281 2.38 3.47 39.44
C GLU A 281 2.21 4.85 40.06
N ASN A 282 3.15 5.25 40.93
CA ASN A 282 3.14 6.62 41.46
C ASN A 282 3.48 7.64 40.39
N GLY A 283 4.15 7.21 39.32
CA GLY A 283 4.73 8.13 38.37
C GLY A 283 6.21 8.40 38.57
N THR A 284 6.83 7.73 39.53
CA THR A 284 8.25 7.90 39.79
C THR A 284 9.07 6.97 38.89
N ILE A 285 10.30 7.38 38.60
CA ILE A 285 11.20 6.60 37.75
C ILE A 285 11.85 5.54 38.64
N THR A 286 11.39 4.29 38.50
CA THR A 286 11.95 3.20 39.28
C THR A 286 13.08 2.48 38.58
N ASP A 287 13.21 2.63 37.26
CA ASP A 287 14.30 2.00 36.53
C ASP A 287 14.47 2.67 35.19
N ALA A 288 15.63 2.44 34.58
CA ALA A 288 15.95 3.05 33.29
C ALA A 288 16.97 2.17 32.59
N VAL A 289 16.96 2.23 31.26
CA VAL A 289 17.91 1.49 30.45
C VAL A 289 18.48 2.41 29.38
N ASP A 290 19.80 2.46 29.28
CA ASP A 290 20.48 3.32 28.32
C ASP A 290 20.68 2.59 27.01
N CYS A 291 20.32 3.26 25.91
CA CYS A 291 20.25 2.57 24.62
C CYS A 291 21.62 2.25 24.05
N ALA A 292 22.69 2.84 24.57
CA ALA A 292 24.01 2.70 23.95
C ALA A 292 25.04 2.08 24.89
N LEU A 293 24.61 1.36 25.92
CA LEU A 293 25.56 0.73 26.82
C LEU A 293 26.12 -0.55 26.22
N ASP A 294 25.24 -1.44 25.76
CA ASP A 294 25.63 -2.72 25.21
C ASP A 294 24.48 -3.23 24.37
N PRO A 295 24.71 -4.27 23.55
CA PRO A 295 23.65 -4.71 22.62
C PRO A 295 22.35 -5.12 23.32
N LEU A 296 22.44 -5.76 24.48
CA LEU A 296 21.23 -6.15 25.19
C LEU A 296 20.39 -4.94 25.54
N SER A 297 21.03 -3.85 25.97
CA SER A 297 20.28 -2.64 26.29
C SER A 297 19.73 -1.97 25.05
N GLU A 298 20.46 -2.03 23.94
CA GLU A 298 19.93 -1.49 22.68
C GLU A 298 18.68 -2.24 22.25
N THR A 299 18.65 -3.56 22.49
CA THR A 299 17.47 -4.33 22.14
C THR A 299 16.32 -4.08 23.11
N LYS A 300 16.64 -3.91 24.40
CA LYS A 300 15.62 -3.48 25.35
C LYS A 300 15.00 -2.16 24.92
N CYS A 301 15.83 -1.27 24.35
CA CYS A 301 15.32 0.01 23.87
C CYS A 301 14.42 -0.17 22.66
N THR A 302 14.90 -0.90 21.65
CA THR A 302 14.14 -1.01 20.41
C THR A 302 12.92 -1.91 20.54
N LEU A 303 12.84 -2.73 21.59
CA LEU A 303 11.67 -3.55 21.85
C LEU A 303 10.69 -2.91 22.82
N LYS A 304 11.06 -1.80 23.44
CA LYS A 304 10.23 -1.12 24.44
C LYS A 304 9.84 -2.07 25.57
N SER A 305 10.86 -2.68 26.17
CA SER A 305 10.64 -3.59 27.28
C SER A 305 11.94 -3.72 28.06
N PHE A 306 11.82 -4.21 29.29
CA PHE A 306 12.97 -4.54 30.11
C PHE A 306 13.28 -6.03 30.08
N THR A 307 12.46 -6.82 29.40
CA THR A 307 12.70 -8.25 29.24
C THR A 307 12.38 -8.62 27.81
N VAL A 308 13.33 -9.24 27.13
CA VAL A 308 13.16 -9.71 25.77
C VAL A 308 13.29 -11.23 25.75
N GLU A 309 12.47 -11.87 24.93
CA GLU A 309 12.45 -13.32 24.89
C GLU A 309 13.61 -13.85 24.07
N LYS A 310 13.84 -15.16 24.19
CA LYS A 310 14.88 -15.81 23.41
C LYS A 310 14.62 -15.63 21.91
N GLY A 311 15.60 -15.07 21.21
CA GLY A 311 15.47 -14.87 19.79
C GLY A 311 16.58 -13.97 19.26
N ILE A 312 16.50 -13.68 17.98
CA ILE A 312 17.45 -12.82 17.29
C ILE A 312 16.71 -11.59 16.78
N TYR A 313 17.10 -10.42 17.24
CA TYR A 313 16.42 -9.16 16.94
C TYR A 313 17.37 -8.22 16.22
N GLN A 314 16.93 -7.67 15.10
CA GLN A 314 17.73 -6.70 14.39
C GLN A 314 17.74 -5.38 15.16
N THR A 315 18.76 -5.19 16.00
CA THR A 315 18.75 -4.05 16.89
C THR A 315 19.05 -2.75 16.15
N SER A 316 19.92 -2.77 15.15
CA SER A 316 20.26 -1.51 14.49
C SER A 316 20.86 -1.80 13.12
N ASN A 317 21.45 -0.78 12.52
CA ASN A 317 22.18 -0.92 11.27
C ASN A 317 23.60 -0.38 11.47
N PHE A 318 24.53 -0.91 10.69
CA PHE A 318 25.94 -0.60 10.84
C PHE A 318 26.52 -0.30 9.47
N ARG A 319 27.02 0.92 9.30
CA ARG A 319 27.68 1.32 8.06
C ARG A 319 29.05 1.87 8.40
N VAL A 320 30.08 1.39 7.70
CA VAL A 320 31.43 1.88 7.94
C VAL A 320 31.51 3.34 7.51
N GLN A 321 31.97 4.19 8.40
CA GLN A 321 31.97 5.61 8.11
C GLN A 321 33.19 5.98 7.25
N PRO A 322 33.03 6.88 6.29
CA PRO A 322 34.13 7.22 5.40
C PRO A 322 35.14 8.13 6.09
N THR A 323 36.39 8.01 5.65
CA THR A 323 37.50 8.80 6.17
C THR A 323 38.18 9.54 5.03
N GLU A 324 38.76 10.70 5.38
CA GLU A 324 39.58 11.52 4.48
C GLU A 324 38.97 11.67 3.09
N SER A 325 37.82 12.33 3.00
CA SER A 325 37.17 12.59 1.72
C SER A 325 38.14 13.27 0.75
N ILE A 326 38.03 12.91 -0.52
CA ILE A 326 38.95 13.37 -1.56
C ILE A 326 38.15 14.04 -2.68
N VAL A 327 38.80 14.99 -3.34
CA VAL A 327 38.24 15.68 -4.50
C VAL A 327 39.26 15.65 -5.62
N ARG A 328 38.78 15.54 -6.85
CA ARG A 328 39.67 15.54 -8.01
C ARG A 328 39.03 16.28 -9.17
N PHE A 329 39.86 17.00 -9.92
CA PHE A 329 39.43 17.78 -11.06
C PHE A 329 40.61 17.86 -12.03
N PRO A 330 40.35 17.87 -13.34
CA PRO A 330 41.44 17.72 -14.31
C PRO A 330 42.48 18.83 -14.20
N ASN A 331 43.63 18.59 -14.83
CA ASN A 331 44.73 19.54 -14.77
C ASN A 331 44.29 20.93 -15.22
N ILE A 332 44.78 21.94 -14.51
CA ILE A 332 44.47 23.33 -14.86
C ILE A 332 45.54 23.76 -15.86
N THR A 333 45.32 23.40 -17.12
CA THR A 333 46.25 23.69 -18.20
C THR A 333 45.99 25.08 -18.79
N ASN A 334 44.75 25.36 -19.14
CA ASN A 334 44.35 26.70 -19.55
C ASN A 334 44.07 27.52 -18.30
N LEU A 335 44.64 28.72 -18.23
CA LEU A 335 44.37 29.62 -17.12
C LEU A 335 43.75 30.91 -17.65
N GLY A 526 36.46 30.19 -9.93
CA GLY A 526 37.90 30.14 -10.11
C GLY A 526 38.46 28.73 -10.23
N PRO A 527 39.70 28.54 -9.79
CA PRO A 527 40.31 27.22 -9.87
C PRO A 527 39.69 26.25 -8.88
N LYS A 528 39.98 24.97 -9.07
CA LYS A 528 39.40 23.92 -8.25
C LYS A 528 40.51 23.07 -7.65
N LYS A 529 40.55 23.02 -6.32
CA LYS A 529 41.55 22.24 -5.62
C LYS A 529 41.36 20.76 -5.89
N SER A 530 42.47 20.04 -5.96
CA SER A 530 42.44 18.60 -6.19
C SER A 530 43.51 17.96 -5.32
N THR A 531 43.28 16.70 -4.96
CA THR A 531 44.16 15.97 -4.05
C THR A 531 44.37 14.56 -4.55
N ASN A 532 45.26 13.85 -3.88
CA ASN A 532 45.58 12.48 -4.26
C ASN A 532 44.40 11.56 -3.94
N LEU A 533 44.40 10.40 -4.59
CA LEU A 533 43.36 9.40 -4.42
C LEU A 533 43.82 8.28 -3.49
N VAL A 534 42.87 7.44 -3.09
CA VAL A 534 43.12 6.33 -2.19
C VAL A 534 42.55 5.06 -2.81
N LYS A 535 42.80 3.93 -2.15
CA LYS A 535 42.35 2.64 -2.64
C LYS A 535 41.93 1.76 -1.48
N ASN A 536 40.82 1.04 -1.66
CA ASN A 536 40.36 0.03 -0.72
C ASN A 536 40.02 0.62 0.64
N LYS A 537 39.54 1.86 0.66
CA LYS A 537 39.15 2.53 1.90
C LYS A 537 37.87 3.31 1.64
N CYS A 538 36.82 3.00 2.39
CA CYS A 538 35.55 3.71 2.22
C CYS A 538 35.77 5.20 2.38
N VAL A 539 35.53 5.94 1.31
CA VAL A 539 35.85 7.37 1.26
C VAL A 539 34.73 8.09 0.54
N ASN A 540 34.40 9.28 1.04
CA ASN A 540 33.60 10.23 0.27
C ASN A 540 34.49 10.90 -0.77
N PHE A 541 34.05 10.89 -2.02
CA PHE A 541 34.85 11.35 -3.14
C PHE A 541 34.03 12.26 -4.04
N ASN A 542 34.74 13.18 -4.70
CA ASN A 542 34.15 14.06 -5.71
C ASN A 542 34.98 13.91 -6.98
N PHE A 543 34.38 13.31 -8.01
CA PHE A 543 35.02 13.14 -9.30
C PHE A 543 34.24 13.93 -10.34
N ASN A 544 34.82 15.03 -10.81
CA ASN A 544 34.27 15.85 -11.88
C ASN A 544 32.82 16.25 -11.58
N GLY A 545 32.60 16.73 -10.36
CA GLY A 545 31.29 17.16 -9.94
C GLY A 545 30.36 16.05 -9.49
N LEU A 546 30.79 14.79 -9.56
CA LEU A 546 29.99 13.66 -9.13
C LEU A 546 30.41 13.26 -7.73
N THR A 547 29.51 13.39 -6.77
CA THR A 547 29.80 13.09 -5.37
C THR A 547 29.29 11.70 -5.02
N GLY A 548 30.11 10.91 -4.34
CA GLY A 548 29.68 9.59 -3.94
C GLY A 548 30.57 9.02 -2.87
N THR A 549 30.04 8.06 -2.13
CA THR A 549 30.77 7.43 -1.03
C THR A 549 30.95 5.96 -1.33
N GLY A 550 32.19 5.49 -1.33
CA GLY A 550 32.42 4.08 -1.61
C GLY A 550 33.88 3.74 -1.47
N VAL A 551 34.20 2.49 -1.79
CA VAL A 551 35.58 2.02 -1.88
C VAL A 551 35.95 2.02 -3.35
N LEU A 552 36.97 2.81 -3.68
CA LEU A 552 37.53 2.85 -5.01
C LEU A 552 38.54 1.72 -5.18
N THR A 553 38.48 1.04 -6.31
CA THR A 553 39.39 -0.07 -6.56
C THR A 553 39.75 -0.11 -8.04
N GLU A 554 40.77 -0.91 -8.36
CA GLU A 554 41.12 -1.12 -9.76
C GLU A 554 40.05 -1.92 -10.46
N SER A 555 39.74 -1.52 -11.70
CA SER A 555 38.66 -2.10 -12.48
C SER A 555 39.21 -2.61 -13.80
N ASN A 556 38.84 -3.84 -14.15
CA ASN A 556 39.25 -4.42 -15.43
C ASN A 556 38.40 -3.91 -16.59
N LYS A 557 37.23 -3.36 -16.33
CA LYS A 557 36.37 -2.84 -17.39
C LYS A 557 37.06 -1.66 -18.06
N LYS A 558 37.04 -1.64 -19.39
CA LYS A 558 37.64 -0.56 -20.16
C LYS A 558 36.55 0.37 -20.66
N PHE A 559 36.68 1.66 -20.34
CA PHE A 559 35.83 2.66 -20.94
C PHE A 559 36.23 2.90 -22.39
N LEU A 560 35.44 3.71 -23.05
CA LEU A 560 35.85 4.24 -24.33
C LEU A 560 36.42 5.64 -24.16
N PRO A 561 37.31 6.07 -25.05
CA PRO A 561 38.06 7.32 -24.83
C PRO A 561 37.23 8.54 -24.45
N PHE A 562 35.94 8.52 -24.75
CA PHE A 562 35.07 9.64 -24.42
C PHE A 562 34.25 9.44 -23.14
N GLN A 563 34.01 8.20 -22.70
CA GLN A 563 33.16 7.97 -21.54
C GLN A 563 33.87 8.35 -20.25
N GLN A 564 33.18 9.11 -19.40
CA GLN A 564 33.74 9.59 -18.15
C GLN A 564 33.49 8.62 -16.99
N PHE A 565 32.23 8.35 -16.69
CA PHE A 565 31.86 7.49 -15.57
C PHE A 565 30.75 6.56 -16.02
N GLY A 566 30.72 5.36 -15.45
CA GLY A 566 29.81 4.35 -15.92
C GLY A 566 28.76 3.91 -14.92
N ARG A 567 27.64 3.39 -15.43
CA ARG A 567 26.56 2.87 -14.61
C ARG A 567 26.23 1.47 -15.09
N ASP A 568 26.36 0.48 -14.19
CA ASP A 568 26.15 -0.91 -14.59
C ASP A 568 24.68 -1.18 -14.87
N ILE A 569 23.80 -0.78 -13.96
CA ILE A 569 22.37 -1.00 -14.12
C ILE A 569 21.64 -0.09 -13.13
N ALA A 570 20.38 0.21 -13.43
CA ALA A 570 19.49 0.93 -12.51
C ALA A 570 20.05 2.30 -12.14
N ASP A 571 20.77 2.92 -13.08
CA ASP A 571 21.26 4.29 -12.93
C ASP A 571 22.06 4.49 -11.65
N THR A 572 22.92 3.53 -11.34
CA THR A 572 23.79 3.58 -10.17
C THR A 572 25.23 3.65 -10.66
N THR A 573 25.94 4.70 -10.26
CA THR A 573 27.34 4.85 -10.65
C THR A 573 28.15 3.68 -10.11
N ASP A 574 28.76 2.93 -11.03
CA ASP A 574 29.55 1.75 -10.66
C ASP A 574 31.01 1.88 -11.04
N ALA A 575 31.34 2.71 -12.02
CA ALA A 575 32.72 2.97 -12.40
C ALA A 575 32.88 4.45 -12.69
N VAL A 576 34.10 4.94 -12.56
CA VAL A 576 34.39 6.35 -12.83
C VAL A 576 35.86 6.48 -13.17
N ARG A 577 36.16 7.30 -14.18
CA ARG A 577 37.53 7.55 -14.59
C ARG A 577 37.99 8.89 -14.03
N ASP A 578 39.14 8.89 -13.37
CA ASP A 578 39.64 10.12 -12.78
C ASP A 578 40.13 11.06 -13.88
N PRO A 579 39.86 12.36 -13.75
CA PRO A 579 40.22 13.29 -14.84
C PRO A 579 41.71 13.56 -14.94
N GLN A 580 42.47 13.37 -13.87
CA GLN A 580 43.91 13.68 -13.92
C GLN A 580 44.68 12.60 -14.67
N THR A 581 44.71 11.40 -14.11
CA THR A 581 45.55 10.33 -14.63
C THR A 581 44.87 9.48 -15.70
N LEU A 582 43.62 9.77 -16.03
CA LEU A 582 42.88 9.06 -17.07
C LEU A 582 42.85 7.56 -16.79
N GLU A 583 42.42 7.21 -15.58
CA GLU A 583 42.39 5.83 -15.14
C GLU A 583 41.01 5.51 -14.59
N ILE A 584 40.53 4.31 -14.90
CA ILE A 584 39.20 3.87 -14.52
C ILE A 584 39.27 3.18 -13.17
N LEU A 585 38.30 3.49 -12.31
CA LEU A 585 38.16 2.87 -11.00
C LEU A 585 36.75 2.33 -10.86
N ASP A 586 36.63 1.24 -10.11
CA ASP A 586 35.35 0.66 -9.77
C ASP A 586 34.97 1.12 -8.37
N ILE A 587 33.69 1.41 -8.17
CA ILE A 587 33.18 1.89 -6.89
C ILE A 587 32.32 0.78 -6.30
N THR A 588 32.59 0.42 -5.04
CA THR A 588 31.75 -0.54 -4.35
C THR A 588 31.24 0.10 -3.08
N PRO A 589 29.94 0.05 -2.81
CA PRO A 589 29.42 0.63 -1.57
C PRO A 589 30.07 -0.02 -0.36
N CYS A 590 30.79 0.78 0.42
CA CYS A 590 31.55 0.24 1.54
C CYS A 590 30.61 -0.44 2.53
N SER A 591 31.12 -1.50 3.16
CA SER A 591 30.29 -2.49 3.82
C SER A 591 29.25 -1.87 4.75
N PHE A 592 28.02 -2.35 4.64
CA PHE A 592 26.93 -1.92 5.49
C PHE A 592 25.98 -3.10 5.67
N GLY A 593 25.31 -3.15 6.81
CA GLY A 593 24.40 -4.25 7.07
C GLY A 593 23.80 -4.14 8.45
N GLY A 594 22.70 -4.86 8.63
CA GLY A 594 22.02 -4.86 9.92
C GLY A 594 22.85 -5.54 11.00
N VAL A 595 22.80 -4.99 12.19
CA VAL A 595 23.36 -5.60 13.39
C VAL A 595 22.22 -6.13 14.23
N SER A 596 22.28 -7.42 14.55
CA SER A 596 21.22 -8.11 15.25
C SER A 596 21.82 -8.94 16.37
N VAL A 597 21.23 -8.87 17.53
CA VAL A 597 21.79 -9.59 18.67
C VAL A 597 21.13 -10.95 18.76
N ILE A 598 21.80 -11.87 19.43
CA ILE A 598 21.25 -13.18 19.75
C ILE A 598 21.28 -13.29 21.27
N THR A 599 20.10 -13.41 21.86
CA THR A 599 19.97 -13.49 23.31
C THR A 599 19.10 -14.67 23.68
N PRO A 600 19.49 -15.41 24.71
CA PRO A 600 18.68 -16.54 25.18
C PRO A 600 17.48 -16.15 26.04
N GLY A 601 17.21 -14.86 26.19
CA GLY A 601 16.18 -14.41 27.10
C GLY A 601 16.84 -13.81 28.32
N THR A 602 16.27 -12.70 28.81
CA THR A 602 16.91 -11.96 29.90
C THR A 602 16.97 -12.79 31.17
N ASN A 603 15.87 -13.45 31.52
CA ASN A 603 15.85 -14.16 32.80
C ASN A 603 16.80 -15.34 32.80
N THR A 604 17.06 -15.93 31.64
CA THR A 604 18.05 -16.99 31.55
C THR A 604 19.44 -16.46 31.84
N SER A 605 19.83 -15.39 31.14
CA SER A 605 21.13 -14.75 31.35
C SER A 605 21.09 -13.40 30.64
N ASN A 606 22.18 -12.64 30.79
CA ASN A 606 22.33 -11.35 30.12
C ASN A 606 23.36 -11.40 28.99
N GLN A 607 23.84 -12.59 28.64
CA GLN A 607 24.78 -12.72 27.55
C GLN A 607 24.12 -12.42 26.21
N VAL A 608 24.89 -11.91 25.26
CA VAL A 608 24.42 -11.65 23.91
C VAL A 608 25.54 -11.96 22.93
N ALA A 609 25.16 -12.39 21.74
CA ALA A 609 26.10 -12.61 20.65
C ALA A 609 25.70 -11.74 19.47
N VAL A 610 26.58 -10.85 19.07
CA VAL A 610 26.25 -9.90 18.02
C VAL A 610 26.47 -10.55 16.67
N LEU A 611 25.58 -10.26 15.72
CA LEU A 611 25.71 -10.72 14.34
C LEU A 611 25.64 -9.50 13.44
N TYR A 612 26.74 -9.22 12.75
CA TYR A 612 26.80 -8.17 11.76
C TYR A 612 26.57 -8.82 10.40
N GLN A 613 25.41 -8.59 9.80
CA GLN A 613 25.05 -9.33 8.60
C GLN A 613 25.95 -8.95 7.44
N ASP A 614 26.22 -9.95 6.59
CA ASP A 614 26.97 -9.84 5.33
C ASP A 614 28.10 -8.80 5.40
N VAL A 615 28.96 -8.97 6.40
CA VAL A 615 30.14 -8.12 6.57
C VAL A 615 31.32 -9.03 6.86
N ASN A 616 32.26 -9.10 5.93
CA ASN A 616 33.50 -9.84 6.15
C ASN A 616 34.29 -9.10 7.21
N CYS A 617 34.26 -9.63 8.44
CA CYS A 617 34.70 -8.87 9.60
C CYS A 617 36.22 -8.97 9.77
N THR A 618 36.93 -8.34 8.83
CA THR A 618 38.29 -7.92 9.10
C THR A 618 38.34 -6.64 9.91
N GLU A 619 37.20 -5.97 10.06
CA GLU A 619 37.07 -4.72 10.79
C GLU A 619 35.95 -4.86 11.81
N VAL A 620 35.80 -3.83 12.63
CA VAL A 620 34.75 -3.80 13.64
C VAL A 620 33.37 -3.78 12.98
N SER A 640 34.77 -11.65 22.38
CA SER A 640 35.92 -12.48 22.69
C SER A 640 36.51 -13.08 21.43
N ASN A 641 35.77 -13.99 20.82
CA ASN A 641 36.20 -14.69 19.61
C ASN A 641 35.29 -14.31 18.45
N VAL A 642 35.91 -14.01 17.32
CA VAL A 642 35.24 -13.47 16.14
C VAL A 642 35.15 -14.57 15.09
N PHE A 643 33.94 -15.02 14.77
CA PHE A 643 33.76 -16.16 13.88
C PHE A 643 33.00 -15.73 12.63
N GLN A 644 33.61 -15.95 11.48
CA GLN A 644 32.97 -15.65 10.20
C GLN A 644 31.99 -16.76 9.84
N THR A 645 30.77 -16.38 9.46
CA THR A 645 29.77 -17.31 8.99
C THR A 645 29.19 -16.80 7.67
N ARG A 646 28.57 -17.69 6.92
CA ARG A 646 28.02 -17.29 5.64
C ARG A 646 26.84 -16.34 5.77
N ALA A 647 26.40 -16.06 6.99
CA ALA A 647 25.34 -15.07 7.22
C ALA A 647 25.88 -13.79 7.82
N GLY A 648 27.20 -13.66 7.94
CA GLY A 648 27.78 -12.46 8.48
C GLY A 648 28.94 -12.73 9.42
N CYS A 649 29.09 -11.90 10.43
CA CYS A 649 30.10 -12.10 11.46
C CYS A 649 29.44 -12.26 12.81
N LEU A 650 29.96 -13.19 13.61
CA LEU A 650 29.45 -13.47 14.93
C LEU A 650 30.50 -13.10 15.97
N ILE A 651 30.14 -12.17 16.84
CA ILE A 651 31.02 -11.70 17.91
C ILE A 651 30.42 -12.15 19.23
N GLY A 652 31.19 -12.90 20.00
CA GLY A 652 30.74 -13.31 21.31
C GLY A 652 29.97 -14.61 21.35
N ALA A 653 30.28 -15.54 20.46
CA ALA A 653 29.61 -16.84 20.43
C ALA A 653 30.63 -17.90 20.06
N GLU A 654 30.80 -18.90 20.93
CA GLU A 654 31.76 -19.96 20.67
C GLU A 654 31.25 -20.87 19.56
N HIS A 655 32.17 -21.32 18.72
CA HIS A 655 31.84 -22.22 17.61
C HIS A 655 32.15 -23.65 18.01
N VAL A 656 31.18 -24.54 17.82
CA VAL A 656 31.32 -25.94 18.18
C VAL A 656 31.30 -26.77 16.92
N ASN A 657 31.85 -27.99 17.03
CA ASN A 657 31.91 -28.89 15.90
C ASN A 657 30.71 -29.82 15.82
N ASN A 658 30.25 -30.36 16.96
CA ASN A 658 29.05 -31.17 16.95
C ASN A 658 27.84 -30.30 16.60
N SER A 659 26.73 -30.97 16.32
CA SER A 659 25.55 -30.29 15.81
C SER A 659 24.31 -30.72 16.59
N TYR A 660 23.41 -29.78 16.83
CA TYR A 660 22.17 -30.04 17.54
C TYR A 660 21.00 -29.45 16.76
N GLU A 661 19.80 -29.68 17.27
CA GLU A 661 18.60 -29.13 16.67
C GLU A 661 18.60 -27.62 16.77
N CYS A 662 18.05 -26.96 15.75
CA CYS A 662 18.15 -25.51 15.66
C CYS A 662 17.29 -24.83 16.71
N ASP A 663 17.88 -23.87 17.42
CA ASP A 663 17.19 -23.13 18.48
C ASP A 663 16.89 -21.69 18.07
N ILE A 664 17.91 -20.94 17.66
CA ILE A 664 17.73 -19.57 17.20
C ILE A 664 18.26 -19.49 15.77
N PRO A 665 17.42 -19.18 14.79
CA PRO A 665 17.88 -19.16 13.41
C PRO A 665 18.77 -17.98 13.08
N ILE A 666 20.06 -18.25 12.87
CA ILE A 666 20.98 -17.20 12.44
C ILE A 666 20.90 -17.01 10.94
N GLY A 667 21.02 -18.08 10.18
CA GLY A 667 20.97 -18.05 8.74
C GLY A 667 22.13 -18.80 8.12
N ALA A 668 21.96 -19.10 6.84
CA ALA A 668 22.96 -19.83 6.06
C ALA A 668 23.28 -21.18 6.70
N GLY A 669 22.26 -21.85 7.20
CA GLY A 669 22.44 -23.16 7.80
C GLY A 669 23.21 -23.14 9.09
N ILE A 670 22.96 -22.15 9.94
CA ILE A 670 23.67 -22.00 11.21
C ILE A 670 22.68 -21.48 12.24
N CYS A 671 22.68 -22.11 13.42
CA CYS A 671 21.80 -21.70 14.50
C CYS A 671 22.60 -21.58 15.78
N ALA A 672 22.14 -20.72 16.67
CA ALA A 672 22.82 -20.45 17.93
C ALA A 672 21.92 -20.80 19.10
N SER A 673 22.53 -21.17 20.21
CA SER A 673 21.78 -21.58 21.39
C SER A 673 22.64 -21.40 22.64
N TYR A 674 21.96 -21.32 23.78
CA TYR A 674 22.62 -21.09 25.06
C TYR A 674 22.76 -22.42 25.78
N GLN A 675 23.99 -22.87 25.99
CA GLN A 675 24.22 -24.15 26.61
C GLN A 675 25.56 -24.15 27.34
N THR A 676 25.70 -25.07 28.27
CA THR A 676 26.94 -25.22 29.03
C THR A 676 28.02 -25.83 28.16
N SER A 689 31.41 -22.85 30.27
CA SER A 689 30.21 -23.02 31.06
C SER A 689 29.23 -21.88 30.85
N GLN A 690 27.99 -22.21 30.49
CA GLN A 690 26.92 -21.24 30.28
C GLN A 690 27.31 -20.23 29.20
N SER A 691 27.47 -20.73 27.97
CA SER A 691 27.93 -19.92 26.87
C SER A 691 26.96 -20.02 25.70
N ILE A 692 27.06 -19.05 24.79
CA ILE A 692 26.28 -19.04 23.57
C ILE A 692 27.11 -19.68 22.46
N ILE A 693 26.59 -20.74 21.85
CA ILE A 693 27.31 -21.52 20.86
C ILE A 693 26.57 -21.46 19.54
N ALA A 694 27.32 -21.39 18.45
CA ALA A 694 26.77 -21.42 17.10
C ALA A 694 27.22 -22.70 16.41
N TYR A 695 26.28 -23.36 15.72
CA TYR A 695 26.56 -24.65 15.13
C TYR A 695 25.78 -24.79 13.83
N THR A 696 26.27 -25.68 12.97
CA THR A 696 25.55 -26.06 11.76
C THR A 696 24.45 -27.04 12.17
N MET A 697 23.20 -26.63 12.02
CA MET A 697 22.08 -27.38 12.58
C MET A 697 22.03 -28.80 12.03
N SER A 698 21.59 -29.72 12.87
CA SER A 698 21.43 -31.11 12.48
C SER A 698 20.03 -31.32 11.93
N LEU A 699 19.94 -31.88 10.73
CA LEU A 699 18.65 -32.08 10.11
C LEU A 699 17.81 -33.07 10.90
N GLY A 700 18.44 -34.15 11.36
CA GLY A 700 17.76 -35.15 12.16
C GLY A 700 18.70 -36.32 12.39
N ALA A 701 18.22 -37.29 13.17
CA ALA A 701 18.99 -38.49 13.38
C ALA A 701 19.17 -39.26 12.07
N GLU A 702 20.24 -40.03 11.99
CA GLU A 702 20.56 -40.81 10.80
C GLU A 702 20.36 -42.28 11.09
N ASN A 703 19.47 -42.92 10.33
CA ASN A 703 19.36 -44.37 10.35
C ASN A 703 19.12 -44.88 8.94
N SER A 704 19.68 -46.05 8.65
CA SER A 704 19.50 -46.71 7.36
C SER A 704 18.62 -47.93 7.60
N VAL A 705 17.33 -47.81 7.31
CA VAL A 705 16.42 -48.92 7.50
C VAL A 705 16.85 -50.09 6.63
N ALA A 706 16.88 -51.27 7.22
CA ALA A 706 17.52 -52.44 6.62
C ALA A 706 16.64 -53.00 5.52
N TYR A 707 16.85 -52.51 4.31
CA TYR A 707 16.09 -53.00 3.17
C TYR A 707 16.64 -54.33 2.69
N SER A 708 15.74 -55.16 2.17
CA SER A 708 16.11 -56.42 1.53
C SER A 708 14.93 -56.83 0.67
N ASN A 709 15.22 -57.64 -0.35
CA ASN A 709 14.15 -58.02 -1.26
C ASN A 709 13.19 -59.05 -0.67
N ASN A 710 13.50 -59.61 0.49
CA ASN A 710 12.60 -60.57 1.13
C ASN A 710 12.55 -60.33 2.63
N SER A 711 12.45 -59.08 3.06
CA SER A 711 12.38 -58.75 4.47
C SER A 711 11.29 -57.73 4.71
N ILE A 712 10.42 -57.99 5.69
CA ILE A 712 9.32 -57.09 6.01
C ILE A 712 9.30 -56.87 7.51
N ALA A 713 8.98 -55.64 7.92
CA ALA A 713 8.92 -55.26 9.32
C ALA A 713 7.46 -55.01 9.67
N ILE A 714 6.88 -55.89 10.47
CA ILE A 714 5.46 -55.86 10.78
C ILE A 714 5.29 -55.38 12.22
N PRO A 715 4.39 -54.44 12.48
CA PRO A 715 4.17 -54.00 13.86
C PRO A 715 3.51 -55.08 14.68
N THR A 716 3.98 -55.24 15.91
CA THR A 716 3.39 -56.19 16.84
C THR A 716 2.67 -55.52 17.99
N ASN A 717 2.60 -54.19 18.01
CA ASN A 717 1.95 -53.47 19.09
C ASN A 717 1.65 -52.07 18.60
N PHE A 718 1.04 -51.26 19.46
CA PHE A 718 0.64 -49.93 19.03
C PHE A 718 0.49 -49.03 20.23
N THR A 719 0.59 -47.72 19.98
CA THR A 719 0.31 -46.69 20.96
C THR A 719 -0.66 -45.71 20.33
N ILE A 720 -1.72 -45.38 21.04
CA ILE A 720 -2.60 -44.34 20.57
C ILE A 720 -2.13 -43.02 21.18
N SER A 721 -2.22 -41.96 20.40
CA SER A 721 -1.62 -40.69 20.77
C SER A 721 -2.56 -39.56 20.41
N VAL A 722 -2.81 -38.67 21.36
CA VAL A 722 -3.57 -37.46 21.13
C VAL A 722 -2.59 -36.31 20.98
N THR A 723 -2.75 -35.54 19.92
CA THR A 723 -1.89 -34.39 19.66
C THR A 723 -2.74 -33.16 19.48
N THR A 724 -2.15 -32.00 19.68
CA THR A 724 -2.87 -30.74 19.62
C THR A 724 -2.52 -30.01 18.34
N GLU A 725 -3.55 -29.55 17.63
CA GLU A 725 -3.40 -28.70 16.46
C GLU A 725 -4.12 -27.40 16.75
N ILE A 726 -3.40 -26.30 16.77
CA ILE A 726 -3.93 -25.00 17.16
C ILE A 726 -4.12 -24.16 15.92
N LEU A 727 -5.29 -23.55 15.78
CA LEU A 727 -5.59 -22.79 14.56
C LEU A 727 -6.35 -21.51 14.88
N PRO A 728 -5.82 -20.35 14.49
CA PRO A 728 -6.57 -19.10 14.68
C PRO A 728 -7.70 -18.99 13.66
N VAL A 729 -8.84 -18.47 14.11
CA VAL A 729 -10.02 -18.43 13.25
C VAL A 729 -10.59 -17.03 13.16
N SER A 730 -10.15 -16.11 14.01
CA SER A 730 -10.78 -14.80 14.04
C SER A 730 -9.80 -13.77 14.58
N MET A 731 -10.18 -12.51 14.43
CA MET A 731 -9.43 -11.36 14.91
C MET A 731 -10.36 -10.50 15.76
N THR A 732 -9.80 -9.41 16.29
CA THR A 732 -10.61 -8.42 16.97
C THR A 732 -11.25 -7.51 15.95
N LYS A 733 -12.55 -7.26 16.10
CA LYS A 733 -13.30 -6.46 15.14
C LYS A 733 -13.10 -4.98 15.48
N THR A 734 -11.96 -4.45 15.06
CA THR A 734 -11.65 -3.05 15.30
C THR A 734 -12.40 -2.18 14.30
N SER A 735 -12.81 -1.00 14.77
CA SER A 735 -13.49 -0.02 13.92
C SER A 735 -12.92 1.35 14.25
N VAL A 736 -12.40 2.04 13.24
CA VAL A 736 -11.73 3.31 13.42
C VAL A 736 -12.62 4.40 12.85
N ASP A 737 -12.98 5.37 13.69
CA ASP A 737 -13.67 6.57 13.24
C ASP A 737 -12.69 7.44 12.48
N CYS A 738 -12.84 7.52 11.16
CA CYS A 738 -11.86 8.22 10.34
C CYS A 738 -11.78 9.69 10.72
N THR A 739 -12.94 10.34 10.85
CA THR A 739 -12.95 11.78 11.08
C THR A 739 -12.43 12.12 12.47
N MET A 740 -12.86 11.38 13.49
CA MET A 740 -12.42 11.68 14.85
C MET A 740 -10.94 11.38 15.03
N TYR A 741 -10.39 10.41 14.30
CA TYR A 741 -8.97 10.13 14.38
C TYR A 741 -8.15 11.17 13.64
N ILE A 742 -8.63 11.59 12.46
CA ILE A 742 -7.85 12.52 11.64
C ILE A 742 -7.91 13.92 12.21
N CYS A 743 -9.11 14.40 12.55
CA CYS A 743 -9.26 15.77 13.01
C CYS A 743 -9.61 15.86 14.48
N GLY A 744 -10.76 15.33 14.88
CA GLY A 744 -11.11 15.32 16.29
C GLY A 744 -11.87 16.58 16.65
N ASP A 745 -13.18 16.46 16.82
CA ASP A 745 -14.08 17.53 17.26
C ASP A 745 -13.67 18.92 16.76
N SER A 746 -13.26 19.02 15.50
CA SER A 746 -12.78 20.26 14.92
C SER A 746 -13.39 20.43 13.54
N THR A 747 -14.16 21.49 13.36
CA THR A 747 -14.86 21.69 12.09
C THR A 747 -13.93 22.19 11.00
N GLU A 748 -12.96 23.04 11.36
CA GLU A 748 -12.03 23.56 10.37
C GLU A 748 -11.26 22.43 9.70
N CYS A 749 -10.93 21.39 10.45
CA CYS A 749 -10.27 20.23 9.86
C CYS A 749 -11.25 19.31 9.15
N SER A 750 -12.50 19.27 9.61
CA SER A 750 -13.48 18.39 8.98
C SER A 750 -13.82 18.87 7.58
N ASN A 751 -13.85 20.19 7.38
CA ASN A 751 -14.08 20.70 6.03
C ASN A 751 -12.95 20.30 5.09
N LEU A 752 -11.70 20.43 5.54
CA LEU A 752 -10.57 20.06 4.71
C LEU A 752 -10.51 18.55 4.49
N LEU A 753 -11.06 17.77 5.42
CA LEU A 753 -11.12 16.33 5.19
C LEU A 753 -12.20 15.98 4.19
N LEU A 754 -13.33 16.70 4.22
CA LEU A 754 -14.31 16.57 3.15
C LEU A 754 -13.71 16.93 1.80
N GLN A 755 -12.74 17.84 1.80
CA GLN A 755 -12.07 18.22 0.56
C GLN A 755 -11.22 17.09 -0.03
N TYR A 756 -11.02 15.99 0.70
CA TYR A 756 -10.22 14.87 0.22
C TYR A 756 -11.07 13.75 -0.35
N GLY A 757 -12.28 14.06 -0.80
CA GLY A 757 -13.09 13.03 -1.41
C GLY A 757 -13.72 12.13 -0.36
N SER A 758 -13.65 10.83 -0.61
CA SER A 758 -14.36 9.82 0.16
C SER A 758 -13.39 8.76 0.66
N PHE A 759 -12.28 9.19 1.26
CA PHE A 759 -11.34 8.23 1.83
C PHE A 759 -11.88 7.60 3.10
N CYS A 760 -12.54 8.40 3.94
CA CYS A 760 -13.04 7.88 5.21
C CYS A 760 -14.08 6.79 5.01
N THR A 761 -14.95 6.95 4.01
CA THR A 761 -15.98 5.96 3.77
C THR A 761 -15.37 4.65 3.27
N GLN A 762 -14.36 4.73 2.40
CA GLN A 762 -13.69 3.52 1.95
C GLN A 762 -13.01 2.81 3.11
N LEU A 763 -12.35 3.56 3.99
CA LEU A 763 -11.69 2.95 5.14
C LEU A 763 -12.69 2.25 6.03
N ASN A 764 -13.79 2.94 6.35
CA ASN A 764 -14.79 2.34 7.22
C ASN A 764 -15.45 1.13 6.57
N ARG A 765 -15.59 1.15 5.24
CA ARG A 765 -16.18 0.01 4.56
C ARG A 765 -15.27 -1.20 4.60
N ALA A 766 -13.97 -0.99 4.39
CA ALA A 766 -13.03 -2.10 4.51
C ALA A 766 -13.01 -2.66 5.92
N LEU A 767 -13.04 -1.78 6.92
CA LEU A 767 -13.00 -2.25 8.30
C LEU A 767 -14.26 -3.00 8.67
N THR A 768 -15.43 -2.52 8.25
CA THR A 768 -16.66 -3.27 8.55
C THR A 768 -16.71 -4.57 7.77
N GLY A 769 -16.08 -4.62 6.60
CA GLY A 769 -15.98 -5.88 5.89
C GLY A 769 -15.21 -6.92 6.68
N ILE A 770 -14.03 -6.53 7.18
CA ILE A 770 -13.27 -7.52 7.96
C ILE A 770 -14.00 -7.85 9.26
N ALA A 771 -14.72 -6.89 9.82
CA ALA A 771 -15.46 -7.15 11.06
C ALA A 771 -16.52 -8.21 10.85
N VAL A 772 -17.31 -8.08 9.77
CA VAL A 772 -18.32 -9.09 9.49
C VAL A 772 -17.67 -10.42 9.10
N GLU A 773 -16.52 -10.35 8.44
CA GLU A 773 -15.86 -11.58 8.01
C GLU A 773 -15.35 -12.40 9.19
N GLN A 774 -15.01 -11.74 10.31
CA GLN A 774 -14.58 -12.51 11.48
C GLN A 774 -15.71 -13.38 12.02
N ASP A 775 -16.91 -12.80 12.16
CA ASP A 775 -18.05 -13.59 12.60
C ASP A 775 -18.39 -14.67 11.58
N LYS A 776 -18.20 -14.38 10.29
CA LYS A 776 -18.41 -15.43 9.30
C LYS A 776 -17.42 -16.58 9.48
N ASN A 777 -16.17 -16.25 9.83
CA ASN A 777 -15.16 -17.27 10.08
C ASN A 777 -15.58 -18.16 11.24
N THR A 778 -16.00 -17.56 12.34
CA THR A 778 -16.41 -18.34 13.50
C THR A 778 -17.63 -19.19 13.19
N GLN A 779 -18.59 -18.63 12.44
CA GLN A 779 -19.76 -19.41 12.03
C GLN A 779 -19.35 -20.61 11.19
N GLU A 780 -18.40 -20.43 10.27
CA GLU A 780 -17.98 -21.53 9.42
C GLU A 780 -17.26 -22.60 10.23
N VAL A 781 -16.45 -22.20 11.20
CA VAL A 781 -15.65 -23.19 11.91
C VAL A 781 -16.48 -23.97 12.92
N PHE A 782 -17.32 -23.29 13.70
CA PHE A 782 -18.02 -23.98 14.79
C PHE A 782 -19.46 -24.32 14.46
N ALA A 783 -20.21 -23.44 13.83
CA ALA A 783 -21.63 -23.71 13.58
C ALA A 783 -21.78 -24.76 12.49
N GLN A 784 -21.42 -26.00 12.79
CA GLN A 784 -21.51 -27.10 11.85
C GLN A 784 -22.56 -28.13 12.21
N VAL A 785 -23.14 -28.05 13.41
CA VAL A 785 -24.17 -28.98 13.85
C VAL A 785 -25.51 -28.26 13.88
N LYS A 786 -26.54 -28.95 13.41
CA LYS A 786 -27.88 -28.37 13.44
C LYS A 786 -28.45 -28.38 14.84
N GLN A 787 -28.30 -29.50 15.54
CA GLN A 787 -28.83 -29.66 16.88
C GLN A 787 -27.71 -29.62 17.90
N ILE A 788 -28.05 -29.20 19.12
CA ILE A 788 -27.11 -29.10 20.22
C ILE A 788 -27.28 -30.36 21.05
N TYR A 789 -26.39 -31.32 20.88
CA TYR A 789 -26.49 -32.60 21.56
C TYR A 789 -26.07 -32.47 23.02
N LYS A 790 -26.27 -33.56 23.76
CA LYS A 790 -25.90 -33.63 25.16
C LYS A 790 -25.51 -35.05 25.49
N THR A 791 -24.32 -35.22 26.05
CA THR A 791 -23.89 -36.53 26.47
C THR A 791 -24.80 -37.04 27.60
N PRO A 792 -25.13 -38.33 27.61
CA PRO A 792 -26.06 -38.84 28.60
C PRO A 792 -25.49 -38.72 30.00
N PRO A 793 -26.34 -38.77 31.03
CA PRO A 793 -25.85 -38.62 32.40
C PRO A 793 -24.92 -39.74 32.83
N ILE A 794 -25.33 -40.99 32.61
CA ILE A 794 -24.49 -42.14 32.92
C ILE A 794 -23.44 -42.29 31.82
N LYS A 795 -22.20 -42.00 32.14
CA LYS A 795 -21.12 -41.92 31.16
C LYS A 795 -20.25 -43.17 31.28
N ASP A 796 -20.52 -44.17 30.46
CA ASP A 796 -19.71 -45.38 30.37
C ASP A 796 -19.39 -45.63 28.89
N PHE A 797 -18.35 -44.96 28.40
CA PHE A 797 -17.94 -45.10 27.01
C PHE A 797 -16.86 -46.17 26.85
N GLY A 798 -17.12 -47.37 27.38
CA GLY A 798 -16.19 -48.47 27.19
C GLY A 798 -14.83 -48.26 27.82
N GLY A 799 -14.76 -47.53 28.93
CA GLY A 799 -13.52 -47.31 29.62
C GLY A 799 -12.82 -46.01 29.27
N PHE A 800 -13.21 -45.38 28.17
CA PHE A 800 -12.62 -44.10 27.80
C PHE A 800 -13.19 -43.00 28.68
N ASN A 801 -12.36 -42.02 28.98
CA ASN A 801 -12.67 -41.00 29.98
C ASN A 801 -12.53 -39.62 29.35
N PHE A 802 -13.65 -39.01 29.00
CA PHE A 802 -13.67 -37.68 28.40
C PHE A 802 -13.97 -36.59 29.42
N SER A 803 -13.70 -36.82 30.69
CA SER A 803 -14.06 -35.85 31.72
C SER A 803 -13.24 -34.57 31.63
N GLN A 804 -12.15 -34.57 30.88
CA GLN A 804 -11.34 -33.37 30.70
C GLN A 804 -11.73 -32.56 29.48
N ILE A 805 -12.54 -33.12 28.60
CA ILE A 805 -12.98 -32.43 27.39
C ILE A 805 -14.48 -32.23 27.35
N LEU A 806 -15.25 -32.93 28.17
CA LEU A 806 -16.68 -32.67 28.31
C LEU A 806 -16.91 -31.46 29.20
N PRO A 807 -17.99 -30.73 28.98
CA PRO A 807 -18.26 -29.54 29.80
C PRO A 807 -18.52 -29.91 31.25
N ASP A 808 -18.09 -29.03 32.15
CA ASP A 808 -18.28 -29.20 33.58
C ASP A 808 -19.22 -28.12 34.09
N PRO A 809 -20.35 -28.49 34.72
CA PRO A 809 -21.29 -27.46 35.21
C PRO A 809 -20.70 -26.57 36.28
N SER A 810 -19.77 -27.08 37.10
CA SER A 810 -19.20 -26.29 38.18
C SER A 810 -18.53 -25.03 37.67
N LYS A 811 -17.80 -25.13 36.56
CA LYS A 811 -17.19 -23.96 35.95
C LYS A 811 -18.28 -22.99 35.51
N PRO A 812 -18.13 -21.69 35.78
CA PRO A 812 -19.23 -20.76 35.48
C PRO A 812 -19.54 -20.63 34.01
N SER A 813 -18.53 -20.72 33.14
CA SER A 813 -18.73 -20.59 31.70
C SER A 813 -19.01 -21.92 31.02
N LYS A 814 -19.17 -22.99 31.79
CA LYS A 814 -19.49 -24.32 31.26
C LYS A 814 -18.43 -24.76 30.23
N ARG A 815 -17.17 -24.71 30.65
CA ARG A 815 -16.05 -25.07 29.80
C ARG A 815 -15.30 -26.26 30.37
N SER A 816 -14.72 -27.06 29.48
CA SER A 816 -13.94 -28.20 29.92
C SER A 816 -12.61 -27.74 30.52
N PHE A 817 -12.02 -28.63 31.32
CA PHE A 817 -10.72 -28.36 31.94
C PHE A 817 -9.70 -27.85 30.92
N ILE A 818 -9.59 -28.54 29.79
CA ILE A 818 -8.59 -28.14 28.79
C ILE A 818 -8.94 -26.80 28.19
N GLU A 819 -10.23 -26.49 28.02
CA GLU A 819 -10.61 -25.17 27.53
C GLU A 819 -10.29 -24.09 28.54
N ASP A 820 -10.42 -24.41 29.84
CA ASP A 820 -9.99 -23.48 30.87
C ASP A 820 -8.51 -23.17 30.76
N LEU A 821 -7.70 -24.22 30.63
CA LEU A 821 -6.26 -24.03 30.47
C LEU A 821 -5.94 -23.24 29.21
N LEU A 822 -6.72 -23.45 28.15
CA LEU A 822 -6.48 -22.71 26.91
C LEU A 822 -6.80 -21.23 27.08
N PHE A 823 -7.89 -20.90 27.79
CA PHE A 823 -8.22 -19.49 27.98
C PHE A 823 -7.23 -18.81 28.91
N ASN A 824 -6.76 -19.51 29.94
CA ASN A 824 -5.78 -18.92 30.83
C ASN A 824 -4.39 -18.87 30.22
N LYS A 825 -4.18 -19.46 29.05
CA LYS A 825 -2.88 -19.52 28.42
C LYS A 825 -2.59 -18.32 27.52
N VAL A 826 -3.57 -17.49 27.23
CA VAL A 826 -3.36 -16.27 26.48
C VAL A 826 -3.63 -15.08 27.38
N THR A 827 -2.98 -13.96 27.07
CA THR A 827 -3.10 -12.73 27.85
C THR A 827 -3.60 -11.63 26.92
N LEU A 828 -4.91 -11.54 26.76
CA LEU A 828 -5.50 -10.54 25.87
C LEU A 828 -5.69 -9.22 26.60
N ALA A 852 -6.90 -0.62 26.66
CA ALA A 852 -8.06 -0.44 25.80
C ALA A 852 -8.68 0.94 26.02
N GLN A 853 -7.85 1.91 26.40
CA GLN A 853 -8.30 3.28 26.60
C GLN A 853 -8.82 3.87 25.30
N LYS A 854 -7.91 4.12 24.37
CA LYS A 854 -8.19 4.34 22.94
C LYS A 854 -9.42 5.22 22.72
N PHE A 855 -9.32 6.45 23.20
CA PHE A 855 -10.39 7.43 23.07
C PHE A 855 -10.38 8.13 21.71
N ASN A 856 -9.57 7.68 20.76
CA ASN A 856 -9.39 8.35 19.49
C ASN A 856 -10.22 7.72 18.38
N GLY A 857 -11.40 7.21 18.70
CA GLY A 857 -12.25 6.60 17.69
C GLY A 857 -11.87 5.20 17.31
N LEU A 858 -10.99 4.55 18.07
CA LEU A 858 -10.54 3.20 17.78
C LEU A 858 -11.30 2.23 18.68
N THR A 859 -12.55 1.96 18.31
CA THR A 859 -13.38 1.07 19.11
C THR A 859 -13.15 -0.37 18.71
N VAL A 860 -13.55 -1.29 19.59
CA VAL A 860 -13.43 -2.72 19.36
C VAL A 860 -14.81 -3.33 19.55
N LEU A 861 -15.47 -3.69 18.45
CA LEU A 861 -16.78 -4.29 18.53
C LEU A 861 -16.69 -5.67 19.18
N PRO A 862 -17.77 -6.14 19.78
CA PRO A 862 -17.75 -7.46 20.40
C PRO A 862 -18.09 -8.53 19.38
N PRO A 863 -17.57 -9.74 19.56
CA PRO A 863 -17.86 -10.79 18.59
C PRO A 863 -19.30 -11.24 18.68
N LEU A 864 -19.84 -11.66 17.55
CA LEU A 864 -21.25 -12.04 17.49
C LEU A 864 -21.53 -13.28 18.32
N LEU A 865 -20.62 -14.24 18.30
CA LEU A 865 -20.77 -15.49 19.05
C LEU A 865 -19.88 -15.42 20.28
N THR A 866 -20.49 -15.36 21.45
CA THR A 866 -19.72 -15.23 22.68
C THR A 866 -18.96 -16.52 22.98
N ASP A 867 -18.10 -16.46 23.99
CA ASP A 867 -17.32 -17.63 24.36
C ASP A 867 -18.21 -18.76 24.86
N GLU A 868 -19.31 -18.42 25.54
CA GLU A 868 -20.23 -19.45 26.02
C GLU A 868 -20.87 -20.19 24.85
N MET A 869 -21.22 -19.47 23.79
CA MET A 869 -21.88 -20.11 22.66
C MET A 869 -20.90 -20.97 21.87
N ILE A 870 -19.66 -20.54 21.74
CA ILE A 870 -18.66 -21.35 21.07
C ILE A 870 -18.37 -22.61 21.90
N ALA A 871 -18.32 -22.46 23.23
CA ALA A 871 -18.16 -23.62 24.09
C ALA A 871 -19.33 -24.57 23.94
N GLN A 872 -20.54 -24.03 23.78
CA GLN A 872 -21.70 -24.89 23.57
C GLN A 872 -21.63 -25.63 22.24
N TYR A 873 -21.18 -24.94 21.19
CA TYR A 873 -20.97 -25.61 19.91
C TYR A 873 -19.97 -26.75 20.04
N THR A 874 -18.84 -26.51 20.69
CA THR A 874 -17.83 -27.57 20.82
C THR A 874 -18.35 -28.73 21.66
N SER A 875 -19.08 -28.42 22.73
CA SER A 875 -19.66 -29.48 23.55
C SER A 875 -20.63 -30.32 22.75
N ALA A 876 -21.48 -29.68 21.93
CA ALA A 876 -22.42 -30.43 21.11
C ALA A 876 -21.69 -31.28 20.09
N LEU A 877 -20.68 -30.72 19.44
CA LEU A 877 -19.90 -31.47 18.46
C LEU A 877 -19.29 -32.72 19.07
N LEU A 878 -18.59 -32.57 20.20
CA LEU A 878 -17.90 -33.74 20.71
C LEU A 878 -18.84 -34.68 21.43
N ALA A 879 -19.95 -34.19 21.96
CA ALA A 879 -20.97 -35.09 22.49
C ALA A 879 -21.56 -35.94 21.39
N GLY A 880 -21.81 -35.34 20.22
CA GLY A 880 -22.31 -36.12 19.10
C GLY A 880 -21.30 -37.10 18.55
N THR A 881 -20.02 -36.72 18.53
CA THR A 881 -19.00 -37.62 18.01
C THR A 881 -18.64 -38.72 19.00
N ILE A 882 -18.91 -38.52 20.29
CA ILE A 882 -18.71 -39.59 21.27
C ILE A 882 -19.92 -40.51 21.29
N THR A 883 -21.11 -39.94 21.11
CA THR A 883 -22.34 -40.71 21.18
C THR A 883 -22.70 -41.37 19.86
N SER A 884 -22.59 -40.63 18.76
CA SER A 884 -23.11 -41.09 17.48
C SER A 884 -22.05 -41.31 16.43
N GLY A 885 -20.78 -41.21 16.78
CA GLY A 885 -19.75 -41.48 15.80
C GLY A 885 -19.69 -40.38 14.75
N TRP A 886 -19.50 -40.78 13.50
CA TRP A 886 -19.48 -39.84 12.40
C TRP A 886 -20.84 -39.68 11.72
N THR A 887 -21.83 -40.45 12.14
CA THR A 887 -23.08 -40.53 11.40
C THR A 887 -24.05 -39.40 11.75
N PHE A 888 -23.61 -38.41 12.53
CA PHE A 888 -24.41 -37.23 12.77
C PHE A 888 -24.00 -36.06 11.89
N GLY A 889 -22.93 -36.20 11.11
CA GLY A 889 -22.56 -35.20 10.15
C GLY A 889 -23.24 -35.44 8.82
N ALA A 890 -23.68 -36.68 8.61
CA ALA A 890 -24.40 -37.03 7.40
C ALA A 890 -25.88 -36.71 7.51
N GLY A 891 -26.53 -37.23 8.53
CA GLY A 891 -27.95 -37.02 8.74
C GLY A 891 -28.28 -36.97 10.21
N ALA A 892 -29.33 -37.68 10.59
CA ALA A 892 -29.70 -37.73 12.00
C ALA A 892 -28.66 -38.50 12.79
N ALA A 893 -28.37 -38.04 14.00
CA ALA A 893 -27.43 -38.73 14.86
C ALA A 893 -27.97 -40.10 15.22
N LEU A 894 -27.20 -41.13 14.90
CA LEU A 894 -27.57 -42.50 15.20
C LEU A 894 -26.59 -43.03 16.24
N GLN A 895 -27.11 -43.49 17.36
CA GLN A 895 -26.23 -43.87 18.45
C GLN A 895 -25.50 -45.16 18.12
N ILE A 896 -24.42 -45.40 18.86
CA ILE A 896 -23.56 -46.55 18.67
C ILE A 896 -22.64 -46.63 19.89
N PRO A 897 -22.48 -47.81 20.49
CA PRO A 897 -21.58 -47.91 21.64
C PRO A 897 -20.16 -47.53 21.23
N PHE A 898 -19.45 -46.88 22.16
CA PHE A 898 -18.17 -46.28 21.81
C PHE A 898 -17.13 -47.33 21.47
N ALA A 899 -17.18 -48.51 22.10
CA ALA A 899 -16.27 -49.57 21.73
C ALA A 899 -16.49 -49.97 20.28
N MET A 900 -17.74 -50.12 19.87
CA MET A 900 -18.02 -50.49 18.49
C MET A 900 -17.63 -49.38 17.53
N GLN A 901 -17.76 -48.12 17.96
CA GLN A 901 -17.34 -47.02 17.10
C GLN A 901 -15.83 -47.02 16.90
N MET A 902 -15.07 -47.25 17.98
CA MET A 902 -13.63 -47.36 17.83
C MET A 902 -13.24 -48.59 17.03
N ALA A 903 -14.07 -49.62 17.02
CA ALA A 903 -13.82 -50.77 16.15
C ALA A 903 -13.99 -50.39 14.69
N TYR A 904 -15.06 -49.67 14.38
CA TYR A 904 -15.22 -49.13 13.02
C TYR A 904 -14.03 -48.28 12.63
N ARG A 905 -13.53 -47.48 13.57
CA ARG A 905 -12.44 -46.57 13.26
C ARG A 905 -11.11 -47.29 13.12
N PHE A 906 -10.94 -48.41 13.81
CA PHE A 906 -9.79 -49.27 13.56
C PHE A 906 -9.88 -49.90 12.19
N ASN A 907 -11.07 -50.38 11.84
CA ASN A 907 -11.27 -50.96 10.51
C ASN A 907 -10.99 -49.94 9.42
N GLY A 908 -11.23 -48.66 9.70
CA GLY A 908 -10.98 -47.64 8.72
C GLY A 908 -9.52 -47.42 8.37
N ILE A 909 -8.61 -47.94 9.18
CA ILE A 909 -7.18 -47.77 8.94
C ILE A 909 -6.48 -49.10 8.71
N GLY A 910 -7.21 -50.14 8.36
CA GLY A 910 -6.61 -51.39 7.97
C GLY A 910 -6.40 -52.40 9.06
N VAL A 911 -6.83 -52.12 10.29
CA VAL A 911 -6.68 -53.02 11.42
C VAL A 911 -8.06 -53.56 11.77
N THR A 912 -8.16 -54.86 11.97
CA THR A 912 -9.45 -55.51 12.15
C THR A 912 -10.03 -55.18 13.52
N GLN A 913 -11.26 -55.63 13.75
CA GLN A 913 -12.00 -55.29 14.95
C GLN A 913 -11.51 -56.03 16.18
N ASN A 914 -11.01 -57.25 16.00
CA ASN A 914 -10.58 -58.03 17.15
C ASN A 914 -9.40 -57.38 17.86
N VAL A 915 -8.61 -56.59 17.12
CA VAL A 915 -7.51 -55.88 17.74
C VAL A 915 -8.03 -54.89 18.78
N LEU A 916 -9.15 -54.24 18.49
CA LEU A 916 -9.74 -53.36 19.49
C LEU A 916 -10.42 -54.16 20.59
N TYR A 917 -11.32 -55.08 20.21
CA TYR A 917 -12.14 -55.74 21.21
C TYR A 917 -11.32 -56.60 22.16
N GLU A 918 -10.13 -57.01 21.77
CA GLU A 918 -9.28 -57.79 22.66
C GLU A 918 -8.29 -56.93 23.43
N ASN A 919 -8.07 -55.70 23.00
CA ASN A 919 -7.15 -54.77 23.64
C ASN A 919 -7.87 -53.53 24.13
N GLN A 920 -9.09 -53.69 24.64
CA GLN A 920 -9.90 -52.52 24.97
C GLN A 920 -9.38 -51.80 26.21
N LYS A 921 -9.02 -52.56 27.25
CA LYS A 921 -8.50 -51.92 28.45
C LYS A 921 -7.21 -51.17 28.16
N LEU A 922 -6.33 -51.77 27.35
CA LEU A 922 -5.05 -51.15 27.04
C LEU A 922 -5.25 -49.86 26.27
N ILE A 923 -6.17 -49.86 25.29
CA ILE A 923 -6.39 -48.66 24.49
C ILE A 923 -7.07 -47.59 25.31
N ALA A 924 -7.99 -47.98 26.20
CA ALA A 924 -8.61 -47.00 27.08
C ALA A 924 -7.58 -46.35 27.99
N ASN A 925 -6.67 -47.15 28.54
CA ASN A 925 -5.63 -46.59 29.41
C ASN A 925 -4.70 -45.69 28.64
N GLN A 926 -4.37 -46.05 27.40
CA GLN A 926 -3.49 -45.20 26.60
C GLN A 926 -4.17 -43.88 26.26
N PHE A 927 -5.46 -43.91 25.94
CA PHE A 927 -6.20 -42.67 25.69
C PHE A 927 -6.21 -41.79 26.93
N ASN A 928 -6.52 -42.37 28.08
CA ASN A 928 -6.59 -41.60 29.31
C ASN A 928 -5.23 -40.98 29.64
N SER A 929 -4.16 -41.76 29.51
CA SER A 929 -2.83 -41.24 29.79
C SER A 929 -2.42 -40.16 28.80
N ALA A 930 -2.82 -40.28 27.53
CA ALA A 930 -2.48 -39.26 26.56
C ALA A 930 -3.22 -37.96 26.83
N ILE A 931 -4.49 -38.06 27.24
CA ILE A 931 -5.23 -36.84 27.57
C ILE A 931 -4.65 -36.19 28.81
N GLY A 932 -4.25 -36.99 29.80
CA GLY A 932 -3.56 -36.44 30.95
C GLY A 932 -2.26 -35.75 30.58
N LYS A 933 -1.51 -36.36 29.66
CA LYS A 933 -0.27 -35.75 29.20
C LYS A 933 -0.54 -34.42 28.52
N ILE A 934 -1.62 -34.32 27.76
CA ILE A 934 -1.94 -33.07 27.09
C ILE A 934 -2.31 -32.00 28.11
N GLN A 935 -3.12 -32.36 29.11
CA GLN A 935 -3.48 -31.35 30.10
C GLN A 935 -2.27 -30.94 30.94
N ASP A 936 -1.30 -31.83 31.12
CA ASP A 936 -0.10 -31.45 31.85
C ASP A 936 0.79 -30.56 31.00
N SER A 937 0.88 -30.83 29.70
CA SER A 937 1.63 -29.97 28.81
C SER A 937 1.04 -28.56 28.79
N LEU A 938 -0.29 -28.46 28.73
CA LEU A 938 -0.90 -27.14 28.76
C LEU A 938 -0.76 -26.48 30.13
N SER A 939 -0.99 -27.23 31.20
CA SER A 939 -0.96 -26.64 32.53
C SER A 939 0.43 -26.11 32.86
N SER A 940 1.47 -26.82 32.46
CA SER A 940 2.82 -26.30 32.60
C SER A 940 3.03 -25.11 31.67
N THR A 941 3.82 -24.14 32.13
CA THR A 941 4.04 -22.90 31.39
C THR A 941 5.02 -23.15 30.25
N ALA A 942 4.51 -23.81 29.21
CA ALA A 942 5.29 -24.13 28.03
C ALA A 942 4.97 -23.24 26.84
N SER A 943 4.01 -22.32 26.98
CA SER A 943 3.62 -21.41 25.90
C SER A 943 3.24 -22.17 24.63
N ALA A 944 2.34 -23.15 24.80
CA ALA A 944 1.92 -23.95 23.66
C ALA A 944 1.12 -23.13 22.66
N LEU A 945 0.27 -22.22 23.14
CA LEU A 945 -0.62 -21.46 22.27
C LEU A 945 0.13 -20.29 21.67
N GLY A 946 1.02 -20.61 20.72
CA GLY A 946 1.85 -19.59 20.11
C GLY A 946 1.12 -18.75 19.08
N LYS A 947 0.37 -19.40 18.19
CA LYS A 947 -0.31 -18.74 17.07
C LYS A 947 -1.33 -17.71 17.55
N LEU A 948 -2.24 -18.15 18.41
CA LEU A 948 -3.23 -17.26 19.02
C LEU A 948 -2.62 -16.02 19.64
N GLN A 949 -1.62 -16.20 20.50
CA GLN A 949 -0.94 -15.05 21.08
C GLN A 949 -0.28 -14.21 20.01
N ASP A 950 0.17 -14.83 18.92
CA ASP A 950 0.78 -14.07 17.84
C ASP A 950 -0.25 -13.14 17.19
N VAL A 951 -1.45 -13.64 16.94
CA VAL A 951 -2.45 -12.79 16.28
C VAL A 951 -2.92 -11.69 17.24
N VAL A 952 -3.05 -12.02 18.53
CA VAL A 952 -3.42 -11.00 19.51
C VAL A 952 -2.36 -9.90 19.55
N ASN A 953 -1.09 -10.30 19.61
CA ASN A 953 0.00 -9.33 19.67
C ASN A 953 0.06 -8.50 18.40
N GLN A 954 -0.20 -9.11 17.25
CA GLN A 954 -0.15 -8.35 16.00
C GLN A 954 -1.25 -7.29 15.95
N ASN A 955 -2.46 -7.65 16.36
CA ASN A 955 -3.53 -6.66 16.35
C ASN A 955 -3.27 -5.55 17.35
N ALA A 956 -2.80 -5.90 18.56
CA ALA A 956 -2.49 -4.87 19.55
C ALA A 956 -1.36 -3.96 19.06
N GLN A 957 -0.37 -4.53 18.38
CA GLN A 957 0.73 -3.74 17.85
C GLN A 957 0.27 -2.78 16.77
N ALA A 958 -0.60 -3.25 15.87
CA ALA A 958 -1.12 -2.37 14.83
C ALA A 958 -1.90 -1.21 15.42
N LEU A 959 -2.79 -1.52 16.38
CA LEU A 959 -3.56 -0.45 17.01
C LEU A 959 -2.65 0.51 17.78
N ASN A 960 -1.61 -0.01 18.43
CA ASN A 960 -0.73 0.85 19.20
C ASN A 960 0.09 1.77 18.31
N THR A 961 0.59 1.25 17.19
CA THR A 961 1.34 2.14 16.30
C THR A 961 0.42 3.14 15.61
N LEU A 962 -0.84 2.75 15.34
CA LEU A 962 -1.79 3.71 14.80
C LEU A 962 -2.06 4.84 15.79
N VAL A 963 -2.18 4.49 17.07
CA VAL A 963 -2.39 5.53 18.08
C VAL A 963 -1.15 6.39 18.24
N LYS A 964 0.04 5.77 18.15
CA LYS A 964 1.27 6.52 18.30
C LYS A 964 1.50 7.48 17.14
N GLN A 965 0.98 7.15 15.96
CA GLN A 965 1.14 8.04 14.81
C GLN A 965 0.47 9.39 15.00
N LEU A 966 -0.25 9.60 16.10
CA LEU A 966 -0.85 10.89 16.38
C LEU A 966 0.15 11.88 16.97
N SER A 967 1.26 11.39 17.52
CA SER A 967 2.28 12.26 18.07
C SER A 967 3.17 12.88 17.00
N SER A 968 3.06 12.43 15.76
CA SER A 968 3.93 12.91 14.71
C SER A 968 3.53 14.30 14.24
N ASN A 969 4.54 15.13 13.96
CA ASN A 969 4.29 16.47 13.44
C ASN A 969 3.96 16.43 11.96
N PHE A 970 4.51 15.49 11.22
CA PHE A 970 4.35 15.37 9.78
C PHE A 970 4.76 16.64 9.05
N GLY A 971 5.61 17.46 9.66
CA GLY A 971 6.03 18.70 9.07
C GLY A 971 5.28 19.92 9.56
N ALA A 972 4.32 19.76 10.45
CA ALA A 972 3.57 20.89 10.96
C ALA A 972 4.37 21.61 12.04
N ILE A 973 3.77 22.65 12.62
CA ILE A 973 4.42 23.36 13.70
C ILE A 973 4.15 22.72 15.05
N SER A 974 3.07 21.93 15.16
CA SER A 974 2.77 21.20 16.38
C SER A 974 1.89 20.01 16.01
N SER A 975 2.07 18.92 16.76
CA SER A 975 1.35 17.69 16.43
C SER A 975 -0.12 17.76 16.80
N VAL A 976 -0.43 18.43 17.90
CA VAL A 976 -1.82 18.51 18.34
C VAL A 976 -2.53 19.59 17.54
N LEU A 977 -3.80 19.33 17.23
CA LEU A 977 -4.54 20.20 16.31
C LEU A 977 -5.01 21.47 16.99
N ASN A 978 -5.41 21.39 18.25
CA ASN A 978 -5.97 22.55 18.93
C ASN A 978 -4.94 23.66 19.09
N ASP A 979 -3.65 23.31 19.14
CA ASP A 979 -2.63 24.34 19.24
C ASP A 979 -2.47 25.07 17.91
N ILE A 980 -2.36 24.33 16.80
CA ILE A 980 -2.16 24.97 15.50
C ILE A 980 -3.46 25.61 15.05
N LEU A 981 -4.53 25.40 15.80
CA LEU A 981 -5.75 26.17 15.63
C LEU A 981 -5.88 27.36 16.58
N SER A 982 -5.18 27.32 17.71
CA SER A 982 -5.29 28.39 18.69
C SER A 982 -4.25 29.48 18.52
N ARG A 983 -3.19 29.23 17.77
CA ARG A 983 -2.13 30.21 17.62
C ARG A 983 -1.73 30.40 16.16
N LEU A 984 -2.72 30.39 15.26
CA LEU A 984 -2.47 30.69 13.87
C LEU A 984 -3.75 31.25 13.24
N ASP A 985 -3.57 31.98 12.15
CA ASP A 985 -4.71 32.45 11.35
C ASP A 985 -5.19 31.34 10.42
N PRO A 986 -6.44 31.39 10.01
CA PRO A 986 -6.98 30.36 9.11
C PRO A 986 -6.16 30.16 7.85
N PRO A 987 -5.62 31.24 7.23
CA PRO A 987 -4.81 31.01 6.01
C PRO A 987 -3.62 30.08 6.21
N GLU A 988 -2.95 30.12 7.36
CA GLU A 988 -1.80 29.26 7.60
C GLU A 988 -2.12 28.04 8.46
N ALA A 989 -3.08 28.17 9.37
CA ALA A 989 -3.64 26.99 10.02
C ALA A 989 -4.16 26.01 8.97
N GLU A 990 -4.59 26.52 7.82
CA GLU A 990 -5.07 25.64 6.76
C GLU A 990 -3.96 24.75 6.25
N VAL A 991 -2.76 25.31 6.00
CA VAL A 991 -1.69 24.48 5.46
C VAL A 991 -1.11 23.57 6.53
N GLN A 992 -1.07 24.02 7.80
CA GLN A 992 -0.61 23.14 8.86
C GLN A 992 -1.55 21.95 9.04
N ILE A 993 -2.86 22.23 9.10
CA ILE A 993 -3.85 21.17 9.18
C ILE A 993 -3.80 20.29 7.94
N ASP A 994 -3.40 20.86 6.80
CA ASP A 994 -3.26 20.05 5.59
C ASP A 994 -2.15 19.02 5.77
N ARG A 995 -1.00 19.45 6.29
CA ARG A 995 0.08 18.50 6.55
C ARG A 995 -0.36 17.42 7.51
N LEU A 996 -1.03 17.82 8.60
CA LEU A 996 -1.47 16.84 9.59
C LEU A 996 -2.48 15.87 9.00
N ILE A 997 -3.43 16.38 8.20
CA ILE A 997 -4.42 15.53 7.55
C ILE A 997 -3.75 14.52 6.65
N THR A 998 -2.79 14.97 5.84
CA THR A 998 -2.14 14.06 4.92
C THR A 998 -1.39 12.96 5.66
N GLY A 999 -0.65 13.33 6.70
CA GLY A 999 0.07 12.32 7.45
C GLY A 999 -0.85 11.31 8.13
N ARG A 1000 -1.88 11.80 8.82
CA ARG A 1000 -2.77 10.90 9.54
C ARG A 1000 -3.58 10.05 8.58
N LEU A 1001 -3.92 10.58 7.41
CA LEU A 1001 -4.62 9.80 6.40
C LEU A 1001 -3.73 8.69 5.85
N GLN A 1002 -2.46 8.99 5.61
CA GLN A 1002 -1.55 7.95 5.15
C GLN A 1002 -1.40 6.84 6.20
N SER A 1003 -1.32 7.23 7.47
CA SER A 1003 -1.18 6.23 8.52
C SER A 1003 -2.42 5.35 8.61
N LEU A 1004 -3.61 5.96 8.56
CA LEU A 1004 -4.84 5.18 8.60
C LEU A 1004 -4.96 4.26 7.40
N GLN A 1005 -4.51 4.73 6.24
CA GLN A 1005 -4.59 3.92 5.02
C GLN A 1005 -3.68 2.70 5.13
N THR A 1006 -2.44 2.90 5.56
CA THR A 1006 -1.55 1.75 5.68
C THR A 1006 -2.04 0.79 6.76
N TYR A 1007 -2.66 1.32 7.83
CA TYR A 1007 -3.21 0.43 8.85
C TYR A 1007 -4.32 -0.43 8.27
N VAL A 1008 -5.25 0.17 7.53
CA VAL A 1008 -6.37 -0.62 7.03
C VAL A 1008 -5.90 -1.60 5.96
N THR A 1009 -4.85 -1.27 5.20
CA THR A 1009 -4.34 -2.23 4.22
C THR A 1009 -3.70 -3.42 4.91
N GLN A 1010 -2.88 -3.17 5.94
CA GLN A 1010 -2.31 -4.28 6.69
C GLN A 1010 -3.40 -5.11 7.37
N GLN A 1011 -4.47 -4.47 7.80
CA GLN A 1011 -5.58 -5.21 8.40
C GLN A 1011 -6.25 -6.10 7.37
N LEU A 1012 -6.43 -5.60 6.15
CA LEU A 1012 -7.01 -6.44 5.10
C LEU A 1012 -6.14 -7.66 4.82
N ILE A 1013 -4.83 -7.48 4.76
CA ILE A 1013 -3.94 -8.61 4.48
C ILE A 1013 -3.97 -9.62 5.63
N ARG A 1014 -3.91 -9.12 6.87
CA ARG A 1014 -3.98 -10.01 8.02
C ARG A 1014 -5.31 -10.74 8.07
N ALA A 1015 -6.39 -10.09 7.67
CA ALA A 1015 -7.69 -10.74 7.63
C ALA A 1015 -7.73 -11.82 6.57
N ALA A 1016 -7.05 -11.60 5.44
CA ALA A 1016 -6.97 -12.65 4.43
C ALA A 1016 -6.23 -13.87 4.95
N GLU A 1017 -5.13 -13.64 5.67
CA GLU A 1017 -4.42 -14.76 6.30
C GLU A 1017 -5.32 -15.50 7.28
N ILE A 1018 -6.02 -14.76 8.14
CA ILE A 1018 -6.89 -15.39 9.12
C ILE A 1018 -8.04 -16.12 8.44
N ARG A 1019 -8.49 -15.64 7.29
CA ARG A 1019 -9.57 -16.33 6.59
C ARG A 1019 -9.06 -17.65 6.00
N ALA A 1020 -7.84 -17.65 5.48
CA ALA A 1020 -7.24 -18.92 5.07
C ALA A 1020 -7.15 -19.89 6.23
N SER A 1021 -6.72 -19.41 7.39
CA SER A 1021 -6.61 -20.28 8.56
C SER A 1021 -7.98 -20.78 9.02
N ALA A 1022 -9.00 -19.93 8.94
CA ALA A 1022 -10.33 -20.33 9.37
C ALA A 1022 -10.95 -21.32 8.42
N ASN A 1023 -10.68 -21.18 7.11
CA ASN A 1023 -11.15 -22.18 6.17
C ASN A 1023 -10.46 -23.52 6.41
N LEU A 1024 -9.16 -23.49 6.71
CA LEU A 1024 -8.47 -24.73 7.04
C LEU A 1024 -9.04 -25.35 8.31
N ALA A 1025 -9.38 -24.53 9.29
CA ALA A 1025 -9.95 -25.06 10.53
C ALA A 1025 -11.33 -25.65 10.30
N ALA A 1026 -12.13 -25.02 9.43
CA ALA A 1026 -13.42 -25.59 9.08
C ALA A 1026 -13.27 -26.92 8.35
N THR A 1027 -12.30 -27.01 7.44
CA THR A 1027 -12.04 -28.28 6.76
C THR A 1027 -11.62 -29.35 7.76
N LYS A 1028 -10.80 -29.00 8.74
CA LYS A 1028 -10.41 -29.96 9.75
C LYS A 1028 -11.61 -30.39 10.59
N MET A 1029 -12.44 -29.44 11.01
CA MET A 1029 -13.58 -29.77 11.84
C MET A 1029 -14.60 -30.61 11.08
N SER A 1030 -14.65 -30.49 9.77
CA SER A 1030 -15.59 -31.28 8.99
C SER A 1030 -15.05 -32.66 8.63
N GLU A 1031 -13.76 -32.75 8.31
CA GLU A 1031 -13.17 -34.00 7.84
C GLU A 1031 -12.50 -34.81 8.95
N CYS A 1032 -12.28 -34.22 10.11
CA CYS A 1032 -11.57 -34.90 11.18
C CYS A 1032 -12.39 -35.06 12.45
N VAL A 1033 -13.38 -34.21 12.70
CA VAL A 1033 -14.28 -34.38 13.82
C VAL A 1033 -15.59 -35.01 13.37
N LEU A 1034 -16.22 -34.47 12.33
CA LEU A 1034 -17.46 -35.04 11.81
C LEU A 1034 -17.25 -36.34 11.06
N GLY A 1035 -16.02 -36.83 10.97
CA GLY A 1035 -15.77 -38.07 10.27
C GLY A 1035 -14.34 -38.52 10.52
N GLN A 1036 -13.97 -39.60 9.86
CA GLN A 1036 -12.61 -40.13 9.92
C GLN A 1036 -11.93 -39.88 8.59
N SER A 1037 -10.70 -39.37 8.65
CA SER A 1037 -10.00 -38.89 7.47
C SER A 1037 -8.88 -39.84 7.11
N LYS A 1038 -8.77 -40.17 5.82
CA LYS A 1038 -7.72 -41.04 5.32
C LYS A 1038 -6.52 -40.28 4.78
N ARG A 1039 -6.68 -39.00 4.48
CA ARG A 1039 -5.59 -38.21 3.94
C ARG A 1039 -4.54 -37.99 5.01
N VAL A 1040 -3.30 -38.42 4.72
CA VAL A 1040 -2.30 -38.65 5.75
C VAL A 1040 -1.73 -37.33 6.25
N ASP A 1041 -1.44 -37.30 7.56
CA ASP A 1041 -0.87 -36.17 8.28
C ASP A 1041 -1.70 -34.90 8.17
N PHE A 1042 -2.94 -35.01 7.68
CA PHE A 1042 -3.87 -33.90 7.77
C PHE A 1042 -4.26 -33.64 9.22
N CYS A 1043 -4.43 -34.70 9.99
CA CYS A 1043 -4.85 -34.62 11.38
C CYS A 1043 -3.95 -35.50 12.24
N GLY A 1044 -2.82 -34.95 12.66
CA GLY A 1044 -1.89 -35.65 13.50
C GLY A 1044 -0.98 -36.57 12.74
N LYS A 1045 0.08 -36.99 13.41
CA LYS A 1045 1.03 -37.94 12.85
C LYS A 1045 0.57 -39.35 13.20
N GLY A 1046 0.27 -40.14 12.18
CA GLY A 1046 -0.22 -41.49 12.34
C GLY A 1046 -1.58 -41.67 11.68
N TYR A 1047 -2.04 -42.91 11.71
CA TYR A 1047 -3.34 -43.21 11.13
C TYR A 1047 -4.43 -42.66 12.03
N HIS A 1048 -5.31 -41.85 11.45
CA HIS A 1048 -6.29 -41.09 12.21
C HIS A 1048 -7.39 -42.00 12.73
N LEU A 1049 -7.59 -42.00 14.04
CA LEU A 1049 -8.75 -42.66 14.62
C LEU A 1049 -9.91 -41.68 14.73
N MET A 1050 -9.73 -40.60 15.47
CA MET A 1050 -10.79 -39.60 15.60
C MET A 1050 -10.17 -38.29 16.04
N SER A 1051 -11.00 -37.31 16.36
CA SER A 1051 -10.50 -36.05 16.87
C SER A 1051 -11.62 -35.28 17.53
N PHE A 1052 -11.25 -34.44 18.49
CA PHE A 1052 -12.18 -33.66 19.29
C PHE A 1052 -11.82 -32.18 19.21
N PRO A 1053 -12.81 -31.30 19.16
CA PRO A 1053 -12.53 -29.87 19.17
C PRO A 1053 -12.57 -29.28 20.58
N GLN A 1054 -11.81 -28.22 20.77
CA GLN A 1054 -11.83 -27.47 22.00
C GLN A 1054 -11.76 -25.99 21.68
N SER A 1055 -12.55 -25.19 22.38
CA SER A 1055 -12.63 -23.78 22.11
C SER A 1055 -11.42 -23.06 22.70
N ALA A 1056 -10.79 -22.23 21.90
CA ALA A 1056 -9.69 -21.38 22.29
C ALA A 1056 -10.12 -19.92 22.19
N PRO A 1057 -9.35 -18.99 22.76
CA PRO A 1057 -9.78 -17.59 22.76
C PRO A 1057 -10.09 -17.02 21.38
N HIS A 1058 -9.16 -17.11 20.45
CA HIS A 1058 -9.39 -16.61 19.09
C HIS A 1058 -9.19 -17.71 18.06
N GLY A 1059 -9.41 -18.96 18.46
CA GLY A 1059 -9.20 -20.05 17.54
C GLY A 1059 -9.77 -21.33 18.07
N VAL A 1060 -9.23 -22.43 17.57
CA VAL A 1060 -9.72 -23.77 17.92
C VAL A 1060 -8.52 -24.70 18.10
N VAL A 1061 -8.65 -25.63 19.04
CA VAL A 1061 -7.59 -26.58 19.35
C VAL A 1061 -8.15 -27.97 19.15
N PHE A 1062 -7.61 -28.69 18.18
CA PHE A 1062 -8.04 -30.06 17.92
C PHE A 1062 -7.16 -31.03 18.69
N LEU A 1063 -7.78 -31.99 19.35
CA LEU A 1063 -7.09 -33.13 19.91
C LEU A 1063 -7.29 -34.29 18.95
N HIS A 1064 -6.24 -34.65 18.23
CA HIS A 1064 -6.26 -35.70 17.22
C HIS A 1064 -5.82 -37.00 17.87
N VAL A 1065 -6.70 -37.99 17.86
CA VAL A 1065 -6.42 -39.32 18.39
C VAL A 1065 -6.03 -40.19 17.21
N THR A 1066 -4.76 -40.60 17.19
CA THR A 1066 -4.19 -41.36 16.08
C THR A 1066 -3.56 -42.64 16.61
N TYR A 1067 -3.45 -43.62 15.73
CA TYR A 1067 -2.92 -44.95 16.04
C TYR A 1067 -1.53 -45.06 15.46
N VAL A 1068 -0.53 -45.28 16.31
CA VAL A 1068 0.86 -45.30 15.89
C VAL A 1068 1.41 -46.70 16.12
N PRO A 1069 1.79 -47.43 15.08
CA PRO A 1069 2.32 -48.77 15.28
C PRO A 1069 3.69 -48.73 15.95
N ALA A 1070 3.95 -49.73 16.78
CA ALA A 1070 5.19 -49.79 17.52
C ALA A 1070 5.55 -51.24 17.80
N GLN A 1071 6.80 -51.43 18.22
CA GLN A 1071 7.37 -52.75 18.52
C GLN A 1071 7.35 -53.64 17.28
N GLU A 1072 8.03 -53.16 16.23
CA GLU A 1072 8.07 -53.89 14.98
C GLU A 1072 8.96 -55.12 15.09
N LYS A 1073 8.64 -56.13 14.30
CA LYS A 1073 9.43 -57.35 14.24
C LYS A 1073 9.78 -57.67 12.79
N ASN A 1074 10.96 -58.22 12.59
CA ASN A 1074 11.41 -58.65 11.28
C ASN A 1074 10.76 -59.98 10.91
N PHE A 1075 10.56 -60.17 9.61
CA PHE A 1075 10.02 -61.43 9.08
C PHE A 1075 10.53 -61.60 7.67
N THR A 1076 10.67 -62.85 7.24
CA THR A 1076 10.92 -63.11 5.83
C THR A 1076 9.60 -63.09 5.09
N THR A 1077 9.59 -62.61 3.85
CA THR A 1077 8.33 -62.42 3.16
C THR A 1077 8.45 -62.87 1.72
N ALA A 1078 7.31 -63.06 1.08
CA ALA A 1078 7.25 -63.47 -0.32
C ALA A 1078 5.91 -63.05 -0.88
N PRO A 1079 5.85 -62.67 -2.15
CA PRO A 1079 4.57 -62.23 -2.73
C PRO A 1079 3.53 -63.33 -2.86
N ALA A 1080 3.93 -64.50 -3.35
CA ALA A 1080 3.00 -65.58 -3.63
C ALA A 1080 3.44 -66.85 -2.91
N ILE A 1081 2.62 -67.89 -3.05
CA ILE A 1081 2.91 -69.22 -2.54
C ILE A 1081 2.62 -70.23 -3.65
N CYS A 1082 3.61 -71.02 -4.03
CA CYS A 1082 3.38 -72.07 -5.00
C CYS A 1082 2.84 -73.30 -4.29
N HIS A 1083 1.68 -73.78 -4.74
CA HIS A 1083 1.10 -75.00 -4.20
C HIS A 1083 0.37 -75.72 -5.31
N ASP A 1084 0.74 -76.97 -5.54
CA ASP A 1084 0.13 -77.80 -6.59
C ASP A 1084 0.22 -77.13 -7.96
N GLY A 1085 1.24 -76.31 -8.15
CA GLY A 1085 1.39 -75.61 -9.41
C GLY A 1085 0.49 -74.40 -9.58
N LYS A 1086 0.01 -73.82 -8.48
CA LYS A 1086 -0.81 -72.62 -8.53
C LYS A 1086 -0.23 -71.59 -7.58
N ALA A 1087 -0.34 -70.32 -7.96
CA ALA A 1087 0.14 -69.23 -7.15
C ALA A 1087 -0.98 -68.70 -6.28
N HIS A 1088 -0.74 -68.64 -4.97
CA HIS A 1088 -1.69 -68.12 -4.00
C HIS A 1088 -1.17 -66.76 -3.51
N PHE A 1089 -1.98 -65.73 -3.66
CA PHE A 1089 -1.74 -64.39 -3.17
C PHE A 1089 -2.67 -64.09 -2.01
N PRO A 1090 -2.22 -63.32 -1.02
CA PRO A 1090 -3.08 -63.05 0.13
C PRO A 1090 -4.23 -62.13 -0.23
N ARG A 1091 -5.41 -62.45 0.32
CA ARG A 1091 -6.57 -61.59 0.09
C ARG A 1091 -6.33 -60.19 0.64
N GLU A 1092 -6.16 -60.09 1.94
CA GLU A 1092 -5.68 -58.86 2.57
C GLU A 1092 -4.62 -59.26 3.59
N GLY A 1093 -3.43 -58.69 3.47
CA GLY A 1093 -2.34 -59.03 4.35
C GLY A 1093 -1.13 -59.45 3.56
N VAL A 1094 -0.17 -60.02 4.27
CA VAL A 1094 1.09 -60.44 3.68
C VAL A 1094 1.49 -61.80 4.22
N PHE A 1095 2.33 -62.47 3.46
CA PHE A 1095 2.92 -63.74 3.85
C PHE A 1095 4.19 -63.46 4.63
N VAL A 1096 4.25 -63.92 5.86
CA VAL A 1096 5.41 -63.71 6.73
C VAL A 1096 5.86 -65.05 7.26
N SER A 1097 7.17 -65.21 7.41
CA SER A 1097 7.75 -66.42 7.94
C SER A 1097 8.71 -66.06 9.05
N ASN A 1098 8.56 -66.75 10.18
CA ASN A 1098 9.48 -66.67 11.29
C ASN A 1098 10.59 -67.70 11.07
N GLY A 1099 11.20 -67.67 9.90
CA GLY A 1099 12.25 -68.61 9.55
C GLY A 1099 11.83 -69.90 8.87
N THR A 1100 10.83 -70.60 9.42
CA THR A 1100 10.50 -71.93 8.94
C THR A 1100 9.02 -72.22 8.79
N HIS A 1101 8.13 -71.27 9.07
CA HIS A 1101 6.70 -71.50 8.95
C HIS A 1101 6.03 -70.27 8.39
N TRP A 1102 5.16 -70.45 7.40
CA TRP A 1102 4.57 -69.34 6.67
C TRP A 1102 3.18 -69.04 7.18
N PHE A 1103 2.85 -67.75 7.26
CA PHE A 1103 1.62 -67.27 7.85
C PHE A 1103 1.10 -66.11 7.04
N VAL A 1104 -0.18 -65.79 7.23
CA VAL A 1104 -0.79 -64.58 6.69
C VAL A 1104 -1.07 -63.63 7.84
N THR A 1105 -0.68 -62.38 7.70
CA THR A 1105 -0.95 -61.37 8.71
C THR A 1105 -1.55 -60.14 8.05
N GLN A 1106 -2.25 -59.35 8.84
CA GLN A 1106 -2.64 -58.03 8.36
C GLN A 1106 -1.43 -57.11 8.43
N ARG A 1107 -1.42 -56.11 7.55
CA ARG A 1107 -0.21 -55.35 7.30
C ARG A 1107 0.18 -54.45 8.46
N ASN A 1108 -0.74 -54.15 9.37
CA ASN A 1108 -0.51 -53.15 10.40
C ASN A 1108 -0.42 -53.69 11.81
N PHE A 1109 -0.79 -54.94 12.05
CA PHE A 1109 -0.73 -55.54 13.38
C PHE A 1109 -0.42 -57.01 13.20
N TYR A 1110 0.70 -57.45 13.77
CA TYR A 1110 1.14 -58.83 13.59
C TYR A 1110 0.17 -59.76 14.31
N GLU A 1111 -0.75 -60.35 13.55
CA GLU A 1111 -1.68 -61.35 14.05
C GLU A 1111 -1.64 -62.50 13.06
N PRO A 1112 -0.81 -63.50 13.31
CA PRO A 1112 -0.56 -64.52 12.29
C PRO A 1112 -1.66 -65.57 12.23
N GLN A 1113 -1.92 -66.03 11.01
CA GLN A 1113 -2.90 -67.07 10.75
C GLN A 1113 -2.34 -67.98 9.68
N ILE A 1114 -2.75 -69.25 9.71
CA ILE A 1114 -2.20 -70.22 8.78
C ILE A 1114 -2.70 -69.90 7.37
N ILE A 1115 -1.85 -70.17 6.38
CA ILE A 1115 -2.21 -69.94 4.99
C ILE A 1115 -3.27 -70.96 4.61
N THR A 1116 -4.42 -70.47 4.16
CA THR A 1116 -5.53 -71.34 3.82
C THR A 1116 -6.27 -70.78 2.63
N THR A 1117 -7.14 -71.61 2.05
CA THR A 1117 -7.78 -71.24 0.79
C THR A 1117 -8.83 -70.17 0.96
N ASP A 1118 -9.30 -69.92 2.18
CA ASP A 1118 -10.33 -68.91 2.38
C ASP A 1118 -9.78 -67.53 2.70
N ASN A 1119 -8.46 -67.38 2.84
CA ASN A 1119 -7.87 -66.05 2.99
C ASN A 1119 -6.73 -65.81 2.01
N THR A 1120 -6.61 -66.63 0.97
CA THR A 1120 -5.71 -66.38 -0.14
C THR A 1120 -6.40 -66.79 -1.43
N PHE A 1121 -6.30 -65.97 -2.45
CA PHE A 1121 -6.84 -66.30 -3.76
C PHE A 1121 -5.75 -66.81 -4.68
N VAL A 1122 -6.16 -67.33 -5.83
CA VAL A 1122 -5.24 -67.99 -6.75
C VAL A 1122 -5.33 -67.30 -8.10
N SER A 1123 -4.19 -67.24 -8.79
CA SER A 1123 -4.14 -66.59 -10.09
C SER A 1123 -3.07 -67.27 -10.95
N GLY A 1124 -3.52 -68.20 -11.79
CA GLY A 1124 -2.62 -68.86 -12.72
C GLY A 1124 -1.57 -69.70 -12.02
N ASN A 1125 -0.58 -70.11 -12.80
CA ASN A 1125 0.55 -70.85 -12.27
C ASN A 1125 1.61 -69.86 -11.78
N CYS A 1126 2.69 -70.38 -11.22
CA CYS A 1126 3.66 -69.49 -10.57
C CYS A 1126 5.01 -69.52 -11.26
N ASP A 1127 5.02 -69.42 -12.59
CA ASP A 1127 6.24 -69.24 -13.34
C ASP A 1127 6.55 -67.78 -13.65
N VAL A 1128 5.60 -66.88 -13.44
CA VAL A 1128 5.76 -65.48 -13.85
C VAL A 1128 6.17 -64.62 -12.66
N VAL A 1129 5.80 -65.04 -11.46
CA VAL A 1129 6.10 -64.25 -10.27
C VAL A 1129 7.53 -64.51 -9.84
N ILE A 1130 8.23 -63.45 -9.44
CA ILE A 1130 9.61 -63.55 -8.97
C ILE A 1130 9.60 -63.26 -7.48
N GLY A 1131 9.90 -64.29 -6.69
CA GLY A 1131 9.82 -64.18 -5.25
C GLY A 1131 8.89 -65.22 -4.65
N ILE A 1132 8.39 -66.12 -5.49
CA ILE A 1132 7.56 -67.21 -5.01
C ILE A 1132 8.34 -68.09 -4.05
N VAL A 1133 7.62 -68.66 -3.07
CA VAL A 1133 8.16 -69.64 -2.16
C VAL A 1133 7.18 -70.80 -2.07
N ASN A 1134 7.70 -72.01 -2.02
CA ASN A 1134 6.87 -73.18 -1.91
C ASN A 1134 6.37 -73.35 -0.49
N ASN A 1135 5.11 -73.74 -0.35
CA ASN A 1135 4.52 -74.03 0.95
C ASN A 1135 3.15 -74.65 0.70
N THR A 1136 2.57 -75.19 1.76
CA THR A 1136 1.26 -75.83 1.68
C THR A 1136 0.16 -74.84 2.02
N VAL A 1137 -0.89 -74.84 1.22
CA VAL A 1137 -2.06 -74.02 1.48
C VAL A 1137 -3.18 -74.95 1.93
N TYR A 1138 -3.31 -75.13 3.23
CA TYR A 1138 -4.25 -76.09 3.79
C TYR A 1138 -5.68 -75.61 3.56
N ASP A 1139 -6.51 -76.47 2.99
CA ASP A 1139 -7.89 -76.06 2.78
C ASP A 1139 -8.80 -76.70 3.80
N PRO A 1140 -9.86 -76.01 4.24
CA PRO A 1140 -10.66 -76.52 5.36
C PRO A 1140 -11.65 -77.61 4.99
N LEU A 1141 -11.94 -77.81 3.71
CA LEU A 1141 -12.91 -78.82 3.31
C LEU A 1141 -12.31 -80.22 3.26
N GLN A 1142 -11.02 -80.31 2.96
CA GLN A 1142 -10.38 -81.62 2.84
C GLN A 1142 -10.36 -82.42 4.15
N PRO A 1143 -10.11 -81.83 5.32
CA PRO A 1143 -10.21 -82.66 6.54
C PRO A 1143 -11.61 -83.18 6.79
N GLU A 1144 -12.64 -82.38 6.55
CA GLU A 1144 -14.00 -82.84 6.73
C GLU A 1144 -14.35 -83.95 5.75
N LEU A 1145 -13.87 -83.84 4.51
CA LEU A 1145 -14.17 -84.89 3.53
C LEU A 1145 -13.36 -86.15 3.79
N ASP A 1146 -12.14 -86.02 4.31
CA ASP A 1146 -11.34 -87.19 4.64
C ASP A 1146 -11.85 -87.93 5.87
N SER A 1147 -12.60 -87.24 6.74
CA SER A 1147 -13.23 -87.91 7.86
C SER A 1147 -14.24 -88.96 7.40
N PHE A 1148 -14.65 -88.91 6.14
CA PHE A 1148 -15.58 -89.88 5.58
C PHE A 1148 -14.88 -91.19 5.26
N ALA B 27 -50.45 30.34 15.45
CA ALA B 27 -50.95 29.13 14.81
C ALA B 27 -49.86 28.47 13.98
N TYR B 28 -49.50 27.25 14.37
CA TYR B 28 -48.41 26.52 13.72
C TYR B 28 -48.97 25.38 12.87
N THR B 29 -48.13 24.88 11.96
CA THR B 29 -48.44 23.73 11.15
C THR B 29 -47.11 23.07 10.79
N ASN B 30 -47.17 21.88 10.19
CA ASN B 30 -45.99 21.09 9.90
C ASN B 30 -45.73 21.05 8.40
N SER B 31 -44.50 21.33 8.01
CA SER B 31 -44.09 21.30 6.61
C SER B 31 -43.87 19.86 6.19
N PHE B 32 -44.83 19.28 5.48
CA PHE B 32 -44.75 17.88 5.12
C PHE B 32 -43.50 17.58 4.30
N THR B 33 -43.46 18.07 3.06
CA THR B 33 -42.28 17.87 2.22
C THR B 33 -41.86 19.14 1.49
N ARG B 34 -42.42 20.29 1.83
CA ARG B 34 -42.13 21.52 1.11
C ARG B 34 -40.77 22.07 1.53
N GLY B 35 -40.26 23.00 0.72
CA GLY B 35 -38.99 23.63 0.98
C GLY B 35 -37.83 23.12 0.15
N VAL B 36 -38.11 22.35 -0.89
CA VAL B 36 -37.07 21.72 -1.69
C VAL B 36 -36.95 22.46 -3.02
N TYR B 37 -35.72 22.71 -3.44
CA TYR B 37 -35.45 23.42 -4.67
C TYR B 37 -34.22 22.81 -5.33
N TYR B 38 -33.93 23.28 -6.54
CA TYR B 38 -32.71 22.87 -7.22
C TYR B 38 -31.55 23.66 -6.62
N PRO B 39 -30.60 23.00 -5.95
CA PRO B 39 -29.56 23.74 -5.23
C PRO B 39 -28.61 24.49 -6.15
N ASP B 40 -28.29 23.93 -7.31
CA ASP B 40 -27.37 24.58 -8.23
C ASP B 40 -27.89 24.46 -9.64
N LYS B 41 -27.31 25.27 -10.52
CA LYS B 41 -27.73 25.37 -11.91
C LYS B 41 -27.14 24.28 -12.80
N VAL B 42 -26.55 23.24 -12.22
CA VAL B 42 -26.13 22.09 -13.01
C VAL B 42 -27.32 21.16 -13.22
N PHE B 43 -27.46 20.64 -14.43
CA PHE B 43 -28.48 19.66 -14.74
C PHE B 43 -27.94 18.25 -14.50
N ARG B 44 -28.75 17.42 -13.84
CA ARG B 44 -28.35 16.06 -13.53
C ARG B 44 -29.52 15.13 -13.81
N SER B 45 -29.19 13.86 -14.12
CA SER B 45 -30.21 12.90 -14.53
C SER B 45 -29.93 11.55 -13.89
N SER B 46 -30.93 11.03 -13.18
CA SER B 46 -30.89 9.68 -12.60
C SER B 46 -29.67 9.51 -11.70
N VAL B 47 -29.47 10.45 -10.80
CA VAL B 47 -28.36 10.41 -9.85
C VAL B 47 -28.86 10.93 -8.51
N LEU B 48 -28.42 10.28 -7.44
CA LEU B 48 -28.73 10.71 -6.08
C LEU B 48 -27.58 11.60 -5.61
N HIS B 49 -27.84 12.88 -5.43
CA HIS B 49 -26.80 13.86 -5.13
C HIS B 49 -27.00 14.41 -3.74
N SER B 50 -25.92 14.48 -2.97
CA SER B 50 -25.95 15.02 -1.61
C SER B 50 -25.47 16.46 -1.63
N THR B 51 -26.28 17.36 -1.07
CA THR B 51 -25.97 18.78 -1.09
C THR B 51 -25.96 19.31 0.34
N GLN B 52 -24.89 20.02 0.69
CA GLN B 52 -24.75 20.65 2.01
C GLN B 52 -24.96 22.15 1.86
N ASP B 53 -26.23 22.55 1.94
CA ASP B 53 -26.59 23.96 1.92
C ASP B 53 -27.98 24.14 2.54
N LEU B 54 -28.34 25.39 2.78
CA LEU B 54 -29.50 25.71 3.60
C LEU B 54 -30.80 25.22 2.96
N PHE B 55 -31.62 24.55 3.76
CA PHE B 55 -32.93 24.05 3.34
C PHE B 55 -33.92 24.20 4.48
N LEU B 56 -35.19 23.97 4.17
CA LEU B 56 -36.21 23.88 5.20
C LEU B 56 -36.28 22.46 5.74
N PRO B 57 -36.09 22.24 7.03
CA PRO B 57 -36.13 20.88 7.57
C PRO B 57 -37.48 20.22 7.34
N PHE B 58 -37.45 18.91 7.14
CA PHE B 58 -38.68 18.15 6.97
C PHE B 58 -39.47 18.15 8.27
N PHE B 59 -40.80 18.24 8.14
CA PHE B 59 -41.72 18.17 9.28
C PHE B 59 -41.36 19.20 10.35
N SER B 60 -41.09 20.42 9.88
CA SER B 60 -40.74 21.50 10.79
C SER B 60 -41.95 22.34 11.15
N ASN B 61 -41.73 23.49 11.78
CA ASN B 61 -42.79 24.39 12.21
C ASN B 61 -42.86 25.58 11.27
N VAL B 62 -44.03 25.78 10.65
CA VAL B 62 -44.26 26.89 9.74
C VAL B 62 -45.35 27.75 10.35
N THR B 63 -44.95 28.92 10.89
CA THR B 63 -45.92 29.86 11.45
C THR B 63 -46.92 30.30 10.38
N TRP B 64 -48.18 29.96 10.58
CA TRP B 64 -49.25 30.29 9.64
C TRP B 64 -49.98 31.53 10.11
N PHE B 65 -50.03 32.56 9.25
CA PHE B 65 -50.74 33.79 9.56
C PHE B 65 -52.03 33.82 8.76
N HIS B 66 -53.13 34.11 9.46
CA HIS B 66 -54.46 34.14 8.89
C HIS B 66 -54.76 35.47 8.23
N PRO B 82 -47.25 42.24 10.11
CA PRO B 82 -46.57 41.30 11.02
C PRO B 82 -45.06 41.26 10.79
N VAL B 83 -44.29 41.46 11.86
CA VAL B 83 -42.85 41.57 11.79
C VAL B 83 -42.22 40.31 12.41
N LEU B 84 -41.34 39.66 11.66
CA LEU B 84 -40.70 38.43 12.12
C LEU B 84 -39.33 38.27 11.47
N PRO B 85 -38.34 37.77 12.23
CA PRO B 85 -36.96 37.79 11.75
C PRO B 85 -36.72 36.87 10.57
N PHE B 86 -35.78 37.27 9.71
CA PHE B 86 -35.44 36.48 8.53
C PHE B 86 -34.79 35.16 8.92
N ASN B 87 -33.75 35.21 9.74
CA ASN B 87 -33.06 34.03 10.26
C ASN B 87 -32.62 33.08 9.15
N ASP B 88 -31.84 33.63 8.21
CA ASP B 88 -31.13 32.84 7.21
C ASP B 88 -32.08 32.03 6.33
N GLY B 89 -32.96 32.72 5.63
CA GLY B 89 -33.79 32.07 4.63
C GLY B 89 -35.24 31.96 5.09
N VAL B 90 -36.14 31.96 4.12
CA VAL B 90 -37.57 31.90 4.38
C VAL B 90 -38.26 31.11 3.28
N TYR B 91 -39.15 30.21 3.68
CA TYR B 91 -40.10 29.56 2.80
C TYR B 91 -41.44 30.23 3.00
N PHE B 92 -41.97 30.82 1.93
CA PHE B 92 -43.21 31.60 1.97
C PHE B 92 -44.22 30.90 1.09
N ALA B 93 -45.42 30.67 1.62
CA ALA B 93 -46.42 29.95 0.85
C ALA B 93 -47.78 30.60 1.02
N SER B 94 -48.52 30.74 -0.08
CA SER B 94 -49.83 31.38 -0.03
C SER B 94 -50.80 30.69 -0.98
N THR B 95 -51.97 30.32 -0.48
CA THR B 95 -53.01 29.71 -1.28
C THR B 95 -54.29 30.54 -1.19
N GLU B 96 -54.71 31.12 -2.32
CA GLU B 96 -55.97 31.85 -2.39
C GLU B 96 -56.35 31.99 -3.86
N LYS B 97 -57.66 32.05 -4.11
CA LYS B 97 -58.18 32.27 -5.45
C LYS B 97 -58.37 33.78 -5.70
N SER B 98 -57.30 34.52 -5.45
CA SER B 98 -57.33 35.97 -5.57
C SER B 98 -55.89 36.48 -5.58
N ASN B 99 -55.76 37.79 -5.78
CA ASN B 99 -54.46 38.45 -5.78
C ASN B 99 -54.25 39.29 -4.53
N ILE B 100 -54.79 38.84 -3.40
CA ILE B 100 -54.68 39.60 -2.16
C ILE B 100 -53.22 39.79 -1.78
N ILE B 101 -52.40 38.75 -1.97
CA ILE B 101 -50.96 38.84 -1.74
C ILE B 101 -50.33 39.26 -3.07
N ARG B 102 -49.80 40.48 -3.12
CA ARG B 102 -49.21 41.02 -4.33
C ARG B 102 -47.80 41.56 -4.14
N GLY B 103 -47.21 41.45 -2.95
CA GLY B 103 -45.92 42.08 -2.75
C GLY B 103 -45.13 41.47 -1.62
N TRP B 104 -43.85 41.86 -1.59
CA TRP B 104 -42.93 41.50 -0.52
C TRP B 104 -42.08 42.72 -0.20
N ILE B 105 -41.69 42.85 1.07
CA ILE B 105 -40.78 43.92 1.50
C ILE B 105 -39.81 43.33 2.51
N PHE B 106 -38.51 43.38 2.21
CA PHE B 106 -37.48 42.74 3.03
C PHE B 106 -36.52 43.82 3.50
N GLY B 107 -36.32 43.92 4.80
CA GLY B 107 -35.38 44.91 5.30
C GLY B 107 -34.95 44.67 6.72
N THR B 108 -33.79 45.24 7.08
CA THR B 108 -33.32 45.16 8.45
C THR B 108 -34.20 45.99 9.38
N THR B 109 -34.44 47.25 9.03
CA THR B 109 -35.31 48.13 9.82
C THR B 109 -36.54 48.57 9.04
N LEU B 110 -36.59 48.28 7.74
CA LEU B 110 -37.78 48.48 6.90
C LEU B 110 -38.15 49.95 6.75
N ASP B 111 -37.36 50.85 7.30
CA ASP B 111 -37.60 52.28 7.17
C ASP B 111 -36.74 52.81 6.03
N SER B 112 -36.72 54.14 5.85
CA SER B 112 -35.94 54.74 4.78
C SER B 112 -34.44 54.54 4.99
N LYS B 113 -34.02 54.32 6.24
CA LYS B 113 -32.59 54.22 6.54
C LYS B 113 -31.94 53.08 5.77
N THR B 114 -32.55 51.90 5.75
CA THR B 114 -31.96 50.71 5.15
C THR B 114 -32.84 50.21 4.02
N GLN B 115 -32.19 49.68 2.98
CA GLN B 115 -32.86 49.35 1.73
C GLN B 115 -33.84 48.21 1.91
N SER B 116 -34.95 48.27 1.17
CA SER B 116 -36.06 47.34 1.30
C SER B 116 -36.51 46.90 -0.10
N LEU B 117 -36.42 45.60 -0.36
CA LEU B 117 -36.79 45.03 -1.65
C LEU B 117 -38.31 44.98 -1.77
N LEU B 118 -38.87 45.90 -2.57
CA LEU B 118 -40.32 45.97 -2.75
C LEU B 118 -40.71 45.18 -4.00
N ILE B 119 -40.60 43.86 -3.90
CA ILE B 119 -41.12 43.00 -4.95
C ILE B 119 -42.62 43.21 -5.04
N VAL B 120 -43.10 43.47 -6.25
CA VAL B 120 -44.50 43.85 -6.46
C VAL B 120 -45.01 43.20 -7.73
N ASN B 121 -46.20 42.61 -7.65
CA ASN B 121 -46.90 42.10 -8.83
C ASN B 121 -47.79 43.19 -9.41
N ASN B 122 -47.56 43.52 -10.68
CA ASN B 122 -48.27 44.56 -11.40
C ASN B 122 -49.43 44.01 -12.22
N ALA B 123 -49.64 42.69 -12.19
CA ALA B 123 -50.67 41.98 -12.94
C ALA B 123 -50.35 41.97 -14.43
N THR B 124 -49.27 42.65 -14.83
CA THR B 124 -48.74 42.58 -16.18
C THR B 124 -47.24 42.37 -16.22
N ASN B 125 -46.50 42.72 -15.16
CA ASN B 125 -45.08 42.41 -15.02
C ASN B 125 -44.74 42.48 -13.54
N VAL B 126 -43.52 42.09 -13.20
CA VAL B 126 -43.03 42.16 -11.83
C VAL B 126 -42.04 43.31 -11.75
N VAL B 127 -42.16 44.11 -10.69
CA VAL B 127 -41.27 45.24 -10.46
C VAL B 127 -40.55 45.00 -9.14
N ILE B 128 -39.23 45.12 -9.15
CA ILE B 128 -38.43 44.95 -7.95
C ILE B 128 -37.53 46.17 -7.82
N LYS B 129 -37.55 46.78 -6.64
CA LYS B 129 -36.79 47.99 -6.35
C LYS B 129 -35.98 47.75 -5.09
N VAL B 130 -34.83 48.43 -5.01
CA VAL B 130 -33.92 48.30 -3.88
C VAL B 130 -34.00 49.52 -2.96
N CYS B 131 -34.89 50.45 -3.25
CA CYS B 131 -35.08 51.62 -2.39
C CYS B 131 -36.54 51.78 -1.98
N GLU B 156 -52.03 51.56 -7.71
CA GLU B 156 -51.45 52.72 -7.02
C GLU B 156 -50.83 52.29 -5.69
N PHE B 157 -49.59 52.67 -5.47
CA PHE B 157 -48.88 52.36 -4.23
C PHE B 157 -48.44 53.66 -3.57
N ARG B 158 -48.79 53.82 -2.29
CA ARG B 158 -48.41 54.97 -1.49
C ARG B 158 -47.46 54.59 -0.36
N VAL B 159 -46.84 53.41 -0.44
CA VAL B 159 -46.01 52.90 0.65
C VAL B 159 -44.85 53.85 0.92
N TYR B 160 -44.28 54.42 -0.13
CA TYR B 160 -43.19 55.37 0.03
C TYR B 160 -43.71 56.74 0.44
N ASN B 164 -34.68 57.59 -4.51
CA ASN B 164 -34.34 57.54 -3.10
C ASN B 164 -33.09 56.69 -2.86
N ASN B 165 -31.97 57.12 -3.45
CA ASN B 165 -30.71 56.37 -3.40
C ASN B 165 -30.92 54.94 -3.89
N CYS B 166 -31.62 54.81 -5.01
CA CYS B 166 -32.08 53.53 -5.50
C CYS B 166 -30.96 52.88 -6.32
N THR B 167 -30.45 51.73 -5.84
CA THR B 167 -29.29 51.12 -6.47
C THR B 167 -29.63 50.60 -7.86
N PHE B 168 -30.70 49.79 -7.97
CA PHE B 168 -31.09 49.24 -9.25
C PHE B 168 -32.53 48.75 -9.17
N GLU B 169 -33.10 48.49 -10.34
CA GLU B 169 -34.50 48.11 -10.49
C GLU B 169 -34.60 47.02 -11.54
N TYR B 170 -35.43 46.02 -11.30
CA TYR B 170 -35.57 44.89 -12.22
C TYR B 170 -37.03 44.66 -12.58
N VAL B 171 -37.30 44.51 -13.87
CA VAL B 171 -38.60 44.13 -14.40
C VAL B 171 -38.42 42.89 -15.27
N SER B 172 -39.28 41.90 -15.09
CA SER B 172 -39.29 40.75 -15.98
C SER B 172 -40.14 41.06 -17.20
N ASN B 188 -55.20 26.97 -5.54
CA ASN B 188 -53.82 26.96 -6.02
C ASN B 188 -52.89 27.66 -5.04
N LEU B 189 -51.71 27.06 -4.84
CA LEU B 189 -50.73 27.52 -3.88
C LEU B 189 -49.47 27.96 -4.58
N ARG B 190 -49.01 29.17 -4.24
CA ARG B 190 -47.74 29.71 -4.71
C ARG B 190 -46.71 29.52 -3.60
N GLU B 191 -45.56 28.94 -3.95
CA GLU B 191 -44.48 28.67 -3.02
C GLU B 191 -43.22 29.38 -3.47
N PHE B 192 -42.58 30.07 -2.54
CA PHE B 192 -41.37 30.85 -2.80
C PHE B 192 -40.35 30.57 -1.72
N VAL B 193 -39.08 30.62 -2.08
CA VAL B 193 -37.97 30.57 -1.13
C VAL B 193 -37.07 31.76 -1.36
N PHE B 194 -36.78 32.49 -0.28
CA PHE B 194 -35.91 33.66 -0.31
C PHE B 194 -34.69 33.38 0.54
N LYS B 195 -33.50 33.47 -0.07
CA LYS B 195 -32.27 33.30 0.67
C LYS B 195 -31.26 34.38 0.30
N ASN B 196 -30.68 35.04 1.30
CA ASN B 196 -29.61 36.00 1.12
C ASN B 196 -28.32 35.39 1.64
N ILE B 197 -27.39 35.11 0.73
CA ILE B 197 -26.06 34.61 1.09
C ILE B 197 -25.01 35.45 0.39
N ASP B 198 -24.07 36.01 1.16
CA ASP B 198 -22.94 36.76 0.63
C ASP B 198 -23.39 37.91 -0.26
N GLY B 199 -24.45 38.60 0.16
CA GLY B 199 -24.95 39.72 -0.61
C GLY B 199 -25.75 39.34 -1.82
N TYR B 200 -26.11 38.07 -1.97
CA TYR B 200 -26.85 37.58 -3.12
C TYR B 200 -28.24 37.14 -2.69
N PHE B 201 -29.26 37.64 -3.38
CA PHE B 201 -30.65 37.32 -3.11
C PHE B 201 -31.13 36.29 -4.13
N LYS B 202 -31.64 35.17 -3.63
CA LYS B 202 -32.17 34.11 -4.48
C LYS B 202 -33.65 33.91 -4.17
N ILE B 203 -34.47 33.87 -5.22
CA ILE B 203 -35.90 33.69 -5.09
C ILE B 203 -36.38 32.52 -5.95
N TYR B 204 -36.45 31.34 -5.33
CA TYR B 204 -36.98 30.17 -6.00
C TYR B 204 -38.50 30.18 -5.91
N SER B 205 -39.19 29.61 -6.90
CA SER B 205 -40.65 29.64 -6.87
C SER B 205 -41.25 28.48 -7.65
N LYS B 206 -42.51 28.18 -7.31
CA LYS B 206 -43.32 27.22 -8.06
C LYS B 206 -44.78 27.43 -7.69
N HIS B 207 -45.69 26.99 -8.56
CA HIS B 207 -47.12 26.99 -8.30
C HIS B 207 -47.66 25.58 -8.45
N THR B 208 -48.54 25.17 -7.54
CA THR B 208 -49.20 23.88 -7.64
C THR B 208 -50.69 24.04 -7.37
N PRO B 209 -51.53 23.20 -7.98
CA PRO B 209 -52.97 23.25 -7.69
C PRO B 209 -53.33 22.37 -6.49
N ILE B 210 -54.04 22.92 -5.51
CA ILE B 210 -54.31 22.25 -4.26
C ILE B 210 -55.81 22.17 -4.05
N ASN B 211 -56.30 21.01 -3.60
CA ASN B 211 -57.71 20.86 -3.32
C ASN B 211 -58.09 21.45 -1.95
N LEU B 212 -57.30 21.15 -0.93
CA LEU B 212 -57.58 21.62 0.42
C LEU B 212 -56.87 22.95 0.66
N VAL B 213 -57.65 23.97 1.03
CA VAL B 213 -57.10 25.30 1.21
C VAL B 213 -56.47 25.51 2.58
N ARG B 214 -56.87 24.72 3.58
CA ARG B 214 -56.38 24.94 4.94
C ARG B 214 -54.88 24.66 5.04
N ASP B 215 -54.43 23.54 4.47
CA ASP B 215 -53.10 23.04 4.76
C ASP B 215 -52.33 22.79 3.46
N LEU B 216 -51.01 22.71 3.60
CA LEU B 216 -50.14 22.47 2.47
C LEU B 216 -50.35 21.06 1.93
N PRO B 217 -50.28 20.85 0.62
CA PRO B 217 -50.40 19.50 0.09
C PRO B 217 -49.20 18.65 0.47
N GLN B 218 -49.44 17.33 0.54
CA GLN B 218 -48.37 16.37 0.74
C GLN B 218 -47.85 15.97 -0.64
N GLY B 219 -46.89 16.74 -1.14
CA GLY B 219 -46.30 16.47 -2.43
C GLY B 219 -44.94 17.10 -2.53
N PHE B 220 -44.15 16.60 -3.47
CA PHE B 220 -42.76 17.01 -3.62
C PHE B 220 -42.61 17.78 -4.93
N SER B 221 -42.26 19.06 -4.83
CA SER B 221 -42.03 19.88 -6.01
C SER B 221 -40.88 20.83 -5.71
N ALA B 222 -39.88 20.86 -6.60
CA ALA B 222 -38.74 21.73 -6.39
C ALA B 222 -39.03 23.14 -6.91
N LEU B 223 -38.18 24.08 -6.50
CA LEU B 223 -38.40 25.51 -6.74
C LEU B 223 -37.26 26.05 -7.60
N GLU B 224 -37.54 26.26 -8.88
CA GLU B 224 -36.54 26.80 -9.80
C GLU B 224 -36.14 28.22 -9.41
N PRO B 225 -34.86 28.58 -9.47
CA PRO B 225 -34.48 29.98 -9.25
C PRO B 225 -35.01 30.86 -10.36
N LEU B 226 -35.55 32.03 -9.99
CA LEU B 226 -36.08 32.97 -10.96
C LEU B 226 -35.12 34.11 -11.26
N VAL B 227 -34.60 34.78 -10.22
CA VAL B 227 -33.67 35.89 -10.41
C VAL B 227 -32.75 35.97 -9.19
N ASP B 228 -31.58 36.55 -9.41
CA ASP B 228 -30.57 36.72 -8.37
C ASP B 228 -30.18 38.18 -8.29
N LEU B 229 -30.38 38.79 -7.12
CA LEU B 229 -30.09 40.20 -6.92
C LEU B 229 -28.87 40.36 -6.04
N PRO B 230 -27.75 40.80 -6.58
CA PRO B 230 -26.50 40.92 -5.81
C PRO B 230 -26.39 42.26 -5.08
N ILE B 231 -27.35 42.53 -4.20
CA ILE B 231 -27.44 43.83 -3.56
C ILE B 231 -26.34 44.00 -2.51
N GLY B 232 -26.15 43.00 -1.66
CA GLY B 232 -25.43 43.18 -0.42
C GLY B 232 -26.32 43.60 0.73
N ILE B 233 -27.65 43.60 0.53
CA ILE B 233 -28.57 44.09 1.54
C ILE B 233 -28.67 43.10 2.69
N ASN B 234 -28.77 43.65 3.90
CA ASN B 234 -28.93 42.90 5.13
C ASN B 234 -30.39 43.04 5.56
N ILE B 235 -31.14 41.94 5.59
CA ILE B 235 -32.56 42.00 5.92
C ILE B 235 -32.81 41.19 7.19
N THR B 236 -33.67 41.74 8.06
CA THR B 236 -34.09 41.08 9.28
C THR B 236 -35.61 40.98 9.37
N ARG B 237 -36.33 41.45 8.36
CA ARG B 237 -37.78 41.35 8.36
C ARG B 237 -38.27 41.19 6.93
N PHE B 238 -39.37 40.46 6.76
CA PHE B 238 -39.87 40.17 5.42
C PHE B 238 -41.39 40.32 5.36
N GLN B 239 -41.91 41.44 5.86
CA GLN B 239 -43.35 41.67 5.87
C GLN B 239 -43.94 41.50 4.47
N THR B 240 -45.06 40.78 4.39
CA THR B 240 -45.77 40.60 3.13
C THR B 240 -46.71 41.77 2.88
N LEU B 241 -47.27 41.81 1.67
CA LEU B 241 -48.19 42.85 1.25
C LEU B 241 -49.57 42.27 1.04
N LEU B 242 -50.58 42.99 1.50
CA LEU B 242 -51.96 42.57 1.32
C LEU B 242 -52.65 43.45 0.28
N ALA B 264 -54.19 33.96 4.11
CA ALA B 264 -53.53 32.82 4.72
C ALA B 264 -52.15 32.58 4.11
N TYR B 265 -51.09 32.93 4.82
CA TYR B 265 -49.74 32.73 4.32
C TYR B 265 -48.86 32.10 5.39
N TYR B 266 -47.95 31.25 4.95
CA TYR B 266 -47.13 30.40 5.80
C TYR B 266 -45.67 30.82 5.68
N VAL B 267 -45.00 30.92 6.84
CA VAL B 267 -43.58 31.24 6.91
C VAL B 267 -42.84 30.09 7.58
N GLY B 268 -41.77 29.64 6.95
CA GLY B 268 -40.89 28.65 7.56
C GLY B 268 -39.43 29.04 7.47
N TYR B 269 -38.69 28.91 8.56
CA TYR B 269 -37.29 29.33 8.55
C TYR B 269 -36.40 28.21 8.01
N LEU B 270 -35.49 28.57 7.11
CA LEU B 270 -34.57 27.60 6.53
C LEU B 270 -33.47 27.24 7.51
N GLN B 271 -32.89 26.05 7.32
CA GLN B 271 -31.83 25.55 8.17
C GLN B 271 -30.70 24.97 7.33
N PRO B 272 -29.46 25.02 7.82
CA PRO B 272 -28.32 24.41 7.11
C PRO B 272 -28.14 22.91 7.37
N ARG B 273 -28.95 22.11 6.69
CA ARG B 273 -28.94 20.66 6.87
C ARG B 273 -28.60 19.98 5.55
N THR B 274 -27.67 19.03 5.60
CA THR B 274 -27.31 18.27 4.41
C THR B 274 -28.49 17.41 3.97
N PHE B 275 -28.79 17.45 2.67
CA PHE B 275 -29.88 16.65 2.12
C PHE B 275 -29.34 15.75 1.02
N LEU B 276 -30.14 14.76 0.65
CA LEU B 276 -29.84 13.90 -0.49
C LEU B 276 -31.06 13.90 -1.40
N LEU B 277 -30.87 14.38 -2.63
CA LEU B 277 -31.97 14.61 -3.57
C LEU B 277 -31.82 13.67 -4.75
N LYS B 278 -32.92 13.12 -5.23
CA LYS B 278 -32.91 12.22 -6.38
C LYS B 278 -33.53 12.93 -7.58
N TYR B 279 -32.79 12.95 -8.69
CA TYR B 279 -33.31 13.50 -9.93
C TYR B 279 -34.03 12.42 -10.72
N ASN B 280 -34.87 12.86 -11.65
CA ASN B 280 -35.60 11.95 -12.51
C ASN B 280 -34.80 11.71 -13.78
N GLU B 281 -35.33 10.88 -14.69
CA GLU B 281 -34.70 10.73 -15.99
C GLU B 281 -34.87 11.97 -16.86
N ASN B 282 -35.80 12.86 -16.51
CA ASN B 282 -35.95 14.15 -17.17
C ASN B 282 -35.12 15.24 -16.52
N GLY B 283 -34.49 14.96 -15.38
CA GLY B 283 -33.71 15.95 -14.69
C GLY B 283 -34.45 16.75 -13.64
N THR B 284 -35.70 16.39 -13.33
CA THR B 284 -36.49 17.07 -12.33
C THR B 284 -36.42 16.30 -11.02
N ILE B 285 -36.20 17.02 -9.92
CA ILE B 285 -36.12 16.37 -8.62
C ILE B 285 -37.46 15.77 -8.27
N THR B 286 -37.46 14.51 -7.86
CA THR B 286 -38.69 13.80 -7.53
C THR B 286 -38.80 13.46 -6.05
N ASP B 287 -37.70 13.38 -5.31
CA ASP B 287 -37.76 13.08 -3.89
C ASP B 287 -36.46 13.51 -3.24
N ALA B 288 -36.49 13.60 -1.92
CA ALA B 288 -35.32 14.00 -1.15
C ALA B 288 -35.43 13.43 0.26
N VAL B 289 -34.29 13.33 0.92
CA VAL B 289 -34.21 12.81 2.28
C VAL B 289 -33.32 13.72 3.10
N ASP B 290 -33.83 14.19 4.23
CA ASP B 290 -33.03 14.93 5.19
C ASP B 290 -32.16 13.97 5.98
N CYS B 291 -30.90 14.33 6.18
CA CYS B 291 -30.00 13.46 6.92
C CYS B 291 -30.30 13.47 8.42
N ALA B 292 -30.70 14.61 8.96
CA ALA B 292 -30.86 14.76 10.40
C ALA B 292 -32.30 14.65 10.87
N LEU B 293 -33.24 14.33 9.98
CA LEU B 293 -34.64 14.26 10.38
C LEU B 293 -34.91 13.07 11.30
N ASP B 294 -34.40 11.91 10.93
CA ASP B 294 -34.74 10.65 11.58
C ASP B 294 -33.58 9.69 11.37
N PRO B 295 -33.33 8.77 12.30
CA PRO B 295 -32.21 7.83 12.11
C PRO B 295 -32.29 7.04 10.81
N LEU B 296 -33.47 6.58 10.40
CA LEU B 296 -33.59 5.86 9.14
C LEU B 296 -33.13 6.71 7.96
N SER B 297 -33.55 7.97 7.93
CA SER B 297 -33.12 8.86 6.86
C SER B 297 -31.61 9.08 6.91
N GLU B 298 -31.03 9.06 8.11
CA GLU B 298 -29.59 9.24 8.20
C GLU B 298 -28.85 8.00 7.69
N THR B 299 -29.43 6.80 7.88
CA THR B 299 -28.88 5.63 7.22
C THR B 299 -28.99 5.76 5.70
N LYS B 300 -30.11 6.27 5.21
CA LYS B 300 -30.26 6.48 3.77
C LYS B 300 -29.19 7.43 3.25
N CYS B 301 -28.90 8.49 3.99
CA CYS B 301 -27.80 9.38 3.63
C CYS B 301 -26.47 8.62 3.61
N THR B 302 -26.25 7.75 4.60
CA THR B 302 -24.96 7.06 4.67
C THR B 302 -24.78 6.10 3.51
N LEU B 303 -25.82 5.35 3.15
CA LEU B 303 -25.72 4.41 2.03
C LEU B 303 -25.97 5.06 0.69
N LYS B 304 -26.43 6.31 0.67
CA LYS B 304 -26.74 7.02 -0.57
C LYS B 304 -27.75 6.24 -1.41
N SER B 305 -28.83 5.81 -0.77
CA SER B 305 -29.91 5.11 -1.45
C SER B 305 -31.24 5.49 -0.79
N PHE B 306 -32.31 5.30 -1.54
CA PHE B 306 -33.65 5.53 -1.02
C PHE B 306 -34.32 4.26 -0.53
N THR B 307 -33.68 3.10 -0.72
CA THR B 307 -34.14 1.85 -0.14
C THR B 307 -32.95 1.16 0.50
N VAL B 308 -33.15 0.63 1.70
CA VAL B 308 -32.10 -0.07 2.43
C VAL B 308 -32.55 -1.51 2.64
N GLU B 309 -31.62 -2.44 2.48
CA GLU B 309 -31.93 -3.84 2.75
C GLU B 309 -31.88 -4.10 4.26
N LYS B 310 -32.55 -5.17 4.69
CA LYS B 310 -32.60 -5.50 6.10
C LYS B 310 -31.20 -5.71 6.65
N GLY B 311 -30.91 -5.09 7.78
CA GLY B 311 -29.62 -5.25 8.41
C GLY B 311 -29.34 -4.16 9.41
N ILE B 312 -28.13 -4.19 9.94
CA ILE B 312 -27.63 -3.19 10.88
C ILE B 312 -26.54 -2.39 10.18
N TYR B 313 -26.72 -1.08 10.11
CA TYR B 313 -25.78 -0.19 9.44
C TYR B 313 -25.21 0.81 10.42
N GLN B 314 -23.89 0.93 10.46
CA GLN B 314 -23.23 1.88 11.35
C GLN B 314 -23.22 3.23 10.67
N THR B 315 -24.17 4.10 11.04
CA THR B 315 -24.38 5.33 10.31
C THR B 315 -23.34 6.39 10.65
N SER B 316 -23.21 6.73 11.93
CA SER B 316 -22.38 7.86 12.32
C SER B 316 -22.04 7.75 13.80
N ASN B 317 -21.05 8.55 14.21
CA ASN B 317 -20.67 8.64 15.60
C ASN B 317 -21.58 9.65 16.32
N PHE B 318 -21.69 9.49 17.64
CA PHE B 318 -22.34 10.50 18.46
C PHE B 318 -21.40 10.87 19.60
N ARG B 319 -21.27 12.16 19.84
CA ARG B 319 -20.41 12.71 20.88
C ARG B 319 -21.17 13.78 21.63
N VAL B 320 -21.09 13.76 22.97
CA VAL B 320 -21.77 14.77 23.76
C VAL B 320 -21.15 16.13 23.47
N GLN B 321 -22.00 17.13 23.31
CA GLN B 321 -21.51 18.47 23.00
C GLN B 321 -21.32 19.27 24.29
N PRO B 322 -20.17 19.88 24.50
CA PRO B 322 -19.93 20.59 25.76
C PRO B 322 -20.62 21.93 25.80
N THR B 323 -20.82 22.43 27.03
CA THR B 323 -21.35 23.76 27.27
C THR B 323 -20.54 24.41 28.38
N GLU B 324 -20.72 25.72 28.54
CA GLU B 324 -20.14 26.48 29.65
C GLU B 324 -18.62 26.37 29.64
N SER B 325 -18.01 27.10 28.71
CA SER B 325 -16.56 27.11 28.57
C SER B 325 -15.88 27.61 29.84
N ILE B 326 -14.78 26.96 30.20
CA ILE B 326 -13.95 27.31 31.34
C ILE B 326 -12.64 27.88 30.85
N VAL B 327 -12.22 29.01 31.41
CA VAL B 327 -10.93 29.61 31.12
C VAL B 327 -10.21 29.79 32.45
N ARG B 328 -9.01 29.21 32.58
CA ARG B 328 -8.19 29.36 33.78
C ARG B 328 -6.84 29.94 33.38
N PHE B 329 -6.49 31.06 34.01
CA PHE B 329 -5.27 31.79 33.76
C PHE B 329 -4.59 32.10 35.08
N PRO B 330 -3.29 32.38 35.06
CA PRO B 330 -2.60 32.76 36.31
C PRO B 330 -3.21 33.96 37.00
N ASN B 331 -3.15 33.96 38.33
CA ASN B 331 -3.82 34.94 39.17
C ASN B 331 -2.93 36.15 39.44
N ILE B 332 -2.40 36.71 38.35
CA ILE B 332 -1.51 37.86 38.43
C ILE B 332 -2.22 39.06 37.81
N THR B 333 -2.17 40.19 38.51
CA THR B 333 -2.84 41.41 38.07
C THR B 333 -1.86 42.50 37.65
N ASN B 334 -0.57 42.19 37.58
CA ASN B 334 0.43 43.21 37.30
C ASN B 334 0.52 43.46 35.80
N LEU B 335 0.21 44.67 35.39
CA LEU B 335 0.31 45.04 33.97
C LEU B 335 1.76 44.99 33.52
N CYS B 336 2.00 44.37 32.37
CA CYS B 336 3.36 44.07 31.96
C CYS B 336 3.99 45.27 31.27
N PRO B 337 5.27 45.57 31.53
CA PRO B 337 5.89 46.80 31.02
C PRO B 337 6.46 46.68 29.61
N PHE B 338 5.57 46.53 28.64
CA PHE B 338 6.00 46.64 27.24
C PHE B 338 6.23 48.09 26.84
N GLY B 339 5.35 48.98 27.30
CA GLY B 339 5.50 50.39 26.99
C GLY B 339 6.87 50.92 27.38
N GLU B 340 7.45 50.37 28.44
CA GLU B 340 8.80 50.76 28.82
C GLU B 340 9.79 50.41 27.72
N VAL B 341 9.72 49.18 27.18
CA VAL B 341 10.69 48.75 26.18
C VAL B 341 10.48 49.53 24.88
N PHE B 342 9.23 49.65 24.44
CA PHE B 342 8.95 50.30 23.16
C PHE B 342 9.19 51.81 23.24
N ASN B 343 8.95 52.40 24.40
CA ASN B 343 9.13 53.83 24.63
C ASN B 343 10.50 54.17 25.18
N ALA B 344 11.38 53.18 25.37
CA ALA B 344 12.69 53.45 25.93
C ALA B 344 13.46 54.41 25.04
N THR B 345 13.99 55.48 25.66
CA THR B 345 14.69 56.51 24.88
C THR B 345 16.00 55.97 24.31
N ARG B 346 16.70 55.13 25.06
CA ARG B 346 18.00 54.62 24.63
C ARG B 346 17.83 53.28 23.90
N PHE B 347 18.36 53.21 22.69
CA PHE B 347 18.33 52.01 21.88
C PHE B 347 19.75 51.50 21.66
N ALA B 348 19.95 50.20 21.86
CA ALA B 348 21.26 49.62 21.69
C ALA B 348 21.62 49.49 20.20
N SER B 349 22.91 49.31 19.94
CA SER B 349 23.39 49.08 18.59
C SER B 349 22.98 47.69 18.11
N VAL B 350 22.97 47.52 16.79
CA VAL B 350 22.47 46.28 16.21
C VAL B 350 23.37 45.10 16.57
N TYR B 351 24.68 45.28 16.52
CA TYR B 351 25.57 44.16 16.84
C TYR B 351 25.48 43.79 18.31
N ALA B 352 25.28 44.78 19.17
CA ALA B 352 25.03 44.53 20.59
C ALA B 352 23.54 44.76 20.90
N TRP B 353 22.70 43.93 20.29
CA TRP B 353 21.26 44.05 20.48
C TRP B 353 20.89 43.79 21.93
N ASN B 354 19.98 44.62 22.47
CA ASN B 354 19.68 44.57 23.89
C ASN B 354 18.49 43.66 24.14
N ARG B 355 18.68 42.63 24.97
CA ARG B 355 17.64 41.66 25.24
C ARG B 355 17.17 41.79 26.67
N LYS B 356 15.86 41.90 26.85
CA LYS B 356 15.25 41.98 28.17
C LYS B 356 14.28 40.84 28.34
N ARG B 357 14.42 40.11 29.44
CA ARG B 357 13.51 39.01 29.76
C ARG B 357 12.21 39.55 30.36
N ILE B 358 11.10 38.93 29.97
CA ILE B 358 9.77 39.35 30.38
C ILE B 358 9.04 38.15 30.96
N SER B 359 8.58 38.28 32.20
CA SER B 359 7.92 37.18 32.87
C SER B 359 7.07 37.71 34.02
N ASN B 360 6.16 36.86 34.50
CA ASN B 360 5.32 37.16 35.66
C ASN B 360 4.54 38.45 35.47
N CYS B 361 3.88 38.58 34.32
CA CYS B 361 3.06 39.75 34.05
C CYS B 361 1.89 39.36 33.16
N VAL B 362 0.85 40.19 33.18
CA VAL B 362 -0.27 40.07 32.26
C VAL B 362 -0.04 41.05 31.13
N ALA B 363 0.08 40.52 29.92
CA ALA B 363 0.59 41.27 28.78
C ALA B 363 -0.50 41.44 27.74
N ASP B 364 -0.84 42.69 27.43
CA ASP B 364 -1.88 42.98 26.45
C ASP B 364 -1.20 43.36 25.14
N TYR B 365 -1.11 42.38 24.24
CA TYR B 365 -0.60 42.64 22.90
C TYR B 365 -1.58 43.43 22.06
N SER B 366 -2.88 43.32 22.35
CA SER B 366 -3.89 43.93 21.50
C SER B 366 -3.77 45.44 21.49
N VAL B 367 -3.50 46.06 22.64
CA VAL B 367 -3.42 47.52 22.69
C VAL B 367 -2.22 48.03 21.90
N LEU B 368 -1.05 47.42 22.07
CA LEU B 368 0.12 47.88 21.33
C LEU B 368 -0.03 47.62 19.84
N TYR B 369 -0.67 46.51 19.48
CA TYR B 369 -0.94 46.24 18.07
C TYR B 369 -1.92 47.25 17.50
N ASN B 370 -2.91 47.66 18.29
CA ASN B 370 -3.91 48.62 17.82
C ASN B 370 -3.28 49.97 17.50
N SER B 371 -2.31 50.39 18.30
CA SER B 371 -1.62 51.64 18.02
C SER B 371 -0.94 51.59 16.66
N ALA B 372 -1.12 52.63 15.87
CA ALA B 372 -0.57 52.69 14.52
C ALA B 372 0.84 53.26 14.48
N SER B 373 1.46 53.48 15.65
CA SER B 373 2.83 53.99 15.66
C SER B 373 3.79 53.02 15.00
N PHE B 374 3.56 51.71 15.18
CA PHE B 374 4.43 50.69 14.62
C PHE B 374 4.12 50.50 13.14
N SER B 375 5.11 50.77 12.28
CA SER B 375 4.87 50.73 10.85
C SER B 375 4.69 49.31 10.33
N THR B 376 5.57 48.39 10.70
CA THR B 376 5.52 47.01 10.24
C THR B 376 5.41 46.07 11.43
N PHE B 377 4.42 45.18 11.39
CA PHE B 377 4.11 44.26 12.49
C PHE B 377 3.96 42.85 11.91
N LYS B 378 5.05 42.11 11.78
CA LYS B 378 5.01 40.75 11.24
C LYS B 378 5.23 39.73 12.33
N CYS B 379 4.23 38.88 12.58
CA CYS B 379 4.35 37.80 13.54
C CYS B 379 4.40 36.47 12.79
N TYR B 380 5.42 35.68 13.08
CA TYR B 380 5.68 34.44 12.36
C TYR B 380 5.48 33.25 13.29
N GLY B 381 4.66 32.29 12.87
CA GLY B 381 4.34 31.15 13.69
C GLY B 381 3.27 31.41 14.73
N VAL B 382 2.85 32.65 14.90
CA VAL B 382 1.80 33.02 15.83
C VAL B 382 0.94 34.10 15.18
N SER B 383 -0.36 33.98 15.34
CA SER B 383 -1.27 34.95 14.74
C SER B 383 -1.36 36.19 15.61
N PRO B 384 -1.32 37.39 15.03
CA PRO B 384 -1.38 38.61 15.86
C PRO B 384 -2.68 38.75 16.63
N THR B 385 -3.82 38.44 16.00
CA THR B 385 -5.10 38.66 16.65
C THR B 385 -5.28 37.76 17.86
N LYS B 386 -4.82 36.51 17.77
CA LYS B 386 -4.96 35.55 18.85
C LYS B 386 -3.80 35.60 19.83
N LEU B 387 -2.90 36.58 19.70
CA LEU B 387 -1.78 36.70 20.62
C LEU B 387 -2.25 36.86 22.07
N ASN B 388 -3.38 37.56 22.26
CA ASN B 388 -3.88 37.80 23.61
C ASN B 388 -4.24 36.50 24.32
N ASP B 389 -4.88 35.57 23.61
CA ASP B 389 -5.40 34.38 24.26
C ASP B 389 -4.29 33.46 24.75
N LEU B 390 -3.17 33.42 24.03
CA LEU B 390 -2.12 32.46 24.32
C LEU B 390 -1.45 32.76 25.66
N CYS B 391 -0.87 31.72 26.25
CA CYS B 391 -0.03 31.84 27.43
C CYS B 391 1.32 31.19 27.17
N PHE B 392 2.37 31.88 27.57
CA PHE B 392 3.74 31.51 27.24
C PHE B 392 4.58 31.46 28.50
N THR B 393 5.66 30.68 28.45
CA THR B 393 6.53 30.57 29.61
C THR B 393 7.21 31.89 29.92
N ASN B 394 7.79 32.53 28.89
CA ASN B 394 8.41 33.83 29.06
C ASN B 394 8.60 34.46 27.69
N VAL B 395 8.88 35.77 27.70
CA VAL B 395 9.09 36.51 26.46
C VAL B 395 10.49 37.10 26.48
N TYR B 396 11.08 37.23 25.31
CA TYR B 396 12.36 37.90 25.14
C TYR B 396 12.19 39.07 24.19
N ALA B 397 12.55 40.27 24.64
CA ALA B 397 12.41 41.47 23.83
C ALA B 397 13.79 41.98 23.44
N ASP B 398 14.06 42.00 22.14
CA ASP B 398 15.35 42.45 21.60
C ASP B 398 15.16 43.80 20.93
N SER B 399 15.97 44.78 21.34
CA SER B 399 15.89 46.14 20.85
C SER B 399 17.18 46.49 20.11
N PHE B 400 17.02 47.05 18.91
CA PHE B 400 18.11 47.59 18.11
C PHE B 400 17.52 48.56 17.09
N VAL B 401 18.38 49.41 16.52
CA VAL B 401 17.98 50.39 15.52
C VAL B 401 18.69 50.08 14.22
N ILE B 402 17.92 50.00 13.12
CA ILE B 402 18.43 49.68 11.81
C ILE B 402 17.62 50.43 10.76
N ARG B 403 18.14 50.46 9.54
CA ARG B 403 17.51 51.17 8.45
C ARG B 403 16.37 50.35 7.84
N GLY B 404 15.66 50.96 6.90
CA GLY B 404 14.47 50.33 6.34
C GLY B 404 14.75 49.03 5.61
N ASP B 405 15.84 48.98 4.85
CA ASP B 405 16.20 47.74 4.18
C ASP B 405 16.56 46.64 5.18
N GLU B 406 17.25 47.02 6.26
CA GLU B 406 17.56 46.05 7.30
C GLU B 406 16.30 45.52 7.97
N VAL B 407 15.22 46.32 7.96
CA VAL B 407 13.94 45.86 8.49
C VAL B 407 13.45 44.64 7.71
N ARG B 408 13.53 44.71 6.37
CA ARG B 408 13.27 43.52 5.58
C ARG B 408 14.29 42.43 5.91
N GLN B 409 15.54 42.82 6.13
CA GLN B 409 16.61 41.85 6.34
C GLN B 409 16.36 40.99 7.58
N ILE B 410 15.72 41.54 8.60
CA ILE B 410 15.56 40.79 9.84
C ILE B 410 14.29 39.93 9.76
N ALA B 411 14.44 38.75 9.18
CA ALA B 411 13.40 37.75 9.05
C ALA B 411 14.03 36.37 9.19
N PRO B 412 13.27 35.38 9.64
CA PRO B 412 13.85 34.03 9.81
C PRO B 412 14.27 33.44 8.48
N GLY B 413 15.52 32.99 8.42
CA GLY B 413 16.07 32.39 7.23
C GLY B 413 16.52 33.36 6.16
N GLN B 414 16.36 34.66 6.39
CA GLN B 414 16.81 35.64 5.41
C GLN B 414 18.32 35.81 5.48
N THR B 415 18.92 36.20 4.36
CA THR B 415 20.36 36.34 4.24
C THR B 415 20.71 37.77 3.83
N GLY B 416 21.52 38.42 4.65
CA GLY B 416 21.98 39.78 4.35
C GLY B 416 23.12 40.14 5.27
N LYS B 417 23.72 41.30 4.97
CA LYS B 417 24.91 41.74 5.70
C LYS B 417 24.64 41.80 7.20
N ILE B 418 23.51 42.41 7.58
CA ILE B 418 23.09 42.35 8.97
C ILE B 418 22.69 40.93 9.36
N ALA B 419 21.99 40.23 8.47
CA ALA B 419 21.52 38.88 8.79
C ALA B 419 22.68 37.91 8.94
N ASP B 420 23.70 38.03 8.09
CA ASP B 420 24.82 37.09 8.18
C ASP B 420 25.61 37.28 9.47
N TYR B 421 25.92 38.52 9.84
CA TYR B 421 26.85 38.78 10.92
C TYR B 421 26.22 39.52 12.09
N ASN B 422 25.49 40.60 11.83
CA ASN B 422 25.00 41.44 12.93
C ASN B 422 24.01 40.70 13.80
N TYR B 423 22.98 40.10 13.20
CA TYR B 423 21.91 39.49 13.96
C TYR B 423 21.25 38.41 13.10
N LYS B 424 21.03 37.24 13.69
CA LYS B 424 20.47 36.10 12.97
C LYS B 424 19.24 35.58 13.70
N LEU B 425 18.17 35.37 12.96
CA LEU B 425 16.99 34.76 13.52
C LEU B 425 17.07 33.24 13.38
N PRO B 426 16.59 32.49 14.36
CA PRO B 426 16.69 31.03 14.29
C PRO B 426 15.74 30.45 13.26
N ASP B 427 16.06 29.23 12.81
CA ASP B 427 15.21 28.49 11.88
C ASP B 427 14.06 27.86 12.66
N ASP B 428 13.25 28.73 13.23
CA ASP B 428 12.13 28.38 14.10
C ASP B 428 11.31 29.64 14.25
N PHE B 429 10.06 29.48 14.70
CA PHE B 429 9.16 30.63 14.77
C PHE B 429 9.75 31.69 15.69
N THR B 430 9.79 32.92 15.17
CA THR B 430 10.10 34.10 15.97
C THR B 430 8.79 34.82 16.24
N GLY B 431 8.54 35.15 17.51
CA GLY B 431 7.21 35.59 17.91
C GLY B 431 6.67 36.72 17.06
N CYS B 432 7.31 37.88 17.11
CA CYS B 432 6.92 38.99 16.26
C CYS B 432 8.11 39.90 16.03
N VAL B 433 8.01 40.68 14.94
CA VAL B 433 9.01 41.67 14.57
C VAL B 433 8.26 42.97 14.33
N ILE B 434 8.60 44.00 15.10
CA ILE B 434 7.93 45.29 15.09
C ILE B 434 8.95 46.34 14.70
N ALA B 435 8.67 47.06 13.61
CA ALA B 435 9.62 48.03 13.09
C ALA B 435 8.92 49.35 12.79
N TRP B 436 9.51 50.45 13.24
CA TRP B 436 9.03 51.78 12.89
C TRP B 436 10.22 52.71 12.77
N ASN B 437 10.10 53.70 11.90
CA ASN B 437 11.17 54.66 11.66
C ASN B 437 11.36 55.58 12.87
N SER B 438 12.62 55.87 13.20
CA SER B 438 12.98 56.68 14.34
C SER B 438 13.77 57.91 13.94
N ASN B 439 13.50 58.46 12.74
CA ASN B 439 14.29 59.59 12.24
C ASN B 439 14.20 60.79 13.18
N ASN B 440 13.00 61.06 13.72
CA ASN B 440 12.85 62.16 14.65
C ASN B 440 13.67 61.93 15.91
N LEU B 441 13.77 60.68 16.37
CA LEU B 441 14.55 60.39 17.56
C LEU B 441 16.05 60.56 17.31
N ASP B 442 16.51 60.19 16.12
CA ASP B 442 17.92 60.37 15.78
C ASP B 442 18.30 61.85 15.76
N TYR B 449 25.89 58.59 13.61
CA TYR B 449 26.89 57.53 13.60
C TYR B 449 27.01 56.86 14.97
N ASN B 450 26.11 57.22 15.88
CA ASN B 450 26.14 56.65 17.22
C ASN B 450 25.93 55.15 17.18
N TYR B 451 24.99 54.69 16.36
CA TYR B 451 24.75 53.25 16.23
C TYR B 451 25.78 52.62 15.32
N LEU B 452 26.25 51.44 15.69
CA LEU B 452 27.31 50.72 14.97
C LEU B 452 26.75 49.42 14.41
N TYR B 453 27.07 49.13 13.15
CA TYR B 453 26.72 47.86 12.53
C TYR B 453 27.99 47.19 12.02
N ARG B 454 28.13 45.90 12.31
CA ARG B 454 29.30 45.15 11.86
C ARG B 454 29.12 44.65 10.44
N ASN B 460 31.06 33.00 10.55
CA ASN B 460 29.63 33.16 10.79
C ASN B 460 29.21 32.63 12.16
N LEU B 461 28.48 33.45 12.89
CA LEU B 461 28.01 33.10 14.22
C LEU B 461 26.74 32.26 14.16
N LYS B 462 26.36 31.70 15.31
CA LYS B 462 25.16 30.91 15.45
C LYS B 462 23.96 31.79 15.75
N PRO B 463 22.73 31.27 15.61
CA PRO B 463 21.56 32.10 15.88
C PRO B 463 21.50 32.57 17.33
N PHE B 464 20.94 33.78 17.52
CA PHE B 464 20.80 34.41 18.83
C PHE B 464 22.13 34.53 19.57
N GLU B 465 23.13 35.03 18.87
CA GLU B 465 24.45 35.29 19.45
C GLU B 465 24.82 36.75 19.28
N ARG B 466 25.76 37.20 20.12
CA ARG B 466 26.22 38.58 20.12
C ARG B 466 27.71 38.62 19.87
N ASP B 467 28.13 39.42 18.90
CA ASP B 467 29.55 39.59 18.56
C ASP B 467 30.11 40.82 19.28
N ILE B 468 30.17 40.72 20.61
CA ILE B 468 30.68 41.82 21.41
C ILE B 468 32.15 42.07 21.13
N SER B 469 32.90 41.02 20.80
CA SER B 469 34.33 41.14 20.58
C SER B 469 34.63 41.91 19.30
N THR B 470 35.78 42.56 19.28
CA THR B 470 36.26 43.26 18.09
C THR B 470 37.41 42.50 17.44
N PHE B 490 38.92 46.43 11.19
CA PHE B 490 38.08 46.24 12.36
C PHE B 490 36.61 46.14 11.98
N PRO B 491 35.90 45.18 12.59
CA PRO B 491 34.55 44.85 12.11
C PRO B 491 33.52 45.97 12.31
N LEU B 492 33.65 46.76 13.36
CA LEU B 492 32.67 47.81 13.63
C LEU B 492 32.73 48.89 12.55
N GLN B 493 31.56 49.28 12.05
CA GLN B 493 31.43 50.44 11.17
C GLN B 493 30.07 51.08 11.41
N SER B 494 29.87 52.23 10.79
CA SER B 494 28.59 52.93 10.87
C SER B 494 28.39 53.78 9.62
N VAL B 510 13.87 48.58 15.94
CA VAL B 510 13.24 47.31 15.62
C VAL B 510 13.24 46.41 16.85
N VAL B 511 12.04 46.03 17.31
CA VAL B 511 11.88 45.21 18.50
C VAL B 511 11.42 43.84 18.08
N VAL B 512 12.10 42.81 18.55
CA VAL B 512 11.79 41.42 18.23
C VAL B 512 11.35 40.71 19.50
N LEU B 513 10.19 40.06 19.44
CA LEU B 513 9.66 39.33 20.57
C LEU B 513 9.73 37.84 20.28
N SER B 514 10.30 37.08 21.22
CA SER B 514 10.44 35.64 21.10
C SER B 514 9.71 34.97 22.25
N PHE B 515 8.91 33.95 21.95
CA PHE B 515 8.14 33.23 22.95
C PHE B 515 8.62 31.80 23.08
N GLU B 516 8.37 31.23 24.26
CA GLU B 516 8.71 29.84 24.53
C GLU B 516 7.46 29.12 25.05
N LEU B 517 7.18 27.95 24.49
CA LEU B 517 6.01 27.17 24.86
C LEU B 517 6.43 25.85 25.50
N LEU B 518 5.79 25.52 26.62
CA LEU B 518 5.84 24.21 27.29
C LEU B 518 7.18 23.94 27.94
N HIS B 519 8.09 24.92 27.95
CA HIS B 519 9.36 24.74 28.65
C HIS B 519 9.15 24.68 30.16
N ALA B 520 8.16 25.42 30.67
CA ALA B 520 7.93 25.59 32.09
C ALA B 520 6.48 26.02 32.29
N PRO B 521 5.99 26.16 33.52
CA PRO B 521 4.65 26.74 33.71
C PRO B 521 4.61 28.16 33.17
N ALA B 522 3.55 28.46 32.42
CA ALA B 522 3.43 29.76 31.79
C ALA B 522 3.40 30.87 32.82
N THR B 523 4.30 31.85 32.67
CA THR B 523 4.39 32.98 33.58
C THR B 523 3.84 34.28 33.00
N VAL B 524 3.96 34.47 31.69
CA VAL B 524 3.42 35.63 31.00
C VAL B 524 2.16 35.20 30.26
N CYS B 525 1.08 35.94 30.44
CA CYS B 525 -0.19 35.63 29.80
C CYS B 525 -0.85 36.92 29.33
N GLY B 526 -1.75 36.78 28.37
CA GLY B 526 -2.58 37.89 27.96
C GLY B 526 -3.77 38.05 28.89
N PRO B 527 -4.38 39.23 28.85
CA PRO B 527 -5.51 39.48 29.74
C PRO B 527 -6.80 38.84 29.25
N LYS B 528 -7.19 37.74 29.88
CA LYS B 528 -8.46 37.08 29.66
C LYS B 528 -9.05 36.75 31.02
N LYS B 529 -10.31 37.13 31.24
CA LYS B 529 -10.93 36.91 32.53
C LYS B 529 -11.18 35.42 32.76
N SER B 530 -10.71 34.92 33.90
CA SER B 530 -10.91 33.52 34.24
C SER B 530 -12.28 33.33 34.92
N THR B 531 -12.76 32.09 34.87
CA THR B 531 -14.03 31.73 35.48
C THR B 531 -13.84 30.50 36.37
N ASN B 532 -14.80 30.27 37.24
CA ASN B 532 -14.76 29.09 38.10
C ASN B 532 -14.88 27.82 37.27
N LEU B 533 -14.19 26.77 37.69
CA LEU B 533 -14.17 25.51 36.97
C LEU B 533 -15.26 24.59 37.52
N VAL B 534 -16.14 24.12 36.63
CA VAL B 534 -17.12 23.11 36.99
C VAL B 534 -16.52 21.73 36.77
N LYS B 535 -17.07 20.74 37.48
CA LYS B 535 -16.59 19.36 37.40
C LYS B 535 -17.75 18.44 37.07
N ASN B 536 -17.41 17.29 36.48
CA ASN B 536 -18.30 16.17 36.17
C ASN B 536 -19.24 16.46 34.99
N LYS B 537 -19.01 17.55 34.26
CA LYS B 537 -19.81 17.89 33.09
C LYS B 537 -18.87 18.20 31.92
N CYS B 538 -19.17 17.65 30.75
CA CYS B 538 -18.36 17.89 29.57
C CYS B 538 -18.39 19.37 29.21
N VAL B 539 -17.24 20.03 29.35
CA VAL B 539 -17.14 21.48 29.21
C VAL B 539 -15.84 21.80 28.49
N ASN B 540 -15.84 22.90 27.75
CA ASN B 540 -14.59 23.42 27.21
C ASN B 540 -13.66 23.78 28.36
N PHE B 541 -12.37 23.47 28.21
CA PHE B 541 -11.36 23.88 29.18
C PHE B 541 -10.23 24.57 28.43
N ASN B 542 -9.80 25.70 28.97
CA ASN B 542 -8.65 26.43 28.46
C ASN B 542 -7.74 26.74 29.64
N PHE B 543 -6.85 25.80 29.95
CA PHE B 543 -5.95 25.97 31.09
C PHE B 543 -4.61 26.49 30.60
N ASN B 544 -4.25 27.69 31.03
CA ASN B 544 -2.94 28.27 30.73
C ASN B 544 -2.64 28.26 29.24
N GLY B 545 -3.70 28.42 28.44
CA GLY B 545 -3.54 28.48 27.00
C GLY B 545 -3.70 27.17 26.25
N LEU B 546 -3.94 26.05 26.92
CA LEU B 546 -4.23 24.80 26.24
C LEU B 546 -5.75 24.62 26.23
N THR B 547 -6.31 24.40 25.04
CA THR B 547 -7.75 24.37 24.83
C THR B 547 -8.18 22.98 24.40
N GLY B 548 -9.23 22.47 25.03
CA GLY B 548 -9.78 21.17 24.65
C GLY B 548 -11.15 20.96 25.23
N THR B 549 -11.85 19.97 24.69
CA THR B 549 -13.17 19.60 25.16
C THR B 549 -13.07 18.32 25.98
N GLY B 550 -13.48 18.39 27.24
CA GLY B 550 -13.42 17.22 28.11
C GLY B 550 -14.21 17.47 29.38
N VAL B 551 -14.21 16.46 30.24
CA VAL B 551 -14.79 16.55 31.56
C VAL B 551 -13.66 16.53 32.57
N LEU B 552 -13.68 17.50 33.50
CA LEU B 552 -12.70 17.62 34.56
C LEU B 552 -13.23 16.88 35.78
N THR B 553 -12.48 15.88 36.24
CA THR B 553 -12.90 15.09 37.39
C THR B 553 -11.78 15.04 38.41
N GLU B 554 -12.16 14.68 39.64
CA GLU B 554 -11.17 14.52 40.70
C GLU B 554 -10.23 13.37 40.35
N SER B 555 -8.94 13.60 40.52
CA SER B 555 -7.91 12.68 40.07
C SER B 555 -7.39 11.86 41.24
N ASN B 556 -7.62 10.54 41.18
CA ASN B 556 -7.03 9.66 42.19
C ASN B 556 -5.51 9.68 42.11
N LYS B 557 -4.96 9.85 40.91
CA LYS B 557 -3.53 9.89 40.73
C LYS B 557 -2.90 11.03 41.51
N LYS B 558 -1.73 10.76 42.07
CA LYS B 558 -0.99 11.74 42.87
C LYS B 558 0.16 12.30 42.03
N PHE B 559 0.12 13.60 41.75
CA PHE B 559 1.27 14.20 41.10
C PHE B 559 2.34 14.56 42.11
N LEU B 560 3.55 14.75 41.60
CA LEU B 560 4.65 15.27 42.39
C LEU B 560 4.53 16.79 42.44
N PRO B 561 5.24 17.44 43.37
CA PRO B 561 5.07 18.90 43.51
C PRO B 561 5.43 19.70 42.26
N PHE B 562 6.40 19.24 41.48
CA PHE B 562 6.91 20.02 40.37
C PHE B 562 6.19 19.76 39.05
N GLN B 563 5.27 18.79 39.00
CA GLN B 563 4.66 18.37 37.76
C GLN B 563 3.42 19.21 37.47
N GLN B 564 3.48 20.00 36.39
CA GLN B 564 2.33 20.83 36.02
C GLN B 564 1.15 19.98 35.60
N PHE B 565 1.36 19.03 34.70
CA PHE B 565 0.28 18.23 34.15
C PHE B 565 0.87 16.93 33.60
N GLY B 566 -0.02 16.00 33.25
CA GLY B 566 0.40 14.70 32.79
C GLY B 566 -0.38 14.26 31.57
N ARG B 567 0.21 13.30 30.86
CA ARG B 567 -0.42 12.69 29.71
C ARG B 567 -0.26 11.17 29.82
N ASP B 568 -1.10 10.45 29.06
CA ASP B 568 -1.07 8.99 29.05
C ASP B 568 -0.32 8.43 27.85
N ILE B 569 -0.76 8.78 26.63
CA ILE B 569 -0.14 8.27 25.42
C ILE B 569 -0.58 9.17 24.27
N ALA B 570 0.18 9.16 23.18
CA ALA B 570 -0.18 9.84 21.94
C ALA B 570 -0.42 11.33 22.14
N ASP B 571 0.47 11.97 22.90
CA ASP B 571 0.48 13.42 23.12
C ASP B 571 -0.90 13.95 23.51
N THR B 572 -1.64 13.16 24.27
CA THR B 572 -2.97 13.52 24.72
C THR B 572 -2.95 13.70 26.24
N THR B 573 -3.26 14.90 26.70
CA THR B 573 -3.21 15.19 28.13
C THR B 573 -4.26 14.37 28.86
N ASP B 574 -3.84 13.72 29.95
CA ASP B 574 -4.72 12.90 30.75
C ASP B 574 -5.09 13.55 32.07
N ALA B 575 -4.31 14.50 32.55
CA ALA B 575 -4.60 15.20 33.80
C ALA B 575 -3.91 16.55 33.74
N VAL B 576 -4.34 17.45 34.64
CA VAL B 576 -3.86 18.83 34.61
C VAL B 576 -4.08 19.43 35.98
N ARG B 577 -3.27 20.44 36.32
CA ARG B 577 -3.37 21.14 37.59
C ARG B 577 -3.69 22.60 37.32
N ASP B 578 -4.81 23.07 37.87
CA ASP B 578 -5.23 24.44 37.64
C ASP B 578 -4.23 25.41 38.29
N PRO B 579 -4.04 26.60 37.71
CA PRO B 579 -3.04 27.52 38.26
C PRO B 579 -3.34 28.01 39.66
N GLN B 580 -4.56 28.47 39.91
CA GLN B 580 -4.87 29.07 41.21
C GLN B 580 -4.93 28.03 42.31
N THR B 581 -5.85 27.07 42.19
CA THR B 581 -6.07 26.13 43.27
C THR B 581 -4.87 25.21 43.45
N LEU B 582 -4.14 24.93 42.36
CA LEU B 582 -3.05 23.96 42.36
C LEU B 582 -3.56 22.59 42.79
N GLU B 583 -4.68 22.18 42.20
CA GLU B 583 -5.28 20.89 42.46
C GLU B 583 -5.22 20.06 41.19
N ILE B 584 -4.86 18.79 41.34
CA ILE B 584 -4.72 17.89 40.20
C ILE B 584 -6.08 17.27 39.87
N LEU B 585 -6.56 17.51 38.66
CA LEU B 585 -7.81 16.95 38.19
C LEU B 585 -7.57 16.30 36.83
N ASP B 586 -8.12 15.10 36.65
CA ASP B 586 -7.92 14.39 35.40
C ASP B 586 -8.97 14.81 34.36
N ILE B 587 -8.60 14.65 33.09
CA ILE B 587 -9.40 15.08 31.95
C ILE B 587 -9.83 13.84 31.18
N THR B 588 -11.14 13.71 30.94
CA THR B 588 -11.61 12.59 30.14
C THR B 588 -12.51 13.11 29.02
N PRO B 589 -12.31 12.68 27.78
CA PRO B 589 -13.22 13.11 26.72
C PRO B 589 -14.61 12.54 26.97
N CYS B 590 -15.61 13.43 26.98
CA CYS B 590 -16.95 13.05 27.39
C CYS B 590 -17.52 11.99 26.46
N SER B 591 -18.31 11.08 27.04
CA SER B 591 -18.61 9.79 26.43
C SER B 591 -19.12 9.93 25.00
N PHE B 592 -18.58 9.11 24.12
CA PHE B 592 -18.91 9.10 22.70
C PHE B 592 -19.02 7.66 22.25
N GLY B 593 -19.91 7.40 21.31
CA GLY B 593 -20.12 6.04 20.83
C GLY B 593 -20.54 6.01 19.38
N GLY B 594 -20.25 4.88 18.73
CA GLY B 594 -20.81 4.65 17.41
C GLY B 594 -22.31 4.45 17.49
N VAL B 595 -23.00 4.75 16.40
CA VAL B 595 -24.43 4.55 16.27
C VAL B 595 -24.66 3.56 15.15
N SER B 596 -25.40 2.50 15.45
CA SER B 596 -25.81 1.55 14.42
C SER B 596 -27.32 1.48 14.40
N VAL B 597 -27.90 1.59 13.22
CA VAL B 597 -29.35 1.50 13.07
C VAL B 597 -29.70 0.11 12.61
N ILE B 598 -30.53 -0.59 13.37
CA ILE B 598 -31.10 -1.86 12.97
C ILE B 598 -32.40 -1.57 12.24
N THR B 599 -32.50 -2.05 11.00
CA THR B 599 -33.69 -1.87 10.18
C THR B 599 -34.07 -3.18 9.54
N PRO B 600 -35.37 -3.43 9.37
CA PRO B 600 -35.83 -4.62 8.64
C PRO B 600 -35.98 -4.42 7.14
N GLY B 601 -35.52 -3.30 6.61
CA GLY B 601 -35.67 -3.00 5.20
C GLY B 601 -36.79 -2.01 4.96
N THR B 602 -36.49 -0.92 4.25
CA THR B 602 -37.53 0.08 3.96
C THR B 602 -38.67 -0.51 3.14
N ASN B 603 -38.48 -1.67 2.52
CA ASN B 603 -39.64 -2.34 1.97
C ASN B 603 -40.63 -2.72 3.06
N THR B 604 -40.14 -3.34 4.13
CA THR B 604 -41.05 -3.96 5.09
C THR B 604 -41.73 -2.91 5.95
N SER B 605 -40.95 -2.03 6.56
CA SER B 605 -41.49 -0.97 7.40
C SER B 605 -40.49 0.17 7.44
N ASN B 606 -40.95 1.32 7.92
CA ASN B 606 -40.08 2.46 8.16
C ASN B 606 -39.64 2.53 9.61
N GLN B 607 -39.92 1.48 10.39
CA GLN B 607 -39.56 1.44 11.79
C GLN B 607 -38.12 0.96 11.94
N VAL B 608 -37.35 1.63 12.80
CA VAL B 608 -35.95 1.30 13.04
C VAL B 608 -35.68 1.33 14.53
N ALA B 609 -34.61 0.64 14.94
CA ALA B 609 -34.17 0.63 16.33
C ALA B 609 -32.71 1.01 16.39
N VAL B 610 -32.35 1.93 17.27
CA VAL B 610 -31.01 2.50 17.29
C VAL B 610 -30.20 1.83 18.39
N LEU B 611 -28.94 1.53 18.08
CA LEU B 611 -28.01 0.90 18.99
C LEU B 611 -26.85 1.85 19.24
N TYR B 612 -26.68 2.26 20.50
CA TYR B 612 -25.55 3.07 20.88
C TYR B 612 -24.47 2.15 21.42
N GLN B 613 -23.34 2.10 20.72
CA GLN B 613 -22.32 1.11 21.01
C GLN B 613 -21.48 1.51 22.22
N ASP B 614 -21.30 0.57 23.15
CA ASP B 614 -20.41 0.74 24.29
C ASP B 614 -20.78 1.95 25.13
N VAL B 615 -22.09 2.15 25.34
CA VAL B 615 -22.60 3.29 26.10
C VAL B 615 -23.65 2.79 27.08
N ASN B 616 -23.47 3.12 28.35
CA ASN B 616 -24.54 2.91 29.32
C ASN B 616 -25.65 3.91 29.07
N CYS B 617 -26.85 3.40 28.80
CA CYS B 617 -27.94 4.29 28.39
C CYS B 617 -28.55 5.04 29.56
N THR B 618 -28.03 4.86 30.78
CA THR B 618 -28.26 5.89 31.78
C THR B 618 -27.86 7.25 31.22
N GLU B 619 -26.73 7.30 30.50
CA GLU B 619 -26.43 8.43 29.65
C GLU B 619 -27.32 8.39 28.40
N VAL B 620 -27.66 9.57 27.89
CA VAL B 620 -28.50 9.64 26.70
C VAL B 620 -27.86 8.92 25.53
N GLY B 639 -36.70 7.03 25.20
CA GLY B 639 -36.47 6.29 26.43
C GLY B 639 -37.66 5.48 26.88
N SER B 640 -38.67 5.37 26.00
CA SER B 640 -39.86 4.60 26.34
C SER B 640 -39.54 3.10 26.44
N ASN B 641 -38.80 2.57 25.47
CA ASN B 641 -38.43 1.15 25.45
C ASN B 641 -36.92 1.06 25.25
N VAL B 642 -36.18 1.12 26.36
CA VAL B 642 -34.72 1.13 26.36
C VAL B 642 -34.23 -0.13 27.06
N PHE B 643 -33.32 -0.87 26.41
CA PHE B 643 -32.86 -2.15 26.93
C PHE B 643 -31.35 -2.24 26.82
N GLN B 644 -30.69 -2.64 27.89
CA GLN B 644 -29.23 -2.67 27.95
C GLN B 644 -28.70 -3.99 27.40
N THR B 645 -27.71 -3.90 26.52
CA THR B 645 -27.05 -5.07 25.97
C THR B 645 -25.54 -4.92 26.14
N ARG B 646 -24.83 -6.03 25.91
CA ARG B 646 -23.38 -6.02 26.05
C ARG B 646 -22.71 -5.18 24.96
N ALA B 647 -23.17 -5.33 23.71
CA ALA B 647 -22.58 -4.54 22.62
C ALA B 647 -22.88 -3.07 22.79
N GLY B 648 -24.02 -2.74 23.39
CA GLY B 648 -24.41 -1.36 23.57
C GLY B 648 -25.80 -1.31 24.17
N CYS B 649 -26.35 -0.11 24.22
CA CYS B 649 -27.73 0.01 24.68
C CYS B 649 -28.66 0.23 23.49
N LEU B 650 -29.77 -0.49 23.48
CA LEU B 650 -30.66 -0.58 22.33
C LEU B 650 -31.98 0.11 22.63
N ILE B 651 -32.37 1.05 21.77
CA ILE B 651 -33.60 1.82 21.93
C ILE B 651 -34.50 1.53 20.75
N GLY B 652 -35.79 1.33 21.03
CA GLY B 652 -36.76 1.06 20.00
C GLY B 652 -36.97 -0.39 19.67
N ALA B 653 -36.41 -1.31 20.46
CA ALA B 653 -36.56 -2.74 20.22
C ALA B 653 -36.99 -3.42 21.51
N GLU B 654 -38.15 -4.07 21.48
CA GLU B 654 -38.62 -4.81 22.65
C GLU B 654 -37.80 -6.06 22.84
N HIS B 655 -37.58 -6.44 24.10
CA HIS B 655 -36.73 -7.59 24.44
C HIS B 655 -37.60 -8.78 24.82
N VAL B 656 -37.68 -9.77 23.94
CA VAL B 656 -38.35 -11.01 24.25
C VAL B 656 -37.40 -11.94 25.00
N ASN B 657 -37.94 -13.03 25.54
CA ASN B 657 -37.12 -14.06 26.19
C ASN B 657 -36.84 -15.25 25.29
N ASN B 658 -37.85 -15.76 24.60
CA ASN B 658 -37.66 -16.97 23.81
C ASN B 658 -36.70 -16.72 22.65
N SER B 659 -35.79 -17.65 22.44
CA SER B 659 -34.74 -17.49 21.45
C SER B 659 -35.27 -17.77 20.05
N TYR B 660 -34.51 -17.32 19.06
CA TYR B 660 -34.85 -17.54 17.66
C TYR B 660 -33.56 -17.68 16.86
N GLU B 661 -33.71 -18.09 15.61
CA GLU B 661 -32.59 -18.08 14.69
C GLU B 661 -32.19 -16.64 14.40
N CYS B 662 -30.89 -16.37 14.40
CA CYS B 662 -30.41 -15.00 14.23
C CYS B 662 -30.82 -14.44 12.86
N ASP B 663 -31.44 -13.26 12.88
CA ASP B 663 -31.86 -12.58 11.68
C ASP B 663 -30.97 -11.38 11.36
N ILE B 664 -30.83 -10.46 12.32
CA ILE B 664 -29.89 -9.35 12.20
C ILE B 664 -28.93 -9.43 13.39
N PRO B 665 -27.64 -9.50 13.16
CA PRO B 665 -26.70 -9.64 14.28
C PRO B 665 -26.39 -8.32 14.96
N ILE B 666 -26.91 -8.13 16.17
CA ILE B 666 -26.53 -6.95 16.94
C ILE B 666 -25.16 -7.14 17.56
N GLY B 667 -24.91 -8.31 18.15
CA GLY B 667 -23.63 -8.62 18.74
C GLY B 667 -23.76 -9.15 20.15
N ALA B 668 -22.66 -9.74 20.61
CA ALA B 668 -22.56 -10.30 21.95
C ALA B 668 -23.62 -11.36 22.21
N GLY B 669 -23.95 -12.13 21.18
CA GLY B 669 -24.97 -13.14 21.32
C GLY B 669 -26.39 -12.62 21.25
N ILE B 670 -26.57 -11.35 20.93
CA ILE B 670 -27.90 -10.74 20.83
C ILE B 670 -28.18 -10.47 19.36
N CYS B 671 -29.32 -10.97 18.88
CA CYS B 671 -29.78 -10.74 17.53
C CYS B 671 -31.18 -10.14 17.58
N ALA B 672 -31.47 -9.27 16.62
CA ALA B 672 -32.77 -8.61 16.56
C ALA B 672 -33.44 -8.91 15.23
N SER B 673 -34.77 -8.95 15.26
CA SER B 673 -35.54 -9.30 14.08
C SER B 673 -36.88 -8.57 14.09
N TYR B 674 -37.50 -8.50 12.92
CA TYR B 674 -38.81 -7.89 12.74
C TYR B 674 -39.86 -9.00 12.75
N GLN B 675 -40.66 -9.07 13.80
CA GLN B 675 -41.63 -10.15 13.95
C GLN B 675 -42.78 -9.67 14.82
N THR B 676 -43.97 -10.19 14.51
CA THR B 676 -45.18 -9.88 15.26
C THR B 676 -45.02 -10.18 16.76
N SER B 689 -47.64 -4.77 17.89
CA SER B 689 -47.92 -5.37 16.59
C SER B 689 -46.83 -5.01 15.59
N GLN B 690 -46.14 -6.04 15.07
CA GLN B 690 -45.09 -5.87 14.07
C GLN B 690 -43.97 -4.97 14.58
N SER B 691 -43.56 -5.17 15.83
CA SER B 691 -42.46 -4.42 16.42
C SER B 691 -41.13 -5.11 16.13
N ILE B 692 -40.05 -4.46 16.52
CA ILE B 692 -38.71 -5.02 16.43
C ILE B 692 -38.35 -5.67 17.75
N ILE B 693 -37.95 -6.93 17.72
CA ILE B 693 -37.68 -7.71 18.92
C ILE B 693 -36.19 -8.05 18.97
N ALA B 694 -35.62 -8.04 20.17
CA ALA B 694 -34.23 -8.36 20.39
C ALA B 694 -34.12 -9.51 21.37
N TYR B 695 -33.35 -10.52 21.02
CA TYR B 695 -33.32 -11.76 21.78
C TYR B 695 -31.91 -12.33 21.79
N THR B 696 -31.63 -13.17 22.78
CA THR B 696 -30.45 -14.01 22.76
C THR B 696 -30.67 -15.14 21.77
N MET B 697 -29.75 -15.30 20.82
CA MET B 697 -30.01 -16.23 19.73
C MET B 697 -29.87 -17.67 20.21
N SER B 698 -30.55 -18.58 19.52
CA SER B 698 -30.54 -20.00 19.84
C SER B 698 -29.56 -20.70 18.91
N LEU B 699 -28.62 -21.43 19.49
CA LEU B 699 -27.60 -22.08 18.68
C LEU B 699 -28.22 -23.14 17.79
N GLY B 700 -29.10 -23.96 18.36
CA GLY B 700 -29.80 -24.96 17.56
C GLY B 700 -30.86 -25.65 18.40
N ALA B 701 -31.59 -26.54 17.75
CA ALA B 701 -32.58 -27.34 18.45
C ALA B 701 -31.90 -28.26 19.45
N GLU B 702 -32.48 -28.38 20.64
CA GLU B 702 -31.88 -29.15 21.72
C GLU B 702 -32.41 -30.58 21.69
N ASN B 703 -31.53 -31.54 21.42
CA ASN B 703 -31.88 -32.95 21.51
C ASN B 703 -30.68 -33.73 22.02
N SER B 704 -30.95 -34.87 22.65
CA SER B 704 -29.91 -35.72 23.20
C SER B 704 -30.09 -37.13 22.66
N VAL B 705 -29.02 -37.70 22.12
CA VAL B 705 -29.07 -39.04 21.58
C VAL B 705 -29.21 -40.04 22.71
N ALA B 706 -29.98 -41.11 22.47
CA ALA B 706 -30.26 -42.11 23.50
C ALA B 706 -29.13 -43.14 23.54
N TYR B 707 -28.00 -42.70 24.06
CA TYR B 707 -26.81 -43.53 24.10
C TYR B 707 -26.96 -44.63 25.13
N SER B 708 -26.68 -45.86 24.72
CA SER B 708 -26.59 -47.01 25.61
C SER B 708 -25.42 -47.86 25.15
N ASN B 709 -24.80 -48.57 26.09
CA ASN B 709 -23.61 -49.33 25.74
C ASN B 709 -23.94 -50.51 24.83
N ASN B 710 -25.19 -50.95 24.79
CA ASN B 710 -25.58 -52.08 23.96
C ASN B 710 -26.72 -51.78 23.00
N SER B 711 -26.84 -50.54 22.52
CA SER B 711 -27.90 -50.21 21.56
C SER B 711 -27.30 -49.48 20.37
N ILE B 712 -27.68 -49.90 19.16
CA ILE B 712 -27.29 -49.23 17.93
C ILE B 712 -28.56 -48.80 17.24
N ALA B 713 -28.44 -47.83 16.34
CA ALA B 713 -29.56 -47.34 15.55
C ALA B 713 -29.15 -47.35 14.09
N ILE B 714 -29.88 -48.09 13.27
CA ILE B 714 -29.50 -48.35 11.89
C ILE B 714 -30.58 -47.78 10.98
N PRO B 715 -30.22 -47.14 9.87
CA PRO B 715 -31.20 -46.69 8.91
C PRO B 715 -31.91 -47.85 8.25
N THR B 716 -33.19 -47.64 7.97
CA THR B 716 -33.97 -48.57 7.18
C THR B 716 -34.40 -47.98 5.85
N ASN B 717 -34.12 -46.70 5.60
CA ASN B 717 -34.50 -46.05 4.36
C ASN B 717 -33.49 -44.97 4.07
N PHE B 718 -33.65 -44.31 2.92
CA PHE B 718 -32.73 -43.26 2.55
C PHE B 718 -33.43 -42.22 1.71
N THR B 719 -32.78 -41.07 1.57
CA THR B 719 -33.24 -40.00 0.67
C THR B 719 -32.02 -39.43 -0.02
N ILE B 720 -32.04 -39.37 -1.34
CA ILE B 720 -30.95 -38.75 -2.07
C ILE B 720 -31.31 -37.29 -2.33
N SER B 721 -30.41 -36.40 -1.96
CA SER B 721 -30.67 -34.97 -1.98
C SER B 721 -29.62 -34.28 -2.85
N VAL B 722 -30.05 -33.37 -3.70
CA VAL B 722 -29.16 -32.55 -4.49
C VAL B 722 -29.15 -31.15 -3.89
N THR B 723 -27.95 -30.67 -3.59
CA THR B 723 -27.76 -29.39 -2.91
C THR B 723 -26.80 -28.52 -3.72
N THR B 724 -27.18 -27.26 -3.90
CA THR B 724 -26.35 -26.35 -4.67
C THR B 724 -25.23 -25.79 -3.81
N GLU B 725 -24.06 -25.60 -4.43
CA GLU B 725 -22.97 -24.86 -3.83
C GLU B 725 -22.45 -23.87 -4.85
N ILE B 726 -22.31 -22.61 -4.46
CA ILE B 726 -21.98 -21.53 -5.37
C ILE B 726 -20.59 -21.02 -5.05
N LEU B 727 -19.72 -20.96 -6.06
CA LEU B 727 -18.38 -20.49 -5.87
C LEU B 727 -18.04 -19.42 -6.90
N PRO B 728 -17.63 -18.23 -6.48
CA PRO B 728 -17.17 -17.23 -7.45
C PRO B 728 -15.81 -17.63 -8.01
N VAL B 729 -15.69 -17.57 -9.34
CA VAL B 729 -14.49 -18.06 -10.00
C VAL B 729 -13.66 -16.96 -10.62
N SER B 730 -14.23 -15.79 -10.90
CA SER B 730 -13.46 -14.77 -11.61
C SER B 730 -14.04 -13.39 -11.31
N MET B 731 -13.22 -12.38 -11.62
CA MET B 731 -13.57 -10.98 -11.49
C MET B 731 -13.67 -10.34 -12.87
N THR B 732 -14.39 -9.23 -12.94
CA THR B 732 -14.39 -8.48 -14.18
C THR B 732 -13.02 -7.91 -14.45
N LYS B 733 -12.49 -8.16 -15.64
CA LYS B 733 -11.15 -7.67 -15.98
C LYS B 733 -11.26 -6.19 -16.33
N THR B 734 -10.56 -5.36 -15.57
CA THR B 734 -10.56 -3.92 -15.79
C THR B 734 -9.14 -3.42 -15.93
N SER B 735 -8.89 -2.62 -16.95
CA SER B 735 -7.62 -1.96 -17.16
C SER B 735 -7.82 -0.45 -17.02
N VAL B 736 -6.99 0.18 -16.22
CA VAL B 736 -7.08 1.61 -15.94
C VAL B 736 -5.83 2.27 -16.49
N ASP B 737 -6.03 3.26 -17.35
CA ASP B 737 -4.91 4.07 -17.83
C ASP B 737 -4.56 5.11 -16.78
N CYS B 738 -3.34 5.07 -16.27
CA CYS B 738 -2.93 5.97 -15.20
C CYS B 738 -2.88 7.41 -15.69
N THR B 739 -2.22 7.63 -16.83
CA THR B 739 -2.01 8.99 -17.31
C THR B 739 -3.32 9.68 -17.63
N MET B 740 -4.23 8.98 -18.31
CA MET B 740 -5.52 9.58 -18.62
C MET B 740 -6.32 9.87 -17.37
N TYR B 741 -6.29 8.94 -16.41
CA TYR B 741 -7.11 9.10 -15.22
C TYR B 741 -6.64 10.28 -14.38
N ILE B 742 -5.33 10.45 -14.22
CA ILE B 742 -4.82 11.52 -13.36
C ILE B 742 -4.38 12.75 -14.13
N CYS B 743 -4.56 12.78 -15.45
CA CYS B 743 -4.19 13.95 -16.22
C CYS B 743 -5.20 14.35 -17.29
N GLY B 744 -6.16 13.50 -17.63
CA GLY B 744 -7.23 13.88 -18.53
C GLY B 744 -6.76 14.43 -19.86
N ASP B 745 -5.87 13.70 -20.54
CA ASP B 745 -5.36 14.07 -21.87
C ASP B 745 -4.85 15.51 -21.91
N SER B 746 -4.14 15.89 -20.85
CA SER B 746 -3.47 17.18 -20.77
C SER B 746 -1.97 16.96 -20.72
N THR B 747 -1.24 17.59 -21.64
CA THR B 747 0.20 17.39 -21.70
C THR B 747 0.91 18.04 -20.50
N GLU B 748 0.40 19.18 -20.05
CA GLU B 748 1.02 19.86 -18.92
C GLU B 748 0.97 18.99 -17.67
N CYS B 749 -0.14 18.28 -17.45
CA CYS B 749 -0.22 17.37 -16.33
C CYS B 749 0.69 16.16 -16.53
N SER B 750 0.74 15.64 -17.76
CA SER B 750 1.52 14.43 -18.01
C SER B 750 3.00 14.67 -17.78
N ASN B 751 3.50 15.83 -18.18
CA ASN B 751 4.91 16.14 -17.96
C ASN B 751 5.23 16.19 -16.47
N LEU B 752 4.34 16.77 -15.67
CA LEU B 752 4.53 16.76 -14.22
C LEU B 752 4.46 15.34 -13.67
N LEU B 753 3.58 14.52 -14.24
CA LEU B 753 3.44 13.14 -13.78
C LEU B 753 4.68 12.32 -14.05
N LEU B 754 5.40 12.63 -15.14
CA LEU B 754 6.63 11.89 -15.45
C LEU B 754 7.62 11.93 -14.29
N GLN B 755 7.64 13.03 -13.52
CA GLN B 755 8.61 13.16 -12.44
C GLN B 755 8.40 12.09 -11.38
N TYR B 756 7.15 11.71 -11.12
CA TYR B 756 6.87 10.80 -10.02
C TYR B 756 7.54 9.45 -10.21
N GLY B 757 7.64 8.99 -11.46
CA GLY B 757 8.42 7.79 -11.71
C GLY B 757 7.66 6.70 -12.42
N SER B 758 7.80 5.47 -11.92
CA SER B 758 7.20 4.30 -12.52
C SER B 758 5.88 3.91 -11.87
N PHE B 759 5.19 4.84 -11.21
CA PHE B 759 3.95 4.50 -10.52
C PHE B 759 2.89 4.01 -11.50
N CYS B 760 2.68 4.74 -12.60
CA CYS B 760 1.67 4.32 -13.57
C CYS B 760 2.02 2.99 -14.22
N THR B 761 3.30 2.77 -14.54
CA THR B 761 3.70 1.49 -15.09
C THR B 761 3.45 0.37 -14.09
N GLN B 762 3.75 0.61 -12.81
CA GLN B 762 3.51 -0.41 -11.79
C GLN B 762 2.03 -0.73 -11.67
N LEU B 763 1.18 0.30 -11.69
CA LEU B 763 -0.26 0.06 -11.56
C LEU B 763 -0.80 -0.68 -12.76
N ASN B 764 -0.36 -0.32 -13.96
CA ASN B 764 -0.78 -1.03 -15.16
C ASN B 764 -0.35 -2.49 -15.11
N ARG B 765 0.89 -2.74 -14.66
CA ARG B 765 1.37 -4.12 -14.59
C ARG B 765 0.57 -4.93 -13.57
N ALA B 766 0.26 -4.34 -12.42
CA ALA B 766 -0.55 -5.04 -11.43
C ALA B 766 -1.92 -5.39 -11.97
N LEU B 767 -2.56 -4.42 -12.64
CA LEU B 767 -3.90 -4.65 -13.15
C LEU B 767 -3.90 -5.70 -14.26
N THR B 768 -2.90 -5.67 -15.14
CA THR B 768 -2.86 -6.68 -16.21
C THR B 768 -2.55 -8.06 -15.65
N GLY B 769 -1.77 -8.13 -14.56
CA GLY B 769 -1.58 -9.39 -13.89
C GLY B 769 -2.87 -9.95 -13.32
N ILE B 770 -3.68 -9.09 -12.69
CA ILE B 770 -4.98 -9.52 -12.22
C ILE B 770 -5.84 -10.00 -13.38
N ALA B 771 -5.75 -9.30 -14.51
CA ALA B 771 -6.56 -9.64 -15.67
C ALA B 771 -6.23 -11.04 -16.17
N VAL B 772 -4.95 -11.32 -16.39
CA VAL B 772 -4.58 -12.65 -16.88
C VAL B 772 -4.88 -13.71 -15.82
N GLU B 773 -4.78 -13.35 -14.54
CA GLU B 773 -5.11 -14.31 -13.50
C GLU B 773 -6.57 -14.74 -13.56
N GLN B 774 -7.46 -13.82 -13.96
CA GLN B 774 -8.88 -14.20 -14.06
C GLN B 774 -9.11 -15.26 -15.13
N ASP B 775 -8.49 -15.09 -16.29
CA ASP B 775 -8.57 -16.12 -17.33
C ASP B 775 -7.96 -17.43 -16.84
N LYS B 776 -6.85 -17.34 -16.10
CA LYS B 776 -6.26 -18.54 -15.53
C LYS B 776 -7.23 -19.23 -14.57
N ASN B 777 -7.98 -18.45 -13.80
CA ASN B 777 -8.95 -19.03 -12.87
C ASN B 777 -10.03 -19.80 -13.62
N THR B 778 -10.63 -19.16 -14.61
CA THR B 778 -11.70 -19.84 -15.35
C THR B 778 -11.17 -21.07 -16.08
N GLN B 779 -9.96 -20.97 -16.65
CA GLN B 779 -9.37 -22.10 -17.35
C GLN B 779 -9.10 -23.26 -16.40
N GLU B 780 -8.57 -22.96 -15.22
CA GLU B 780 -8.25 -24.01 -14.26
C GLU B 780 -9.50 -24.70 -13.76
N VAL B 781 -10.58 -23.94 -13.56
CA VAL B 781 -11.79 -24.56 -13.02
C VAL B 781 -12.51 -25.37 -14.08
N PHE B 782 -12.70 -24.82 -15.28
CA PHE B 782 -13.60 -25.47 -16.24
C PHE B 782 -12.89 -26.35 -17.26
N ALA B 783 -11.63 -26.07 -17.60
CA ALA B 783 -10.94 -26.85 -18.62
C ALA B 783 -10.24 -28.05 -17.98
N GLN B 784 -11.04 -28.92 -17.39
CA GLN B 784 -10.56 -30.17 -16.82
C GLN B 784 -10.74 -31.34 -17.77
N VAL B 785 -11.43 -31.15 -18.88
CA VAL B 785 -11.75 -32.22 -19.81
C VAL B 785 -10.90 -32.05 -21.06
N LYS B 786 -10.23 -33.12 -21.46
CA LYS B 786 -9.39 -33.05 -22.65
C LYS B 786 -10.23 -32.82 -23.90
N GLN B 787 -11.34 -33.55 -24.04
CA GLN B 787 -12.09 -33.58 -25.27
C GLN B 787 -13.58 -33.51 -24.99
N ILE B 788 -14.29 -32.71 -25.79
CA ILE B 788 -15.72 -32.48 -25.58
C ILE B 788 -16.48 -33.77 -25.78
N TYR B 789 -17.38 -34.09 -24.84
CA TYR B 789 -18.19 -35.28 -24.90
C TYR B 789 -19.63 -34.90 -25.17
N LYS B 790 -20.28 -35.64 -26.07
CA LYS B 790 -21.68 -35.43 -26.39
C LYS B 790 -22.49 -36.60 -25.85
N THR B 791 -23.59 -36.30 -25.19
CA THR B 791 -24.48 -37.34 -24.70
C THR B 791 -25.14 -38.04 -25.89
N PRO B 792 -25.46 -39.32 -25.75
CA PRO B 792 -26.10 -40.02 -26.85
C PRO B 792 -27.47 -39.44 -27.12
N PRO B 793 -27.95 -39.55 -28.37
CA PRO B 793 -29.25 -38.92 -28.70
C PRO B 793 -30.40 -39.48 -27.90
N ILE B 794 -30.47 -40.79 -27.72
CA ILE B 794 -31.51 -41.40 -26.91
C ILE B 794 -31.00 -41.52 -25.47
N LYS B 795 -31.80 -41.03 -24.53
CA LYS B 795 -31.40 -40.95 -23.13
C LYS B 795 -32.06 -42.08 -22.37
N ASP B 796 -31.27 -43.08 -21.98
CA ASP B 796 -31.73 -44.21 -21.19
C ASP B 796 -30.76 -44.34 -20.01
N PHE B 797 -31.05 -43.61 -18.93
CA PHE B 797 -30.18 -43.54 -17.77
C PHE B 797 -30.79 -44.23 -16.55
N GLY B 798 -31.60 -45.25 -16.75
CA GLY B 798 -32.18 -45.97 -15.63
C GLY B 798 -33.30 -45.24 -14.93
N GLY B 799 -33.85 -44.20 -15.54
CA GLY B 799 -34.92 -43.44 -14.95
C GLY B 799 -34.52 -42.09 -14.38
N PHE B 800 -33.27 -41.67 -14.56
CA PHE B 800 -32.82 -40.36 -14.12
C PHE B 800 -33.00 -39.40 -15.27
N ASN B 801 -33.83 -38.37 -15.08
CA ASN B 801 -34.25 -37.53 -16.19
C ASN B 801 -33.08 -36.78 -16.83
N PHE B 802 -32.41 -35.93 -16.05
CA PHE B 802 -31.27 -35.14 -16.50
C PHE B 802 -31.63 -34.09 -17.55
N SER B 803 -32.90 -33.74 -17.72
CA SER B 803 -33.23 -32.79 -18.77
C SER B 803 -32.79 -31.37 -18.43
N GLN B 804 -33.04 -30.95 -17.19
CA GLN B 804 -32.71 -29.58 -16.79
C GLN B 804 -31.20 -29.38 -16.79
N ILE B 805 -30.45 -30.37 -16.34
CA ILE B 805 -29.01 -30.22 -16.19
C ILE B 805 -28.31 -30.22 -17.55
N LEU B 806 -28.77 -31.07 -18.47
CA LEU B 806 -28.17 -31.18 -19.79
C LEU B 806 -28.48 -29.95 -20.63
N PRO B 807 -27.69 -29.71 -21.67
CA PRO B 807 -27.95 -28.55 -22.53
C PRO B 807 -29.14 -28.76 -23.44
N ASP B 808 -29.99 -27.74 -23.50
CA ASP B 808 -31.13 -27.76 -24.40
C ASP B 808 -30.64 -27.49 -25.83
N PRO B 809 -31.14 -28.26 -26.81
CA PRO B 809 -30.52 -28.18 -28.15
C PRO B 809 -30.57 -26.82 -28.80
N SER B 810 -31.75 -26.21 -28.94
CA SER B 810 -31.82 -24.98 -29.71
C SER B 810 -32.63 -23.86 -29.09
N LYS B 811 -33.46 -24.11 -28.08
CA LYS B 811 -34.30 -23.03 -27.54
C LYS B 811 -33.46 -21.94 -26.87
N PRO B 812 -32.56 -22.22 -25.91
CA PRO B 812 -31.69 -21.16 -25.39
C PRO B 812 -30.40 -21.06 -26.19
N SER B 813 -29.48 -20.21 -25.73
CA SER B 813 -28.18 -20.05 -26.39
C SER B 813 -27.24 -21.19 -25.98
N LYS B 814 -27.63 -22.41 -26.36
CA LYS B 814 -26.84 -23.62 -26.11
C LYS B 814 -26.51 -23.79 -24.64
N ARG B 815 -27.52 -23.62 -23.80
CA ARG B 815 -27.38 -23.59 -22.35
C ARG B 815 -28.45 -24.48 -21.73
N SER B 816 -28.22 -24.86 -20.49
CA SER B 816 -29.21 -25.67 -19.80
C SER B 816 -30.27 -24.77 -19.14
N PHE B 817 -31.33 -25.43 -18.67
CA PHE B 817 -32.42 -24.69 -18.03
C PHE B 817 -31.97 -24.04 -16.73
N ILE B 818 -31.20 -24.77 -15.92
CA ILE B 818 -30.78 -24.25 -14.63
C ILE B 818 -29.77 -23.12 -14.82
N GLU B 819 -28.91 -23.21 -15.84
CA GLU B 819 -28.01 -22.10 -16.11
C GLU B 819 -28.77 -20.86 -16.56
N ASP B 820 -29.87 -21.04 -17.30
CA ASP B 820 -30.70 -19.89 -17.64
C ASP B 820 -31.25 -19.24 -16.38
N LEU B 821 -31.78 -20.05 -15.46
CA LEU B 821 -32.27 -19.51 -14.20
C LEU B 821 -31.15 -18.80 -13.46
N LEU B 822 -29.96 -19.40 -13.42
CA LEU B 822 -28.86 -18.83 -12.66
C LEU B 822 -28.40 -17.51 -13.25
N PHE B 823 -28.31 -17.43 -14.59
CA PHE B 823 -27.94 -16.17 -15.22
C PHE B 823 -28.97 -15.09 -14.93
N ASN B 824 -30.25 -15.44 -14.98
CA ASN B 824 -31.27 -14.44 -14.70
C ASN B 824 -31.23 -14.00 -13.23
N LYS B 825 -30.75 -14.86 -12.33
CA LYS B 825 -30.75 -14.49 -10.91
C LYS B 825 -29.86 -13.27 -10.63
N VAL B 826 -28.64 -13.25 -11.16
CA VAL B 826 -27.71 -12.17 -10.87
C VAL B 826 -27.81 -11.12 -11.98
N THR B 827 -27.89 -9.85 -11.57
CA THR B 827 -28.00 -8.72 -12.49
C THR B 827 -26.68 -7.98 -12.52
N LEU B 828 -26.11 -7.84 -13.71
CA LEU B 828 -24.88 -7.08 -13.87
C LEU B 828 -25.17 -5.59 -13.96
N GLN B 853 -21.58 4.43 -20.81
CA GLN B 853 -21.02 4.44 -19.46
C GLN B 853 -19.92 5.49 -19.38
N LYS B 854 -19.56 5.87 -18.16
CA LYS B 854 -18.56 6.92 -17.92
C LYS B 854 -17.17 6.34 -18.14
N PHE B 855 -16.51 6.80 -19.20
CA PHE B 855 -15.20 6.30 -19.59
C PHE B 855 -14.18 7.43 -19.51
N ASN B 856 -13.38 7.43 -18.45
CA ASN B 856 -12.20 8.27 -18.35
C ASN B 856 -11.03 7.39 -17.89
N GLY B 857 -10.37 6.77 -18.85
CA GLY B 857 -9.24 5.91 -18.59
C GLY B 857 -9.58 4.50 -18.16
N LEU B 858 -10.86 4.17 -18.07
CA LEU B 858 -11.31 2.89 -17.54
C LEU B 858 -11.84 2.06 -18.69
N THR B 859 -11.34 0.83 -18.82
CA THR B 859 -11.85 -0.10 -19.81
C THR B 859 -12.07 -1.45 -19.15
N VAL B 860 -13.15 -2.14 -19.54
CA VAL B 860 -13.41 -3.49 -19.07
C VAL B 860 -13.08 -4.44 -20.21
N LEU B 861 -12.07 -5.28 -20.00
CA LEU B 861 -11.71 -6.25 -21.00
C LEU B 861 -12.69 -7.42 -20.98
N PRO B 862 -12.89 -8.09 -22.11
CA PRO B 862 -13.77 -9.24 -22.12
C PRO B 862 -13.02 -10.51 -21.75
N PRO B 863 -13.68 -11.46 -21.10
CA PRO B 863 -13.00 -12.70 -20.74
C PRO B 863 -12.58 -13.47 -21.98
N LEU B 864 -11.46 -14.17 -21.88
CA LEU B 864 -10.98 -14.99 -22.98
C LEU B 864 -11.99 -16.07 -23.34
N LEU B 865 -12.63 -16.66 -22.33
CA LEU B 865 -13.65 -17.68 -22.53
C LEU B 865 -15.03 -17.05 -22.49
N THR B 866 -15.78 -17.21 -23.57
CA THR B 866 -17.14 -16.68 -23.58
C THR B 866 -18.06 -17.60 -22.79
N ASP B 867 -19.26 -17.10 -22.50
CA ASP B 867 -20.21 -17.88 -21.72
C ASP B 867 -20.61 -19.15 -22.47
N GLU B 868 -20.67 -19.09 -23.80
CA GLU B 868 -20.98 -20.27 -24.59
C GLU B 868 -19.92 -21.35 -24.40
N MET B 869 -18.65 -20.95 -24.38
CA MET B 869 -17.57 -21.93 -24.23
C MET B 869 -17.57 -22.54 -22.84
N ILE B 870 -17.86 -21.75 -21.81
CA ILE B 870 -17.95 -22.31 -20.47
C ILE B 870 -19.15 -23.25 -20.36
N ALA B 871 -20.25 -22.91 -21.01
CA ALA B 871 -21.40 -23.80 -21.05
C ALA B 871 -21.04 -25.11 -21.75
N GLN B 872 -20.23 -25.02 -22.80
CA GLN B 872 -19.78 -26.22 -23.50
C GLN B 872 -18.84 -27.05 -22.64
N TYR B 873 -17.98 -26.39 -21.86
CA TYR B 873 -17.15 -27.10 -20.90
C TYR B 873 -18.00 -27.88 -19.89
N THR B 874 -19.01 -27.23 -19.32
CA THR B 874 -19.87 -27.91 -18.35
C THR B 874 -20.66 -29.04 -19.00
N SER B 875 -21.12 -28.84 -20.23
CA SER B 875 -21.83 -29.91 -20.92
C SER B 875 -20.91 -31.09 -21.18
N ALA B 876 -19.65 -30.82 -21.55
CA ALA B 876 -18.70 -31.91 -21.75
C ALA B 876 -18.46 -32.67 -20.46
N LEU B 877 -18.21 -31.96 -19.36
CA LEU B 877 -17.97 -32.61 -18.09
C LEU B 877 -19.19 -33.41 -17.63
N LEU B 878 -20.38 -32.87 -17.84
CA LEU B 878 -21.58 -33.52 -17.35
C LEU B 878 -21.93 -34.75 -18.19
N ALA B 879 -21.75 -34.65 -19.51
CA ALA B 879 -21.91 -35.84 -20.35
C ALA B 879 -20.90 -36.90 -19.98
N GLY B 880 -19.66 -36.50 -19.70
CA GLY B 880 -18.66 -37.46 -19.29
C GLY B 880 -19.02 -38.16 -18.01
N THR B 881 -19.47 -37.42 -16.99
CA THR B 881 -19.79 -38.04 -15.73
C THR B 881 -21.04 -38.90 -15.83
N ILE B 882 -21.98 -38.52 -16.70
CA ILE B 882 -23.21 -39.32 -16.84
C ILE B 882 -22.91 -40.63 -17.55
N THR B 883 -22.18 -40.57 -18.66
CA THR B 883 -22.02 -41.73 -19.52
C THR B 883 -20.82 -42.58 -19.16
N SER B 884 -19.69 -41.97 -18.87
CA SER B 884 -18.45 -42.69 -18.61
C SER B 884 -18.14 -42.84 -17.14
N GLY B 885 -19.09 -42.59 -16.27
CA GLY B 885 -18.80 -42.70 -14.85
C GLY B 885 -17.78 -41.68 -14.43
N TRP B 886 -16.78 -42.13 -13.67
CA TRP B 886 -15.68 -41.30 -13.24
C TRP B 886 -14.38 -41.64 -13.96
N THR B 887 -14.44 -42.49 -14.98
CA THR B 887 -13.21 -42.97 -15.60
C THR B 887 -12.53 -41.88 -16.42
N PHE B 888 -13.30 -40.97 -17.00
CA PHE B 888 -12.73 -40.00 -17.93
C PHE B 888 -11.78 -39.06 -17.23
N GLY B 889 -11.93 -38.87 -15.92
CA GLY B 889 -10.93 -38.15 -15.16
C GLY B 889 -9.60 -38.89 -15.12
N ALA B 890 -9.65 -40.21 -14.96
CA ALA B 890 -8.43 -41.01 -14.89
C ALA B 890 -7.71 -41.06 -16.23
N GLY B 891 -8.46 -41.21 -17.31
CA GLY B 891 -7.86 -41.35 -18.62
C GLY B 891 -8.91 -41.35 -19.72
N ALA B 892 -8.79 -42.28 -20.67
CA ALA B 892 -9.78 -42.38 -21.73
C ALA B 892 -11.14 -42.73 -21.14
N ALA B 893 -12.18 -42.05 -21.61
CA ALA B 893 -13.51 -42.28 -21.10
C ALA B 893 -14.01 -43.67 -21.48
N LEU B 894 -14.52 -44.39 -20.49
CA LEU B 894 -15.05 -45.73 -20.67
C LEU B 894 -16.51 -45.73 -20.24
N GLN B 895 -17.40 -46.16 -21.14
CA GLN B 895 -18.82 -46.03 -20.88
C GLN B 895 -19.29 -47.09 -19.91
N ILE B 896 -20.14 -46.70 -18.97
CA ILE B 896 -20.76 -47.62 -18.02
C ILE B 896 -22.22 -47.23 -17.87
N PRO B 897 -23.15 -48.17 -17.81
CA PRO B 897 -24.55 -47.81 -17.59
C PRO B 897 -24.73 -47.05 -16.28
N PHE B 898 -25.66 -46.09 -16.30
CA PHE B 898 -25.79 -45.21 -15.15
C PHE B 898 -26.27 -45.96 -13.91
N ALA B 899 -27.14 -46.95 -14.08
CA ALA B 899 -27.55 -47.74 -12.93
C ALA B 899 -26.36 -48.44 -12.30
N MET B 900 -25.49 -49.02 -13.11
CA MET B 900 -24.32 -49.70 -12.59
C MET B 900 -23.34 -48.72 -11.98
N GLN B 901 -23.18 -47.54 -12.58
CA GLN B 901 -22.34 -46.51 -12.00
C GLN B 901 -22.84 -46.10 -10.63
N MET B 902 -24.14 -45.91 -10.50
CA MET B 902 -24.70 -45.52 -9.21
C MET B 902 -24.57 -46.64 -8.19
N ALA B 903 -24.64 -47.89 -8.64
CA ALA B 903 -24.38 -49.01 -7.75
C ALA B 903 -22.95 -49.01 -7.26
N TYR B 904 -22.00 -48.73 -8.16
CA TYR B 904 -20.60 -48.57 -7.74
C TYR B 904 -20.48 -47.48 -6.70
N ARG B 905 -21.19 -46.37 -6.89
CA ARG B 905 -21.08 -45.25 -5.97
C ARG B 905 -21.68 -45.59 -4.60
N PHE B 906 -22.82 -46.27 -4.59
CA PHE B 906 -23.34 -46.75 -3.31
C PHE B 906 -22.36 -47.68 -2.63
N ASN B 907 -21.77 -48.60 -3.39
CA ASN B 907 -20.75 -49.47 -2.83
C ASN B 907 -19.62 -48.63 -2.25
N GLY B 908 -19.32 -47.51 -2.88
CA GLY B 908 -18.28 -46.62 -2.40
C GLY B 908 -18.61 -45.89 -1.12
N ILE B 909 -19.88 -45.63 -0.84
CA ILE B 909 -20.24 -45.00 0.43
C ILE B 909 -20.61 -46.03 1.50
N GLY B 910 -20.47 -47.32 1.20
CA GLY B 910 -20.61 -48.35 2.20
C GLY B 910 -21.89 -49.15 2.15
N VAL B 911 -22.88 -48.73 1.38
CA VAL B 911 -24.12 -49.48 1.23
C VAL B 911 -24.04 -50.31 -0.04
N THR B 912 -24.30 -51.61 0.08
CA THR B 912 -23.96 -52.51 -1.01
C THR B 912 -24.85 -52.26 -2.23
N GLN B 913 -24.38 -52.73 -3.38
CA GLN B 913 -24.97 -52.35 -4.65
C GLN B 913 -26.35 -52.92 -4.87
N ASN B 914 -26.73 -53.98 -4.15
CA ASN B 914 -28.07 -54.54 -4.33
C ASN B 914 -29.16 -53.56 -3.88
N VAL B 915 -28.84 -52.71 -2.90
CA VAL B 915 -29.79 -51.73 -2.40
C VAL B 915 -30.27 -50.84 -3.54
N LEU B 916 -29.40 -50.53 -4.49
CA LEU B 916 -29.82 -49.70 -5.61
C LEU B 916 -30.67 -50.49 -6.60
N TYR B 917 -30.25 -51.70 -6.96
CA TYR B 917 -30.97 -52.44 -7.97
C TYR B 917 -32.37 -52.81 -7.49
N GLU B 918 -32.51 -53.09 -6.21
CA GLU B 918 -33.84 -53.38 -5.68
C GLU B 918 -34.70 -52.13 -5.58
N ASN B 919 -34.08 -50.97 -5.34
CA ASN B 919 -34.81 -49.71 -5.17
C ASN B 919 -34.48 -48.70 -6.25
N GLN B 920 -34.27 -49.14 -7.49
CA GLN B 920 -33.85 -48.22 -8.54
C GLN B 920 -34.92 -47.18 -8.83
N LYS B 921 -36.18 -47.60 -8.90
CA LYS B 921 -37.25 -46.66 -9.22
C LYS B 921 -37.40 -45.60 -8.14
N LEU B 922 -37.34 -46.00 -6.88
CA LEU B 922 -37.43 -45.05 -5.79
C LEU B 922 -36.30 -44.03 -5.83
N ILE B 923 -35.07 -44.51 -6.09
CA ILE B 923 -33.93 -43.61 -6.14
C ILE B 923 -34.06 -42.64 -7.31
N ALA B 924 -34.50 -43.14 -8.46
CA ALA B 924 -34.66 -42.26 -9.61
C ALA B 924 -35.73 -41.21 -9.37
N ASN B 925 -36.84 -41.62 -8.74
CA ASN B 925 -37.89 -40.65 -8.44
C ASN B 925 -37.40 -39.59 -7.46
N GLN B 926 -36.64 -40.01 -6.44
CA GLN B 926 -36.10 -39.04 -5.50
C GLN B 926 -35.15 -38.07 -6.19
N PHE B 927 -34.31 -38.58 -7.09
CA PHE B 927 -33.39 -37.71 -7.81
C PHE B 927 -34.14 -36.69 -8.67
N ASN B 928 -35.15 -37.15 -9.39
CA ASN B 928 -35.92 -36.25 -10.24
C ASN B 928 -36.63 -35.19 -9.40
N SER B 929 -37.26 -35.60 -8.30
CA SER B 929 -37.94 -34.63 -7.44
C SER B 929 -36.96 -33.63 -6.86
N ALA B 930 -35.74 -34.08 -6.52
CA ALA B 930 -34.75 -33.18 -5.96
C ALA B 930 -34.29 -32.15 -6.99
N ILE B 931 -34.04 -32.58 -8.23
CA ILE B 931 -33.66 -31.63 -9.25
C ILE B 931 -34.80 -30.65 -9.53
N GLY B 932 -36.04 -31.14 -9.52
CA GLY B 932 -37.18 -30.24 -9.65
C GLY B 932 -37.24 -29.23 -8.53
N LYS B 933 -36.91 -29.65 -7.31
CA LYS B 933 -36.89 -28.71 -6.21
C LYS B 933 -35.82 -27.65 -6.40
N ILE B 934 -34.66 -28.02 -6.94
CA ILE B 934 -33.64 -27.01 -7.23
C ILE B 934 -34.16 -26.02 -8.27
N GLN B 935 -34.78 -26.51 -9.35
CA GLN B 935 -35.22 -25.56 -10.37
C GLN B 935 -36.30 -24.64 -9.81
N ASP B 936 -37.19 -25.17 -8.97
CA ASP B 936 -38.23 -24.33 -8.37
C ASP B 936 -37.63 -23.30 -7.42
N SER B 937 -36.68 -23.71 -6.58
CA SER B 937 -36.06 -22.78 -5.64
C SER B 937 -35.31 -21.68 -6.36
N LEU B 938 -34.61 -22.02 -7.44
CA LEU B 938 -33.92 -20.98 -8.20
C LEU B 938 -34.91 -20.07 -8.92
N SER B 939 -36.00 -20.64 -9.45
CA SER B 939 -36.96 -19.84 -10.20
C SER B 939 -37.67 -18.84 -9.30
N SER B 940 -38.07 -19.26 -8.09
CA SER B 940 -38.91 -18.41 -7.25
C SER B 940 -38.13 -17.63 -6.20
N THR B 941 -37.34 -18.32 -5.38
CA THR B 941 -36.68 -17.67 -4.25
C THR B 941 -35.66 -16.64 -4.73
N ALA B 942 -35.73 -15.45 -4.15
CA ALA B 942 -34.82 -14.38 -4.51
C ALA B 942 -33.52 -14.46 -3.72
N SER B 943 -32.48 -13.81 -4.25
CA SER B 943 -31.18 -13.71 -3.60
C SER B 943 -30.57 -15.09 -3.34
N ALA B 944 -30.79 -16.02 -4.26
CA ALA B 944 -30.15 -17.33 -4.15
C ALA B 944 -28.65 -17.22 -4.37
N LEU B 945 -28.25 -16.46 -5.39
CA LEU B 945 -26.84 -16.30 -5.77
C LEU B 945 -26.23 -15.07 -5.11
N GLY B 946 -26.11 -15.14 -3.79
CA GLY B 946 -25.54 -14.02 -3.05
C GLY B 946 -24.05 -13.84 -3.31
N LYS B 947 -23.31 -14.95 -3.37
CA LYS B 947 -21.85 -14.86 -3.44
C LYS B 947 -21.39 -14.20 -4.72
N LEU B 948 -22.03 -14.53 -5.85
CA LEU B 948 -21.64 -13.94 -7.13
C LEU B 948 -22.05 -12.48 -7.20
N GLN B 949 -23.22 -12.15 -6.65
CA GLN B 949 -23.66 -10.77 -6.62
C GLN B 949 -22.73 -9.93 -5.77
N ASP B 950 -22.15 -10.50 -4.72
CA ASP B 950 -21.18 -9.77 -3.92
C ASP B 950 -19.97 -9.39 -4.76
N VAL B 951 -19.48 -10.33 -5.58
CA VAL B 951 -18.32 -10.04 -6.42
C VAL B 951 -18.63 -8.90 -7.37
N VAL B 952 -19.77 -9.00 -8.08
CA VAL B 952 -20.06 -7.97 -9.09
C VAL B 952 -20.32 -6.63 -8.42
N ASN B 953 -21.01 -6.62 -7.29
CA ASN B 953 -21.29 -5.38 -6.58
C ASN B 953 -20.01 -4.74 -6.08
N GLN B 954 -19.09 -5.53 -5.53
CA GLN B 954 -17.84 -4.96 -5.02
C GLN B 954 -17.02 -4.37 -6.15
N ASN B 955 -16.94 -5.05 -7.29
CA ASN B 955 -16.19 -4.49 -8.41
C ASN B 955 -16.82 -3.20 -8.90
N ALA B 956 -18.15 -3.19 -9.06
CA ALA B 956 -18.82 -1.99 -9.54
C ALA B 956 -18.66 -0.84 -8.55
N GLN B 957 -18.74 -1.13 -7.26
CA GLN B 957 -18.62 -0.09 -6.24
C GLN B 957 -17.22 0.47 -6.17
N ALA B 958 -16.20 -0.39 -6.27
CA ALA B 958 -14.82 0.10 -6.30
C ALA B 958 -14.59 0.98 -7.52
N LEU B 959 -15.10 0.56 -8.68
CA LEU B 959 -14.93 1.37 -9.88
C LEU B 959 -15.67 2.70 -9.75
N ASN B 960 -16.85 2.68 -9.15
CA ASN B 960 -17.63 3.88 -8.96
C ASN B 960 -16.92 4.88 -8.04
N THR B 961 -16.38 4.41 -6.92
CA THR B 961 -15.68 5.33 -6.03
C THR B 961 -14.40 5.85 -6.67
N LEU B 962 -13.75 5.01 -7.47
CA LEU B 962 -12.59 5.49 -8.22
C LEU B 962 -12.97 6.64 -9.14
N VAL B 963 -14.13 6.53 -9.80
CA VAL B 963 -14.58 7.62 -10.66
C VAL B 963 -14.94 8.85 -9.84
N LYS B 964 -15.60 8.65 -8.70
CA LYS B 964 -16.02 9.79 -7.89
C LYS B 964 -14.85 10.52 -7.28
N GLN B 965 -13.67 9.89 -7.20
CA GLN B 965 -12.51 10.60 -6.68
C GLN B 965 -12.14 11.81 -7.53
N LEU B 966 -12.44 11.78 -8.82
CA LEU B 966 -12.05 12.88 -9.69
C LEU B 966 -12.74 14.19 -9.29
N SER B 967 -13.95 14.10 -8.75
CA SER B 967 -14.70 15.30 -8.40
C SER B 967 -14.03 16.08 -7.28
N SER B 968 -13.30 15.40 -6.41
CA SER B 968 -12.71 16.04 -5.25
C SER B 968 -11.58 16.98 -5.64
N ASN B 969 -11.48 18.10 -4.91
CA ASN B 969 -10.49 19.12 -5.22
C ASN B 969 -9.08 18.67 -4.83
N PHE B 970 -8.95 17.98 -3.70
CA PHE B 970 -7.66 17.65 -3.09
C PHE B 970 -6.87 18.90 -2.74
N GLY B 971 -7.57 19.99 -2.43
CA GLY B 971 -6.94 21.23 -2.06
C GLY B 971 -6.69 22.20 -3.18
N ALA B 972 -6.87 21.80 -4.43
CA ALA B 972 -6.70 22.70 -5.55
C ALA B 972 -7.90 23.64 -5.66
N ILE B 973 -7.70 24.73 -6.42
CA ILE B 973 -8.74 25.75 -6.51
C ILE B 973 -9.98 25.19 -7.19
N SER B 974 -9.81 24.40 -8.24
CA SER B 974 -10.93 23.74 -8.92
C SER B 974 -10.50 22.34 -9.32
N SER B 975 -11.38 21.37 -9.09
CA SER B 975 -11.03 19.97 -9.34
C SER B 975 -10.80 19.70 -10.82
N VAL B 976 -11.65 20.24 -11.69
CA VAL B 976 -11.52 19.98 -13.12
C VAL B 976 -10.23 20.60 -13.63
N LEU B 977 -9.40 19.78 -14.28
CA LEU B 977 -8.03 20.18 -14.58
C LEU B 977 -7.99 21.26 -15.66
N ASN B 978 -8.84 21.15 -16.68
CA ASN B 978 -8.86 22.13 -17.75
C ASN B 978 -9.16 23.52 -17.22
N ASP B 979 -9.94 23.62 -16.14
CA ASP B 979 -10.28 24.92 -15.59
C ASP B 979 -9.06 25.60 -14.98
N ILE B 980 -8.33 24.88 -14.12
CA ILE B 980 -7.16 25.50 -13.50
C ILE B 980 -6.07 25.75 -14.55
N LEU B 981 -6.00 24.88 -15.55
CA LEU B 981 -5.00 25.09 -16.61
C LEU B 981 -5.36 26.29 -17.46
N SER B 982 -6.65 26.56 -17.64
CA SER B 982 -7.09 27.66 -18.48
C SER B 982 -6.88 29.01 -17.80
N ARG B 983 -7.14 29.10 -16.50
CA ARG B 983 -7.13 30.38 -15.81
C ARG B 983 -5.92 30.55 -14.90
N LEU B 984 -4.78 29.94 -15.25
CA LEU B 984 -3.58 30.13 -14.45
C LEU B 984 -2.35 30.17 -15.34
N ASP B 985 -1.33 30.85 -14.87
CA ASP B 985 -0.02 30.79 -15.49
C ASP B 985 0.63 29.45 -15.18
N PRO B 986 1.57 29.01 -16.00
CA PRO B 986 2.24 27.73 -15.75
C PRO B 986 2.85 27.64 -14.36
N PRO B 987 3.54 28.68 -13.86
CA PRO B 987 4.19 28.51 -12.54
C PRO B 987 3.22 28.17 -11.42
N GLU B 988 2.10 28.88 -11.32
CA GLU B 988 1.10 28.55 -10.31
C GLU B 988 0.37 27.26 -10.67
N ALA B 989 0.22 27.03 -11.98
CA ALA B 989 -0.47 25.83 -12.45
C ALA B 989 0.24 24.58 -12.01
N GLU B 990 1.58 24.59 -11.94
CA GLU B 990 2.26 23.39 -11.47
C GLU B 990 1.84 23.04 -10.04
N VAL B 991 1.72 24.05 -9.17
CA VAL B 991 1.31 23.78 -7.79
C VAL B 991 -0.10 23.24 -7.75
N GLN B 992 -1.03 23.95 -8.41
CA GLN B 992 -2.44 23.54 -8.34
C GLN B 992 -2.64 22.16 -8.96
N ILE B 993 -1.95 21.88 -10.07
CA ILE B 993 -2.03 20.58 -10.72
C ILE B 993 -1.36 19.51 -9.88
N ASP B 994 -0.29 19.85 -9.18
CA ASP B 994 0.44 18.87 -8.40
C ASP B 994 -0.41 18.36 -7.25
N ARG B 995 -1.20 19.24 -6.64
CA ARG B 995 -2.10 18.75 -5.60
C ARG B 995 -3.07 17.70 -6.16
N LEU B 996 -3.64 17.97 -7.33
CA LEU B 996 -4.55 17.02 -7.96
C LEU B 996 -3.84 15.72 -8.33
N ILE B 997 -2.62 15.82 -8.84
CA ILE B 997 -1.88 14.62 -9.24
C ILE B 997 -1.61 13.75 -8.03
N THR B 998 -1.18 14.34 -6.93
CA THR B 998 -0.94 13.55 -5.72
C THR B 998 -2.23 12.87 -5.27
N GLY B 999 -3.33 13.62 -5.23
CA GLY B 999 -4.58 13.03 -4.77
C GLY B 999 -5.04 11.88 -5.64
N ARG B 1000 -5.05 12.08 -6.96
CA ARG B 1000 -5.56 11.05 -7.86
C ARG B 1000 -4.61 9.86 -7.91
N LEU B 1001 -3.31 10.09 -7.81
CA LEU B 1001 -2.37 8.99 -7.74
C LEU B 1001 -2.62 8.14 -6.50
N GLN B 1002 -2.87 8.78 -5.37
CA GLN B 1002 -3.16 8.03 -4.15
C GLN B 1002 -4.45 7.24 -4.30
N SER B 1003 -5.48 7.85 -4.90
CA SER B 1003 -6.75 7.14 -5.09
C SER B 1003 -6.59 5.94 -6.00
N LEU B 1004 -5.82 6.09 -7.08
CA LEU B 1004 -5.62 4.98 -8.01
C LEU B 1004 -4.80 3.88 -7.35
N GLN B 1005 -3.80 4.23 -6.54
CA GLN B 1005 -3.06 3.21 -5.82
C GLN B 1005 -3.95 2.46 -4.85
N THR B 1006 -4.87 3.16 -4.18
CA THR B 1006 -5.82 2.49 -3.30
C THR B 1006 -6.67 1.50 -4.08
N TYR B 1007 -7.17 1.92 -5.24
CA TYR B 1007 -7.98 1.01 -6.06
C TYR B 1007 -7.20 -0.23 -6.46
N VAL B 1008 -5.93 -0.04 -6.87
CA VAL B 1008 -5.14 -1.18 -7.33
C VAL B 1008 -4.84 -2.13 -6.17
N THR B 1009 -4.57 -1.60 -4.99
CA THR B 1009 -4.31 -2.46 -3.84
C THR B 1009 -5.56 -3.25 -3.45
N GLN B 1010 -6.71 -2.59 -3.42
CA GLN B 1010 -7.96 -3.29 -3.14
C GLN B 1010 -8.20 -4.40 -4.17
N GLN B 1011 -7.94 -4.10 -5.45
CA GLN B 1011 -8.11 -5.10 -6.49
C GLN B 1011 -7.15 -6.26 -6.29
N LEU B 1012 -5.92 -6.00 -5.85
CA LEU B 1012 -4.98 -7.07 -5.61
C LEU B 1012 -5.46 -8.01 -4.51
N ILE B 1013 -5.93 -7.44 -3.40
CA ILE B 1013 -6.39 -8.27 -2.30
C ILE B 1013 -7.63 -9.05 -2.70
N ARG B 1014 -8.58 -8.40 -3.37
CA ARG B 1014 -9.79 -9.07 -3.81
C ARG B 1014 -9.47 -10.16 -4.84
N ALA B 1015 -8.47 -9.92 -5.69
CA ALA B 1015 -8.05 -10.93 -6.65
C ALA B 1015 -7.46 -12.13 -5.94
N ALA B 1016 -6.71 -11.90 -4.85
CA ALA B 1016 -6.21 -13.02 -4.06
C ALA B 1016 -7.37 -13.84 -3.49
N GLU B 1017 -8.40 -13.17 -2.99
CA GLU B 1017 -9.54 -13.89 -2.44
C GLU B 1017 -10.27 -14.68 -3.52
N ILE B 1018 -10.49 -14.08 -4.68
CA ILE B 1018 -11.15 -14.77 -5.79
C ILE B 1018 -10.30 -15.94 -6.28
N ARG B 1019 -8.98 -15.78 -6.25
CA ARG B 1019 -8.12 -16.90 -6.64
C ARG B 1019 -8.23 -18.05 -5.67
N ALA B 1020 -8.33 -17.75 -4.37
CA ALA B 1020 -8.55 -18.82 -3.41
C ALA B 1020 -9.86 -19.54 -3.70
N SER B 1021 -10.91 -18.77 -3.98
CA SER B 1021 -12.20 -19.38 -4.31
C SER B 1021 -12.11 -20.22 -5.60
N ALA B 1022 -11.34 -19.73 -6.58
CA ALA B 1022 -11.21 -20.45 -7.83
C ALA B 1022 -10.42 -21.75 -7.66
N ASN B 1023 -9.40 -21.73 -6.81
CA ASN B 1023 -8.67 -22.96 -6.51
C ASN B 1023 -9.59 -23.96 -5.80
N LEU B 1024 -10.42 -23.47 -4.89
CA LEU B 1024 -11.40 -24.36 -4.26
C LEU B 1024 -12.34 -24.94 -5.31
N ALA B 1025 -12.82 -24.11 -6.23
CA ALA B 1025 -13.73 -24.59 -7.26
C ALA B 1025 -13.05 -25.62 -8.14
N ALA B 1026 -11.77 -25.41 -8.45
CA ALA B 1026 -11.03 -26.35 -9.28
C ALA B 1026 -10.87 -27.68 -8.59
N THR B 1027 -10.51 -27.67 -7.32
CA THR B 1027 -10.33 -28.92 -6.61
C THR B 1027 -11.65 -29.63 -6.39
N LYS B 1028 -12.74 -28.88 -6.23
CA LYS B 1028 -14.05 -29.52 -6.10
C LYS B 1028 -14.52 -30.10 -7.43
N MET B 1029 -14.22 -29.43 -8.53
CA MET B 1029 -14.50 -30.00 -9.85
C MET B 1029 -13.73 -31.30 -10.04
N SER B 1030 -12.46 -31.30 -9.65
CA SER B 1030 -11.66 -32.50 -9.83
C SER B 1030 -12.16 -33.64 -8.95
N GLU B 1031 -12.41 -33.37 -7.67
CA GLU B 1031 -12.65 -34.44 -6.72
C GLU B 1031 -14.12 -34.78 -6.52
N CYS B 1032 -15.05 -34.02 -7.08
CA CYS B 1032 -16.45 -34.32 -6.90
C CYS B 1032 -17.22 -34.51 -8.20
N VAL B 1033 -16.75 -33.95 -9.31
CA VAL B 1033 -17.34 -34.21 -10.61
C VAL B 1033 -16.59 -35.29 -11.37
N LEU B 1034 -15.26 -35.16 -11.45
CA LEU B 1034 -14.48 -36.19 -12.13
C LEU B 1034 -14.49 -37.49 -11.35
N GLY B 1035 -14.60 -37.41 -10.03
CA GLY B 1035 -14.56 -38.59 -9.19
C GLY B 1035 -15.44 -38.43 -7.98
N GLN B 1036 -15.47 -39.46 -7.15
CA GLN B 1036 -16.23 -39.46 -5.91
C GLN B 1036 -15.29 -39.21 -4.74
N SER B 1037 -15.70 -38.32 -3.83
CA SER B 1037 -14.87 -37.92 -2.71
C SER B 1037 -15.42 -38.47 -1.41
N LYS B 1038 -14.57 -39.14 -0.64
CA LYS B 1038 -14.91 -39.63 0.68
C LYS B 1038 -14.69 -38.60 1.77
N ARG B 1039 -14.24 -37.40 1.40
CA ARG B 1039 -14.12 -36.31 2.35
C ARG B 1039 -15.50 -35.92 2.87
N VAL B 1040 -15.61 -35.75 4.18
CA VAL B 1040 -16.89 -35.44 4.80
C VAL B 1040 -17.17 -33.95 4.66
N ASP B 1041 -18.32 -33.62 4.10
CA ASP B 1041 -18.87 -32.28 3.95
C ASP B 1041 -18.09 -31.45 2.93
N PHE B 1042 -17.13 -32.04 2.22
CA PHE B 1042 -16.50 -31.31 1.13
C PHE B 1042 -17.48 -31.04 0.01
N CYS B 1043 -18.24 -32.04 -0.39
CA CYS B 1043 -19.24 -31.91 -1.43
C CYS B 1043 -20.58 -32.39 -0.89
N GLY B 1044 -21.40 -31.44 -0.47
CA GLY B 1044 -22.73 -31.71 0.01
C GLY B 1044 -22.76 -32.09 1.47
N LYS B 1045 -23.95 -32.49 1.90
CA LYS B 1045 -24.17 -32.97 3.26
C LYS B 1045 -24.60 -34.43 3.17
N GLY B 1046 -23.96 -35.28 3.96
CA GLY B 1046 -24.19 -36.69 3.86
C GLY B 1046 -23.17 -37.37 2.98
N TYR B 1047 -23.29 -38.69 2.90
CA TYR B 1047 -22.40 -39.45 2.05
C TYR B 1047 -22.61 -39.05 0.60
N HIS B 1048 -21.51 -38.79 -0.10
CA HIS B 1048 -21.56 -38.09 -1.38
C HIS B 1048 -21.52 -39.09 -2.51
N LEU B 1049 -22.48 -38.96 -3.43
CA LEU B 1049 -22.56 -39.84 -4.59
C LEU B 1049 -21.93 -39.21 -5.82
N MET B 1050 -22.35 -38.02 -6.22
CA MET B 1050 -21.79 -37.42 -7.42
C MET B 1050 -22.10 -35.93 -7.44
N SER B 1051 -21.56 -35.25 -8.44
CA SER B 1051 -21.78 -33.82 -8.61
C SER B 1051 -21.93 -33.47 -10.08
N PHE B 1052 -22.74 -32.45 -10.34
CA PHE B 1052 -22.93 -31.91 -11.68
C PHE B 1052 -22.58 -30.43 -11.70
N PRO B 1053 -21.67 -30.00 -12.55
CA PRO B 1053 -21.32 -28.58 -12.60
C PRO B 1053 -22.20 -27.78 -13.55
N GLN B 1054 -22.61 -26.59 -13.12
CA GLN B 1054 -23.36 -25.66 -13.94
C GLN B 1054 -22.64 -24.33 -13.95
N SER B 1055 -22.65 -23.65 -15.09
CA SER B 1055 -21.90 -22.43 -15.26
C SER B 1055 -22.74 -21.24 -14.82
N ALA B 1056 -22.28 -20.54 -13.81
CA ALA B 1056 -22.89 -19.31 -13.36
C ALA B 1056 -22.19 -18.15 -14.06
N PRO B 1057 -22.70 -16.92 -13.94
CA PRO B 1057 -22.07 -15.82 -14.70
C PRO B 1057 -20.62 -15.56 -14.34
N HIS B 1058 -20.31 -15.40 -13.06
CA HIS B 1058 -18.93 -15.22 -12.62
C HIS B 1058 -18.43 -16.37 -11.78
N GLY B 1059 -19.12 -17.50 -11.78
CA GLY B 1059 -18.74 -18.59 -10.92
C GLY B 1059 -19.26 -19.91 -11.43
N VAL B 1060 -19.24 -20.89 -10.53
CA VAL B 1060 -19.72 -22.24 -10.81
C VAL B 1060 -20.69 -22.66 -9.72
N VAL B 1061 -21.74 -23.37 -10.12
CA VAL B 1061 -22.72 -23.94 -9.19
C VAL B 1061 -22.64 -25.45 -9.28
N PHE B 1062 -22.33 -26.09 -8.17
CA PHE B 1062 -22.21 -27.53 -8.10
C PHE B 1062 -23.50 -28.10 -7.54
N LEU B 1063 -24.09 -29.05 -8.26
CA LEU B 1063 -25.25 -29.79 -7.77
C LEU B 1063 -24.71 -31.07 -7.18
N HIS B 1064 -24.76 -31.18 -5.85
CA HIS B 1064 -24.20 -32.31 -5.13
C HIS B 1064 -25.31 -33.30 -4.85
N VAL B 1065 -25.21 -34.48 -5.45
CA VAL B 1065 -26.12 -35.58 -5.17
C VAL B 1065 -25.49 -36.40 -4.05
N THR B 1066 -26.16 -36.44 -2.90
CA THR B 1066 -25.68 -37.10 -1.70
C THR B 1066 -26.75 -38.02 -1.15
N TYR B 1067 -26.33 -38.98 -0.35
CA TYR B 1067 -27.17 -40.04 0.18
C TYR B 1067 -27.34 -39.80 1.67
N VAL B 1068 -28.56 -39.47 2.11
CA VAL B 1068 -28.85 -39.17 3.49
C VAL B 1068 -29.67 -40.31 4.08
N PRO B 1069 -29.14 -41.05 5.06
CA PRO B 1069 -29.93 -42.14 5.64
C PRO B 1069 -31.09 -41.61 6.47
N ALA B 1070 -32.22 -42.30 6.41
CA ALA B 1070 -33.43 -41.86 7.07
C ALA B 1070 -34.22 -43.04 7.62
N GLN B 1071 -35.14 -42.72 8.52
CA GLN B 1071 -35.97 -43.71 9.21
C GLN B 1071 -35.12 -44.68 10.02
N GLU B 1072 -34.34 -44.12 10.94
CA GLU B 1072 -33.54 -44.94 11.83
C GLU B 1072 -34.42 -45.79 12.73
N LYS B 1073 -33.95 -46.99 13.03
CA LYS B 1073 -34.61 -47.89 13.97
C LYS B 1073 -33.54 -48.46 14.87
N ASN B 1074 -33.78 -48.52 16.17
CA ASN B 1074 -32.75 -48.91 17.11
C ASN B 1074 -32.95 -50.31 17.63
N PHE B 1075 -31.87 -51.08 17.62
CA PHE B 1075 -31.82 -52.49 17.99
C PHE B 1075 -30.64 -52.73 18.92
N THR B 1076 -30.79 -53.73 19.79
CA THR B 1076 -29.70 -54.15 20.64
C THR B 1076 -28.56 -54.68 19.78
N THR B 1077 -27.33 -54.42 20.21
CA THR B 1077 -26.16 -54.84 19.48
C THR B 1077 -25.14 -55.44 20.43
N ALA B 1078 -24.25 -56.24 19.87
CA ALA B 1078 -23.16 -56.85 20.62
C ALA B 1078 -21.91 -56.91 19.76
N PRO B 1079 -20.73 -56.76 20.36
CA PRO B 1079 -19.51 -56.81 19.56
C PRO B 1079 -19.23 -58.16 18.94
N ALA B 1080 -19.41 -59.25 19.68
CA ALA B 1080 -19.14 -60.58 19.18
C ALA B 1080 -20.13 -61.55 19.80
N ILE B 1081 -20.25 -62.73 19.20
CA ILE B 1081 -21.14 -63.77 19.68
C ILE B 1081 -20.35 -65.07 19.86
N CYS B 1082 -20.54 -65.72 21.00
CA CYS B 1082 -19.94 -67.02 21.24
C CYS B 1082 -20.78 -68.10 20.56
N HIS B 1083 -20.11 -69.08 19.96
CA HIS B 1083 -20.80 -70.24 19.42
C HIS B 1083 -20.40 -71.53 20.09
N ASP B 1084 -19.10 -71.87 20.10
CA ASP B 1084 -18.62 -73.13 20.65
C ASP B 1084 -17.45 -72.89 21.58
N GLY B 1085 -17.39 -71.71 22.18
CA GLY B 1085 -16.18 -71.25 22.81
C GLY B 1085 -15.32 -70.39 21.92
N LYS B 1086 -15.84 -69.97 20.76
CA LYS B 1086 -15.12 -69.17 19.79
C LYS B 1086 -15.83 -67.85 19.62
N ALA B 1087 -15.09 -66.76 19.63
CA ALA B 1087 -15.66 -65.44 19.41
C ALA B 1087 -15.79 -65.18 17.91
N HIS B 1088 -16.98 -64.79 17.48
CA HIS B 1088 -17.24 -64.48 16.09
C HIS B 1088 -17.45 -62.98 15.94
N PHE B 1089 -16.70 -62.35 15.04
CA PHE B 1089 -16.85 -60.94 14.76
C PHE B 1089 -17.37 -60.74 13.35
N PRO B 1090 -18.24 -59.77 13.13
CA PRO B 1090 -18.81 -59.57 11.80
C PRO B 1090 -17.74 -59.18 10.79
N ARG B 1091 -17.77 -59.82 9.62
CA ARG B 1091 -16.78 -59.52 8.60
C ARG B 1091 -16.95 -58.10 8.08
N GLU B 1092 -18.17 -57.74 7.68
CA GLU B 1092 -18.48 -56.38 7.25
C GLU B 1092 -19.92 -56.11 7.69
N GLY B 1093 -20.07 -55.40 8.79
CA GLY B 1093 -21.39 -55.09 9.30
C GLY B 1093 -21.42 -55.14 10.81
N VAL B 1094 -22.63 -55.15 11.35
CA VAL B 1094 -22.89 -55.06 12.77
C VAL B 1094 -23.94 -56.09 13.16
N PHE B 1095 -23.82 -56.60 14.40
CA PHE B 1095 -24.79 -57.53 14.96
C PHE B 1095 -25.96 -56.74 15.55
N VAL B 1096 -27.17 -57.07 15.13
CA VAL B 1096 -28.37 -56.40 15.61
C VAL B 1096 -29.38 -57.45 16.05
N SER B 1097 -29.96 -57.24 17.23
CA SER B 1097 -30.96 -58.14 17.79
C SER B 1097 -32.29 -57.42 17.86
N ASN B 1098 -33.31 -57.98 17.23
CA ASN B 1098 -34.68 -57.47 17.36
C ASN B 1098 -35.38 -58.16 18.53
N GLY B 1099 -34.79 -58.00 19.70
CA GLY B 1099 -35.32 -58.60 20.91
C GLY B 1099 -34.88 -60.04 21.14
N THR B 1100 -35.11 -60.91 20.17
CA THR B 1100 -34.86 -62.34 20.35
C THR B 1100 -33.76 -62.89 19.46
N HIS B 1101 -33.77 -62.60 18.17
CA HIS B 1101 -32.85 -63.20 17.21
C HIS B 1101 -31.79 -62.18 16.79
N TRP B 1102 -30.57 -62.68 16.61
CA TRP B 1102 -29.43 -61.86 16.23
C TRP B 1102 -29.17 -62.01 14.73
N PHE B 1103 -28.87 -60.90 14.07
CA PHE B 1103 -28.59 -60.88 12.65
C PHE B 1103 -27.35 -60.05 12.38
N VAL B 1104 -26.78 -60.24 11.20
CA VAL B 1104 -25.70 -59.39 10.69
C VAL B 1104 -26.32 -58.47 9.66
N THR B 1105 -26.08 -57.17 9.82
CA THR B 1105 -26.57 -56.19 8.87
C THR B 1105 -25.45 -55.25 8.49
N GLN B 1106 -25.72 -54.44 7.48
CA GLN B 1106 -24.75 -53.44 7.07
C GLN B 1106 -24.88 -52.19 7.94
N ARG B 1107 -23.89 -51.32 7.82
CA ARG B 1107 -23.85 -50.13 8.68
C ARG B 1107 -24.94 -49.14 8.31
N ASN B 1108 -25.10 -48.87 7.02
CA ASN B 1108 -25.94 -47.76 6.58
C ASN B 1108 -27.31 -48.17 6.06
N PHE B 1109 -27.56 -49.44 5.85
CA PHE B 1109 -28.87 -49.90 5.44
C PHE B 1109 -29.19 -51.18 6.21
N TYR B 1110 -30.45 -51.32 6.62
CA TYR B 1110 -30.86 -52.45 7.44
C TYR B 1110 -31.25 -53.61 6.52
N GLU B 1111 -30.37 -54.60 6.43
CA GLU B 1111 -30.59 -55.81 5.65
C GLU B 1111 -30.21 -57.00 6.52
N PRO B 1112 -31.10 -57.44 7.39
CA PRO B 1112 -30.74 -58.51 8.32
C PRO B 1112 -30.46 -59.81 7.60
N GLN B 1113 -29.45 -60.53 8.07
CA GLN B 1113 -29.08 -61.81 7.50
C GLN B 1113 -28.75 -62.79 8.63
N ILE B 1114 -29.06 -64.06 8.39
CA ILE B 1114 -28.73 -65.09 9.36
C ILE B 1114 -27.23 -65.11 9.56
N ILE B 1115 -26.81 -65.12 10.82
CA ILE B 1115 -25.39 -65.15 11.12
C ILE B 1115 -24.81 -66.49 10.69
N THR B 1116 -23.83 -66.45 9.80
CA THR B 1116 -23.18 -67.65 9.30
C THR B 1116 -21.68 -67.44 9.33
N THR B 1117 -20.95 -68.55 9.13
CA THR B 1117 -19.50 -68.47 9.09
C THR B 1117 -19.02 -67.69 7.88
N ASP B 1118 -19.85 -67.58 6.84
CA ASP B 1118 -19.45 -66.84 5.65
C ASP B 1118 -19.32 -65.35 5.92
N ASN B 1119 -20.19 -64.79 6.76
CA ASN B 1119 -20.16 -63.36 7.04
C ASN B 1119 -19.55 -63.02 8.39
N THR B 1120 -19.01 -64.00 9.12
CA THR B 1120 -18.38 -63.76 10.41
C THR B 1120 -17.04 -64.47 10.45
N PHE B 1121 -16.00 -63.77 10.92
CA PHE B 1121 -14.68 -64.36 11.09
C PHE B 1121 -14.41 -64.59 12.58
N VAL B 1122 -13.80 -65.73 12.88
CA VAL B 1122 -13.56 -66.14 14.26
C VAL B 1122 -12.11 -65.86 14.60
N SER B 1123 -11.89 -65.17 15.71
CA SER B 1123 -10.54 -64.94 16.24
C SER B 1123 -10.58 -65.09 17.75
N GLY B 1124 -9.87 -66.08 18.26
CA GLY B 1124 -9.74 -66.26 19.68
C GLY B 1124 -10.96 -66.92 20.30
N ASN B 1125 -10.95 -66.94 21.63
CA ASN B 1125 -12.07 -67.45 22.41
C ASN B 1125 -12.68 -66.32 23.21
N CYS B 1126 -13.96 -66.44 23.52
CA CYS B 1126 -14.70 -65.31 24.06
C CYS B 1126 -14.59 -65.29 25.59
N ASP B 1127 -13.42 -64.86 26.04
CA ASP B 1127 -13.17 -64.56 27.44
C ASP B 1127 -12.62 -63.16 27.65
N VAL B 1128 -12.10 -62.51 26.60
CA VAL B 1128 -11.43 -61.23 26.70
C VAL B 1128 -12.23 -60.11 26.05
N VAL B 1129 -13.45 -60.39 25.60
CA VAL B 1129 -14.27 -59.39 24.92
C VAL B 1129 -15.43 -59.02 25.84
N ILE B 1130 -15.61 -57.72 26.05
CA ILE B 1130 -16.71 -57.24 26.87
C ILE B 1130 -17.95 -57.07 25.98
N GLY B 1131 -19.04 -57.71 26.38
CA GLY B 1131 -20.28 -57.61 25.64
C GLY B 1131 -20.61 -58.77 24.73
N ILE B 1132 -19.87 -59.87 24.80
CA ILE B 1132 -20.22 -61.06 24.03
C ILE B 1132 -21.59 -61.57 24.46
N VAL B 1133 -22.39 -61.98 23.48
CA VAL B 1133 -23.69 -62.60 23.72
C VAL B 1133 -23.69 -63.99 23.10
N ASN B 1134 -24.19 -64.96 23.87
CA ASN B 1134 -24.31 -66.31 23.34
C ASN B 1134 -25.35 -66.37 22.24
N ASN B 1135 -25.00 -67.00 21.12
CA ASN B 1135 -25.95 -67.23 20.04
C ASN B 1135 -25.35 -68.22 19.06
N THR B 1136 -26.23 -68.99 18.42
CA THR B 1136 -25.77 -69.97 17.44
C THR B 1136 -25.33 -69.28 16.16
N VAL B 1137 -24.37 -69.90 15.48
CA VAL B 1137 -23.88 -69.44 14.19
C VAL B 1137 -24.11 -70.57 13.19
N TYR B 1138 -25.06 -70.38 12.29
CA TYR B 1138 -25.42 -71.41 11.33
C TYR B 1138 -24.26 -71.67 10.38
N ASP B 1139 -24.05 -72.93 10.04
CA ASP B 1139 -22.96 -73.35 9.19
C ASP B 1139 -23.50 -73.93 7.90
N PRO B 1140 -23.15 -73.35 6.74
CA PRO B 1140 -23.75 -73.84 5.48
C PRO B 1140 -23.33 -75.24 5.09
N LEU B 1141 -22.11 -75.65 5.43
CA LEU B 1141 -21.60 -76.93 4.98
C LEU B 1141 -22.38 -78.10 5.56
N GLN B 1142 -22.84 -77.97 6.81
CA GLN B 1142 -23.47 -79.10 7.48
C GLN B 1142 -24.73 -79.61 6.79
N PRO B 1143 -25.69 -78.75 6.40
CA PRO B 1143 -26.85 -79.30 5.67
C PRO B 1143 -26.48 -79.88 4.31
N GLU B 1144 -25.59 -79.21 3.57
CA GLU B 1144 -25.19 -79.73 2.27
C GLU B 1144 -24.50 -81.08 2.40
N LEU B 1145 -23.89 -81.34 3.55
CA LEU B 1145 -23.24 -82.62 3.78
C LEU B 1145 -24.25 -83.77 3.72
N ASP B 1146 -25.47 -83.55 4.22
CA ASP B 1146 -26.50 -84.58 4.20
C ASP B 1146 -27.32 -84.52 2.92
N ALA C 27 15.96 14.93 -54.83
CA ALA C 27 16.55 13.61 -54.97
C ALA C 27 16.70 12.94 -53.60
N TYR C 28 15.57 12.69 -52.94
CA TYR C 28 15.59 12.14 -51.60
C TYR C 28 16.15 10.72 -51.59
N THR C 29 16.44 10.23 -50.38
CA THR C 29 16.88 8.85 -50.19
C THR C 29 16.67 8.50 -48.73
N ASN C 30 15.98 7.39 -48.47
CA ASN C 30 15.70 6.94 -47.10
C ASN C 30 16.95 6.91 -46.24
N SER C 31 16.91 7.65 -45.13
CA SER C 31 17.85 7.42 -44.05
C SER C 31 17.60 6.06 -43.45
N PHE C 32 18.63 5.24 -43.44
CA PHE C 32 18.57 3.86 -42.99
C PHE C 32 18.76 3.83 -41.47
N THR C 33 19.21 2.69 -40.95
CA THR C 33 19.46 2.57 -39.52
C THR C 33 20.50 3.58 -39.05
N ARG C 34 21.50 3.86 -39.88
CA ARG C 34 22.60 4.72 -39.49
C ARG C 34 22.10 6.13 -39.14
N GLY C 35 22.77 6.77 -38.18
CA GLY C 35 22.39 8.10 -37.78
C GLY C 35 22.06 8.26 -36.30
N VAL C 36 22.62 7.40 -35.46
CA VAL C 36 22.40 7.41 -34.03
C VAL C 36 23.71 7.73 -33.34
N TYR C 37 23.64 8.52 -32.26
CA TYR C 37 24.82 8.94 -31.52
C TYR C 37 24.70 8.57 -30.06
N TYR C 38 25.83 8.57 -29.37
CA TYR C 38 25.87 8.34 -27.92
C TYR C 38 25.19 9.50 -27.20
N PRO C 39 24.15 9.28 -26.43
CA PRO C 39 23.44 10.39 -25.78
C PRO C 39 24.30 11.15 -24.79
N ASP C 40 24.87 10.45 -23.81
CA ASP C 40 25.64 11.09 -22.74
C ASP C 40 26.96 10.39 -22.56
N LYS C 41 27.74 10.88 -21.60
CA LYS C 41 29.10 10.39 -21.38
C LYS C 41 29.14 9.02 -20.73
N VAL C 42 28.06 8.57 -20.11
CA VAL C 42 28.12 7.41 -19.25
C VAL C 42 28.43 6.14 -20.05
N PHE C 43 28.86 5.11 -19.31
CA PHE C 43 29.26 3.82 -19.86
C PHE C 43 28.28 2.76 -19.40
N ARG C 44 27.91 1.87 -20.30
CA ARG C 44 26.97 0.80 -19.98
C ARG C 44 27.43 -0.48 -20.66
N SER C 45 27.48 -1.57 -19.90
CA SER C 45 28.06 -2.82 -20.37
C SER C 45 26.97 -3.89 -20.45
N SER C 46 26.68 -4.35 -21.67
CA SER C 46 25.77 -5.47 -21.91
C SER C 46 24.37 -5.22 -21.36
N VAL C 47 23.92 -3.97 -21.40
CA VAL C 47 22.58 -3.62 -20.92
C VAL C 47 21.85 -2.86 -22.01
N LEU C 48 20.53 -2.97 -21.99
CA LEU C 48 19.66 -2.21 -22.88
C LEU C 48 19.21 -0.94 -22.17
N HIS C 49 19.27 0.19 -22.87
CA HIS C 49 18.85 1.45 -22.28
C HIS C 49 17.88 2.18 -23.18
N SER C 50 17.08 3.05 -22.58
CA SER C 50 16.12 3.88 -23.31
C SER C 50 16.50 5.34 -23.12
N THR C 51 16.70 6.04 -24.23
CA THR C 51 17.09 7.45 -24.19
C THR C 51 16.06 8.31 -24.90
N GLN C 52 15.79 9.47 -24.32
CA GLN C 52 14.81 10.42 -24.84
C GLN C 52 15.54 11.72 -25.16
N ASP C 53 15.90 11.91 -26.42
CA ASP C 53 16.45 13.17 -26.91
C ASP C 53 16.40 13.12 -28.43
N LEU C 54 17.02 14.12 -29.07
CA LEU C 54 16.96 14.23 -30.52
C LEU C 54 17.67 13.07 -31.18
N PHE C 55 17.01 12.45 -32.17
CA PHE C 55 17.60 11.39 -32.96
C PHE C 55 17.18 11.53 -34.41
N LEU C 56 17.85 10.79 -35.28
CA LEU C 56 17.51 10.75 -36.69
C LEU C 56 16.62 9.55 -36.95
N PRO C 57 15.39 9.75 -37.44
CA PRO C 57 14.46 8.62 -37.57
C PRO C 57 14.97 7.54 -38.52
N PHE C 58 14.66 6.29 -38.16
CA PHE C 58 14.94 5.16 -39.04
C PHE C 58 14.11 5.26 -40.31
N PHE C 59 14.76 5.01 -41.44
CA PHE C 59 14.11 4.98 -42.75
C PHE C 59 13.34 6.26 -43.04
N SER C 60 13.98 7.39 -42.76
CA SER C 60 13.37 8.70 -42.98
C SER C 60 14.06 9.39 -44.16
N ASN C 61 13.30 9.73 -45.19
CA ASN C 61 13.91 10.10 -46.46
C ASN C 61 14.67 11.42 -46.31
N VAL C 62 15.99 11.34 -46.15
CA VAL C 62 16.80 12.55 -46.08
C VAL C 62 16.93 13.17 -47.47
N THR C 63 17.18 14.47 -47.48
CA THR C 63 17.24 15.25 -48.71
C THR C 63 18.68 15.29 -49.21
N TRP C 64 19.05 14.26 -49.96
CA TRP C 64 20.35 14.25 -50.64
C TRP C 64 20.52 15.49 -51.51
N PHE C 65 21.58 16.24 -51.26
CA PHE C 65 21.97 17.35 -52.11
C PHE C 65 23.15 16.97 -52.99
N HIS C 66 23.14 17.50 -54.21
CA HIS C 66 24.16 17.15 -55.19
C HIS C 66 25.00 18.35 -55.58
N PRO C 82 24.95 25.41 -51.35
CA PRO C 82 23.53 25.68 -51.59
C PRO C 82 22.85 26.34 -50.40
N VAL C 83 21.69 25.84 -50.01
CA VAL C 83 20.90 26.43 -48.94
C VAL C 83 20.24 25.30 -48.14
N LEU C 84 20.33 25.37 -46.82
CA LEU C 84 19.85 24.32 -45.92
C LEU C 84 19.43 24.92 -44.59
N PRO C 85 18.22 24.63 -44.11
CA PRO C 85 17.80 25.15 -42.80
C PRO C 85 18.23 24.25 -41.64
N PHE C 86 18.05 24.77 -40.43
CA PHE C 86 18.45 24.16 -39.16
C PHE C 86 17.30 24.26 -38.16
N ASN C 87 16.12 23.77 -38.56
CA ASN C 87 14.97 23.78 -37.67
C ASN C 87 15.32 23.18 -36.31
N ASP C 88 16.05 22.06 -36.31
CA ASP C 88 16.59 21.49 -35.08
C ASP C 88 17.93 20.82 -35.44
N GLY C 89 18.46 20.05 -34.49
CA GLY C 89 19.69 19.30 -34.72
C GLY C 89 19.68 18.56 -36.03
N VAL C 90 20.84 18.44 -36.70
CA VAL C 90 20.90 17.94 -38.06
C VAL C 90 22.00 16.90 -38.21
N TYR C 91 21.65 15.77 -38.82
CA TYR C 91 22.59 14.73 -39.22
C TYR C 91 23.13 15.07 -40.60
N PHE C 92 24.44 15.28 -40.69
CA PHE C 92 25.11 15.62 -41.94
C PHE C 92 26.07 14.48 -42.29
N ALA C 93 25.88 13.86 -43.45
CA ALA C 93 26.71 12.73 -43.84
C ALA C 93 27.25 12.96 -45.25
N SER C 94 28.57 12.92 -45.41
CA SER C 94 29.14 13.29 -46.68
C SER C 94 30.22 12.30 -47.08
N THR C 95 30.32 12.05 -48.39
CA THR C 95 31.32 11.16 -48.96
C THR C 95 32.09 11.90 -50.04
N GLU C 96 33.41 12.01 -49.87
CA GLU C 96 34.27 12.66 -50.85
C GLU C 96 35.53 11.81 -51.04
N LYS C 97 35.75 11.35 -52.27
CA LYS C 97 36.99 10.66 -52.58
C LYS C 97 38.18 11.61 -52.49
N SER C 98 38.01 12.85 -52.97
CA SER C 98 39.06 13.85 -52.95
C SER C 98 38.89 14.88 -51.83
N ASN C 99 38.02 14.61 -50.86
CA ASN C 99 37.80 15.47 -49.69
C ASN C 99 37.52 16.93 -50.08
N ILE C 100 36.66 17.11 -51.09
CA ILE C 100 36.32 18.45 -51.57
C ILE C 100 35.63 19.26 -50.47
N ILE C 101 34.67 18.64 -49.78
CA ILE C 101 33.89 19.38 -48.79
C ILE C 101 34.78 19.88 -47.66
N ARG C 102 34.50 21.12 -47.22
CA ARG C 102 35.19 21.84 -46.17
C ARG C 102 34.21 22.09 -45.03
N GLY C 103 34.60 22.92 -44.06
CA GLY C 103 33.82 23.09 -42.87
C GLY C 103 32.47 23.74 -43.12
N TRP C 104 31.63 23.68 -42.10
CA TRP C 104 30.25 24.14 -42.16
C TRP C 104 30.14 25.57 -41.65
N ILE C 105 29.51 26.43 -42.43
CA ILE C 105 29.31 27.81 -42.00
C ILE C 105 27.93 27.93 -41.36
N PHE C 106 27.85 27.66 -40.07
CA PHE C 106 26.60 27.82 -39.34
C PHE C 106 26.30 29.30 -39.13
N GLY C 107 25.03 29.66 -39.23
CA GLY C 107 24.61 31.02 -38.94
C GLY C 107 23.12 31.19 -38.73
N THR C 108 22.74 31.94 -37.69
CA THR C 108 21.33 32.24 -37.46
C THR C 108 20.77 33.15 -38.55
N THR C 109 21.49 34.22 -38.87
CA THR C 109 21.10 35.14 -39.94
C THR C 109 22.11 35.18 -41.07
N LEU C 110 23.41 35.17 -40.75
CA LEU C 110 24.48 35.18 -41.75
C LEU C 110 24.37 36.43 -42.63
N ASP C 111 23.98 37.55 -42.04
CA ASP C 111 23.91 38.82 -42.72
C ASP C 111 24.90 39.83 -42.14
N SER C 112 25.87 39.36 -41.36
CA SER C 112 26.90 40.18 -40.71
C SER C 112 26.30 41.04 -39.61
N LYS C 113 24.98 40.96 -39.42
CA LYS C 113 24.33 41.68 -38.33
C LYS C 113 24.54 40.97 -36.99
N THR C 114 24.44 39.65 -36.98
CA THR C 114 24.54 38.86 -35.77
C THR C 114 25.62 37.79 -35.96
N GLN C 115 26.16 37.31 -34.84
CA GLN C 115 27.32 36.44 -34.87
C GLN C 115 27.01 35.09 -35.50
N SER C 116 27.96 34.60 -36.30
CA SER C 116 27.91 33.29 -36.95
C SER C 116 28.61 32.23 -36.12
N LEU C 117 28.89 31.07 -36.71
CA LEU C 117 29.62 30.01 -36.02
C LEU C 117 30.85 29.53 -36.81
N LEU C 118 30.72 29.45 -38.14
CA LEU C 118 31.86 29.36 -39.05
C LEU C 118 32.84 28.24 -38.71
N ILE C 119 32.34 27.00 -38.59
CA ILE C 119 33.25 25.87 -38.56
C ILE C 119 33.92 25.73 -39.91
N VAL C 120 35.24 25.68 -39.91
CA VAL C 120 36.01 25.40 -41.11
C VAL C 120 37.05 24.35 -40.74
N ASN C 121 37.59 23.69 -41.76
CA ASN C 121 38.64 22.72 -41.50
C ASN C 121 39.71 22.84 -42.58
N ASN C 122 40.89 22.32 -42.23
CA ASN C 122 42.18 22.77 -42.74
C ASN C 122 43.19 21.69 -42.42
N ALA C 123 44.15 21.52 -43.33
CA ALA C 123 45.07 20.39 -43.26
C ALA C 123 45.72 20.27 -41.88
N THR C 124 46.25 21.39 -41.38
CA THR C 124 46.94 21.38 -40.10
C THR C 124 45.97 21.30 -38.92
N ASN C 125 44.85 22.03 -38.98
CA ASN C 125 44.01 22.18 -37.81
C ASN C 125 42.61 22.60 -38.24
N VAL C 126 41.65 22.43 -37.34
CA VAL C 126 40.29 22.90 -37.53
C VAL C 126 40.09 24.12 -36.65
N VAL C 127 39.56 25.19 -37.25
CA VAL C 127 39.40 26.48 -36.61
C VAL C 127 37.91 26.85 -36.64
N ILE C 128 37.38 27.27 -35.49
CA ILE C 128 35.96 27.63 -35.38
C ILE C 128 35.87 28.93 -34.59
N LYS C 129 35.25 29.95 -35.18
CA LYS C 129 35.15 31.25 -34.53
C LYS C 129 33.72 31.76 -34.57
N VAL C 130 33.32 32.42 -33.48
CA VAL C 130 31.97 32.98 -33.39
C VAL C 130 31.78 34.10 -34.41
N CYS C 131 32.87 34.75 -34.81
CA CYS C 131 32.80 35.85 -35.78
C CYS C 131 32.03 35.46 -37.04
N PHE C 157 38.41 33.22 -45.23
CA PHE C 157 39.19 33.13 -46.46
C PHE C 157 38.39 33.70 -47.64
N ARG C 158 38.08 32.83 -48.60
CA ARG C 158 37.31 33.29 -49.76
C ARG C 158 35.89 33.65 -49.38
N VAL C 159 35.23 32.81 -48.57
CA VAL C 159 33.85 33.01 -48.18
C VAL C 159 33.80 33.87 -46.91
N TYR C 160 32.98 34.92 -46.95
CA TYR C 160 32.82 35.87 -45.86
C TYR C 160 31.39 36.39 -45.86
N SER C 161 31.08 37.18 -44.84
CA SER C 161 29.78 37.82 -44.73
C SER C 161 29.84 38.95 -43.70
N ASN C 165 32.64 41.92 -33.34
CA ASN C 165 32.29 41.59 -31.96
C ASN C 165 32.50 40.11 -31.70
N CYS C 166 33.75 39.65 -31.90
CA CYS C 166 34.06 38.24 -31.71
C CYS C 166 33.84 37.84 -30.26
N THR C 167 33.15 36.71 -30.08
CA THR C 167 32.82 36.21 -28.75
C THR C 167 33.75 35.11 -28.28
N PHE C 168 34.14 34.19 -29.17
CA PHE C 168 34.97 33.06 -28.77
C PHE C 168 35.56 32.39 -30.01
N GLU C 169 36.80 31.92 -29.88
CA GLU C 169 37.49 31.20 -30.94
C GLU C 169 38.11 29.93 -30.38
N TYR C 170 38.07 28.85 -31.17
CA TYR C 170 38.59 27.55 -30.76
C TYR C 170 39.39 26.95 -31.90
N VAL C 171 40.58 26.46 -31.59
CA VAL C 171 41.44 25.84 -32.59
C VAL C 171 41.91 24.50 -32.03
N SER C 172 41.78 23.45 -32.83
CA SER C 172 42.25 22.12 -32.43
C SER C 172 42.48 21.30 -33.69
N GLN C 173 42.66 19.99 -33.51
CA GLN C 173 42.87 19.10 -34.66
C GLN C 173 41.75 19.22 -35.70
N LEU C 189 32.31 6.27 -45.22
CA LEU C 189 31.34 7.32 -44.91
C LEU C 189 31.85 8.18 -43.76
N ARG C 190 31.35 9.42 -43.68
CA ARG C 190 31.80 10.40 -42.67
C ARG C 190 30.56 10.91 -41.94
N GLU C 191 30.19 10.20 -40.88
CA GLU C 191 29.04 10.59 -40.09
C GLU C 191 29.33 11.86 -39.30
N PHE C 192 28.38 12.80 -39.35
CA PHE C 192 28.46 14.06 -38.61
C PHE C 192 27.08 14.40 -38.07
N VAL C 193 27.00 14.70 -36.78
CA VAL C 193 25.77 15.07 -36.12
C VAL C 193 26.03 16.36 -35.35
N PHE C 194 25.25 17.40 -35.65
CA PHE C 194 25.40 18.71 -35.03
C PHE C 194 24.10 19.08 -34.34
N LYS C 195 24.18 19.49 -33.07
CA LYS C 195 22.95 19.94 -32.42
C LYS C 195 23.25 21.03 -31.41
N ASN C 196 22.26 21.90 -31.19
CA ASN C 196 22.35 23.00 -30.24
C ASN C 196 21.34 22.79 -29.13
N ILE C 197 21.84 22.53 -27.92
CA ILE C 197 21.00 22.32 -26.75
C ILE C 197 21.39 23.35 -25.70
N ASP C 198 20.41 24.17 -25.29
CA ASP C 198 20.58 25.25 -24.30
C ASP C 198 21.86 26.06 -24.54
N GLY C 199 22.11 26.40 -25.80
CA GLY C 199 23.24 27.20 -26.18
C GLY C 199 24.55 26.47 -26.37
N TYR C 200 24.56 25.16 -26.17
CA TYR C 200 25.76 24.34 -26.30
C TYR C 200 25.71 23.62 -27.64
N PHE C 201 26.76 23.81 -28.44
CA PHE C 201 26.89 23.13 -29.73
C PHE C 201 27.62 21.81 -29.51
N LYS C 202 27.06 20.73 -30.06
CA LYS C 202 27.61 19.40 -29.90
C LYS C 202 27.81 18.76 -31.25
N ILE C 203 28.93 18.02 -31.39
CA ILE C 203 29.36 17.41 -32.63
C ILE C 203 29.66 15.94 -32.38
N TYR C 204 29.17 15.08 -33.26
CA TYR C 204 29.42 13.64 -33.17
C TYR C 204 29.87 13.15 -34.53
N SER C 205 30.99 12.46 -34.59
CA SER C 205 31.57 12.10 -35.88
C SER C 205 31.95 10.63 -35.91
N LYS C 206 32.09 10.11 -37.11
CA LYS C 206 32.49 8.73 -37.31
C LYS C 206 33.07 8.54 -38.70
N HIS C 207 34.06 7.64 -38.81
CA HIS C 207 34.72 7.31 -40.06
C HIS C 207 34.45 5.85 -40.38
N THR C 208 34.08 5.58 -41.64
CA THR C 208 33.69 4.24 -42.03
C THR C 208 34.39 3.84 -43.34
N PRO C 209 34.85 2.59 -43.44
CA PRO C 209 35.41 2.09 -44.71
C PRO C 209 34.32 1.69 -45.70
N ILE C 210 33.77 2.71 -46.36
CA ILE C 210 32.69 2.49 -47.32
C ILE C 210 33.21 1.71 -48.52
N ASN C 211 32.41 0.76 -48.99
CA ASN C 211 32.73 -0.04 -50.16
C ASN C 211 31.75 0.11 -51.30
N LEU C 212 30.55 0.63 -51.05
CA LEU C 212 29.54 0.86 -52.08
C LEU C 212 29.26 2.36 -52.13
N VAL C 213 29.35 2.93 -53.31
CA VAL C 213 29.24 4.37 -53.49
C VAL C 213 27.82 4.73 -53.88
N ARG C 214 27.42 5.93 -53.49
CA ARG C 214 26.14 6.58 -53.78
C ARG C 214 25.00 5.99 -52.95
N ASP C 215 25.31 5.11 -52.00
CA ASP C 215 24.30 4.65 -51.05
C ASP C 215 24.94 4.51 -49.68
N LEU C 216 24.24 4.99 -48.66
CA LEU C 216 24.68 4.79 -47.29
C LEU C 216 24.08 3.47 -46.79
N PRO C 217 24.87 2.42 -46.64
CA PRO C 217 24.29 1.12 -46.27
C PRO C 217 23.82 1.11 -44.83
N GLN C 218 22.70 0.42 -44.59
CA GLN C 218 22.18 0.35 -43.23
C GLN C 218 23.16 -0.40 -42.33
N GLY C 219 23.66 0.31 -41.32
CA GLY C 219 24.67 -0.20 -40.40
C GLY C 219 24.69 0.68 -39.17
N PHE C 220 25.53 0.30 -38.21
CA PHE C 220 25.50 0.94 -36.91
C PHE C 220 26.88 1.47 -36.56
N SER C 221 26.93 2.73 -36.10
CA SER C 221 28.16 3.36 -35.61
C SER C 221 27.80 4.65 -34.90
N ALA C 222 28.65 5.05 -33.95
CA ALA C 222 28.49 6.34 -33.27
C ALA C 222 29.74 6.65 -32.45
N LEU C 223 29.95 7.94 -32.18
CA LEU C 223 30.99 8.46 -31.29
C LEU C 223 30.57 9.87 -30.88
N GLU C 224 31.29 10.43 -29.89
CA GLU C 224 31.00 11.82 -29.53
C GLU C 224 32.19 12.77 -29.48
N PRO C 225 33.08 12.80 -30.48
CA PRO C 225 34.13 13.84 -30.48
C PRO C 225 33.53 15.20 -30.81
N LEU C 226 33.52 16.10 -29.82
CA LEU C 226 32.73 17.31 -29.91
C LEU C 226 33.52 18.52 -29.43
N VAL C 227 33.02 19.69 -29.79
CA VAL C 227 33.47 20.98 -29.26
C VAL C 227 32.24 21.74 -28.79
N ASP C 228 32.26 22.21 -27.54
CA ASP C 228 31.14 22.90 -26.93
C ASP C 228 31.47 24.39 -26.82
N LEU C 229 30.59 25.23 -27.37
CA LEU C 229 30.72 26.67 -27.24
C LEU C 229 29.37 27.29 -26.91
N PRO C 230 29.28 28.08 -25.84
CA PRO C 230 27.98 28.62 -25.35
C PRO C 230 27.49 29.81 -26.18
N ILE C 231 26.97 29.52 -27.37
CA ILE C 231 26.49 30.59 -28.25
C ILE C 231 25.16 31.14 -27.76
N GLY C 232 24.17 30.26 -27.53
CA GLY C 232 22.85 30.72 -27.12
C GLY C 232 21.99 31.30 -28.22
N ILE C 233 22.24 30.95 -29.48
CA ILE C 233 21.42 31.39 -30.60
C ILE C 233 20.95 30.17 -31.36
N ASN C 234 19.85 30.33 -32.11
CA ASN C 234 19.28 29.23 -32.89
C ASN C 234 19.79 29.32 -34.32
N ILE C 235 20.78 28.50 -34.63
CA ILE C 235 21.36 28.48 -35.97
C ILE C 235 20.31 28.00 -36.96
N THR C 236 20.34 28.55 -38.19
CA THR C 236 19.34 28.23 -39.20
C THR C 236 19.96 27.96 -40.57
N ARG C 237 21.28 27.96 -40.71
CA ARG C 237 21.91 27.85 -42.02
C ARG C 237 23.09 26.87 -41.95
N PHE C 238 23.42 26.27 -43.10
CA PHE C 238 24.59 25.41 -43.20
C PHE C 238 25.63 25.94 -44.17
N GLN C 239 25.26 26.12 -45.44
CA GLN C 239 26.13 26.63 -46.49
C GLN C 239 27.47 25.89 -46.53
N THR C 240 27.39 24.56 -46.60
CA THR C 240 28.60 23.75 -46.74
C THR C 240 29.26 24.00 -48.09
N LEU C 241 30.57 24.23 -48.07
CA LEU C 241 31.33 24.46 -49.30
C LEU C 241 32.19 23.27 -49.66
N ALA C 263 30.86 14.32 -54.81
CA ALA C 263 30.74 15.62 -54.16
C ALA C 263 29.30 15.92 -53.80
N ALA C 264 28.67 15.01 -53.04
CA ALA C 264 27.28 15.15 -52.62
C ALA C 264 27.14 14.70 -51.19
N TYR C 265 26.25 15.35 -50.43
CA TYR C 265 26.10 15.13 -49.00
C TYR C 265 24.63 14.94 -48.65
N TYR C 266 24.33 13.90 -47.89
CA TYR C 266 23.03 13.70 -47.29
C TYR C 266 22.86 14.60 -46.07
N VAL C 267 21.63 15.04 -45.85
CA VAL C 267 21.29 15.86 -44.71
C VAL C 267 19.92 15.43 -44.19
N GLY C 268 19.84 15.14 -42.90
CA GLY C 268 18.59 14.77 -42.28
C GLY C 268 18.39 15.55 -41.00
N TYR C 269 17.16 15.58 -40.52
CA TYR C 269 16.79 16.39 -39.37
C TYR C 269 16.46 15.52 -38.17
N LEU C 270 17.10 15.83 -37.04
CA LEU C 270 16.82 15.11 -35.80
C LEU C 270 15.46 15.49 -35.24
N GLN C 271 14.84 14.54 -34.55
CA GLN C 271 13.54 14.71 -33.92
C GLN C 271 13.59 14.12 -32.52
N PRO C 272 12.76 14.62 -31.60
CA PRO C 272 12.81 14.18 -30.20
C PRO C 272 11.98 12.92 -29.93
N ARG C 273 12.53 11.76 -30.28
CA ARG C 273 11.84 10.49 -30.13
C ARG C 273 12.74 9.50 -29.41
N THR C 274 12.15 8.73 -28.49
CA THR C 274 12.92 7.81 -27.66
C THR C 274 13.47 6.65 -28.50
N PHE C 275 14.65 6.17 -28.11
CA PHE C 275 15.31 5.04 -28.73
C PHE C 275 15.68 4.03 -27.66
N LEU C 276 15.82 2.77 -28.07
CA LEU C 276 16.35 1.73 -27.20
C LEU C 276 17.68 1.25 -27.76
N LEU C 277 18.75 1.51 -27.03
CA LEU C 277 20.11 1.24 -27.49
C LEU C 277 20.66 0.05 -26.72
N LYS C 278 21.07 -0.97 -27.47
CA LYS C 278 21.78 -2.11 -26.92
C LYS C 278 23.25 -1.78 -26.78
N TYR C 279 23.85 -2.21 -25.68
CA TYR C 279 25.22 -1.88 -25.35
C TYR C 279 26.08 -3.14 -25.35
N ASN C 280 27.27 -3.04 -25.94
CA ASN C 280 28.21 -4.13 -25.98
C ASN C 280 28.91 -4.29 -24.63
N GLU C 281 29.66 -5.38 -24.49
CA GLU C 281 30.45 -5.56 -23.29
C GLU C 281 31.49 -4.45 -23.14
N ASN C 282 32.02 -3.96 -24.26
CA ASN C 282 33.02 -2.89 -24.16
C ASN C 282 32.41 -1.60 -23.66
N GLY C 283 31.11 -1.40 -23.93
CA GLY C 283 30.45 -0.14 -23.66
C GLY C 283 30.03 0.61 -24.91
N THR C 284 30.38 0.11 -26.08
CA THR C 284 29.93 0.72 -27.33
C THR C 284 28.51 0.31 -27.66
N ILE C 285 27.85 1.14 -28.45
CA ILE C 285 26.45 0.94 -28.83
C ILE C 285 26.40 0.05 -30.07
N THR C 286 26.27 -1.26 -29.88
CA THR C 286 26.26 -2.17 -31.02
C THR C 286 25.00 -2.01 -31.88
N ASP C 287 23.85 -1.76 -31.27
CA ASP C 287 22.59 -1.77 -31.99
C ASP C 287 21.58 -0.85 -31.33
N ALA C 288 20.51 -0.52 -32.04
CA ALA C 288 19.43 0.26 -31.48
C ALA C 288 18.13 -0.03 -32.23
N VAL C 289 17.01 0.25 -31.57
CA VAL C 289 15.68 0.16 -32.17
C VAL C 289 14.94 1.46 -31.89
N ASP C 290 13.99 1.77 -32.79
CA ASP C 290 13.25 3.01 -32.79
C ASP C 290 11.84 2.74 -32.25
N CYS C 291 11.47 3.41 -31.16
CA CYS C 291 10.24 3.06 -30.46
C CYS C 291 9.00 3.30 -31.32
N ALA C 292 8.89 4.48 -31.94
CA ALA C 292 7.69 4.82 -32.68
C ALA C 292 7.78 4.49 -34.17
N LEU C 293 8.85 3.84 -34.62
CA LEU C 293 8.97 3.47 -36.02
C LEU C 293 7.89 2.50 -36.44
N ASP C 294 7.65 1.46 -35.64
CA ASP C 294 6.86 0.32 -36.06
C ASP C 294 6.24 -0.29 -34.81
N PRO C 295 5.04 -0.87 -34.91
CA PRO C 295 4.48 -1.56 -33.74
C PRO C 295 5.37 -2.66 -33.19
N LEU C 296 6.08 -3.38 -34.05
CA LEU C 296 7.03 -4.39 -33.55
C LEU C 296 8.14 -3.73 -32.73
N SER C 297 8.72 -2.65 -33.25
CA SER C 297 9.72 -1.94 -32.46
C SER C 297 9.08 -1.29 -31.25
N GLU C 298 7.81 -0.90 -31.35
CA GLU C 298 7.12 -0.35 -30.20
C GLU C 298 7.01 -1.37 -29.07
N THR C 299 6.64 -2.60 -29.39
CA THR C 299 6.55 -3.62 -28.34
C THR C 299 7.93 -4.01 -27.84
N LYS C 300 8.95 -3.95 -28.71
CA LYS C 300 10.31 -4.14 -28.21
C LYS C 300 10.67 -3.09 -27.17
N CYS C 301 10.36 -1.81 -27.44
CA CYS C 301 10.61 -0.76 -26.46
C CYS C 301 9.82 -1.01 -25.18
N THR C 302 8.56 -1.43 -25.32
CA THR C 302 7.73 -1.67 -24.14
C THR C 302 8.29 -2.81 -23.28
N LEU C 303 8.70 -3.89 -23.92
CA LEU C 303 9.19 -5.06 -23.21
C LEU C 303 10.64 -4.91 -22.75
N LYS C 304 11.33 -3.85 -23.17
CA LYS C 304 12.72 -3.61 -22.78
C LYS C 304 13.62 -4.76 -23.23
N SER C 305 13.42 -5.22 -24.47
CA SER C 305 14.21 -6.31 -25.01
C SER C 305 14.30 -6.17 -26.52
N PHE C 306 15.31 -6.81 -27.09
CA PHE C 306 15.47 -6.84 -28.54
C PHE C 306 14.79 -8.04 -29.19
N THR C 307 14.33 -9.01 -28.41
CA THR C 307 13.60 -10.15 -28.92
C THR C 307 12.36 -10.37 -28.07
N VAL C 308 11.20 -10.50 -28.72
CA VAL C 308 9.94 -10.75 -28.03
C VAL C 308 9.40 -12.07 -28.52
N GLU C 309 8.93 -12.91 -27.59
CA GLU C 309 8.36 -14.19 -27.94
C GLU C 309 6.88 -14.04 -28.28
N LYS C 310 6.28 -15.14 -28.73
CA LYS C 310 4.89 -15.13 -29.15
C LYS C 310 3.97 -14.68 -28.02
N GLY C 311 3.01 -13.84 -28.35
CA GLY C 311 2.03 -13.40 -27.38
C GLY C 311 1.38 -12.09 -27.79
N ILE C 312 0.59 -11.56 -26.86
CA ILE C 312 -0.09 -10.29 -26.99
C ILE C 312 0.44 -9.34 -25.92
N TYR C 313 0.97 -8.21 -26.35
CA TYR C 313 1.51 -7.22 -25.41
C TYR C 313 0.78 -5.90 -25.55
N GLN C 314 0.31 -5.36 -24.44
CA GLN C 314 -0.43 -4.10 -24.44
C GLN C 314 0.59 -2.97 -24.57
N THR C 315 0.87 -2.61 -25.82
CA THR C 315 1.96 -1.67 -26.08
C THR C 315 1.63 -0.27 -25.61
N SER C 316 0.49 0.28 -26.00
CA SER C 316 0.25 1.67 -25.64
C SER C 316 -1.25 1.95 -25.68
N ASN C 317 -1.59 3.23 -25.56
CA ASN C 317 -2.97 3.68 -25.73
C ASN C 317 -3.09 4.57 -26.96
N PHE C 318 -4.27 4.56 -27.57
CA PHE C 318 -4.56 5.36 -28.76
C PHE C 318 -5.79 6.22 -28.49
N ARG C 319 -5.74 7.46 -28.96
CA ARG C 319 -6.85 8.41 -28.86
C ARG C 319 -7.07 9.06 -30.21
N VAL C 320 -8.30 9.02 -30.71
CA VAL C 320 -8.58 9.70 -31.97
C VAL C 320 -8.42 11.20 -31.78
N GLN C 321 -7.63 11.81 -32.66
CA GLN C 321 -7.21 13.18 -32.45
C GLN C 321 -8.33 14.16 -32.73
N PRO C 322 -8.32 15.32 -32.06
CA PRO C 322 -9.34 16.34 -32.32
C PRO C 322 -8.91 17.31 -33.41
N THR C 323 -9.84 17.75 -34.24
CA THR C 323 -9.55 18.66 -35.32
C THR C 323 -10.49 19.86 -35.28
N GLU C 324 -10.06 20.94 -35.93
CA GLU C 324 -10.91 22.10 -36.20
C GLU C 324 -11.49 22.70 -34.91
N SER C 325 -10.59 23.31 -34.14
CA SER C 325 -10.97 23.97 -32.90
C SER C 325 -12.13 24.94 -33.11
N ILE C 326 -13.14 24.88 -32.23
CA ILE C 326 -14.28 25.77 -32.27
C ILE C 326 -14.46 26.45 -30.92
N VAL C 327 -14.89 27.70 -30.95
CA VAL C 327 -15.23 28.46 -29.75
C VAL C 327 -16.63 29.03 -29.91
N ARG C 328 -17.46 28.85 -28.89
CA ARG C 328 -18.79 29.44 -28.85
C ARG C 328 -18.87 30.38 -27.65
N PHE C 329 -19.04 31.67 -27.93
CA PHE C 329 -19.03 32.72 -26.91
C PHE C 329 -20.24 33.62 -27.09
N PRO C 330 -20.58 34.42 -26.09
CA PRO C 330 -21.73 35.31 -26.22
C PRO C 330 -21.57 36.28 -27.38
N ASN C 331 -22.66 36.41 -28.14
CA ASN C 331 -22.74 37.26 -29.33
C ASN C 331 -22.69 38.75 -28.97
N ILE C 332 -23.05 39.12 -27.74
CA ILE C 332 -23.08 40.53 -27.34
C ILE C 332 -21.79 41.22 -27.72
N THR C 333 -21.92 42.42 -28.27
CA THR C 333 -20.76 43.20 -28.74
C THR C 333 -20.56 44.48 -27.93
N ASN C 334 -21.32 44.68 -26.86
CA ASN C 334 -21.18 45.89 -26.05
C ASN C 334 -19.79 45.96 -25.45
N LEU C 335 -19.18 47.13 -25.51
CA LEU C 335 -17.86 47.37 -24.94
C LEU C 335 -18.02 47.77 -23.48
N CYS C 336 -17.33 47.07 -22.59
CA CYS C 336 -17.53 47.28 -21.17
C CYS C 336 -17.01 48.64 -20.74
N PRO C 337 -17.76 49.37 -19.92
CA PRO C 337 -17.29 50.69 -19.46
C PRO C 337 -16.32 50.56 -18.30
N PHE C 338 -15.04 50.81 -18.57
CA PHE C 338 -14.04 50.89 -17.51
C PHE C 338 -13.49 52.30 -17.34
N GLY C 339 -13.84 53.23 -18.22
CA GLY C 339 -13.43 54.60 -18.04
C GLY C 339 -13.94 55.19 -16.74
N GLU C 340 -15.16 54.83 -16.35
CA GLU C 340 -15.74 55.38 -15.13
C GLU C 340 -14.95 54.95 -13.89
N VAL C 341 -14.60 53.67 -13.80
CA VAL C 341 -13.92 53.17 -12.60
C VAL C 341 -12.49 53.71 -12.55
N PHE C 342 -11.78 53.68 -13.67
CA PHE C 342 -10.38 54.10 -13.68
C PHE C 342 -10.27 55.62 -13.69
N ASN C 343 -11.06 56.28 -14.53
CA ASN C 343 -11.05 57.74 -14.66
C ASN C 343 -12.30 58.28 -13.99
N ALA C 344 -12.16 58.72 -12.74
CA ALA C 344 -13.26 59.23 -11.95
C ALA C 344 -12.91 60.64 -11.49
N THR C 345 -13.87 61.55 -11.61
CA THR C 345 -13.66 62.92 -11.14
C THR C 345 -13.36 62.94 -9.65
N ARG C 346 -14.14 62.20 -8.87
CA ARG C 346 -13.91 62.05 -7.44
C ARG C 346 -13.81 60.56 -7.11
N PHE C 347 -12.64 60.14 -6.64
CA PHE C 347 -12.48 58.78 -6.16
C PHE C 347 -13.07 58.64 -4.77
N ALA C 348 -13.75 57.52 -4.53
CA ALA C 348 -14.42 57.33 -3.26
C ALA C 348 -13.42 57.16 -2.13
N SER C 349 -13.90 57.38 -0.90
CA SER C 349 -13.08 57.20 0.28
C SER C 349 -12.73 55.73 0.47
N VAL C 350 -11.54 55.48 1.03
CA VAL C 350 -11.13 54.10 1.29
C VAL C 350 -12.01 53.47 2.36
N TYR C 351 -12.30 54.21 3.44
CA TYR C 351 -13.14 53.65 4.50
C TYR C 351 -14.55 53.38 4.01
N ALA C 352 -15.00 54.11 2.98
CA ALA C 352 -16.30 53.86 2.36
C ALA C 352 -16.09 53.69 0.85
N TRP C 353 -15.74 52.47 0.46
CA TRP C 353 -15.56 52.12 -0.95
C TRP C 353 -16.91 52.05 -1.66
N ASN C 354 -16.92 52.35 -2.96
CA ASN C 354 -18.14 52.20 -3.75
C ASN C 354 -17.94 51.13 -4.80
N ARG C 355 -18.95 50.27 -4.96
CA ARG C 355 -18.86 49.15 -5.88
C ARG C 355 -19.91 49.29 -6.98
N LYS C 356 -19.51 48.99 -8.20
CA LYS C 356 -20.44 48.90 -9.31
C LYS C 356 -20.25 47.56 -10.03
N ARG C 357 -21.29 47.18 -10.78
CA ARG C 357 -21.33 45.88 -11.44
C ARG C 357 -21.28 46.04 -12.94
N ILE C 358 -20.49 45.18 -13.60
CA ILE C 358 -20.48 45.08 -15.05
C ILE C 358 -21.00 43.70 -15.43
N SER C 359 -21.95 43.68 -16.35
CA SER C 359 -22.60 42.47 -16.82
C SER C 359 -23.17 42.72 -18.21
N ASN C 360 -23.51 41.63 -18.90
CA ASN C 360 -24.12 41.68 -20.23
C ASN C 360 -23.28 42.55 -21.16
N CYS C 361 -22.01 42.18 -21.31
CA CYS C 361 -21.05 43.05 -21.95
C CYS C 361 -19.81 42.27 -22.34
N VAL C 362 -19.01 42.85 -23.23
CA VAL C 362 -17.70 42.33 -23.59
C VAL C 362 -16.63 43.25 -23.04
N ALA C 363 -15.71 42.69 -22.27
CA ALA C 363 -14.63 43.43 -21.65
C ALA C 363 -13.30 42.95 -22.18
N ASP C 364 -12.46 43.89 -22.62
CA ASP C 364 -11.10 43.59 -23.04
C ASP C 364 -10.15 44.02 -21.94
N TYR C 365 -9.53 43.06 -21.28
CA TYR C 365 -8.61 43.34 -20.19
C TYR C 365 -7.19 43.57 -20.66
N SER C 366 -6.90 43.33 -21.94
CA SER C 366 -5.55 43.49 -22.45
C SER C 366 -5.12 44.95 -22.41
N VAL C 367 -6.01 45.86 -22.84
CA VAL C 367 -5.68 47.29 -22.82
C VAL C 367 -5.50 47.77 -21.38
N LEU C 368 -6.24 47.19 -20.45
CA LEU C 368 -6.07 47.51 -19.04
C LEU C 368 -4.69 47.06 -18.55
N TYR C 369 -4.34 45.80 -18.84
CA TYR C 369 -3.12 45.22 -18.29
C TYR C 369 -1.86 45.84 -18.91
N ASN C 370 -1.84 45.98 -20.24
CA ASN C 370 -0.62 46.42 -20.91
C ASN C 370 -0.24 47.85 -20.55
N SER C 371 -1.23 48.69 -20.26
CA SER C 371 -0.96 50.07 -19.86
C SER C 371 -0.11 50.11 -18.60
N ALA C 372 0.96 50.90 -18.64
CA ALA C 372 1.93 50.96 -17.54
C ALA C 372 1.59 52.02 -16.51
N SER C 373 0.52 52.79 -16.72
CA SER C 373 0.12 53.78 -15.72
C SER C 373 -0.20 53.13 -14.39
N PHE C 374 -0.76 51.93 -14.42
CA PHE C 374 -1.12 51.22 -13.21
C PHE C 374 0.13 50.68 -12.53
N SER C 375 0.37 51.11 -11.28
CA SER C 375 1.62 50.79 -10.62
C SER C 375 1.72 49.32 -10.23
N THR C 376 0.68 48.80 -9.57
CA THR C 376 0.65 47.40 -9.16
C THR C 376 -0.57 46.74 -9.76
N PHE C 377 -0.36 45.57 -10.37
CA PHE C 377 -1.43 44.80 -11.00
C PHE C 377 -1.33 43.37 -10.47
N LYS C 378 -1.90 43.14 -9.28
CA LYS C 378 -1.78 41.84 -8.63
C LYS C 378 -3.05 41.04 -8.86
N CYS C 379 -2.94 39.91 -9.54
CA CYS C 379 -4.09 39.07 -9.83
C CYS C 379 -3.92 37.72 -9.18
N TYR C 380 -4.91 37.34 -8.37
CA TYR C 380 -4.89 36.10 -7.60
C TYR C 380 -5.89 35.14 -8.22
N GLY C 381 -5.49 33.88 -8.38
CA GLY C 381 -6.42 32.91 -8.94
C GLY C 381 -6.49 32.82 -10.44
N VAL C 382 -6.59 33.94 -11.13
CA VAL C 382 -6.60 33.98 -12.59
C VAL C 382 -5.40 34.77 -13.07
N SER C 383 -4.64 34.19 -13.99
CA SER C 383 -3.42 34.82 -14.48
C SER C 383 -3.74 36.03 -15.36
N PRO C 384 -2.99 37.12 -15.21
CA PRO C 384 -3.34 38.35 -15.95
C PRO C 384 -3.41 38.17 -17.45
N THR C 385 -2.51 37.39 -18.03
CA THR C 385 -2.53 37.18 -19.47
C THR C 385 -3.83 36.52 -19.93
N LYS C 386 -4.35 35.60 -19.14
CA LYS C 386 -5.49 34.79 -19.55
C LYS C 386 -6.84 35.35 -19.08
N LEU C 387 -6.87 36.51 -18.42
CA LEU C 387 -8.16 37.11 -18.09
C LEU C 387 -9.01 37.32 -19.33
N ASN C 388 -8.38 37.58 -20.47
CA ASN C 388 -9.13 37.85 -21.69
C ASN C 388 -9.92 36.63 -22.13
N ASP C 389 -9.36 35.44 -21.97
CA ASP C 389 -10.00 34.23 -22.48
C ASP C 389 -11.24 33.87 -21.69
N LEU C 390 -11.23 34.08 -20.38
CA LEU C 390 -12.29 33.59 -19.52
C LEU C 390 -13.59 34.33 -19.76
N CYS C 391 -14.68 33.72 -19.29
CA CYS C 391 -16.00 34.33 -19.23
C CYS C 391 -16.50 34.30 -17.80
N PHE C 392 -17.09 35.41 -17.36
CA PHE C 392 -17.57 35.53 -15.99
C PHE C 392 -19.05 35.86 -16.01
N THR C 393 -19.75 35.48 -14.93
CA THR C 393 -21.15 35.83 -14.80
C THR C 393 -21.31 37.34 -14.60
N ASN C 394 -20.47 37.94 -13.76
CA ASN C 394 -20.56 39.34 -13.41
C ASN C 394 -19.25 39.76 -12.77
N VAL C 395 -18.83 41.01 -13.03
CA VAL C 395 -17.59 41.52 -12.44
C VAL C 395 -17.89 42.74 -11.59
N TYR C 396 -17.39 42.73 -10.35
CA TYR C 396 -17.54 43.84 -9.43
C TYR C 396 -16.28 44.70 -9.50
N ALA C 397 -16.47 46.01 -9.69
CA ALA C 397 -15.39 46.97 -9.55
C ALA C 397 -15.57 47.73 -8.24
N ASP C 398 -14.59 47.62 -7.36
CA ASP C 398 -14.55 48.37 -6.11
C ASP C 398 -13.61 49.54 -6.29
N SER C 399 -14.12 50.73 -6.04
CA SER C 399 -13.39 51.97 -6.22
C SER C 399 -13.22 52.64 -4.87
N PHE C 400 -11.99 53.06 -4.59
CA PHE C 400 -11.63 53.84 -3.42
C PHE C 400 -10.21 54.34 -3.63
N VAL C 401 -9.83 55.34 -2.85
CA VAL C 401 -8.47 55.86 -2.87
C VAL C 401 -7.88 55.72 -1.47
N ILE C 402 -6.68 55.15 -1.39
CA ILE C 402 -6.00 54.91 -0.13
C ILE C 402 -4.56 55.38 -0.27
N ARG C 403 -3.96 55.71 0.87
CA ARG C 403 -2.55 56.06 0.91
C ARG C 403 -1.70 54.92 0.35
N GLY C 404 -0.62 55.29 -0.34
CA GLY C 404 0.23 54.28 -0.95
C GLY C 404 0.79 53.30 0.05
N ASP C 405 1.18 53.80 1.24
CA ASP C 405 1.78 52.93 2.24
C ASP C 405 0.86 51.77 2.60
N GLU C 406 -0.45 51.98 2.50
CA GLU C 406 -1.43 50.98 2.90
C GLU C 406 -1.80 50.04 1.76
N VAL C 407 -1.24 50.24 0.56
CA VAL C 407 -1.71 49.47 -0.60
C VAL C 407 -1.40 47.98 -0.43
N ARG C 408 -0.33 47.66 0.30
CA ARG C 408 -0.03 46.25 0.54
C ARG C 408 -1.10 45.58 1.38
N GLN C 409 -1.72 46.34 2.29
CA GLN C 409 -2.76 45.77 3.15
C GLN C 409 -3.97 45.29 2.36
N ILE C 410 -4.22 45.84 1.19
CA ILE C 410 -5.38 45.43 0.41
C ILE C 410 -5.00 44.22 -0.43
N ALA C 411 -5.08 43.04 0.19
CA ALA C 411 -4.71 41.77 -0.42
C ALA C 411 -5.54 40.68 0.24
N PRO C 412 -5.69 39.54 -0.41
CA PRO C 412 -6.43 38.43 0.23
C PRO C 412 -5.71 37.96 1.48
N GLY C 413 -6.44 37.99 2.60
CA GLY C 413 -5.90 37.53 3.87
C GLY C 413 -4.89 38.44 4.52
N GLN C 414 -4.66 39.63 3.98
CA GLN C 414 -3.68 40.54 4.55
C GLN C 414 -4.28 41.27 5.74
N THR C 415 -3.41 41.72 6.65
CA THR C 415 -3.84 42.34 7.89
C THR C 415 -3.29 43.76 8.01
N GLY C 416 -4.18 44.70 8.27
CA GLY C 416 -3.81 46.07 8.56
C GLY C 416 -4.97 46.76 9.24
N LYS C 417 -4.65 47.85 9.97
CA LYS C 417 -5.70 48.54 10.72
C LYS C 417 -6.80 49.04 9.78
N ILE C 418 -6.42 49.79 8.75
CA ILE C 418 -7.39 50.22 7.74
C ILE C 418 -7.93 49.01 7.00
N ALA C 419 -7.06 48.03 6.70
CA ALA C 419 -7.50 46.84 5.98
C ALA C 419 -8.49 46.03 6.82
N ASP C 420 -8.11 45.66 8.04
CA ASP C 420 -8.97 44.82 8.85
C ASP C 420 -10.25 45.54 9.22
N TYR C 421 -10.15 46.81 9.62
CA TYR C 421 -11.31 47.52 10.14
C TYR C 421 -12.27 47.92 9.02
N ASN C 422 -11.76 48.57 7.96
CA ASN C 422 -12.65 49.11 6.94
C ASN C 422 -12.86 48.17 5.75
N TYR C 423 -11.80 47.87 5.00
CA TYR C 423 -11.91 47.09 3.78
C TYR C 423 -10.83 46.02 3.74
N LYS C 424 -11.25 44.75 3.79
CA LYS C 424 -10.32 43.63 3.69
C LYS C 424 -10.85 42.62 2.69
N LEU C 425 -9.97 42.17 1.81
CA LEU C 425 -10.35 41.17 0.82
C LEU C 425 -10.67 39.85 1.52
N PRO C 426 -11.67 39.10 1.04
CA PRO C 426 -11.98 37.82 1.68
C PRO C 426 -10.86 36.81 1.46
N ASP C 427 -10.66 35.95 2.46
CA ASP C 427 -9.51 35.04 2.48
C ASP C 427 -9.76 33.90 1.51
N ASP C 428 -9.80 34.26 0.22
CA ASP C 428 -10.04 33.33 -0.88
C ASP C 428 -9.80 34.07 -2.19
N PHE C 429 -10.22 33.47 -3.30
CA PHE C 429 -10.05 34.08 -4.61
C PHE C 429 -10.48 35.54 -4.62
N THR C 430 -9.63 36.38 -5.19
CA THR C 430 -9.97 37.74 -5.60
C THR C 430 -9.49 37.92 -7.02
N GLY C 431 -10.33 38.53 -7.86
CA GLY C 431 -9.99 38.63 -9.28
C GLY C 431 -8.67 39.34 -9.51
N CYS C 432 -8.62 40.64 -9.23
CA CYS C 432 -7.43 41.44 -9.48
C CYS C 432 -7.51 42.71 -8.65
N VAL C 433 -6.34 43.28 -8.35
CA VAL C 433 -6.22 44.54 -7.65
C VAL C 433 -5.26 45.43 -8.43
N ILE C 434 -5.74 46.61 -8.84
CA ILE C 434 -4.99 47.58 -9.62
C ILE C 434 -4.79 48.82 -8.76
N ALA C 435 -3.55 49.26 -8.63
CA ALA C 435 -3.24 50.43 -7.83
C ALA C 435 -2.27 51.33 -8.58
N TRP C 436 -2.63 52.59 -8.76
CA TRP C 436 -1.72 53.60 -9.27
C TRP C 436 -1.79 54.81 -8.34
N ASN C 437 -0.69 55.10 -7.65
CA ASN C 437 -0.71 56.17 -6.67
C ASN C 437 -0.78 57.53 -7.35
N SER C 438 -1.69 58.37 -6.87
CA SER C 438 -1.99 59.67 -7.48
C SER C 438 -2.01 60.72 -6.37
N ASN C 439 -0.98 60.70 -5.52
CA ASN C 439 -0.93 61.61 -4.37
C ASN C 439 -0.97 63.07 -4.80
N ASN C 440 -0.55 63.37 -6.03
CA ASN C 440 -0.63 64.76 -6.50
C ASN C 440 -2.06 65.27 -6.51
N LEU C 441 -3.01 64.45 -6.98
CA LEU C 441 -4.41 64.85 -6.96
C LEU C 441 -4.94 64.97 -5.53
N ASP C 442 -4.40 64.18 -4.61
CA ASP C 442 -4.84 64.23 -3.22
C ASP C 442 -4.33 65.49 -2.53
N SER C 443 -4.97 65.83 -1.42
CA SER C 443 -4.61 66.99 -0.60
C SER C 443 -4.61 68.28 -1.40
N ASN C 460 -14.65 44.73 15.05
CA ASN C 460 -14.12 44.27 13.78
C ASN C 460 -15.25 43.97 12.81
N LEU C 461 -14.94 43.92 11.51
CA LEU C 461 -15.93 43.70 10.47
C LEU C 461 -15.51 42.55 9.58
N LYS C 462 -16.49 41.86 9.03
CA LYS C 462 -16.26 40.70 8.17
C LYS C 462 -15.86 41.15 6.77
N PRO C 463 -15.33 40.24 5.94
CA PRO C 463 -14.79 40.67 4.64
C PRO C 463 -15.89 41.18 3.70
N PHE C 464 -15.49 42.11 2.83
CA PHE C 464 -16.40 42.74 1.87
C PHE C 464 -17.58 43.42 2.58
N GLU C 465 -17.28 44.16 3.65
CA GLU C 465 -18.31 44.86 4.41
C GLU C 465 -17.97 46.34 4.47
N ARG C 466 -18.97 47.19 4.23
CA ARG C 466 -18.82 48.63 4.26
C ARG C 466 -19.12 49.15 5.66
N ASP C 467 -18.23 49.98 6.19
CA ASP C 467 -18.35 50.52 7.54
C ASP C 467 -18.67 52.01 7.45
N ILE C 468 -19.77 52.41 8.10
CA ILE C 468 -20.21 53.80 8.13
C ILE C 468 -20.10 54.39 9.52
N SER C 469 -19.70 53.59 10.51
CA SER C 469 -19.61 54.05 11.88
C SER C 469 -18.52 55.10 12.03
N THR C 470 -18.76 56.07 12.90
CA THR C 470 -17.81 57.15 13.14
C THR C 470 -16.75 56.74 14.15
N VAL C 510 -6.97 53.09 -6.60
CA VAL C 510 -6.87 51.67 -6.38
C VAL C 510 -8.23 50.99 -6.51
N VAL C 511 -8.41 50.25 -7.59
CA VAL C 511 -9.65 49.55 -7.90
C VAL C 511 -9.40 48.05 -7.76
N VAL C 512 -10.25 47.39 -6.98
CA VAL C 512 -10.20 45.94 -6.81
C VAL C 512 -11.40 45.36 -7.54
N LEU C 513 -11.16 44.57 -8.58
CA LEU C 513 -12.27 44.01 -9.34
C LEU C 513 -12.26 42.49 -9.18
N SER C 514 -13.39 41.94 -8.75
CA SER C 514 -13.52 40.52 -8.45
C SER C 514 -14.69 39.96 -9.24
N PHE C 515 -14.52 38.75 -9.76
CA PHE C 515 -15.56 38.08 -10.54
C PHE C 515 -15.84 36.70 -9.96
N GLU C 516 -17.12 36.33 -9.94
CA GLU C 516 -17.48 34.95 -9.69
C GLU C 516 -17.25 34.14 -10.97
N LEU C 517 -16.78 32.91 -10.82
CA LEU C 517 -16.44 32.06 -11.95
C LEU C 517 -17.51 30.99 -12.14
N LEU C 518 -18.24 31.08 -13.24
CA LEU C 518 -19.15 30.01 -13.70
C LEU C 518 -20.24 29.71 -12.68
N HIS C 519 -20.77 30.75 -12.03
CA HIS C 519 -21.92 30.59 -11.14
C HIS C 519 -23.19 30.32 -11.94
N ALA C 520 -23.30 30.94 -13.11
CA ALA C 520 -24.55 31.13 -13.84
C ALA C 520 -24.18 31.33 -15.30
N PRO C 521 -25.13 31.50 -16.21
CA PRO C 521 -24.74 31.79 -17.60
C PRO C 521 -23.86 33.03 -17.67
N ALA C 522 -22.73 32.90 -18.34
CA ALA C 522 -21.76 33.99 -18.39
C ALA C 522 -22.33 35.18 -19.15
N THR C 523 -22.19 36.36 -18.55
CA THR C 523 -22.70 37.58 -19.15
C THR C 523 -21.61 38.54 -19.62
N VAL C 524 -20.42 38.48 -19.01
CA VAL C 524 -19.29 39.28 -19.43
C VAL C 524 -18.20 38.33 -19.93
N CYS C 525 -17.66 38.63 -21.11
CA CYS C 525 -16.66 37.79 -21.75
C CYS C 525 -15.58 38.65 -22.38
N GLY C 526 -14.50 38.01 -22.80
CA GLY C 526 -13.45 38.67 -23.52
C GLY C 526 -13.76 38.76 -25.00
N PRO C 527 -12.99 39.59 -25.69
CA PRO C 527 -13.21 39.80 -27.13
C PRO C 527 -12.62 38.68 -27.99
N LYS C 528 -13.28 37.52 -27.95
CA LYS C 528 -12.89 36.37 -28.75
C LYS C 528 -14.00 36.07 -29.76
N LYS C 529 -13.64 36.03 -31.04
CA LYS C 529 -14.62 35.72 -32.07
C LYS C 529 -15.09 34.28 -31.92
N SER C 530 -16.40 34.08 -32.06
CA SER C 530 -17.00 32.75 -31.91
C SER C 530 -17.12 32.10 -33.28
N THR C 531 -16.49 30.94 -33.43
CA THR C 531 -16.50 30.20 -34.68
C THR C 531 -17.78 29.39 -34.85
N ASN C 532 -18.00 28.91 -36.06
CA ASN C 532 -19.20 28.16 -36.37
C ASN C 532 -19.19 26.80 -35.68
N LEU C 533 -20.36 26.38 -35.22
CA LEU C 533 -20.48 25.12 -34.47
C LEU C 533 -20.44 23.92 -35.41
N VAL C 534 -19.82 22.83 -34.93
CA VAL C 534 -19.66 21.61 -35.70
C VAL C 534 -20.10 20.44 -34.83
N LYS C 535 -20.60 19.38 -35.46
CA LYS C 535 -21.13 18.22 -34.76
C LYS C 535 -20.53 16.94 -35.32
N ASN C 536 -20.59 15.89 -34.51
CA ASN C 536 -20.18 14.54 -34.88
C ASN C 536 -18.71 14.48 -35.32
N LYS C 537 -17.88 15.28 -34.67
CA LYS C 537 -16.44 15.24 -34.91
C LYS C 537 -15.72 15.55 -33.61
N CYS C 538 -14.52 15.00 -33.46
CA CYS C 538 -13.66 15.35 -32.32
C CYS C 538 -13.19 16.80 -32.48
N VAL C 539 -13.63 17.66 -31.58
CA VAL C 539 -13.29 19.07 -31.57
C VAL C 539 -12.91 19.46 -30.15
N ASN C 540 -11.93 20.35 -30.02
CA ASN C 540 -11.62 20.91 -28.70
C ASN C 540 -12.47 22.18 -28.54
N PHE C 541 -13.65 21.98 -27.97
CA PHE C 541 -14.60 23.06 -27.80
C PHE C 541 -14.18 23.98 -26.65
N ASN C 542 -14.57 25.25 -26.78
CA ASN C 542 -14.46 26.24 -25.72
C ASN C 542 -15.81 26.95 -25.62
N PHE C 543 -16.72 26.38 -24.85
CA PHE C 543 -18.03 27.00 -24.62
C PHE C 543 -17.98 27.89 -23.38
N ASN C 544 -17.96 29.20 -23.58
CA ASN C 544 -18.02 30.17 -22.48
C ASN C 544 -16.94 29.88 -21.43
N GLY C 545 -15.73 29.58 -21.91
CA GLY C 545 -14.63 29.26 -21.02
C GLY C 545 -14.49 27.80 -20.64
N LEU C 546 -15.45 26.95 -20.99
CA LEU C 546 -15.31 25.51 -20.79
C LEU C 546 -14.48 24.95 -21.92
N THR C 547 -13.28 24.48 -21.61
CA THR C 547 -12.35 23.98 -22.61
C THR C 547 -12.23 22.48 -22.47
N GLY C 548 -12.56 21.75 -23.53
CA GLY C 548 -12.45 20.31 -23.49
C GLY C 548 -12.54 19.70 -24.86
N THR C 549 -11.95 18.52 -25.00
CA THR C 549 -11.90 17.81 -26.26
C THR C 549 -12.98 16.73 -26.28
N GLY C 550 -13.90 16.81 -27.23
CA GLY C 550 -14.97 15.83 -27.32
C GLY C 550 -15.68 15.94 -28.64
N VAL C 551 -16.61 15.01 -28.85
CA VAL C 551 -17.50 15.05 -29.99
C VAL C 551 -18.84 15.63 -29.51
N LEU C 552 -19.19 16.80 -30.06
CA LEU C 552 -20.50 17.39 -29.82
C LEU C 552 -21.55 16.66 -30.64
N THR C 553 -22.64 16.27 -29.99
CA THR C 553 -23.70 15.55 -30.66
C THR C 553 -25.04 16.18 -30.30
N GLU C 554 -25.96 16.18 -31.25
CA GLU C 554 -27.30 16.70 -31.00
C GLU C 554 -27.94 15.92 -29.86
N SER C 555 -28.49 16.66 -28.89
CA SER C 555 -28.94 16.08 -27.63
C SER C 555 -30.46 16.14 -27.55
N ASN C 556 -31.08 15.00 -27.25
CA ASN C 556 -32.50 14.92 -26.99
C ASN C 556 -32.83 14.99 -25.51
N LYS C 557 -31.82 15.12 -24.65
CA LYS C 557 -32.04 15.25 -23.22
C LYS C 557 -32.85 16.51 -22.92
N LYS C 558 -33.74 16.43 -21.94
CA LYS C 558 -34.50 17.60 -21.54
C LYS C 558 -33.64 18.54 -20.72
N PHE C 559 -33.86 19.84 -20.88
CA PHE C 559 -33.03 20.85 -20.24
C PHE C 559 -33.92 21.96 -19.71
N LEU C 560 -33.49 22.60 -18.62
CA LEU C 560 -34.29 23.63 -17.99
C LEU C 560 -33.55 24.97 -18.02
N PRO C 561 -34.30 26.08 -18.08
CA PRO C 561 -33.66 27.38 -18.36
C PRO C 561 -32.63 27.82 -17.34
N PHE C 562 -32.87 27.62 -16.04
CA PHE C 562 -31.91 28.10 -15.04
C PHE C 562 -30.58 27.38 -15.18
N GLN C 563 -30.61 26.12 -15.62
CA GLN C 563 -29.40 25.33 -15.78
C GLN C 563 -28.62 25.74 -17.02
N GLN C 564 -27.30 25.66 -16.95
CA GLN C 564 -26.44 25.91 -18.10
C GLN C 564 -25.65 24.69 -18.54
N PHE C 565 -24.83 24.11 -17.66
CA PHE C 565 -23.87 23.09 -18.10
C PHE C 565 -24.46 21.69 -18.10
N GLY C 566 -25.04 21.28 -16.98
CA GLY C 566 -25.52 19.92 -16.89
C GLY C 566 -24.43 18.87 -16.88
N ARG C 567 -23.43 19.03 -16.02
CA ARG C 567 -22.39 18.03 -15.89
C ARG C 567 -22.88 16.85 -15.07
N ASP C 568 -22.50 15.65 -15.49
CA ASP C 568 -22.87 14.42 -14.81
C ASP C 568 -21.81 14.08 -13.76
N ILE C 569 -21.84 12.85 -13.26
CA ILE C 569 -20.94 12.42 -12.19
C ILE C 569 -19.48 12.64 -12.59
N ALA C 570 -18.62 12.77 -11.58
CA ALA C 570 -17.17 12.94 -11.71
C ALA C 570 -16.78 14.32 -12.22
N ASP C 571 -17.67 15.30 -12.09
CA ASP C 571 -17.38 16.69 -12.45
C ASP C 571 -16.90 16.80 -13.89
N THR C 572 -17.53 16.05 -14.78
CA THR C 572 -17.29 16.14 -16.21
C THR C 572 -18.55 16.64 -16.90
N THR C 573 -18.40 17.61 -17.79
CA THR C 573 -19.56 18.23 -18.44
C THR C 573 -20.08 17.29 -19.51
N ASP C 574 -21.12 16.53 -19.17
CA ASP C 574 -21.73 15.62 -20.13
C ASP C 574 -22.38 16.38 -21.28
N ALA C 575 -23.08 17.47 -20.97
CA ALA C 575 -23.77 18.28 -21.97
C ALA C 575 -23.32 19.72 -21.83
N VAL C 576 -23.77 20.55 -22.77
CA VAL C 576 -23.50 21.98 -22.73
C VAL C 576 -24.56 22.70 -23.54
N ARG C 577 -24.80 23.97 -23.22
CA ARG C 577 -25.69 24.82 -24.00
C ARG C 577 -24.89 25.99 -24.55
N ASP C 578 -24.76 26.04 -25.86
CA ASP C 578 -24.04 27.14 -26.48
C ASP C 578 -24.77 28.46 -26.24
N PRO C 579 -24.05 29.55 -26.03
CA PRO C 579 -24.73 30.83 -25.74
C PRO C 579 -25.58 31.33 -26.90
N GLN C 580 -25.10 31.20 -28.13
CA GLN C 580 -25.77 31.83 -29.26
C GLN C 580 -27.09 31.13 -29.59
N THR C 581 -27.06 29.81 -29.74
CA THR C 581 -28.22 29.10 -30.25
C THR C 581 -29.13 28.60 -29.14
N LEU C 582 -28.70 28.63 -27.88
CA LEU C 582 -29.47 28.12 -26.76
C LEU C 582 -29.94 26.69 -27.02
N GLU C 583 -29.01 25.87 -27.53
CA GLU C 583 -29.27 24.47 -27.81
C GLU C 583 -28.28 23.62 -27.03
N ILE C 584 -28.77 22.53 -26.46
CA ILE C 584 -27.93 21.65 -25.65
C ILE C 584 -27.38 20.54 -26.52
N LEU C 585 -26.10 20.25 -26.34
CA LEU C 585 -25.38 19.23 -27.08
C LEU C 585 -24.71 18.29 -26.09
N ASP C 586 -24.84 16.99 -26.33
CA ASP C 586 -24.07 16.01 -25.57
C ASP C 586 -22.61 16.10 -25.94
N ILE C 587 -21.75 16.00 -24.93
CA ILE C 587 -20.31 15.99 -25.11
C ILE C 587 -19.83 14.58 -24.85
N THR C 588 -19.36 13.90 -25.90
CA THR C 588 -18.92 12.55 -25.66
C THR C 588 -17.41 12.45 -25.82
N PRO C 589 -16.71 11.74 -24.95
CA PRO C 589 -15.25 11.65 -25.09
C PRO C 589 -14.86 10.91 -26.36
N CYS C 590 -13.78 11.39 -26.97
CA CYS C 590 -13.32 10.80 -28.22
C CYS C 590 -12.95 9.33 -28.02
N SER C 591 -13.25 8.52 -29.03
CA SER C 591 -13.02 7.09 -28.91
C SER C 591 -11.56 6.80 -28.63
N PHE C 592 -11.30 6.05 -27.57
CA PHE C 592 -9.95 5.79 -27.12
C PHE C 592 -9.86 4.35 -26.63
N GLY C 593 -8.68 3.76 -26.75
CA GLY C 593 -8.52 2.38 -26.32
C GLY C 593 -7.07 2.03 -26.15
N GLY C 594 -6.82 0.81 -25.67
CA GLY C 594 -5.48 0.29 -25.69
C GLY C 594 -5.15 -0.35 -27.03
N VAL C 595 -3.91 -0.16 -27.49
CA VAL C 595 -3.36 -0.90 -28.61
C VAL C 595 -2.44 -1.97 -28.06
N SER C 596 -2.71 -3.22 -28.43
CA SER C 596 -1.88 -4.35 -28.13
C SER C 596 -1.37 -4.93 -29.44
N VAL C 597 -0.22 -5.61 -29.38
CA VAL C 597 0.39 -6.22 -30.54
C VAL C 597 0.37 -7.73 -30.38
N ILE C 598 -0.15 -8.42 -31.37
CA ILE C 598 -0.06 -9.87 -31.50
C ILE C 598 1.20 -10.15 -32.29
N THR C 599 2.13 -10.90 -31.70
CA THR C 599 3.32 -11.31 -32.41
C THR C 599 3.54 -12.80 -32.26
N PRO C 600 4.02 -13.46 -33.30
CA PRO C 600 4.32 -14.90 -33.21
C PRO C 600 5.67 -15.21 -32.61
N GLY C 601 6.37 -14.22 -32.07
CA GLY C 601 7.75 -14.40 -31.66
C GLY C 601 8.66 -13.71 -32.66
N THR C 602 9.61 -12.92 -32.17
CA THR C 602 10.46 -12.19 -33.11
C THR C 602 11.32 -13.13 -33.95
N ASN C 603 11.88 -14.17 -33.36
CA ASN C 603 12.90 -14.92 -34.09
C ASN C 603 12.28 -15.66 -35.27
N THR C 604 11.07 -16.20 -35.11
CA THR C 604 10.42 -16.91 -36.21
C THR C 604 10.05 -15.96 -37.33
N SER C 605 9.57 -14.76 -36.99
CA SER C 605 9.24 -13.75 -37.99
C SER C 605 9.08 -12.40 -37.30
N ASN C 606 9.11 -11.35 -38.11
CA ASN C 606 8.92 -9.99 -37.62
C ASN C 606 7.54 -9.43 -37.93
N GLN C 607 6.64 -10.26 -38.48
CA GLN C 607 5.30 -9.81 -38.78
C GLN C 607 4.48 -9.67 -37.52
N VAL C 608 3.64 -8.62 -37.46
CA VAL C 608 2.81 -8.36 -36.30
C VAL C 608 1.42 -7.97 -36.74
N ALA C 609 0.44 -8.23 -35.87
CA ALA C 609 -0.95 -7.81 -36.10
C ALA C 609 -1.41 -6.99 -34.91
N VAL C 610 -1.97 -5.81 -35.18
CA VAL C 610 -2.28 -4.86 -34.13
C VAL C 610 -3.74 -4.98 -33.75
N LEU C 611 -4.03 -4.97 -32.46
CA LEU C 611 -5.38 -5.02 -31.93
C LEU C 611 -5.70 -3.71 -31.23
N TYR C 612 -6.76 -3.06 -31.69
CA TYR C 612 -7.29 -1.85 -31.08
C TYR C 612 -8.47 -2.27 -30.22
N GLN C 613 -8.36 -2.04 -28.92
CA GLN C 613 -9.37 -2.56 -27.99
C GLN C 613 -10.66 -1.76 -28.11
N ASP C 614 -11.78 -2.49 -28.14
CA ASP C 614 -13.16 -1.98 -28.08
C ASP C 614 -13.34 -0.67 -28.85
N VAL C 615 -12.87 -0.66 -30.10
CA VAL C 615 -13.20 0.39 -31.05
C VAL C 615 -13.50 -0.27 -32.39
N ASN C 616 -14.53 0.22 -33.07
CA ASN C 616 -14.75 -0.18 -34.44
C ASN C 616 -13.75 0.52 -35.35
N CYS C 617 -13.26 -0.20 -36.35
CA CYS C 617 -12.29 0.37 -37.28
C CYS C 617 -13.01 1.15 -38.38
N THR C 618 -13.45 2.34 -38.00
CA THR C 618 -13.72 3.42 -38.92
C THR C 618 -12.66 4.52 -38.82
N GLU C 619 -11.67 4.35 -37.93
CA GLU C 619 -10.60 5.30 -37.74
C GLU C 619 -9.26 4.58 -37.75
N VAL C 620 -8.29 5.16 -38.43
CA VAL C 620 -6.94 4.61 -38.44
C VAL C 620 -6.20 5.07 -37.19
N ASN C 641 -6.40 -8.50 -43.62
CA ASN C 641 -6.40 -7.04 -43.52
C ASN C 641 -7.27 -6.59 -42.36
N VAL C 642 -7.85 -5.39 -42.49
CA VAL C 642 -8.70 -4.86 -41.42
C VAL C 642 -9.91 -5.75 -41.22
N PHE C 643 -10.16 -6.11 -39.97
CA PHE C 643 -11.26 -7.02 -39.64
C PHE C 643 -11.68 -6.77 -38.20
N GLN C 644 -12.97 -6.98 -37.92
CA GLN C 644 -13.60 -6.56 -36.68
C GLN C 644 -13.91 -7.75 -35.80
N THR C 645 -13.57 -7.65 -34.51
CA THR C 645 -13.82 -8.70 -33.54
C THR C 645 -14.58 -8.14 -32.35
N ARG C 646 -15.08 -9.05 -31.52
CA ARG C 646 -15.76 -8.64 -30.30
C ARG C 646 -14.80 -7.98 -29.33
N ALA C 647 -13.57 -8.48 -29.23
CA ALA C 647 -12.58 -7.88 -28.36
C ALA C 647 -12.21 -6.48 -28.81
N GLY C 648 -12.17 -6.25 -30.12
CA GLY C 648 -11.78 -4.98 -30.67
C GLY C 648 -11.62 -5.14 -32.17
N CYS C 649 -11.05 -4.11 -32.80
CA CYS C 649 -10.72 -4.25 -34.21
C CYS C 649 -9.29 -4.74 -34.37
N LEU C 650 -9.11 -5.75 -35.21
CA LEU C 650 -7.82 -6.41 -35.38
C LEU C 650 -7.36 -6.20 -36.82
N ILE C 651 -6.22 -5.54 -37.00
CA ILE C 651 -5.72 -5.18 -38.31
C ILE C 651 -4.37 -5.86 -38.53
N GLY C 652 -4.20 -6.47 -39.69
CA GLY C 652 -2.99 -7.19 -40.01
C GLY C 652 -3.05 -8.68 -39.77
N ALA C 653 -4.22 -9.23 -39.50
CA ALA C 653 -4.37 -10.66 -39.25
C ALA C 653 -5.48 -11.23 -40.11
N GLU C 654 -5.23 -12.38 -40.71
CA GLU C 654 -6.21 -13.05 -41.55
C GLU C 654 -7.29 -13.71 -40.70
N HIS C 655 -8.49 -13.85 -41.27
CA HIS C 655 -9.59 -14.53 -40.62
C HIS C 655 -9.93 -15.79 -41.38
N VAL C 656 -9.80 -16.94 -40.72
CA VAL C 656 -9.94 -18.24 -41.34
C VAL C 656 -11.21 -18.92 -40.81
N ASN C 657 -11.85 -19.70 -41.68
CA ASN C 657 -13.08 -20.42 -41.33
C ASN C 657 -12.76 -21.83 -40.81
N ASN C 658 -11.88 -21.88 -39.81
CA ASN C 658 -11.53 -23.15 -39.18
C ASN C 658 -10.87 -22.95 -37.83
N SER C 659 -11.34 -23.67 -36.83
CA SER C 659 -10.95 -23.46 -35.45
C SER C 659 -9.86 -24.42 -35.03
N TYR C 660 -8.92 -23.92 -34.22
CA TYR C 660 -7.78 -24.67 -33.74
C TYR C 660 -7.67 -24.52 -32.22
N GLU C 661 -6.73 -25.23 -31.62
CA GLU C 661 -6.30 -24.91 -30.28
C GLU C 661 -5.56 -23.58 -30.30
N CYS C 662 -6.01 -22.64 -29.49
CA CYS C 662 -5.74 -21.25 -29.84
C CYS C 662 -4.38 -20.86 -29.28
N ASP C 663 -3.51 -20.36 -30.16
CA ASP C 663 -2.12 -20.13 -29.82
C ASP C 663 -1.96 -18.92 -28.90
N ILE C 664 -2.55 -17.79 -29.28
CA ILE C 664 -2.39 -16.53 -28.55
C ILE C 664 -3.76 -15.96 -28.21
N PRO C 665 -4.02 -15.60 -26.95
CA PRO C 665 -5.37 -15.13 -26.60
C PRO C 665 -5.67 -13.70 -26.99
N ILE C 666 -6.50 -13.50 -28.01
CA ILE C 666 -6.96 -12.16 -28.34
C ILE C 666 -8.09 -11.74 -27.42
N GLY C 667 -9.06 -12.62 -27.20
CA GLY C 667 -10.18 -12.31 -26.34
C GLY C 667 -11.51 -12.65 -26.97
N ALA C 668 -12.55 -12.74 -26.14
CA ALA C 668 -13.91 -13.01 -26.60
C ALA C 668 -13.98 -14.29 -27.41
N GLY C 669 -13.26 -15.31 -26.96
CA GLY C 669 -13.27 -16.57 -27.67
C GLY C 669 -12.56 -16.55 -29.00
N ILE C 670 -11.70 -15.56 -29.23
CA ILE C 670 -10.93 -15.46 -30.46
C ILE C 670 -9.45 -15.48 -30.10
N CYS C 671 -8.68 -16.27 -30.83
CA CYS C 671 -7.24 -16.39 -30.65
C CYS C 671 -6.54 -16.32 -32.00
N ALA C 672 -5.28 -15.93 -31.98
CA ALA C 672 -4.49 -15.73 -33.20
C ALA C 672 -3.25 -16.62 -33.19
N SER C 673 -2.91 -17.16 -34.35
CA SER C 673 -1.75 -18.01 -34.53
C SER C 673 -1.03 -17.62 -35.81
N TYR C 674 0.13 -18.22 -36.03
CA TYR C 674 0.96 -17.98 -37.20
C TYR C 674 1.08 -19.28 -37.99
N GLN C 675 0.57 -19.29 -39.22
CA GLN C 675 0.52 -20.54 -39.98
C GLN C 675 0.88 -20.32 -41.43
N THR C 676 1.38 -21.38 -42.06
CA THR C 676 1.70 -21.36 -43.49
C THR C 676 0.57 -21.96 -44.31
N SER C 689 3.81 -17.83 -47.91
CA SER C 689 2.54 -18.53 -47.72
C SER C 689 2.10 -18.48 -46.26
N GLN C 690 2.97 -17.96 -45.41
CA GLN C 690 2.72 -17.90 -43.97
C GLN C 690 2.19 -16.53 -43.59
N SER C 691 1.18 -16.51 -42.73
CA SER C 691 0.57 -15.28 -42.25
C SER C 691 -0.02 -15.51 -40.87
N ILE C 692 -0.31 -14.38 -40.20
CA ILE C 692 -1.07 -14.42 -38.96
C ILE C 692 -2.54 -14.67 -39.29
N ILE C 693 -3.18 -15.52 -38.49
CA ILE C 693 -4.60 -15.80 -38.63
C ILE C 693 -5.26 -15.59 -37.28
N ALA C 694 -6.51 -15.13 -37.30
CA ALA C 694 -7.33 -15.04 -36.10
C ALA C 694 -8.60 -15.84 -36.32
N TYR C 695 -9.01 -16.56 -35.28
CA TYR C 695 -10.12 -17.49 -35.42
C TYR C 695 -10.81 -17.70 -34.08
N THR C 696 -12.00 -18.30 -34.14
CA THR C 696 -12.75 -18.67 -32.96
C THR C 696 -12.15 -19.94 -32.37
N MET C 697 -11.84 -19.91 -31.08
CA MET C 697 -11.14 -21.03 -30.45
C MET C 697 -12.01 -22.28 -30.43
N SER C 698 -11.38 -23.42 -30.70
CA SER C 698 -12.03 -24.72 -30.61
C SER C 698 -11.63 -25.39 -29.31
N LEU C 699 -12.62 -25.78 -28.50
CA LEU C 699 -12.34 -26.22 -27.14
C LEU C 699 -11.53 -27.51 -27.14
N GLY C 700 -11.95 -28.49 -27.93
CA GLY C 700 -11.24 -29.76 -28.03
C GLY C 700 -11.84 -30.61 -29.11
N ALA C 701 -11.20 -31.76 -29.34
CA ALA C 701 -11.70 -32.70 -30.33
C ALA C 701 -13.00 -33.34 -29.83
N GLU C 702 -14.01 -33.37 -30.70
CA GLU C 702 -15.34 -33.79 -30.30
C GLU C 702 -15.53 -35.27 -30.55
N ASN C 703 -15.70 -36.04 -29.49
CA ASN C 703 -16.07 -37.44 -29.60
C ASN C 703 -17.19 -37.75 -28.62
N SER C 704 -18.14 -38.56 -29.04
CA SER C 704 -19.23 -39.01 -28.18
C SER C 704 -19.01 -40.47 -27.83
N VAL C 705 -18.98 -40.76 -26.53
CA VAL C 705 -18.86 -42.14 -26.08
C VAL C 705 -20.09 -42.93 -26.52
N ALA C 706 -19.88 -44.21 -26.80
CA ALA C 706 -20.96 -45.07 -27.28
C ALA C 706 -21.72 -45.65 -26.09
N TYR C 707 -22.45 -44.77 -25.41
CA TYR C 707 -23.20 -45.18 -24.24
C TYR C 707 -24.40 -46.03 -24.63
N SER C 708 -24.54 -47.17 -23.96
CA SER C 708 -25.71 -48.02 -24.08
C SER C 708 -25.99 -48.62 -22.70
N ASN C 709 -27.26 -48.98 -22.48
CA ASN C 709 -27.66 -49.40 -21.14
C ASN C 709 -27.09 -50.76 -20.75
N ASN C 710 -26.64 -51.56 -21.72
CA ASN C 710 -26.08 -52.87 -21.41
C ASN C 710 -24.68 -53.06 -21.99
N SER C 711 -23.89 -51.99 -22.09
CA SER C 711 -22.54 -52.08 -22.62
C SER C 711 -21.56 -51.37 -21.70
N ILE C 712 -20.42 -52.00 -21.48
CA ILE C 712 -19.38 -51.46 -20.60
C ILE C 712 -18.03 -51.60 -21.29
N ALA C 713 -17.15 -50.65 -21.06
CA ALA C 713 -15.82 -50.69 -21.61
C ALA C 713 -14.84 -50.93 -20.50
N ILE C 714 -14.07 -52.01 -20.57
CA ILE C 714 -13.14 -52.40 -19.53
C ILE C 714 -11.74 -52.36 -20.09
N PRO C 715 -10.80 -51.68 -19.45
CA PRO C 715 -9.44 -51.59 -19.99
C PRO C 715 -8.70 -52.91 -19.83
N THR C 716 -8.01 -53.30 -20.89
CA THR C 716 -7.28 -54.56 -20.91
C THR C 716 -5.80 -54.38 -20.69
N ASN C 717 -5.32 -53.15 -20.53
CA ASN C 717 -3.90 -52.90 -20.36
C ASN C 717 -3.75 -51.59 -19.61
N PHE C 718 -2.52 -51.24 -19.26
CA PHE C 718 -2.29 -50.02 -18.50
C PHE C 718 -0.95 -49.43 -18.88
N THR C 719 -0.80 -48.14 -18.61
CA THR C 719 0.50 -47.50 -18.65
C THR C 719 0.70 -46.71 -17.36
N ILE C 720 1.87 -46.83 -16.76
CA ILE C 720 2.23 -46.03 -15.61
C ILE C 720 3.02 -44.83 -16.11
N SER C 721 2.55 -43.64 -15.77
CA SER C 721 3.11 -42.40 -16.28
C SER C 721 3.57 -41.55 -15.12
N VAL C 722 4.76 -40.99 -15.24
CA VAL C 722 5.27 -40.03 -14.27
C VAL C 722 5.14 -38.64 -14.88
N THR C 723 4.55 -37.73 -14.12
CA THR C 723 4.30 -36.38 -14.59
C THR C 723 4.87 -35.38 -13.59
N THR C 724 5.51 -34.34 -14.10
CA THR C 724 6.08 -33.32 -13.24
C THR C 724 5.01 -32.34 -12.77
N GLU C 725 5.23 -31.81 -11.57
CA GLU C 725 4.38 -30.78 -11.01
C GLU C 725 5.29 -29.83 -10.25
N ILE C 726 5.11 -28.53 -10.43
CA ILE C 726 6.08 -27.55 -9.98
C ILE C 726 5.38 -26.56 -9.06
N LEU C 727 5.93 -26.34 -7.87
CA LEU C 727 5.33 -25.42 -6.93
C LEU C 727 6.39 -24.51 -6.33
N PRO C 728 6.18 -23.19 -6.33
CA PRO C 728 7.08 -22.29 -5.61
C PRO C 728 6.76 -22.29 -4.12
N VAL C 729 7.78 -22.50 -3.30
CA VAL C 729 7.59 -22.60 -1.86
C VAL C 729 8.15 -21.40 -1.10
N SER C 730 9.02 -20.60 -1.71
CA SER C 730 9.57 -19.46 -1.00
C SER C 730 10.05 -18.42 -2.00
N MET C 731 10.08 -17.17 -1.55
CA MET C 731 10.67 -16.07 -2.30
C MET C 731 11.82 -15.50 -1.49
N THR C 732 12.75 -14.84 -2.17
CA THR C 732 13.98 -14.40 -1.51
C THR C 732 13.67 -13.42 -0.40
N LYS C 733 14.43 -13.54 0.69
CA LYS C 733 14.26 -12.69 1.86
C LYS C 733 15.00 -11.39 1.64
N THR C 734 14.28 -10.28 1.59
CA THR C 734 14.89 -8.97 1.39
C THR C 734 14.49 -8.05 2.53
N SER C 735 15.48 -7.41 3.14
CA SER C 735 15.27 -6.41 4.17
C SER C 735 15.86 -5.09 3.70
N VAL C 736 15.09 -4.02 3.80
CA VAL C 736 15.55 -2.70 3.38
C VAL C 736 15.51 -1.78 4.59
N ASP C 737 16.58 -1.02 4.76
CA ASP C 737 16.61 0.03 5.77
C ASP C 737 16.12 1.31 5.12
N CYS C 738 15.09 1.94 5.69
CA CYS C 738 14.71 3.26 5.20
C CYS C 738 15.88 4.21 5.24
N THR C 739 16.32 4.59 6.44
CA THR C 739 17.05 5.84 6.62
C THR C 739 18.11 6.02 5.56
N MET C 740 18.85 4.94 5.26
CA MET C 740 19.81 4.98 4.17
C MET C 740 19.12 5.08 2.81
N TYR C 741 18.00 4.39 2.62
CA TYR C 741 17.33 4.43 1.32
C TYR C 741 16.71 5.79 1.07
N ILE C 742 15.93 6.28 2.04
CA ILE C 742 15.21 7.54 1.87
C ILE C 742 16.16 8.72 1.88
N CYS C 743 17.15 8.72 2.77
CA CYS C 743 17.99 9.89 2.97
C CYS C 743 19.42 9.74 2.48
N GLY C 744 19.93 8.52 2.37
CA GLY C 744 21.29 8.36 1.90
C GLY C 744 22.32 9.05 2.77
N ASP C 745 22.35 8.70 4.06
CA ASP C 745 23.34 9.21 5.02
C ASP C 745 23.44 10.73 4.98
N SER C 746 22.27 11.38 4.93
CA SER C 746 22.17 12.84 4.98
C SER C 746 21.48 13.22 6.28
N THR C 747 22.14 14.06 7.08
CA THR C 747 21.67 14.33 8.44
C THR C 747 20.39 15.16 8.44
N GLU C 748 20.33 16.22 7.64
CA GLU C 748 19.12 17.04 7.62
C GLU C 748 17.93 16.23 7.12
N CYS C 749 18.15 15.42 6.09
CA CYS C 749 17.10 14.51 5.66
C CYS C 749 16.75 13.53 6.77
N SER C 750 17.76 13.08 7.54
CA SER C 750 17.49 12.19 8.66
C SER C 750 16.53 12.83 9.65
N ASN C 751 16.72 14.11 9.95
CA ASN C 751 15.81 14.79 10.88
C ASN C 751 14.42 14.95 10.29
N LEU C 752 14.32 15.40 9.04
CA LEU C 752 13.01 15.57 8.42
C LEU C 752 12.28 14.24 8.31
N LEU C 753 13.02 13.14 8.11
CA LEU C 753 12.40 11.83 8.12
C LEU C 753 11.98 11.43 9.53
N LEU C 754 12.81 11.74 10.52
CA LEU C 754 12.49 11.41 11.90
C LEU C 754 11.18 12.04 12.31
N GLN C 755 10.90 13.25 11.84
CA GLN C 755 9.68 13.89 12.30
C GLN C 755 8.41 13.24 11.73
N TYR C 756 8.53 12.43 10.67
CA TYR C 756 7.32 11.77 10.15
C TYR C 756 6.77 10.75 11.13
N GLY C 757 7.63 9.96 11.76
CA GLY C 757 7.16 9.07 12.79
C GLY C 757 7.70 7.66 12.76
N SER C 758 6.84 6.70 13.03
CA SER C 758 7.18 5.30 13.15
C SER C 758 6.94 4.52 11.87
N PHE C 759 6.93 5.19 10.71
CA PHE C 759 6.66 4.49 9.46
C PHE C 759 7.73 3.44 9.18
N CYS C 760 8.99 3.76 9.46
CA CYS C 760 10.07 2.86 9.07
C CYS C 760 10.25 1.68 10.01
N THR C 761 10.04 1.85 11.30
CA THR C 761 10.02 0.65 12.14
C THR C 761 8.90 -0.27 11.69
N GLN C 762 7.80 0.31 11.21
CA GLN C 762 6.67 -0.48 10.70
C GLN C 762 7.04 -1.20 9.42
N LEU C 763 7.71 -0.51 8.48
CA LEU C 763 8.11 -1.14 7.24
C LEU C 763 9.13 -2.26 7.48
N ASN C 764 10.11 -1.99 8.34
CA ASN C 764 11.09 -3.00 8.71
C ASN C 764 10.42 -4.20 9.34
N ARG C 765 9.42 -3.95 10.19
CA ARG C 765 8.71 -5.04 10.84
C ARG C 765 7.95 -5.89 9.83
N ALA C 766 7.30 -5.26 8.85
CA ALA C 766 6.62 -6.01 7.80
C ALA C 766 7.61 -6.86 7.01
N LEU C 767 8.73 -6.26 6.62
CA LEU C 767 9.70 -6.99 5.80
C LEU C 767 10.32 -8.15 6.57
N THR C 768 10.65 -7.95 7.84
CA THR C 768 11.21 -9.04 8.62
C THR C 768 10.16 -10.13 8.86
N GLY C 769 8.89 -9.73 8.93
CA GLY C 769 7.83 -10.72 9.05
C GLY C 769 7.76 -11.63 7.83
N ILE C 770 7.76 -11.05 6.63
CA ILE C 770 7.71 -11.90 5.45
C ILE C 770 9.01 -12.69 5.31
N ALA C 771 10.13 -12.11 5.76
CA ALA C 771 11.40 -12.81 5.71
C ALA C 771 11.36 -14.09 6.52
N VAL C 772 10.93 -14.01 7.77
CA VAL C 772 10.87 -15.21 8.59
C VAL C 772 9.76 -16.14 8.10
N GLU C 773 8.70 -15.58 7.49
CA GLU C 773 7.66 -16.43 6.91
C GLU C 773 8.21 -17.32 5.82
N GLN C 774 9.18 -16.82 5.06
CA GLN C 774 9.77 -17.62 3.98
C GLN C 774 10.48 -18.86 4.53
N ASP C 775 11.29 -18.66 5.59
CA ASP C 775 11.95 -19.79 6.23
C ASP C 775 10.92 -20.77 6.79
N LYS C 776 9.85 -20.24 7.38
CA LYS C 776 8.79 -21.12 7.85
C LYS C 776 8.18 -21.92 6.72
N ASN C 777 8.00 -21.31 5.55
CA ASN C 777 7.46 -22.01 4.39
C ASN C 777 8.35 -23.17 3.98
N THR C 778 9.64 -22.89 3.80
CA THR C 778 10.56 -23.95 3.37
C THR C 778 10.62 -25.07 4.38
N GLN C 779 10.75 -24.72 5.67
CA GLN C 779 10.84 -25.73 6.71
C GLN C 779 9.56 -26.55 6.82
N GLU C 780 8.41 -25.92 6.63
CA GLU C 780 7.14 -26.64 6.69
C GLU C 780 7.01 -27.59 5.51
N VAL C 781 7.45 -27.17 4.33
CA VAL C 781 7.29 -28.01 3.15
C VAL C 781 8.21 -29.22 3.22
N PHE C 782 9.49 -29.01 3.55
CA PHE C 782 10.46 -30.10 3.41
C PHE C 782 10.68 -30.88 4.68
N ALA C 783 10.62 -30.25 5.85
CA ALA C 783 10.95 -30.94 7.11
C ALA C 783 9.72 -31.67 7.64
N GLN C 784 9.33 -32.70 6.92
CA GLN C 784 8.27 -33.61 7.36
C GLN C 784 8.82 -34.97 7.73
N VAL C 785 10.12 -35.17 7.65
CA VAL C 785 10.77 -36.42 7.99
C VAL C 785 11.43 -36.25 9.35
N LYS C 786 11.14 -37.17 10.28
CA LYS C 786 11.72 -37.07 11.61
C LYS C 786 13.23 -37.23 11.55
N GLN C 787 13.71 -38.24 10.84
CA GLN C 787 15.13 -38.57 10.82
C GLN C 787 15.53 -38.95 9.41
N ILE C 788 16.66 -38.41 8.95
CA ILE C 788 17.08 -38.62 7.58
C ILE C 788 17.40 -40.08 7.34
N TYR C 789 16.86 -40.62 6.25
CA TYR C 789 16.94 -42.05 5.96
C TYR C 789 17.98 -42.29 4.88
N LYS C 790 18.99 -43.08 5.22
CA LYS C 790 19.95 -43.51 4.22
C LYS C 790 19.34 -44.61 3.36
N THR C 791 19.62 -44.56 2.07
CA THR C 791 19.20 -45.63 1.18
C THR C 791 20.21 -46.77 1.23
N PRO C 792 19.78 -48.00 0.96
CA PRO C 792 20.70 -49.13 1.09
C PRO C 792 21.78 -49.06 0.03
N PRO C 793 22.93 -49.70 0.27
CA PRO C 793 24.05 -49.56 -0.68
C PRO C 793 23.78 -50.11 -2.06
N ILE C 794 23.13 -51.26 -2.17
CA ILE C 794 22.85 -51.89 -3.45
C ILE C 794 21.38 -51.70 -3.80
N LYS C 795 21.13 -51.17 -4.99
CA LYS C 795 19.79 -50.84 -5.45
C LYS C 795 19.24 -52.01 -6.24
N ASP C 796 18.29 -52.76 -5.65
CA ASP C 796 17.65 -53.89 -6.29
C ASP C 796 16.15 -53.80 -6.08
N PHE C 797 15.58 -52.62 -6.33
CA PHE C 797 14.17 -52.36 -6.02
C PHE C 797 13.26 -53.01 -7.05
N GLY C 798 13.35 -54.33 -7.12
CA GLY C 798 12.43 -55.10 -7.96
C GLY C 798 12.37 -54.66 -9.41
N GLY C 799 13.51 -54.27 -9.97
CA GLY C 799 13.58 -53.86 -11.36
C GLY C 799 13.31 -52.39 -11.61
N PHE C 800 12.75 -51.68 -10.65
CA PHE C 800 12.58 -50.24 -10.79
C PHE C 800 13.93 -49.56 -10.63
N ASN C 801 14.10 -48.45 -11.33
CA ASN C 801 15.38 -47.76 -11.38
C ASN C 801 15.20 -46.33 -10.89
N PHE C 802 15.88 -45.99 -9.79
CA PHE C 802 15.78 -44.68 -9.17
C PHE C 802 17.07 -43.88 -9.25
N SER C 803 17.99 -44.28 -10.14
CA SER C 803 19.29 -43.64 -10.18
C SER C 803 19.16 -42.14 -10.46
N GLN C 804 18.21 -41.76 -11.31
CA GLN C 804 18.09 -40.36 -11.68
C GLN C 804 17.70 -39.49 -10.50
N ILE C 805 16.70 -39.92 -9.72
CA ILE C 805 16.18 -39.09 -8.65
C ILE C 805 16.89 -39.31 -7.32
N LEU C 806 17.75 -40.33 -7.22
CA LEU C 806 18.49 -40.59 -6.00
C LEU C 806 19.79 -39.80 -6.00
N PRO C 807 20.28 -39.38 -4.83
CA PRO C 807 21.50 -38.58 -4.79
C PRO C 807 22.71 -39.37 -5.27
N ASP C 808 23.62 -38.68 -5.95
CA ASP C 808 24.85 -39.26 -6.43
C ASP C 808 26.02 -38.72 -5.61
N PRO C 809 26.82 -39.58 -4.98
CA PRO C 809 27.95 -39.07 -4.19
C PRO C 809 29.00 -38.36 -5.03
N SER C 810 29.13 -38.73 -6.31
CA SER C 810 30.15 -38.12 -7.16
C SER C 810 29.97 -36.61 -7.26
N LYS C 811 28.73 -36.14 -7.35
CA LYS C 811 28.48 -34.71 -7.42
C LYS C 811 28.90 -34.04 -6.11
N PRO C 812 29.57 -32.89 -6.16
CA PRO C 812 29.91 -32.20 -4.91
C PRO C 812 28.70 -31.71 -4.15
N SER C 813 27.69 -31.19 -4.85
CA SER C 813 26.48 -30.72 -4.18
C SER C 813 25.68 -31.84 -3.53
N LYS C 814 25.93 -33.09 -3.92
CA LYS C 814 25.25 -34.26 -3.37
C LYS C 814 23.73 -34.14 -3.56
N ARG C 815 23.34 -33.79 -4.77
CA ARG C 815 21.95 -33.73 -5.17
C ARG C 815 21.75 -34.59 -6.40
N SER C 816 20.51 -35.01 -6.61
CA SER C 816 20.21 -35.96 -7.67
C SER C 816 20.40 -35.32 -9.05
N PHE C 817 20.43 -36.18 -10.06
CA PHE C 817 20.65 -35.70 -11.42
C PHE C 817 19.55 -34.75 -11.87
N ILE C 818 18.29 -35.11 -11.60
CA ILE C 818 17.18 -34.26 -12.02
C ILE C 818 17.18 -32.96 -11.22
N GLU C 819 17.58 -32.99 -9.95
CA GLU C 819 17.66 -31.76 -9.19
C GLU C 819 18.70 -30.80 -9.76
N ASP C 820 19.85 -31.33 -10.17
CA ASP C 820 20.86 -30.49 -10.81
C ASP C 820 20.35 -29.94 -12.13
N LEU C 821 19.62 -30.76 -12.88
CA LEU C 821 19.02 -30.29 -14.13
C LEU C 821 18.06 -29.14 -13.85
N LEU C 822 17.22 -29.28 -12.84
CA LEU C 822 16.26 -28.24 -12.49
C LEU C 822 16.97 -26.96 -12.04
N PHE C 823 18.07 -27.11 -11.29
CA PHE C 823 18.85 -25.95 -10.88
C PHE C 823 19.39 -25.21 -12.09
N ASN C 824 19.95 -25.95 -13.05
CA ASN C 824 20.48 -25.29 -14.24
C ASN C 824 19.37 -24.67 -15.09
N LYS C 825 18.15 -25.20 -15.01
CA LYS C 825 17.07 -24.66 -15.84
C LYS C 825 16.78 -23.20 -15.52
N VAL C 826 16.74 -22.83 -14.23
CA VAL C 826 16.46 -21.44 -13.88
C VAL C 826 17.75 -20.63 -13.95
N THR C 827 17.58 -19.31 -14.07
CA THR C 827 18.71 -18.39 -14.14
C THR C 827 18.49 -17.28 -13.11
N LEU C 828 18.95 -17.51 -11.89
CA LEU C 828 18.83 -16.51 -10.83
C LEU C 828 19.91 -15.46 -10.97
N LYS C 854 22.64 -5.47 -2.23
CA LYS C 854 23.84 -4.76 -1.82
C LYS C 854 24.01 -3.53 -2.70
N PHE C 855 23.00 -2.66 -2.76
CA PHE C 855 23.22 -1.45 -3.53
C PHE C 855 23.14 -0.18 -2.68
N ASN C 856 21.95 0.16 -2.18
CA ASN C 856 21.77 1.28 -1.25
C ASN C 856 20.68 0.95 -0.24
N GLY C 857 21.05 0.31 0.86
CA GLY C 857 20.09 0.02 1.90
C GLY C 857 19.29 -1.24 1.69
N LEU C 858 19.46 -1.92 0.56
CA LEU C 858 18.74 -3.15 0.26
C LEU C 858 19.68 -4.31 0.55
N THR C 859 19.22 -5.28 1.33
CA THR C 859 20.01 -6.47 1.60
C THR C 859 19.14 -7.70 1.38
N VAL C 860 19.74 -8.78 0.90
CA VAL C 860 19.05 -10.04 0.71
C VAL C 860 19.59 -11.03 1.73
N LEU C 861 18.76 -11.39 2.69
CA LEU C 861 19.19 -12.31 3.73
C LEU C 861 19.22 -13.74 3.18
N PRO C 862 20.22 -14.53 3.55
CA PRO C 862 20.30 -15.88 3.01
C PRO C 862 19.26 -16.77 3.66
N PRO C 863 18.71 -17.72 2.91
CA PRO C 863 17.71 -18.63 3.50
C PRO C 863 18.32 -19.47 4.61
N LEU C 864 17.50 -19.76 5.62
CA LEU C 864 17.99 -20.52 6.76
C LEU C 864 18.45 -21.91 6.36
N LEU C 865 17.67 -22.61 5.54
CA LEU C 865 18.04 -23.93 5.05
C LEU C 865 18.83 -23.76 3.77
N THR C 866 20.09 -24.19 3.79
CA THR C 866 20.89 -24.13 2.58
C THR C 866 20.34 -25.10 1.54
N ASP C 867 20.73 -24.87 0.28
CA ASP C 867 20.25 -25.74 -0.78
C ASP C 867 20.66 -27.18 -0.55
N GLU C 868 21.86 -27.39 0.01
CA GLU C 868 22.32 -28.73 0.33
C GLU C 868 21.44 -29.38 1.40
N MET C 869 21.00 -28.60 2.39
CA MET C 869 20.12 -29.14 3.42
C MET C 869 18.77 -29.55 2.84
N ILE C 870 18.25 -28.76 1.90
CA ILE C 870 16.98 -29.11 1.27
C ILE C 870 17.14 -30.36 0.43
N ALA C 871 18.25 -30.47 -0.30
CA ALA C 871 18.53 -31.69 -1.05
C ALA C 871 18.59 -32.89 -0.12
N GLN C 872 19.16 -32.70 1.08
CA GLN C 872 19.24 -33.79 2.04
C GLN C 872 17.85 -34.16 2.56
N TYR C 873 17.01 -33.17 2.81
CA TYR C 873 15.61 -33.43 3.17
C TYR C 873 14.92 -34.30 2.12
N THR C 874 15.02 -33.88 0.85
CA THR C 874 14.34 -34.64 -0.20
C THR C 874 14.93 -36.02 -0.37
N SER C 875 16.26 -36.15 -0.23
CA SER C 875 16.87 -37.47 -0.28
C SER C 875 16.35 -38.37 0.84
N ALA C 876 16.19 -37.81 2.03
CA ALA C 876 15.66 -38.59 3.15
C ALA C 876 14.23 -39.05 2.87
N LEU C 877 13.39 -38.12 2.41
CA LEU C 877 12.02 -38.46 2.08
C LEU C 877 11.96 -39.53 1.00
N LEU C 878 12.81 -39.40 -0.01
CA LEU C 878 12.79 -40.33 -1.13
C LEU C 878 13.26 -41.71 -0.71
N ALA C 879 14.33 -41.78 0.10
CA ALA C 879 14.79 -43.07 0.60
C ALA C 879 13.73 -43.71 1.47
N GLY C 880 13.06 -42.91 2.30
CA GLY C 880 12.01 -43.47 3.13
C GLY C 880 10.85 -44.02 2.32
N THR C 881 10.39 -43.28 1.31
CA THR C 881 9.26 -43.74 0.53
C THR C 881 9.63 -44.94 -0.33
N ILE C 882 10.88 -45.01 -0.78
CA ILE C 882 11.32 -46.15 -1.58
C ILE C 882 11.43 -47.40 -0.72
N THR C 883 12.05 -47.28 0.45
CA THR C 883 12.35 -48.47 1.24
C THR C 883 11.16 -48.91 2.07
N SER C 884 10.47 -47.99 2.73
CA SER C 884 9.47 -48.34 3.72
C SER C 884 8.05 -48.01 3.30
N GLY C 885 7.83 -47.54 2.09
CA GLY C 885 6.47 -47.23 1.68
C GLY C 885 5.94 -46.05 2.46
N TRP C 886 4.70 -46.17 2.93
CA TRP C 886 4.07 -45.10 3.70
C TRP C 886 4.22 -45.28 5.19
N THR C 887 4.90 -46.33 5.65
CA THR C 887 4.99 -46.58 7.09
C THR C 887 5.76 -45.47 7.80
N PHE C 888 6.79 -44.92 7.15
CA PHE C 888 7.65 -43.97 7.85
C PHE C 888 6.91 -42.68 8.17
N GLY C 889 5.95 -42.30 7.34
CA GLY C 889 5.13 -41.14 7.66
C GLY C 889 4.27 -41.36 8.89
N ALA C 890 3.74 -42.56 9.05
CA ALA C 890 2.90 -42.87 10.20
C ALA C 890 3.70 -42.91 11.48
N GLY C 891 4.93 -43.38 11.42
CA GLY C 891 5.73 -43.63 12.61
C GLY C 891 7.07 -44.23 12.27
N ALA C 892 7.44 -45.31 12.96
CA ALA C 892 8.69 -45.98 12.66
C ALA C 892 8.68 -46.50 11.24
N ALA C 893 9.83 -46.39 10.57
CA ALA C 893 9.94 -46.80 9.17
C ALA C 893 10.02 -48.33 9.10
N LEU C 894 9.01 -48.93 8.49
CA LEU C 894 8.91 -50.38 8.34
C LEU C 894 9.11 -50.72 6.87
N GLN C 895 10.09 -51.57 6.58
CA GLN C 895 10.51 -51.77 5.21
C GLN C 895 9.79 -52.95 4.56
N ILE C 896 9.37 -52.75 3.32
CA ILE C 896 8.73 -53.78 2.50
C ILE C 896 9.50 -53.83 1.19
N PRO C 897 9.66 -55.01 0.60
CA PRO C 897 10.23 -55.07 -0.75
C PRO C 897 9.40 -54.21 -1.71
N PHE C 898 10.10 -53.46 -2.57
CA PHE C 898 9.43 -52.43 -3.35
C PHE C 898 8.34 -53.02 -4.24
N ALA C 899 8.53 -54.25 -4.72
CA ALA C 899 7.48 -54.89 -5.50
C ALA C 899 6.23 -55.08 -4.67
N MET C 900 6.38 -55.60 -3.45
CA MET C 900 5.21 -55.82 -2.60
C MET C 900 4.54 -54.50 -2.23
N GLN C 901 5.32 -53.44 -2.09
CA GLN C 901 4.74 -52.14 -1.82
C GLN C 901 3.95 -51.63 -3.02
N MET C 902 4.47 -51.86 -4.22
CA MET C 902 3.73 -51.47 -5.41
C MET C 902 2.44 -52.27 -5.51
N ALA C 903 2.46 -53.52 -5.04
CA ALA C 903 1.25 -54.32 -4.98
C ALA C 903 0.25 -53.75 -4.00
N TYR C 904 0.74 -53.32 -2.82
CA TYR C 904 -0.09 -52.58 -1.89
C TYR C 904 -0.79 -51.43 -2.57
N ARG C 905 -0.03 -50.65 -3.36
CA ARG C 905 -0.57 -49.45 -3.96
C ARG C 905 -1.57 -49.77 -5.07
N PHE C 906 -1.33 -50.85 -5.83
CA PHE C 906 -2.33 -51.30 -6.79
C PHE C 906 -3.61 -51.71 -6.08
N ASN C 907 -3.51 -52.42 -4.95
CA ASN C 907 -4.72 -52.67 -4.16
C ASN C 907 -5.38 -51.36 -3.78
N GLY C 908 -4.57 -50.34 -3.50
CA GLY C 908 -5.12 -49.05 -3.17
C GLY C 908 -5.95 -48.44 -4.29
N ILE C 909 -5.49 -48.55 -5.54
CA ILE C 909 -6.22 -47.96 -6.65
C ILE C 909 -7.33 -48.85 -7.18
N GLY C 910 -7.52 -50.05 -6.62
CA GLY C 910 -8.60 -50.93 -7.00
C GLY C 910 -8.18 -52.14 -7.80
N VAL C 911 -6.98 -52.12 -8.39
CA VAL C 911 -6.49 -53.28 -9.14
C VAL C 911 -5.90 -54.30 -8.18
N THR C 912 -6.21 -55.57 -8.40
CA THR C 912 -5.70 -56.60 -7.51
C THR C 912 -4.19 -56.74 -7.65
N GLN C 913 -3.56 -57.29 -6.60
CA GLN C 913 -2.11 -57.27 -6.50
C GLN C 913 -1.45 -58.23 -7.47
N ASN C 914 -2.14 -59.29 -7.89
CA ASN C 914 -1.52 -60.22 -8.83
C ASN C 914 -1.20 -59.55 -10.17
N VAL C 915 -1.92 -58.48 -10.50
CA VAL C 915 -1.69 -57.79 -11.77
C VAL C 915 -0.29 -57.23 -11.83
N LEU C 916 0.24 -56.78 -10.69
CA LEU C 916 1.60 -56.27 -10.67
C LEU C 916 2.61 -57.40 -10.81
N TYR C 917 2.45 -58.45 -10.02
CA TYR C 917 3.45 -59.52 -10.01
C TYR C 917 3.52 -60.22 -11.35
N GLU C 918 2.38 -60.46 -11.99
CA GLU C 918 2.40 -61.08 -13.31
C GLU C 918 3.02 -60.16 -14.35
N ASN C 919 2.96 -58.84 -14.12
CA ASN C 919 3.45 -57.85 -15.08
C ASN C 919 4.57 -56.99 -14.50
N GLN C 920 5.38 -57.53 -13.59
CA GLN C 920 6.33 -56.68 -12.87
C GLN C 920 7.41 -56.12 -13.78
N LYS C 921 7.91 -56.95 -14.70
CA LYS C 921 8.94 -56.47 -15.62
C LYS C 921 8.42 -55.37 -16.52
N LEU C 922 7.22 -55.54 -17.05
CA LEU C 922 6.64 -54.52 -17.92
C LEU C 922 6.44 -53.21 -17.16
N ILE C 923 5.93 -53.29 -15.93
CA ILE C 923 5.71 -52.09 -15.13
C ILE C 923 7.03 -51.40 -14.82
N ALA C 924 8.06 -52.20 -14.52
CA ALA C 924 9.38 -51.62 -14.29
C ALA C 924 9.87 -50.88 -15.52
N ASN C 925 9.73 -51.50 -16.70
CA ASN C 925 10.18 -50.85 -17.93
C ASN C 925 9.41 -49.57 -18.20
N GLN C 926 8.10 -49.58 -17.96
CA GLN C 926 7.31 -48.37 -18.16
C GLN C 926 7.77 -47.26 -17.22
N PHE C 927 8.00 -47.59 -15.95
CA PHE C 927 8.44 -46.58 -14.99
C PHE C 927 9.80 -46.02 -15.38
N ASN C 928 10.72 -46.90 -15.78
CA ASN C 928 12.07 -46.44 -16.14
C ASN C 928 12.02 -45.53 -17.36
N SER C 929 11.28 -45.92 -18.40
CA SER C 929 11.18 -45.10 -19.58
C SER C 929 10.46 -43.78 -19.30
N ALA C 930 9.45 -43.82 -18.42
CA ALA C 930 8.75 -42.60 -18.06
C ALA C 930 9.66 -41.63 -17.32
N ILE C 931 10.51 -42.15 -16.43
CA ILE C 931 11.50 -41.27 -15.78
C ILE C 931 12.49 -40.75 -16.81
N GLY C 932 12.87 -41.58 -17.78
CA GLY C 932 13.77 -41.13 -18.81
C GLY C 932 13.19 -39.98 -19.62
N LYS C 933 11.88 -40.00 -19.86
CA LYS C 933 11.26 -38.94 -20.63
C LYS C 933 11.36 -37.59 -19.92
N ILE C 934 11.31 -37.60 -18.59
CA ILE C 934 11.40 -36.35 -17.84
C ILE C 934 12.73 -35.66 -18.09
N GLN C 935 13.81 -36.42 -18.20
CA GLN C 935 15.11 -35.81 -18.46
C GLN C 935 15.13 -35.09 -19.79
N ASP C 936 14.58 -35.71 -20.84
CA ASP C 936 14.47 -35.01 -22.11
C ASP C 936 13.61 -33.77 -21.98
N SER C 937 12.46 -33.90 -21.33
CA SER C 937 11.55 -32.76 -21.20
C SER C 937 12.21 -31.59 -20.49
N LEU C 938 12.98 -31.87 -19.44
CA LEU C 938 13.62 -30.81 -18.68
C LEU C 938 14.81 -30.23 -19.43
N SER C 939 15.67 -31.09 -19.97
CA SER C 939 16.91 -30.62 -20.58
C SER C 939 16.64 -29.84 -21.87
N SER C 940 15.71 -30.33 -22.69
CA SER C 940 15.52 -29.73 -24.01
C SER C 940 14.43 -28.65 -24.03
N THR C 941 13.24 -28.96 -23.55
CA THR C 941 12.14 -28.00 -23.60
C THR C 941 12.43 -26.81 -22.70
N ALA C 942 12.42 -25.61 -23.29
CA ALA C 942 12.70 -24.40 -22.55
C ALA C 942 11.46 -23.95 -21.78
N SER C 943 11.70 -23.17 -20.71
CA SER C 943 10.64 -22.63 -19.86
C SER C 943 9.77 -23.73 -19.26
N ALA C 944 10.39 -24.86 -18.92
CA ALA C 944 9.68 -25.89 -18.19
C ALA C 944 9.36 -25.42 -16.77
N LEU C 945 10.32 -24.79 -16.13
CA LEU C 945 10.14 -24.26 -14.78
C LEU C 945 9.63 -22.82 -14.84
N GLY C 946 8.42 -22.68 -15.36
CA GLY C 946 7.86 -21.36 -15.58
C GLY C 946 7.54 -20.62 -14.29
N LYS C 947 6.89 -21.31 -13.35
CA LYS C 947 6.40 -20.64 -12.15
C LYS C 947 7.55 -20.15 -11.28
N LEU C 948 8.58 -20.99 -11.10
CA LEU C 948 9.71 -20.62 -10.27
C LEU C 948 10.50 -19.47 -10.89
N GLN C 949 10.72 -19.54 -12.20
CA GLN C 949 11.40 -18.46 -12.88
C GLN C 949 10.59 -17.18 -12.79
N ASP C 950 9.26 -17.30 -12.82
CA ASP C 950 8.40 -16.13 -12.68
C ASP C 950 8.54 -15.52 -11.29
N VAL C 951 8.65 -16.35 -10.26
CA VAL C 951 8.89 -15.82 -8.91
C VAL C 951 10.19 -15.04 -8.86
N VAL C 952 11.25 -15.62 -9.42
CA VAL C 952 12.55 -14.93 -9.41
C VAL C 952 12.46 -13.61 -10.16
N ASN C 953 11.81 -13.62 -11.33
CA ASN C 953 11.69 -12.41 -12.13
C ASN C 953 10.88 -11.35 -11.42
N GLN C 954 9.80 -11.75 -10.74
CA GLN C 954 8.98 -10.78 -10.02
C GLN C 954 9.77 -10.12 -8.90
N ASN C 955 10.56 -10.90 -8.16
CA ASN C 955 11.33 -10.29 -7.08
C ASN C 955 12.40 -9.35 -7.63
N ALA C 956 13.08 -9.78 -8.71
CA ALA C 956 14.06 -8.90 -9.33
C ALA C 956 13.42 -7.62 -9.85
N GLN C 957 12.22 -7.74 -10.43
CA GLN C 957 11.50 -6.58 -10.93
C GLN C 957 11.18 -5.61 -9.80
N ALA C 958 10.72 -6.14 -8.66
CA ALA C 958 10.36 -5.28 -7.55
C ALA C 958 11.58 -4.53 -7.03
N LEU C 959 12.68 -5.24 -6.78
CA LEU C 959 13.87 -4.55 -6.29
C LEU C 959 14.39 -3.54 -7.31
N ASN C 960 14.34 -3.89 -8.59
CA ASN C 960 14.87 -2.98 -9.61
C ASN C 960 14.06 -1.71 -9.69
N THR C 961 12.73 -1.81 -9.68
CA THR C 961 11.92 -0.59 -9.73
C THR C 961 12.07 0.22 -8.45
N LEU C 962 12.25 -0.46 -7.31
CA LEU C 962 12.48 0.28 -6.07
C LEU C 962 13.76 1.10 -6.17
N VAL C 963 14.82 0.53 -6.75
CA VAL C 963 16.05 1.29 -6.91
C VAL C 963 15.88 2.41 -7.95
N LYS C 964 15.12 2.15 -9.01
CA LYS C 964 14.90 3.17 -10.04
C LYS C 964 14.18 4.38 -9.49
N GLN C 965 13.31 4.19 -8.50
CA GLN C 965 12.56 5.32 -7.95
C GLN C 965 13.46 6.42 -7.40
N LEU C 966 14.69 6.08 -7.00
CA LEU C 966 15.59 7.09 -6.44
C LEU C 966 15.88 8.19 -7.47
N SER C 967 16.11 7.81 -8.72
CA SER C 967 16.42 8.79 -9.75
C SER C 967 15.24 9.72 -10.02
N SER C 968 14.03 9.29 -9.69
CA SER C 968 12.85 10.10 -9.97
C SER C 968 12.90 11.42 -9.22
N ASN C 969 12.43 12.48 -9.90
CA ASN C 969 12.55 13.82 -9.35
C ASN C 969 11.59 14.05 -8.19
N PHE C 970 10.37 13.52 -8.29
CA PHE C 970 9.31 13.64 -7.28
C PHE C 970 8.87 15.08 -7.08
N GLY C 971 9.03 15.94 -8.07
CA GLY C 971 8.57 17.31 -7.98
C GLY C 971 9.53 18.28 -7.35
N ALA C 972 10.70 17.83 -6.91
CA ALA C 972 11.72 18.71 -6.38
C ALA C 972 12.59 19.25 -7.52
N ILE C 973 13.52 20.15 -7.17
CA ILE C 973 14.34 20.77 -8.20
C ILE C 973 15.31 19.76 -8.79
N SER C 974 15.76 18.79 -7.98
CA SER C 974 16.67 17.75 -8.46
C SER C 974 16.49 16.51 -7.60
N SER C 975 16.79 15.35 -8.18
CA SER C 975 16.62 14.09 -7.47
C SER C 975 17.75 13.83 -6.49
N VAL C 976 18.99 14.12 -6.88
CA VAL C 976 20.13 13.82 -6.03
C VAL C 976 20.10 14.75 -4.81
N LEU C 977 20.18 14.15 -3.63
CA LEU C 977 19.90 14.89 -2.40
C LEU C 977 21.03 15.82 -2.03
N ASN C 978 22.27 15.40 -2.26
CA ASN C 978 23.40 16.28 -1.95
C ASN C 978 23.33 17.57 -2.77
N ASP C 979 22.90 17.47 -4.03
CA ASP C 979 22.80 18.65 -4.87
C ASP C 979 21.73 19.61 -4.37
N ILE C 980 20.55 19.10 -4.04
CA ILE C 980 19.49 19.96 -3.50
C ILE C 980 19.92 20.58 -2.18
N LEU C 981 20.68 19.85 -1.37
CA LEU C 981 21.22 20.45 -0.16
C LEU C 981 22.19 21.58 -0.48
N SER C 982 23.07 21.35 -1.47
CA SER C 982 24.22 22.21 -1.66
C SER C 982 23.82 23.61 -2.14
N ARG C 983 22.93 23.69 -3.12
CA ARG C 983 22.67 24.94 -3.82
C ARG C 983 21.35 25.59 -3.42
N LEU C 984 20.88 25.39 -2.18
CA LEU C 984 19.80 26.17 -1.63
C LEU C 984 20.02 26.40 -0.14
N ASP C 985 19.44 27.48 0.37
CA ASP C 985 19.48 27.75 1.79
C ASP C 985 18.65 26.72 2.55
N PRO C 986 19.02 26.40 3.78
CA PRO C 986 18.33 25.34 4.53
C PRO C 986 16.83 25.58 4.64
N PRO C 987 16.37 26.80 4.93
CA PRO C 987 14.90 27.01 4.98
C PRO C 987 14.20 26.64 3.68
N GLU C 988 14.75 27.05 2.54
CA GLU C 988 14.15 26.71 1.27
C GLU C 988 14.41 25.25 0.89
N ALA C 989 15.63 24.77 1.15
CA ALA C 989 15.97 23.39 0.79
C ALA C 989 15.11 22.39 1.55
N GLU C 990 14.62 22.78 2.73
CA GLU C 990 13.79 21.88 3.52
C GLU C 990 12.56 21.42 2.73
N VAL C 991 11.95 22.31 1.97
CA VAL C 991 10.72 21.96 1.25
C VAL C 991 11.01 20.94 0.15
N GLN C 992 12.07 21.18 -0.62
CA GLN C 992 12.44 20.26 -1.69
C GLN C 992 12.83 18.90 -1.12
N ILE C 993 13.58 18.91 -0.03
CA ILE C 993 13.97 17.67 0.63
C ILE C 993 12.73 16.94 1.13
N ASP C 994 11.73 17.69 1.59
CA ASP C 994 10.50 17.07 2.06
C ASP C 994 9.76 16.39 0.91
N ARG C 995 9.74 17.03 -0.26
CA ARG C 995 9.12 16.37 -1.42
C ARG C 995 9.85 15.09 -1.78
N LEU C 996 11.19 15.13 -1.80
CA LEU C 996 11.95 13.92 -2.08
C LEU C 996 11.64 12.83 -1.06
N ILE C 997 11.59 13.19 0.22
CA ILE C 997 11.35 12.20 1.27
C ILE C 997 9.98 11.58 1.11
N THR C 998 8.96 12.40 0.87
CA THR C 998 7.61 11.84 0.78
C THR C 998 7.49 10.93 -0.44
N GLY C 999 8.12 11.30 -1.55
CA GLY C 999 8.07 10.43 -2.72
C GLY C 999 8.77 9.11 -2.50
N ARG C 1000 9.99 9.16 -1.94
CA ARG C 1000 10.74 7.93 -1.72
C ARG C 1000 10.04 7.05 -0.69
N LEU C 1001 9.48 7.65 0.35
CA LEU C 1001 8.74 6.88 1.34
C LEU C 1001 7.52 6.24 0.72
N GLN C 1002 6.84 6.95 -0.19
CA GLN C 1002 5.70 6.37 -0.87
C GLN C 1002 6.10 5.17 -1.71
N SER C 1003 7.21 5.30 -2.45
CA SER C 1003 7.67 4.18 -3.28
C SER C 1003 8.04 2.98 -2.43
N LEU C 1004 8.69 3.23 -1.29
CA LEU C 1004 9.10 2.13 -0.43
C LEU C 1004 7.89 1.45 0.21
N GLN C 1005 6.88 2.24 0.60
CA GLN C 1005 5.65 1.69 1.13
C GLN C 1005 4.95 0.82 0.09
N THR C 1006 4.94 1.28 -1.17
CA THR C 1006 4.35 0.48 -2.25
C THR C 1006 5.08 -0.84 -2.42
N TYR C 1007 6.42 -0.80 -2.39
CA TYR C 1007 7.18 -2.04 -2.51
C TYR C 1007 6.87 -2.98 -1.36
N VAL C 1008 6.73 -2.46 -0.15
CA VAL C 1008 6.45 -3.32 1.00
C VAL C 1008 5.08 -3.97 0.86
N THR C 1009 4.07 -3.20 0.44
CA THR C 1009 2.74 -3.79 0.33
C THR C 1009 2.67 -4.81 -0.81
N GLN C 1010 3.37 -4.56 -1.92
CA GLN C 1010 3.48 -5.56 -2.97
C GLN C 1010 4.11 -6.83 -2.44
N GLN C 1011 5.20 -6.70 -1.66
CA GLN C 1011 5.84 -7.86 -1.08
C GLN C 1011 4.89 -8.61 -0.15
N LEU C 1012 4.11 -7.89 0.64
CA LEU C 1012 3.18 -8.54 1.56
C LEU C 1012 2.16 -9.37 0.81
N ILE C 1013 1.57 -8.81 -0.25
CA ILE C 1013 0.55 -9.55 -0.99
C ILE C 1013 1.17 -10.74 -1.72
N ARG C 1014 2.32 -10.54 -2.37
CA ARG C 1014 2.95 -11.64 -3.08
C ARG C 1014 3.41 -12.72 -2.12
N ALA C 1015 3.82 -12.34 -0.91
CA ALA C 1015 4.20 -13.31 0.11
C ALA C 1015 2.99 -14.10 0.56
N ALA C 1016 1.82 -13.47 0.63
CA ALA C 1016 0.60 -14.21 0.93
C ALA C 1016 0.33 -15.25 -0.15
N GLU C 1017 0.47 -14.86 -1.41
CA GLU C 1017 0.23 -15.81 -2.50
C GLU C 1017 1.21 -16.97 -2.46
N ILE C 1018 2.49 -16.68 -2.23
CA ILE C 1018 3.49 -17.74 -2.16
C ILE C 1018 3.30 -18.59 -0.93
N ARG C 1019 2.78 -18.02 0.16
CA ARG C 1019 2.46 -18.84 1.32
C ARG C 1019 1.35 -19.83 1.00
N ALA C 1020 0.35 -19.39 0.24
CA ALA C 1020 -0.68 -20.33 -0.19
C ALA C 1020 -0.08 -21.46 -1.02
N SER C 1021 0.79 -21.11 -1.96
CA SER C 1021 1.44 -22.13 -2.77
C SER C 1021 2.31 -23.06 -1.92
N ALA C 1022 2.97 -22.52 -0.90
CA ALA C 1022 3.82 -23.33 -0.05
C ALA C 1022 3.01 -24.27 0.82
N ASN C 1023 1.86 -23.80 1.32
CA ASN C 1023 0.96 -24.68 2.05
C ASN C 1023 0.45 -25.80 1.15
N LEU C 1024 0.12 -25.47 -0.10
CA LEU C 1024 -0.28 -26.51 -1.04
C LEU C 1024 0.84 -27.52 -1.26
N ALA C 1025 2.08 -27.05 -1.37
CA ALA C 1025 3.21 -27.95 -1.54
C ALA C 1025 3.40 -28.84 -0.32
N ALA C 1026 3.19 -28.28 0.88
CA ALA C 1026 3.31 -29.08 2.09
C ALA C 1026 2.24 -30.16 2.13
N THR C 1027 1.01 -29.79 1.77
CA THR C 1027 -0.09 -30.76 1.73
C THR C 1027 0.17 -31.84 0.69
N LYS C 1028 0.68 -31.47 -0.48
CA LYS C 1028 0.98 -32.48 -1.50
C LYS C 1028 2.14 -33.37 -1.07
N MET C 1029 3.15 -32.80 -0.40
CA MET C 1029 4.25 -33.59 0.13
C MET C 1029 3.74 -34.61 1.12
N SER C 1030 2.85 -34.19 2.01
CA SER C 1030 2.30 -35.11 2.99
C SER C 1030 1.41 -36.16 2.34
N GLU C 1031 0.40 -35.72 1.61
CA GLU C 1031 -0.66 -36.59 1.14
C GLU C 1031 -0.26 -37.44 -0.04
N CYS C 1032 0.85 -37.12 -0.71
CA CYS C 1032 1.22 -37.87 -1.90
C CYS C 1032 2.56 -38.57 -1.77
N VAL C 1033 3.60 -37.90 -1.28
CA VAL C 1033 4.86 -38.58 -1.05
C VAL C 1033 4.75 -39.56 0.10
N LEU C 1034 4.30 -39.07 1.26
CA LEU C 1034 4.28 -39.91 2.46
C LEU C 1034 3.21 -40.98 2.37
N GLY C 1035 2.11 -40.72 1.68
CA GLY C 1035 1.03 -41.69 1.59
C GLY C 1035 0.35 -41.63 0.25
N GLN C 1036 -0.34 -42.72 -0.08
CA GLN C 1036 -1.15 -42.74 -1.30
C GLN C 1036 -2.48 -42.04 -1.06
N SER C 1037 -2.92 -41.28 -2.04
CA SER C 1037 -4.11 -40.44 -1.90
C SER C 1037 -5.18 -40.85 -2.89
N LYS C 1038 -6.43 -40.85 -2.42
CA LYS C 1038 -7.56 -41.20 -3.25
C LYS C 1038 -8.24 -39.97 -3.85
N ARG C 1039 -7.74 -38.78 -3.58
CA ARG C 1039 -8.32 -37.57 -4.15
C ARG C 1039 -7.97 -37.50 -5.62
N VAL C 1040 -8.97 -37.64 -6.48
CA VAL C 1040 -8.73 -37.71 -7.91
C VAL C 1040 -8.21 -36.37 -8.42
N ASP C 1041 -7.15 -36.43 -9.23
CA ASP C 1041 -6.49 -35.33 -9.91
C ASP C 1041 -5.70 -34.45 -8.95
N PHE C 1042 -5.60 -34.80 -7.67
CA PHE C 1042 -4.79 -34.01 -6.75
C PHE C 1042 -3.31 -34.13 -7.08
N CYS C 1043 -2.85 -35.35 -7.35
CA CYS C 1043 -1.45 -35.62 -7.69
C CYS C 1043 -1.41 -36.39 -9.01
N GLY C 1044 -1.35 -35.64 -10.11
CA GLY C 1044 -1.26 -36.23 -11.42
C GLY C 1044 -2.61 -36.58 -12.01
N LYS C 1045 -2.56 -37.03 -13.24
CA LYS C 1045 -3.76 -37.44 -13.97
C LYS C 1045 -3.80 -38.96 -14.01
N GLY C 1046 -4.83 -39.53 -13.41
CA GLY C 1046 -4.95 -40.96 -13.26
C GLY C 1046 -4.92 -41.38 -11.80
N TYR C 1047 -5.16 -42.66 -11.58
CA TYR C 1047 -5.12 -43.19 -10.23
C TYR C 1047 -3.71 -43.10 -9.68
N HIS C 1048 -3.58 -42.51 -8.50
CA HIS C 1048 -2.27 -42.19 -7.96
C HIS C 1048 -1.63 -43.40 -7.32
N LEU C 1049 -0.38 -43.68 -7.72
CA LEU C 1049 0.40 -44.75 -7.16
C LEU C 1049 1.39 -44.23 -6.11
N MET C 1050 2.27 -43.32 -6.50
CA MET C 1050 3.21 -42.77 -5.53
C MET C 1050 3.79 -41.49 -6.13
N SER C 1051 4.56 -40.77 -5.33
CA SER C 1051 5.15 -39.53 -5.82
C SER C 1051 6.48 -39.28 -5.14
N PHE C 1052 7.40 -38.66 -5.87
CA PHE C 1052 8.74 -38.40 -5.40
C PHE C 1052 9.03 -36.90 -5.37
N PRO C 1053 9.65 -36.39 -4.33
CA PRO C 1053 9.99 -34.98 -4.29
C PRO C 1053 11.39 -34.68 -4.80
N GLN C 1054 11.52 -33.57 -5.52
CA GLN C 1054 12.80 -33.05 -5.98
C GLN C 1054 12.88 -31.60 -5.56
N SER C 1055 14.09 -31.13 -5.25
CA SER C 1055 14.29 -29.78 -4.76
C SER C 1055 14.69 -28.88 -5.92
N ALA C 1056 13.82 -27.96 -6.27
CA ALA C 1056 14.09 -26.92 -7.26
C ALA C 1056 14.69 -25.75 -6.51
N PRO C 1057 15.13 -24.67 -7.19
CA PRO C 1057 15.78 -23.58 -6.44
C PRO C 1057 14.88 -22.89 -5.43
N HIS C 1058 13.71 -22.44 -5.85
CA HIS C 1058 12.81 -21.72 -4.96
C HIS C 1058 11.53 -22.49 -4.67
N GLY C 1059 11.50 -23.78 -4.99
CA GLY C 1059 10.28 -24.57 -4.86
C GLY C 1059 10.59 -26.05 -4.92
N VAL C 1060 9.52 -26.83 -4.94
CA VAL C 1060 9.59 -28.28 -5.00
C VAL C 1060 8.95 -28.76 -6.28
N VAL C 1061 9.54 -29.80 -6.88
CA VAL C 1061 9.01 -30.46 -8.06
C VAL C 1061 8.63 -31.89 -7.69
N PHE C 1062 7.38 -32.24 -7.88
CA PHE C 1062 6.89 -33.57 -7.57
C PHE C 1062 6.82 -34.37 -8.86
N LEU C 1063 7.38 -35.57 -8.84
CA LEU C 1063 7.19 -36.53 -9.90
C LEU C 1063 6.08 -37.48 -9.46
N HIS C 1064 4.92 -37.40 -10.11
CA HIS C 1064 3.76 -38.20 -9.75
C HIS C 1064 3.73 -39.44 -10.62
N VAL C 1065 3.86 -40.60 -10.00
CA VAL C 1065 3.72 -41.90 -10.66
C VAL C 1065 2.27 -42.31 -10.52
N THR C 1066 1.55 -42.30 -11.65
CA THR C 1066 0.14 -42.62 -11.71
C THR C 1066 -0.11 -43.76 -12.68
N TYR C 1067 -1.23 -44.42 -12.49
CA TYR C 1067 -1.62 -45.59 -13.28
C TYR C 1067 -2.80 -45.20 -14.14
N VAL C 1068 -2.62 -45.18 -15.46
CA VAL C 1068 -3.68 -44.79 -16.38
C VAL C 1068 -4.04 -45.99 -17.25
N PRO C 1069 -5.29 -46.43 -17.26
CA PRO C 1069 -5.66 -47.61 -18.05
C PRO C 1069 -5.74 -47.31 -19.53
N ALA C 1070 -5.51 -48.33 -20.33
CA ALA C 1070 -5.45 -48.17 -21.78
C ALA C 1070 -5.86 -49.47 -22.46
N GLN C 1071 -6.13 -49.34 -23.77
CA GLN C 1071 -6.61 -50.44 -24.59
C GLN C 1071 -7.90 -51.04 -24.03
N GLU C 1072 -8.93 -50.20 -23.94
CA GLU C 1072 -10.23 -50.65 -23.47
C GLU C 1072 -10.89 -51.56 -24.49
N LYS C 1073 -11.79 -52.41 -24.02
CA LYS C 1073 -12.56 -53.30 -24.86
C LYS C 1073 -14.04 -53.17 -24.53
N ASN C 1074 -14.86 -53.11 -25.59
CA ASN C 1074 -16.31 -53.14 -25.43
C ASN C 1074 -16.74 -54.49 -24.90
N PHE C 1075 -17.80 -54.50 -24.08
CA PHE C 1075 -18.35 -55.70 -23.50
C PHE C 1075 -19.83 -55.51 -23.27
N THR C 1076 -20.55 -56.63 -23.21
CA THR C 1076 -21.96 -56.61 -22.81
C THR C 1076 -22.05 -56.96 -21.34
N THR C 1077 -22.73 -56.11 -20.57
CA THR C 1077 -22.75 -56.22 -19.12
C THR C 1077 -24.18 -56.39 -18.63
N ALA C 1078 -24.28 -56.87 -17.39
CA ALA C 1078 -25.54 -57.09 -16.73
C ALA C 1078 -25.41 -56.75 -15.26
N PRO C 1079 -26.43 -56.17 -14.65
CA PRO C 1079 -26.33 -55.87 -13.20
C PRO C 1079 -26.24 -57.09 -12.33
N ALA C 1080 -27.07 -58.11 -12.55
CA ALA C 1080 -27.00 -59.31 -11.75
C ALA C 1080 -27.31 -60.51 -12.64
N ILE C 1081 -26.87 -61.68 -12.19
CA ILE C 1081 -27.12 -62.94 -12.87
C ILE C 1081 -28.25 -63.66 -12.15
N CYS C 1082 -29.28 -64.04 -12.88
CA CYS C 1082 -30.43 -64.72 -12.30
C CYS C 1082 -30.25 -66.22 -12.49
N HIS C 1083 -29.95 -66.92 -11.41
CA HIS C 1083 -29.70 -68.35 -11.47
C HIS C 1083 -30.55 -69.04 -10.42
N ASP C 1084 -31.24 -70.11 -10.82
CA ASP C 1084 -32.02 -70.94 -9.92
C ASP C 1084 -33.00 -70.08 -9.11
N GLY C 1085 -33.56 -69.06 -9.75
CA GLY C 1085 -34.53 -68.23 -9.10
C GLY C 1085 -34.00 -67.22 -8.10
N LYS C 1086 -32.71 -66.94 -8.10
CA LYS C 1086 -32.17 -65.92 -7.21
C LYS C 1086 -31.15 -65.07 -7.95
N ALA C 1087 -30.98 -63.85 -7.48
CA ALA C 1087 -30.10 -62.88 -8.11
C ALA C 1087 -28.73 -62.89 -7.44
N HIS C 1088 -27.69 -63.12 -8.23
CA HIS C 1088 -26.32 -63.06 -7.78
C HIS C 1088 -25.69 -61.78 -8.28
N PHE C 1089 -25.15 -61.00 -7.39
CA PHE C 1089 -24.45 -59.76 -7.66
C PHE C 1089 -22.95 -59.96 -7.48
N PRO C 1090 -22.12 -59.23 -8.22
CA PRO C 1090 -20.68 -59.40 -8.08
C PRO C 1090 -20.18 -58.85 -6.76
N ARG C 1091 -19.22 -59.56 -6.15
CA ARG C 1091 -18.67 -59.11 -4.88
C ARG C 1091 -17.83 -57.85 -5.07
N GLU C 1092 -16.88 -57.89 -6.00
CA GLU C 1092 -16.03 -56.76 -6.29
C GLU C 1092 -15.91 -56.45 -7.77
N GLY C 1093 -16.33 -57.36 -8.65
CA GLY C 1093 -16.18 -57.19 -10.07
C GLY C 1093 -17.45 -56.69 -10.74
N VAL C 1094 -17.48 -56.91 -12.05
CA VAL C 1094 -18.60 -56.56 -12.90
C VAL C 1094 -18.83 -57.70 -13.89
N PHE C 1095 -20.07 -58.16 -13.99
CA PHE C 1095 -20.38 -59.19 -14.97
C PHE C 1095 -20.17 -58.65 -16.38
N VAL C 1096 -19.42 -59.39 -17.19
CA VAL C 1096 -19.15 -58.98 -18.56
C VAL C 1096 -19.32 -60.19 -19.47
N SER C 1097 -19.82 -59.95 -20.67
CA SER C 1097 -20.01 -61.01 -21.64
C SER C 1097 -19.27 -60.70 -22.92
N ASN C 1098 -18.55 -61.69 -23.44
CA ASN C 1098 -17.88 -61.57 -24.72
C ASN C 1098 -18.78 -61.95 -25.89
N GLY C 1099 -20.04 -62.25 -25.62
CA GLY C 1099 -20.99 -62.60 -26.66
C GLY C 1099 -21.75 -63.87 -26.34
N THR C 1100 -21.08 -64.83 -25.70
CA THR C 1100 -21.70 -66.11 -25.39
C THR C 1100 -21.47 -66.59 -23.96
N HIS C 1101 -20.47 -66.07 -23.25
CA HIS C 1101 -20.18 -66.50 -21.90
C HIS C 1101 -20.12 -65.29 -20.99
N TRP C 1102 -20.44 -65.50 -19.71
CA TRP C 1102 -20.45 -64.44 -18.72
C TRP C 1102 -19.32 -64.67 -17.73
N PHE C 1103 -18.60 -63.59 -17.41
CA PHE C 1103 -17.46 -63.65 -16.50
C PHE C 1103 -17.56 -62.52 -15.49
N VAL C 1104 -16.79 -62.66 -14.41
CA VAL C 1104 -16.64 -61.61 -13.41
C VAL C 1104 -15.23 -61.06 -13.53
N THR C 1105 -15.10 -59.76 -13.70
CA THR C 1105 -13.82 -59.10 -13.86
C THR C 1105 -13.76 -57.88 -12.97
N GLN C 1106 -12.57 -57.61 -12.43
CA GLN C 1106 -12.37 -56.34 -11.75
C GLN C 1106 -12.57 -55.20 -12.74
N ARG C 1107 -13.14 -54.10 -12.27
CA ARG C 1107 -13.53 -53.03 -13.18
C ARG C 1107 -12.33 -52.41 -13.87
N ASN C 1108 -11.22 -52.26 -13.15
CA ASN C 1108 -10.10 -51.50 -13.68
C ASN C 1108 -9.23 -52.33 -14.61
N PHE C 1109 -9.20 -53.64 -14.45
CA PHE C 1109 -8.38 -54.51 -15.30
C PHE C 1109 -9.21 -55.69 -15.77
N TYR C 1110 -9.18 -55.96 -17.07
CA TYR C 1110 -9.97 -57.06 -17.61
C TYR C 1110 -9.26 -58.36 -17.31
N GLU C 1111 -9.77 -59.10 -16.33
CA GLU C 1111 -9.24 -60.42 -15.98
C GLU C 1111 -10.41 -61.32 -15.66
N PRO C 1112 -10.94 -62.00 -16.66
CA PRO C 1112 -12.19 -62.73 -16.48
C PRO C 1112 -12.04 -63.97 -15.63
N GLN C 1113 -13.11 -64.31 -14.93
CA GLN C 1113 -13.18 -65.49 -14.10
C GLN C 1113 -14.56 -66.11 -14.22
N ILE C 1114 -14.62 -67.42 -14.00
CA ILE C 1114 -15.91 -68.11 -14.06
C ILE C 1114 -16.77 -67.63 -12.92
N ILE C 1115 -18.04 -67.33 -13.22
CA ILE C 1115 -18.96 -66.89 -12.19
C ILE C 1115 -19.22 -68.03 -11.21
N THR C 1116 -18.96 -67.79 -9.93
CA THR C 1116 -19.15 -68.81 -8.91
C THR C 1116 -19.83 -68.19 -7.72
N THR C 1117 -20.36 -69.04 -6.84
CA THR C 1117 -20.99 -68.54 -5.63
C THR C 1117 -19.99 -67.86 -4.71
N ASP C 1118 -18.71 -68.23 -4.82
CA ASP C 1118 -17.71 -67.67 -3.93
C ASP C 1118 -17.47 -66.19 -4.21
N ASN C 1119 -17.45 -65.79 -5.48
CA ASN C 1119 -17.19 -64.40 -5.84
C ASN C 1119 -18.45 -63.63 -6.25
N THR C 1120 -19.64 -64.16 -5.97
CA THR C 1120 -20.88 -63.45 -6.23
C THR C 1120 -21.83 -63.69 -5.07
N PHE C 1121 -22.27 -62.61 -4.41
CA PHE C 1121 -23.16 -62.78 -3.28
C PHE C 1121 -24.62 -62.73 -3.72
N VAL C 1122 -25.48 -63.38 -2.94
CA VAL C 1122 -26.86 -63.64 -3.32
C VAL C 1122 -27.78 -62.82 -2.44
N SER C 1123 -28.67 -62.05 -3.06
CA SER C 1123 -29.67 -61.30 -2.34
C SER C 1123 -30.93 -61.18 -3.18
N GLY C 1124 -32.07 -61.44 -2.55
CA GLY C 1124 -33.34 -61.24 -3.22
C GLY C 1124 -33.66 -62.33 -4.22
N ASN C 1125 -34.58 -62.01 -5.13
CA ASN C 1125 -35.01 -62.92 -6.17
C ASN C 1125 -34.96 -62.22 -7.53
N CYS C 1126 -35.29 -63.00 -8.56
CA CYS C 1126 -35.08 -62.57 -9.94
C CYS C 1126 -35.89 -61.34 -10.32
N ASP C 1127 -37.16 -61.31 -9.93
CA ASP C 1127 -38.12 -60.42 -10.59
C ASP C 1127 -37.84 -58.94 -10.32
N VAL C 1128 -37.33 -58.61 -9.14
CA VAL C 1128 -37.31 -57.21 -8.71
C VAL C 1128 -36.33 -56.40 -9.56
N VAL C 1129 -35.09 -56.88 -9.69
CA VAL C 1129 -34.03 -56.08 -10.30
C VAL C 1129 -34.17 -56.10 -11.82
N ILE C 1130 -34.07 -54.92 -12.42
CA ILE C 1130 -34.30 -54.77 -13.86
C ILE C 1130 -32.97 -54.86 -14.60
N GLY C 1131 -32.98 -55.57 -15.71
CA GLY C 1131 -31.80 -55.70 -16.55
C GLY C 1131 -30.99 -56.94 -16.34
N ILE C 1132 -31.45 -57.89 -15.53
CA ILE C 1132 -30.63 -59.05 -15.24
C ILE C 1132 -30.80 -60.11 -16.31
N VAL C 1133 -29.77 -60.95 -16.42
CA VAL C 1133 -29.68 -61.94 -17.49
C VAL C 1133 -29.54 -63.32 -16.89
N ASN C 1134 -30.24 -64.28 -17.49
CA ASN C 1134 -30.16 -65.67 -17.04
C ASN C 1134 -28.79 -66.25 -17.33
N ASN C 1135 -28.26 -66.97 -16.35
CA ASN C 1135 -27.03 -67.73 -16.53
C ASN C 1135 -26.90 -68.70 -15.37
N THR C 1136 -25.89 -69.57 -15.47
CA THR C 1136 -25.61 -70.56 -14.46
C THR C 1136 -24.42 -70.10 -13.62
N VAL C 1137 -24.58 -70.13 -12.30
CA VAL C 1137 -23.52 -69.78 -11.38
C VAL C 1137 -22.89 -71.08 -10.89
N TYR C 1138 -21.67 -71.35 -11.35
CA TYR C 1138 -21.01 -72.60 -11.01
C TYR C 1138 -20.71 -72.67 -9.51
N ASP C 1139 -21.01 -73.82 -8.90
CA ASP C 1139 -20.80 -73.99 -7.48
C ASP C 1139 -19.61 -74.89 -7.23
N PRO C 1140 -18.60 -74.43 -6.49
CA PRO C 1140 -17.40 -75.26 -6.31
C PRO C 1140 -17.62 -76.50 -5.46
N LEU C 1141 -18.54 -76.44 -4.50
CA LEU C 1141 -18.67 -77.52 -3.52
C LEU C 1141 -19.19 -78.81 -4.15
N GLN C 1142 -20.14 -78.71 -5.06
CA GLN C 1142 -20.84 -79.91 -5.55
C GLN C 1142 -19.93 -80.94 -6.23
N PRO C 1143 -18.97 -80.56 -7.07
CA PRO C 1143 -18.07 -81.59 -7.63
C PRO C 1143 -17.30 -82.34 -6.57
N GLU C 1144 -16.90 -81.69 -5.49
CA GLU C 1144 -16.20 -82.38 -4.41
C GLU C 1144 -17.11 -83.42 -3.77
N LEU C 1145 -18.40 -83.10 -3.61
CA LEU C 1145 -19.35 -84.08 -3.11
C LEU C 1145 -19.51 -85.24 -4.08
N ASP C 1146 -19.57 -84.95 -5.38
CA ASP C 1146 -19.67 -86.02 -6.37
C ASP C 1146 -18.38 -86.86 -6.40
N SER C 1147 -17.24 -86.21 -6.22
CA SER C 1147 -15.95 -86.93 -6.21
C SER C 1147 -15.82 -87.80 -4.97
N CYS D 336 43.00 32.62 -16.98
CA CYS D 336 42.55 33.89 -17.54
C CYS D 336 43.71 34.88 -17.58
N PRO D 337 43.79 35.73 -18.61
CA PRO D 337 44.96 36.60 -18.79
C PRO D 337 44.91 37.86 -17.92
N PHE D 338 44.88 37.65 -16.60
CA PHE D 338 45.00 38.80 -15.70
C PHE D 338 46.41 39.35 -15.65
N GLY D 339 47.40 38.57 -16.10
CA GLY D 339 48.76 39.07 -16.09
C GLY D 339 49.01 40.13 -17.15
N GLU D 340 48.49 39.92 -18.36
CA GLU D 340 48.66 40.90 -19.42
C GLU D 340 47.81 42.14 -19.21
N VAL D 341 46.91 42.13 -18.23
CA VAL D 341 46.16 43.33 -17.86
C VAL D 341 46.87 44.11 -16.77
N PHE D 342 47.34 43.41 -15.73
CA PHE D 342 47.90 44.10 -14.57
C PHE D 342 49.37 44.49 -14.77
N ASN D 343 50.17 43.63 -15.40
CA ASN D 343 51.58 43.92 -15.65
C ASN D 343 51.81 44.45 -17.06
N ALA D 344 50.79 45.05 -17.68
CA ALA D 344 50.97 45.65 -18.99
C ALA D 344 51.98 46.79 -18.91
N THR D 345 52.96 46.76 -19.81
CA THR D 345 54.05 47.74 -19.74
C THR D 345 53.51 49.15 -19.89
N ARG D 346 52.62 49.36 -20.85
CA ARG D 346 51.93 50.63 -21.02
C ARG D 346 50.45 50.45 -20.75
N PHE D 347 49.87 51.45 -20.09
CA PHE D 347 48.47 51.46 -19.72
C PHE D 347 47.70 52.26 -20.78
N ALA D 348 46.72 53.11 -20.42
CA ALA D 348 45.96 53.90 -21.39
C ALA D 348 45.46 55.16 -20.69
N SER D 349 45.29 56.23 -21.45
CA SER D 349 44.71 57.44 -20.86
C SER D 349 43.28 57.17 -20.40
N VAL D 350 42.85 57.91 -19.38
CA VAL D 350 41.54 57.63 -18.78
C VAL D 350 40.39 58.00 -19.72
N TYR D 351 40.61 58.98 -20.61
CA TYR D 351 39.56 59.32 -21.57
C TYR D 351 39.36 58.20 -22.58
N ALA D 352 40.41 57.47 -22.93
CA ALA D 352 40.31 56.30 -23.80
C ALA D 352 40.64 55.05 -23.01
N TRP D 353 39.86 54.78 -21.97
CA TRP D 353 40.14 53.65 -21.08
C TRP D 353 40.01 52.33 -21.84
N ASN D 354 40.92 51.40 -21.53
CA ASN D 354 41.00 50.13 -22.22
C ASN D 354 40.10 49.12 -21.52
N ARG D 355 39.33 48.36 -22.32
CA ARG D 355 38.48 47.30 -21.80
C ARG D 355 38.94 45.97 -22.37
N LYS D 356 39.13 44.99 -21.48
CA LYS D 356 39.54 43.65 -21.87
C LYS D 356 38.44 42.67 -21.45
N ARG D 357 37.90 41.94 -22.41
CA ARG D 357 36.84 40.99 -22.15
C ARG D 357 37.45 39.63 -21.79
N ILE D 358 37.12 39.13 -20.62
CA ILE D 358 37.62 37.85 -20.13
C ILE D 358 36.62 36.77 -20.46
N SER D 359 37.07 35.72 -21.14
CA SER D 359 36.15 34.68 -21.61
C SER D 359 36.89 33.36 -21.77
N ASN D 360 36.14 32.27 -21.59
CA ASN D 360 36.60 30.91 -21.89
C ASN D 360 37.91 30.58 -21.19
N CYS D 361 37.93 30.80 -19.88
CA CYS D 361 39.13 30.56 -19.09
C CYS D 361 38.74 30.39 -17.63
N VAL D 362 39.70 29.88 -16.86
CA VAL D 362 39.55 29.74 -15.42
C VAL D 362 40.37 30.84 -14.75
N ALA D 363 39.70 31.67 -13.95
CA ALA D 363 40.33 32.82 -13.33
C ALA D 363 40.70 32.49 -11.88
N ASP D 364 41.99 32.55 -11.57
CA ASP D 364 42.46 32.35 -10.21
C ASP D 364 42.59 33.73 -9.56
N TYR D 365 41.49 34.20 -8.97
CA TYR D 365 41.44 35.53 -8.37
C TYR D 365 42.33 35.66 -7.13
N SER D 366 42.82 34.54 -6.59
CA SER D 366 43.66 34.61 -5.39
C SER D 366 44.96 35.36 -5.67
N VAL D 367 45.48 35.26 -6.90
CA VAL D 367 46.67 36.01 -7.28
C VAL D 367 46.46 37.51 -7.07
N LEU D 368 45.21 37.97 -7.21
CA LEU D 368 44.93 39.40 -7.09
C LEU D 368 44.89 39.85 -5.63
N TYR D 369 44.10 39.19 -4.78
CA TYR D 369 43.93 39.66 -3.42
C TYR D 369 45.00 39.14 -2.46
N ASN D 370 45.78 38.14 -2.85
CA ASN D 370 46.93 37.75 -2.03
C ASN D 370 48.16 38.60 -2.32
N SER D 371 48.11 39.45 -3.34
CA SER D 371 49.22 40.34 -3.64
C SER D 371 49.27 41.49 -2.64
N ALA D 372 50.47 41.84 -2.20
CA ALA D 372 50.68 42.92 -1.24
C ALA D 372 51.12 44.21 -1.91
N SER D 373 50.79 44.40 -3.18
CA SER D 373 51.21 45.57 -3.94
C SER D 373 50.01 46.29 -4.54
N PHE D 374 49.00 46.56 -3.71
CA PHE D 374 47.84 47.34 -4.11
C PHE D 374 47.52 48.35 -3.03
N SER D 375 47.16 49.56 -3.45
CA SER D 375 46.75 50.60 -2.52
C SER D 375 45.28 50.52 -2.17
N THR D 376 44.44 50.06 -3.11
CA THR D 376 43.01 49.99 -2.91
C THR D 376 42.47 48.78 -3.64
N PHE D 377 41.54 48.07 -3.01
CA PHE D 377 40.92 46.87 -3.55
C PHE D 377 39.46 46.87 -3.10
N LYS D 378 38.68 47.82 -3.63
CA LYS D 378 37.30 48.01 -3.22
C LYS D 378 36.38 47.24 -4.16
N CYS D 379 35.70 46.24 -3.63
CA CYS D 379 34.74 45.44 -4.39
C CYS D 379 33.33 45.79 -3.94
N TYR D 380 32.41 45.83 -4.90
CA TYR D 380 31.04 46.26 -4.67
C TYR D 380 30.10 45.13 -5.07
N GLY D 381 29.29 44.66 -4.12
CA GLY D 381 28.30 43.66 -4.41
C GLY D 381 28.87 42.30 -4.77
N VAL D 382 30.14 42.06 -4.50
CA VAL D 382 30.77 40.79 -4.83
C VAL D 382 31.92 40.56 -3.86
N SER D 383 32.14 39.30 -3.49
CA SER D 383 33.19 38.95 -2.54
C SER D 383 34.34 38.31 -3.29
N PRO D 384 35.49 38.98 -3.44
CA PRO D 384 36.61 38.38 -4.18
C PRO D 384 37.15 37.11 -3.55
N THR D 385 36.99 36.92 -2.23
CA THR D 385 37.46 35.71 -1.59
C THR D 385 36.47 34.55 -1.74
N LYS D 386 35.34 34.76 -2.40
CA LYS D 386 34.28 33.76 -2.48
C LYS D 386 33.91 33.39 -3.91
N LEU D 387 34.67 33.83 -4.91
CA LEU D 387 34.34 33.55 -6.30
C LEU D 387 35.37 32.64 -6.97
N ASN D 388 36.12 31.86 -6.20
CA ASN D 388 36.99 30.83 -6.76
C ASN D 388 36.26 29.50 -6.97
N ASP D 389 34.99 29.42 -6.57
CA ASP D 389 34.11 28.31 -6.92
C ASP D 389 32.83 28.86 -7.53
N LEU D 390 32.95 29.95 -8.27
CA LEU D 390 31.83 30.66 -8.86
C LEU D 390 32.11 30.92 -10.34
N CYS D 391 31.05 31.05 -11.12
CA CYS D 391 31.14 31.33 -12.55
C CYS D 391 30.37 32.59 -12.89
N PHE D 392 30.78 33.25 -13.98
CA PHE D 392 30.16 34.49 -14.42
C PHE D 392 29.83 34.42 -15.90
N THR D 393 28.67 34.96 -16.26
CA THR D 393 28.27 35.01 -17.66
C THR D 393 29.11 36.01 -18.46
N ASN D 394 29.72 36.98 -17.80
CA ASN D 394 30.51 38.00 -18.49
C ASN D 394 31.44 38.66 -17.49
N VAL D 395 32.68 38.89 -17.91
CA VAL D 395 33.69 39.55 -17.09
C VAL D 395 34.42 40.58 -17.94
N TYR D 396 34.44 41.82 -17.46
CA TYR D 396 35.15 42.92 -18.12
C TYR D 396 36.29 43.39 -17.24
N ALA D 397 37.39 43.80 -17.88
CA ALA D 397 38.56 44.34 -17.19
C ALA D 397 38.90 45.68 -17.82
N ASP D 398 38.73 46.76 -17.07
CA ASP D 398 38.97 48.12 -17.56
C ASP D 398 40.21 48.68 -16.86
N SER D 399 41.19 49.10 -17.65
CA SER D 399 42.46 49.60 -17.13
C SER D 399 42.76 50.97 -17.70
N PHE D 400 43.21 51.89 -16.85
CA PHE D 400 43.56 53.25 -17.23
C PHE D 400 44.48 53.84 -16.16
N VAL D 401 44.79 55.13 -16.28
CA VAL D 401 45.69 55.82 -15.37
C VAL D 401 45.07 57.16 -14.97
N ILE D 402 45.03 57.42 -13.67
CA ILE D 402 44.60 58.71 -13.12
C ILE D 402 45.61 59.13 -12.05
N ARG D 403 45.23 60.08 -11.21
CA ARG D 403 46.08 60.48 -10.09
C ARG D 403 45.36 60.20 -8.78
N GLY D 404 46.12 60.33 -7.69
CA GLY D 404 45.68 59.94 -6.36
C GLY D 404 44.28 60.38 -5.95
N ASP D 405 44.05 61.69 -5.93
CA ASP D 405 42.79 62.23 -5.42
C ASP D 405 41.62 61.89 -6.34
N GLU D 406 41.90 61.20 -7.46
CA GLU D 406 40.87 60.80 -8.40
C GLU D 406 40.52 59.32 -8.31
N VAL D 407 41.29 58.54 -7.56
CA VAL D 407 40.93 57.13 -7.36
C VAL D 407 39.60 57.02 -6.63
N ARG D 408 39.34 57.95 -5.71
CA ARG D 408 38.08 57.96 -4.97
C ARG D 408 36.87 58.20 -5.88
N GLN D 409 37.09 58.65 -7.11
CA GLN D 409 36.01 58.84 -8.07
C GLN D 409 35.61 57.57 -8.81
N ILE D 410 36.47 56.55 -8.82
CA ILE D 410 36.14 55.29 -9.46
C ILE D 410 35.27 54.47 -8.51
N ALA D 411 34.02 54.90 -8.35
CA ALA D 411 33.09 54.27 -7.44
C ALA D 411 31.69 54.70 -7.83
N PRO D 412 30.66 53.89 -7.53
CA PRO D 412 29.30 54.29 -7.89
C PRO D 412 28.87 55.56 -7.18
N GLY D 413 28.12 56.39 -7.90
CA GLY D 413 27.56 57.60 -7.33
C GLY D 413 28.56 58.70 -7.04
N GLN D 414 29.63 58.78 -7.83
CA GLN D 414 30.65 59.82 -7.67
C GLN D 414 30.55 60.83 -8.81
N THR D 415 31.07 62.02 -8.55
CA THR D 415 31.10 63.09 -9.53
C THR D 415 32.49 63.72 -9.56
N GLY D 416 32.80 64.35 -10.67
CA GLY D 416 34.09 64.97 -10.87
C GLY D 416 34.51 64.90 -12.32
N LYS D 417 35.74 65.37 -12.57
CA LYS D 417 36.27 65.34 -13.94
C LYS D 417 36.32 63.93 -14.49
N ILE D 418 36.78 62.97 -13.68
CA ILE D 418 36.91 61.60 -14.15
C ILE D 418 35.55 60.91 -14.21
N ALA D 419 34.71 61.11 -13.18
CA ALA D 419 33.47 60.37 -13.11
C ALA D 419 32.44 60.87 -14.12
N ASP D 420 32.53 62.14 -14.52
CA ASP D 420 31.54 62.72 -15.42
C ASP D 420 31.97 62.75 -16.87
N TYR D 421 33.27 62.88 -17.15
CA TYR D 421 33.74 63.09 -18.50
C TYR D 421 34.71 62.01 -18.99
N ASN D 422 35.07 61.04 -18.14
CA ASN D 422 36.06 60.05 -18.53
C ASN D 422 35.59 58.62 -18.30
N TYR D 423 35.27 58.28 -17.05
CA TYR D 423 34.89 56.91 -16.71
C TYR D 423 33.84 56.95 -15.61
N LYS D 424 32.66 56.38 -15.89
CA LYS D 424 31.53 56.39 -14.97
C LYS D 424 31.12 54.97 -14.65
N LEU D 425 30.92 54.69 -13.36
CA LEU D 425 30.42 53.42 -12.88
C LEU D 425 28.93 53.52 -12.53
N PRO D 426 28.15 52.47 -12.78
CA PRO D 426 26.73 52.53 -12.46
C PRO D 426 26.48 52.44 -10.96
N ASP D 427 25.26 52.82 -10.56
CA ASP D 427 24.91 52.82 -9.15
C ASP D 427 24.86 51.40 -8.59
N ASP D 428 24.39 50.45 -9.39
CA ASP D 428 24.35 49.04 -9.00
C ASP D 428 25.58 48.28 -9.47
N PHE D 429 26.75 48.90 -9.36
CA PHE D 429 27.98 48.31 -9.86
C PHE D 429 28.31 47.03 -9.09
N THR D 430 28.62 45.97 -9.82
CA THR D 430 29.08 44.71 -9.25
C THR D 430 30.46 44.42 -9.79
N GLY D 431 31.47 44.60 -8.96
CA GLY D 431 32.84 44.36 -9.36
C GLY D 431 33.80 44.96 -8.36
N CYS D 432 35.07 45.03 -8.77
CA CYS D 432 36.14 45.51 -7.90
C CYS D 432 36.88 46.66 -8.57
N VAL D 433 37.33 47.60 -7.74
CA VAL D 433 38.15 48.72 -8.17
C VAL D 433 39.52 48.56 -7.54
N ILE D 434 40.52 48.25 -8.37
CA ILE D 434 41.87 47.93 -7.92
C ILE D 434 42.81 49.02 -8.44
N ALA D 435 43.57 49.62 -7.54
CA ALA D 435 44.48 50.70 -7.90
C ALA D 435 45.77 50.60 -7.11
N TRP D 436 46.85 51.09 -7.70
CA TRP D 436 48.16 51.11 -7.04
C TRP D 436 48.99 52.23 -7.63
N ASN D 437 49.90 52.75 -6.81
CA ASN D 437 50.76 53.84 -7.24
C ASN D 437 51.71 53.39 -8.34
N SER D 438 51.81 54.22 -9.39
CA SER D 438 52.66 53.92 -10.54
C SER D 438 53.60 55.08 -10.82
N ASN D 439 54.16 55.68 -9.76
CA ASN D 439 55.08 56.78 -9.95
C ASN D 439 56.40 56.32 -10.56
N ASN D 440 56.84 55.10 -10.21
CA ASN D 440 58.09 54.57 -10.73
C ASN D 440 58.01 54.26 -12.22
N LEU D 441 56.81 54.10 -12.77
CA LEU D 441 56.62 53.75 -14.17
C LEU D 441 56.15 54.91 -15.03
N ASP D 442 55.19 55.70 -14.54
CA ASP D 442 54.55 56.73 -15.35
C ASP D 442 55.06 58.14 -15.02
N SER D 443 56.26 58.26 -14.48
CA SER D 443 56.86 59.56 -14.18
C SER D 443 58.35 59.51 -14.47
N LYS D 444 58.79 60.33 -15.41
CA LYS D 444 60.20 60.49 -15.73
C LYS D 444 60.54 61.97 -15.80
N VAL D 445 61.83 62.26 -15.94
CA VAL D 445 62.30 63.63 -16.09
C VAL D 445 63.23 63.74 -17.29
N ASN D 448 58.66 58.87 -19.93
CA ASN D 448 58.35 59.67 -21.11
C ASN D 448 56.96 59.37 -21.65
N TYR D 449 56.07 58.96 -20.75
CA TYR D 449 54.70 58.63 -21.12
C TYR D 449 53.81 59.86 -21.12
N ASN D 450 52.74 59.81 -21.90
CA ASN D 450 51.84 60.95 -22.08
C ASN D 450 50.41 60.49 -21.81
N TYR D 451 49.92 60.75 -20.60
CA TYR D 451 48.57 60.38 -20.21
C TYR D 451 47.66 61.60 -20.26
N LEU D 452 46.46 61.40 -20.77
CA LEU D 452 45.51 62.48 -21.00
C LEU D 452 44.21 62.22 -20.24
N TYR D 453 43.45 63.30 -20.06
CA TYR D 453 42.11 63.22 -19.49
C TYR D 453 41.26 64.31 -20.13
N ARG D 454 39.95 64.07 -20.15
CA ARG D 454 39.01 64.99 -20.77
C ARG D 454 38.60 66.08 -19.79
N LEU D 455 38.53 67.31 -20.30
CA LEU D 455 38.18 68.48 -19.48
C LEU D 455 36.68 68.77 -19.49
N PHE D 456 36.09 68.86 -20.68
CA PHE D 456 34.71 69.26 -20.82
C PHE D 456 33.94 68.22 -21.63
N ARG D 457 32.62 68.26 -21.50
CA ARG D 457 31.72 67.43 -22.30
C ARG D 457 30.33 68.01 -22.18
N LYS D 458 29.59 68.01 -23.29
CA LYS D 458 28.26 68.63 -23.31
C LYS D 458 27.27 67.89 -22.42
N SER D 459 27.56 66.66 -22.02
CA SER D 459 26.73 65.93 -21.08
C SER D 459 27.58 64.90 -20.36
N ASN D 460 27.11 64.48 -19.19
CA ASN D 460 27.83 63.49 -18.41
C ASN D 460 27.78 62.12 -19.09
N LEU D 461 28.84 61.34 -18.87
CA LEU D 461 28.92 60.01 -19.46
C LEU D 461 27.93 59.05 -18.80
N LYS D 462 27.30 58.21 -19.62
CA LYS D 462 26.54 57.09 -19.10
C LYS D 462 27.51 56.05 -18.56
N PRO D 463 27.06 55.17 -17.66
CA PRO D 463 27.95 54.15 -17.10
C PRO D 463 28.57 53.28 -18.19
N PHE D 464 29.89 53.12 -18.10
CA PHE D 464 30.67 52.31 -19.03
C PHE D 464 30.67 52.89 -20.45
N GLU D 465 30.48 54.20 -20.57
CA GLU D 465 30.58 54.87 -21.85
C GLU D 465 32.01 55.38 -22.05
N ARG D 466 32.41 55.48 -23.32
CA ARG D 466 33.78 55.84 -23.67
C ARG D 466 33.75 56.86 -24.80
N ASP D 467 34.27 58.06 -24.52
CA ASP D 467 34.31 59.14 -25.48
C ASP D 467 35.77 59.43 -25.82
N ILE D 468 36.14 59.24 -27.09
CA ILE D 468 37.49 59.49 -27.57
C ILE D 468 37.54 60.63 -28.57
N SER D 469 36.42 61.31 -28.80
CA SER D 469 36.39 62.38 -29.79
C SER D 469 37.24 63.55 -29.35
N THR D 470 37.99 64.13 -30.29
CA THR D 470 38.86 65.26 -30.02
C THR D 470 38.33 66.55 -30.65
N GLU D 471 37.00 66.69 -30.71
CA GLU D 471 36.39 67.88 -31.27
C GLU D 471 36.42 69.03 -30.25
N ILE D 472 36.50 70.24 -30.77
CA ILE D 472 36.62 71.43 -29.92
C ILE D 472 35.33 71.64 -29.14
N TYR D 473 35.46 71.85 -27.84
CA TYR D 473 34.29 72.07 -26.98
C TYR D 473 33.79 73.49 -27.14
N GLN D 474 32.50 73.63 -27.45
CA GLN D 474 31.86 74.93 -27.61
C GLN D 474 31.21 75.33 -26.30
N ALA D 475 31.81 76.30 -25.61
CA ALA D 475 31.32 76.71 -24.30
C ALA D 475 30.35 77.88 -24.37
N GLY D 476 30.44 78.70 -25.42
CA GLY D 476 29.62 79.87 -25.57
C GLY D 476 28.64 79.76 -26.73
N SER D 477 28.11 80.92 -27.12
CA SER D 477 27.14 80.97 -28.22
C SER D 477 27.82 80.79 -29.56
N THR D 478 28.98 81.41 -29.75
CA THR D 478 29.65 81.38 -31.04
C THR D 478 30.13 79.97 -31.36
N PRO D 479 29.92 79.50 -32.60
CA PRO D 479 30.31 78.13 -32.93
C PRO D 479 31.74 78.03 -33.45
N CYS D 480 32.51 77.13 -32.87
CA CYS D 480 33.88 76.91 -33.33
C CYS D 480 33.88 76.25 -34.70
N ASN D 481 34.96 76.50 -35.45
CA ASN D 481 35.11 75.89 -36.77
C ASN D 481 36.17 74.81 -36.73
N GLY D 482 36.02 73.85 -35.81
CA GLY D 482 37.05 72.85 -35.61
C GLY D 482 38.37 73.42 -35.16
N VAL D 483 38.36 74.64 -34.61
CA VAL D 483 39.58 75.33 -34.20
C VAL D 483 39.33 75.96 -32.84
N GLU D 484 40.41 76.11 -32.08
CA GLU D 484 40.34 76.72 -30.77
C GLU D 484 40.21 78.24 -30.89
N GLY D 485 39.43 78.84 -30.00
CA GLY D 485 39.22 80.27 -30.02
C GLY D 485 38.44 80.78 -28.82
N PHE D 486 37.76 81.90 -28.98
CA PHE D 486 36.97 82.48 -27.91
C PHE D 486 35.79 81.58 -27.58
N ASN D 487 35.69 81.19 -26.31
CA ASN D 487 34.67 80.24 -25.86
C ASN D 487 34.75 78.92 -26.62
N CYS D 488 35.98 78.53 -26.98
CA CYS D 488 36.23 77.29 -27.72
C CYS D 488 37.53 76.71 -27.21
N TYR D 489 37.46 75.48 -26.68
CA TYR D 489 38.59 74.85 -26.01
C TYR D 489 38.80 73.44 -26.51
N PHE D 490 40.07 73.05 -26.64
CA PHE D 490 40.41 71.66 -26.88
C PHE D 490 40.08 70.84 -25.65
N PRO D 491 39.43 69.68 -25.80
CA PRO D 491 38.83 68.98 -24.67
C PRO D 491 39.78 68.11 -23.86
N LEU D 492 41.04 67.93 -24.27
CA LEU D 492 41.95 67.02 -23.59
C LEU D 492 43.13 67.79 -23.02
N GLN D 493 43.54 67.40 -21.81
CA GLN D 493 44.76 67.88 -21.18
C GLN D 493 45.66 66.71 -20.84
N SER D 494 46.94 67.00 -20.64
CA SER D 494 47.89 66.01 -20.15
C SER D 494 48.04 66.13 -18.64
N TYR D 495 48.32 65.00 -17.99
CA TYR D 495 48.66 65.01 -16.59
C TYR D 495 50.10 65.47 -16.40
N GLY D 496 50.33 66.26 -15.35
CA GLY D 496 51.66 66.71 -15.03
C GLY D 496 52.36 65.80 -14.05
N PHE D 497 52.62 64.56 -14.45
CA PHE D 497 53.19 63.55 -13.57
C PHE D 497 54.67 63.79 -13.41
N GLN D 498 55.03 64.59 -12.41
CA GLN D 498 56.40 64.83 -11.99
C GLN D 498 56.75 63.92 -10.82
N PRO D 499 57.95 63.31 -10.84
CA PRO D 499 58.31 62.39 -9.75
C PRO D 499 58.30 63.04 -8.36
N THR D 500 58.48 64.36 -8.28
CA THR D 500 58.49 65.06 -7.01
C THR D 500 57.10 65.58 -6.61
N ASN D 501 56.05 65.15 -7.30
CA ASN D 501 54.69 65.56 -6.95
C ASN D 501 54.29 64.98 -5.60
N GLY D 502 53.24 65.59 -5.02
CA GLY D 502 52.62 65.00 -3.86
C GLY D 502 51.96 63.67 -4.19
N VAL D 503 51.72 62.87 -3.15
CA VAL D 503 51.19 61.52 -3.34
C VAL D 503 49.87 61.58 -4.10
N GLY D 504 48.99 62.50 -3.72
CA GLY D 504 47.73 62.67 -4.42
C GLY D 504 47.85 63.15 -5.85
N TYR D 505 49.04 63.59 -6.26
CA TYR D 505 49.24 64.07 -7.62
C TYR D 505 50.08 63.12 -8.47
N GLN D 506 50.53 62.01 -7.91
CA GLN D 506 51.27 61.01 -8.65
C GLN D 506 50.32 60.07 -9.37
N PRO D 507 50.76 59.40 -10.43
CA PRO D 507 49.87 58.54 -11.20
C PRO D 507 49.53 57.26 -10.45
N TYR D 508 48.32 56.76 -10.69
CA TYR D 508 47.84 55.50 -10.14
C TYR D 508 47.22 54.68 -11.25
N ARG D 509 47.72 53.46 -11.44
CA ARG D 509 47.14 52.55 -12.41
C ARG D 509 45.92 51.87 -11.79
N VAL D 510 44.82 51.85 -12.52
CA VAL D 510 43.53 51.37 -12.01
C VAL D 510 43.03 50.26 -12.92
N VAL D 511 42.58 49.16 -12.32
CA VAL D 511 41.90 48.08 -13.03
C VAL D 511 40.51 47.92 -12.43
N VAL D 512 39.51 47.87 -13.28
CA VAL D 512 38.11 47.77 -12.86
C VAL D 512 37.56 46.48 -13.45
N LEU D 513 37.45 45.45 -12.60
CA LEU D 513 36.78 44.21 -12.98
C LEU D 513 35.30 44.34 -12.71
N SER D 514 34.49 44.06 -13.73
CA SER D 514 33.04 44.08 -13.60
C SER D 514 32.47 42.73 -14.01
N PHE D 515 31.45 42.28 -13.29
CA PHE D 515 30.89 40.94 -13.46
C PHE D 515 29.41 41.01 -13.80
N GLU D 516 28.94 39.96 -14.48
CA GLU D 516 27.52 39.80 -14.77
C GLU D 516 27.15 38.33 -14.56
N LEU D 517 25.98 38.10 -13.94
CA LEU D 517 25.53 36.76 -13.59
C LEU D 517 24.04 36.66 -13.90
N LEU D 518 23.72 36.36 -15.15
CA LEU D 518 22.34 36.15 -15.57
C LEU D 518 22.04 34.66 -15.69
N HIS D 519 20.78 34.34 -15.97
CA HIS D 519 20.37 32.96 -16.22
C HIS D 519 20.71 32.61 -17.68
N ALA D 520 22.00 32.52 -17.94
CA ALA D 520 22.55 32.33 -19.27
C ALA D 520 23.86 31.57 -19.15
N PRO D 521 24.38 31.01 -20.25
CA PRO D 521 25.66 30.28 -20.17
C PRO D 521 26.79 31.15 -19.64
N ALA D 522 27.78 30.50 -19.05
CA ALA D 522 28.93 31.17 -18.45
C ALA D 522 30.22 30.48 -18.88
N THR D 523 31.30 31.26 -18.96
CA THR D 523 32.59 30.74 -19.41
C THR D 523 33.76 31.13 -18.53
N VAL D 524 33.55 31.93 -17.49
CA VAL D 524 34.62 32.38 -16.60
C VAL D 524 34.34 31.82 -15.23
N CYS D 525 35.12 30.81 -14.83
CA CYS D 525 34.91 30.12 -13.56
C CYS D 525 36.19 30.11 -12.74
C1 NAG E . 36.70 -28.82 14.92
C2 NAG E . 37.96 -28.96 15.77
C3 NAG E . 39.15 -28.33 15.06
C4 NAG E . 39.29 -28.89 13.65
C5 NAG E . 37.96 -28.78 12.89
C6 NAG E . 37.99 -29.46 11.54
C7 NAG E . 37.29 -29.03 18.14
C8 NAG E . 37.16 -28.25 19.41
N2 NAG E . 37.77 -28.36 17.09
O3 NAG E . 40.33 -28.58 15.80
O4 NAG E . 40.28 -28.17 12.94
O5 NAG E . 36.91 -29.41 13.65
O6 NAG E . 38.78 -28.72 10.62
O7 NAG E . 36.97 -30.21 18.06
C1 NAG E . 41.40 -29.04 12.67
C2 NAG E . 42.40 -28.26 11.83
C3 NAG E . 43.63 -29.13 11.55
C4 NAG E . 44.22 -29.67 12.84
C5 NAG E . 43.13 -30.39 13.65
C6 NAG E . 43.61 -30.85 15.01
C7 NAG E . 41.33 -26.55 10.43
C8 NAG E . 40.75 -26.24 9.09
N2 NAG E . 41.81 -27.80 10.59
O3 NAG E . 44.61 -28.35 10.86
O4 NAG E . 45.27 -30.59 12.56
O5 NAG E . 42.02 -29.50 13.87
O6 NAG E . 43.79 -29.75 15.89
O7 NAG E . 41.38 -25.72 11.34
C1 NAG F . 1.99 -53.49 24.01
C2 NAG F . 2.25 -54.71 24.90
C3 NAG F . 1.66 -54.48 26.28
C4 NAG F . 2.15 -53.16 26.87
C5 NAG F . 1.90 -52.02 25.89
C6 NAG F . 2.51 -50.71 26.33
C7 NAG F . 2.48 -56.86 23.75
C8 NAG F . 1.76 -58.04 23.18
N2 NAG F . 1.72 -55.92 24.31
O3 NAG F . 2.01 -55.55 27.14
O4 NAG F . 1.45 -52.90 28.08
O5 NAG F . 2.51 -52.34 24.62
O6 NAG F . 1.58 -49.93 27.06
O7 NAG F . 3.70 -56.75 23.70
C1 NAG F . 2.39 -52.73 29.17
C2 NAG F . 1.68 -52.02 30.32
C3 NAG F . 2.65 -51.83 31.49
C4 NAG F . 3.30 -53.15 31.87
C5 NAG F . 3.89 -53.84 30.65
C6 NAG F . 4.39 -55.24 30.95
C7 NAG F . -0.16 -50.45 29.94
C8 NAG F . -0.54 -49.08 29.46
N2 NAG F . 1.14 -50.74 29.89
O3 NAG F . 1.94 -51.30 32.60
O4 NAG F . 4.34 -52.90 32.80
O5 NAG F . 2.90 -53.98 29.62
O6 NAG F . 3.48 -55.96 31.75
O7 NAG F . -0.98 -51.25 30.35
C1 BMA F . 4.06 -53.49 34.09
C2 BMA F . 5.21 -53.03 35.02
C3 BMA F . 4.93 -53.46 36.44
C4 BMA F . 3.52 -53.05 36.89
C5 BMA F . 2.49 -53.61 35.89
C6 BMA F . 1.07 -53.24 36.24
O2 BMA F . 5.29 -51.60 35.03
O3 BMA F . 5.91 -52.91 37.34
O4 BMA F . 3.25 -53.57 38.19
O5 BMA F . 2.79 -53.09 34.59
O6 BMA F . 0.20 -54.15 35.57
C1 MAN F . 6.69 -53.99 37.91
C2 MAN F . 7.64 -53.36 38.98
C3 MAN F . 8.77 -52.60 38.30
C4 MAN F . 9.49 -53.49 37.28
C5 MAN F . 8.49 -53.99 36.24
C6 MAN F . 9.10 -54.92 35.21
O2 MAN F . 8.27 -54.37 39.77
O3 MAN F . 9.70 -52.09 39.24
O4 MAN F . 10.52 -52.76 36.62
O5 MAN F . 7.42 -54.71 36.90
O6 MAN F . 9.31 -56.18 35.85
C1 NAG G . -11.65 -39.53 34.57
C2 NAG G . -12.17 -40.39 35.71
C3 NAG G . -12.45 -39.52 36.93
C4 NAG G . -11.21 -38.71 37.30
C5 NAG G . -10.70 -37.94 36.08
C6 NAG G . -9.40 -37.23 36.33
C7 NAG G . -13.75 -42.27 35.83
C8 NAG G . -15.02 -42.85 35.32
N2 NAG G . -13.38 -41.09 35.32
O3 NAG G . -12.82 -40.35 38.02
O4 NAG G . -11.53 -37.75 38.30
O5 NAG G . -10.48 -38.85 34.99
O6 NAG G . -8.88 -36.67 35.12
O7 NAG G . -13.07 -42.83 36.69
C1 NAG G . -11.12 -38.21 39.60
C2 NAG G . -10.79 -36.98 40.44
C3 NAG G . -10.45 -37.38 41.89
C4 NAG G . -11.52 -38.31 42.46
C5 NAG G . -11.81 -39.46 41.50
C6 NAG G . -12.97 -40.32 41.95
C7 NAG G . -8.46 -36.68 39.67
C8 NAG G . -7.50 -35.71 39.04
N2 NAG G . -9.71 -36.21 39.86
O3 NAG G . -10.39 -36.17 42.63
O4 NAG G . -11.16 -38.90 43.71
O5 NAG G . -12.17 -38.93 40.22
O6 NAG G . -14.14 -40.04 41.20
O7 NAG G . -8.13 -37.81 39.98
C1 BMA G . -9.99 -38.42 44.42
C2 BMA G . -10.49 -37.52 45.57
C3 BMA G . -9.31 -37.06 46.42
C4 BMA G . -8.45 -38.25 46.87
C5 BMA G . -8.02 -39.07 45.64
C6 BMA G . -7.23 -40.30 46.02
O2 BMA G . -11.36 -38.23 46.43
O3 BMA G . -9.75 -36.31 47.55
O4 BMA G . -7.31 -37.79 47.57
O5 BMA G . -9.21 -39.49 44.92
O6 BMA G . -6.31 -39.96 47.05
C1 MAN G . -9.41 -34.93 47.35
C2 MAN G . -8.94 -34.35 48.72
C3 MAN G . -10.12 -34.19 49.67
C4 MAN G . -11.26 -33.42 48.99
C5 MAN G . -11.67 -34.12 47.70
C6 MAN G . -12.77 -33.40 46.94
O2 MAN G . -8.38 -33.04 48.57
O3 MAN G . -9.75 -33.56 50.89
O4 MAN G . -12.38 -33.33 49.87
O5 MAN G . -10.52 -34.20 46.83
O6 MAN G . -13.26 -34.26 45.93
C1 NAG H . 15.64 -56.21 11.29
C2 NAG H . 15.87 -55.38 12.55
C3 NAG H . 16.89 -54.27 12.27
C4 NAG H . 18.17 -54.86 11.70
C5 NAG H . 17.85 -55.71 10.48
C6 NAG H . 19.05 -56.43 9.91
C7 NAG H . 14.11 -55.12 14.23
C8 NAG H . 12.83 -54.44 14.57
N2 NAG H . 14.62 -54.82 13.03
O3 NAG H . 17.17 -53.58 13.48
O4 NAG H . 19.04 -53.79 11.31
O5 NAG H . 16.89 -56.71 10.82
O6 NAG H . 19.45 -57.50 10.77
O7 NAG H . 14.67 -55.89 15.01
C1 NAG H . 20.33 -53.91 11.97
C2 NAG H . 21.11 -52.63 11.69
C3 NAG H . 22.47 -52.64 12.40
C4 NAG H . 22.27 -52.95 13.88
C5 NAG H . 21.46 -54.23 14.06
C6 NAG H . 21.15 -54.53 15.51
C7 NAG H . 21.86 -53.01 9.29
C8 NAG H . 22.52 -54.32 9.67
N2 NAG H . 21.25 -52.31 10.27
O3 NAG H . 23.11 -51.38 12.25
O4 NAG H . 23.54 -53.11 14.52
O5 NAG H . 20.20 -54.10 13.38
O6 NAG H . 20.13 -53.67 16.00
O7 NAG H . 21.89 -52.60 8.14
C1 NAG I . 7.80 -70.35 13.96
C2 NAG I . 8.55 -71.06 15.09
C3 NAG I . 8.04 -72.48 15.25
C4 NAG I . 6.52 -72.50 15.42
C5 NAG I . 5.85 -71.68 14.32
C6 NAG I . 4.37 -71.51 14.53
C7 NAG I . 10.82 -70.17 15.36
C8 NAG I . 12.26 -70.32 14.99
N2 NAG I . 9.98 -71.06 14.83
O3 NAG I . 8.65 -73.08 16.39
O4 NAG I . 6.07 -73.84 15.32
O5 NAG I . 6.41 -70.37 14.25
O6 NAG I . 3.65 -72.69 14.18
O7 NAG I . 10.43 -69.27 16.10
C1 NAG I . 5.32 -74.26 16.49
C2 NAG I . 5.46 -75.79 16.59
C3 NAG I . 4.70 -76.30 17.82
C4 NAG I . 5.14 -75.55 19.06
C5 NAG I . 5.03 -74.05 18.85
C6 NAG I . 5.56 -73.23 20.01
C7 NAG I . 3.77 -76.41 14.90
C8 NAG I . 3.53 -77.17 13.63
N2 NAG I . 5.02 -76.46 15.39
O3 NAG I . 4.94 -77.69 17.97
O4 NAG I . 4.33 -75.94 20.17
O5 NAG I . 5.78 -73.65 17.69
O6 NAG I . 6.95 -73.44 20.19
O7 NAG I . 2.87 -75.79 15.45
C1 NAG J . 8.84 -75.62 -5.71
C2 NAG J . 10.35 -75.54 -5.88
C3 NAG J . 10.73 -75.66 -7.36
C4 NAG J . 10.12 -76.92 -7.95
C5 NAG J . 8.62 -76.96 -7.69
C6 NAG J . 7.97 -78.25 -8.13
C7 NAG J . 12.08 -74.21 -4.76
C8 NAG J . 12.47 -72.86 -4.24
N2 NAG J . 10.88 -74.30 -5.33
O3 NAG J . 12.14 -75.69 -7.48
O4 NAG J . 10.35 -76.95 -9.36
O5 NAG J . 8.37 -76.84 -6.28
O6 NAG J . 8.86 -79.35 -8.02
O7 NAG J . 12.83 -75.17 -4.67
C1 NAG J . 11.36 -77.94 -9.63
C2 NAG J . 10.99 -78.66 -10.94
C3 NAG J . 12.08 -79.67 -11.30
C4 NAG J . 13.45 -79.00 -11.33
C5 NAG J . 13.70 -78.26 -10.02
C6 NAG J . 14.99 -77.48 -10.02
C7 NAG J . 8.67 -79.01 -11.62
C8 NAG J . 7.41 -79.78 -11.38
N2 NAG J . 9.70 -79.31 -10.84
O3 NAG J . 11.79 -80.24 -12.57
O4 NAG J . 14.46 -79.98 -11.52
O5 NAG J . 12.64 -77.33 -9.76
O6 NAG J . 14.87 -76.29 -10.79
O7 NAG J . 8.74 -78.15 -12.50
C1 NAG K . 2.95 4.53 45.38
C2 NAG K . 2.41 5.05 46.71
C3 NAG K . 2.57 3.97 47.79
C4 NAG K . 1.94 2.67 47.32
C5 NAG K . 2.43 2.28 45.93
C6 NAG K . 1.70 1.08 45.35
C7 NAG K . 2.44 7.30 47.65
C8 NAG K . 3.29 8.49 48.01
N2 NAG K . 3.08 6.27 47.11
O3 NAG K . 1.96 4.42 48.98
O4 NAG K . 2.28 1.63 48.23
O5 NAG K . 2.24 3.36 45.00
O6 NAG K . 2.61 0.12 44.84
O7 NAG K . 1.23 7.29 47.86
C1 NAG K . 1.19 1.32 49.11
C2 NAG K . 1.73 1.30 50.54
C3 NAG K . 0.60 1.02 51.52
C4 NAG K . -0.54 2.00 51.32
C5 NAG K . -0.99 2.01 49.86
C6 NAG K . -2.04 3.06 49.58
C7 NAG K . 4.03 0.65 51.10
C8 NAG K . 5.00 -0.48 51.18
N2 NAG K . 2.79 0.33 50.69
O3 NAG K . 1.09 1.11 52.86
O4 NAG K . -1.64 1.64 52.15
O5 NAG K . 0.12 2.28 49.01
O6 NAG K . -1.45 4.34 49.41
O7 NAG K . 4.33 1.80 51.39
C1 NAG L . 48.00 15.95 -15.61
C2 NAG L . 48.16 15.00 -16.78
C3 NAG L . 48.84 13.71 -16.33
C4 NAG L . 50.16 14.03 -15.61
C5 NAG L . 49.94 15.08 -14.52
C6 NAG L . 51.24 15.56 -13.91
C7 NAG L . 46.35 15.45 -18.38
C8 NAG L . 45.01 15.02 -18.90
N2 NAG L . 46.87 14.71 -17.39
O3 NAG L . 49.08 12.89 -17.46
O4 NAG L . 50.66 12.85 -14.99
O5 NAG L . 49.28 16.24 -15.06
O6 NAG L . 52.35 15.16 -14.69
O7 NAG L . 46.93 16.44 -18.82
C1 NAG L . 51.61 12.19 -15.82
C2 NAG L . 52.57 11.39 -14.93
C3 NAG L . 53.56 10.60 -15.77
C4 NAG L . 52.83 9.74 -16.78
C5 NAG L . 51.89 10.60 -17.61
C6 NAG L . 51.03 9.80 -18.57
C7 NAG L . 52.78 12.63 -12.81
C8 NAG L . 53.64 13.55 -11.99
N2 NAG L . 53.27 12.28 -14.00
O3 NAG L . 54.35 9.78 -14.90
O4 NAG L . 53.76 9.10 -17.65
O5 NAG L . 50.98 11.30 -16.74
O6 NAG L . 51.60 8.51 -18.80
O7 NAG L . 51.69 12.24 -12.41
C1 NAG M . 17.18 -61.27 -3.46
C2 NAG M . 16.80 -62.19 -4.61
C3 NAG M . 17.68 -63.44 -4.59
C4 NAG M . 19.15 -63.05 -4.59
C5 NAG M . 19.44 -62.07 -3.45
C6 NAG M . 20.85 -61.52 -3.48
C7 NAG M . 14.48 -62.15 -5.40
C8 NAG M . 13.07 -62.61 -5.14
N2 NAG M . 15.40 -62.55 -4.52
O3 NAG M . 17.38 -64.25 -5.72
O4 NAG M . 19.93 -64.23 -4.45
O5 NAG M . 18.57 -60.94 -3.55
O6 NAG M . 21.77 -62.41 -2.86
O7 NAG M . 14.76 -61.46 -6.38
C1 NAG M . 21.04 -64.42 -5.37
C2 NAG M . 20.93 -63.58 -6.67
C3 NAG M . 22.21 -63.70 -7.50
C4 NAG M . 23.44 -63.39 -6.67
C5 NAG M . 23.46 -64.27 -5.43
C6 NAG M . 24.61 -63.97 -4.51
C7 NAG M . 19.00 -63.12 -8.13
C8 NAG M . 17.86 -63.71 -8.89
N2 NAG M . 19.78 -63.99 -7.46
O3 NAG M . 22.14 -62.82 -8.61
O4 NAG M . 24.61 -63.62 -7.43
O5 NAG M . 22.25 -64.08 -4.68
O6 NAG M . 25.85 -63.95 -5.20
O7 NAG M . 19.23 -61.92 -8.11
C1 NAG N . -23.95 -51.83 29.97
C2 NAG N . -23.03 -52.84 30.61
C3 NAG N . -23.82 -53.74 31.54
C4 NAG N . -24.64 -52.92 32.55
C5 NAG N . -25.41 -51.81 31.85
C6 NAG N . -26.00 -50.82 32.82
C7 NAG N . -21.02 -53.76 29.57
C8 NAG N . -20.26 -53.06 30.67
N2 NAG N . -22.35 -53.62 29.60
O3 NAG N . -22.91 -54.60 32.22
O4 NAG N . -25.62 -53.76 33.15
O5 NAG N . -24.57 -51.06 30.97
O6 NAG N . -27.21 -51.28 33.40
O7 NAG N . -20.45 -54.44 28.73
C1 NAG N . -25.22 -54.29 34.42
C2 NAG N . -26.36 -54.15 35.46
C3 NAG N . -26.01 -54.87 36.77
C4 NAG N . -25.57 -56.30 36.50
C5 NAG N . -24.43 -56.29 35.49
C6 NAG N . -23.94 -57.67 35.14
C7 NAG N . -26.09 -51.74 36.24
C8 NAG N . -24.64 -51.99 36.61
N2 NAG N . -26.78 -52.76 35.70
O3 NAG N . -27.15 -54.82 37.63
O4 NAG N . -25.12 -56.89 37.70
O5 NAG N . -24.86 -55.67 34.28
O6 NAG N . -22.83 -57.58 34.25
O7 NAG N . -26.60 -50.64 36.40
C1 NAG O . -22.88 -68.00 27.64
C2 NAG O . -23.28 -67.68 29.08
C3 NAG O . -22.12 -67.96 30.03
C4 NAG O . -21.59 -69.37 29.82
C5 NAG O . -21.27 -69.61 28.36
C6 NAG O . -20.85 -71.03 28.06
C7 NAG O . -24.99 -65.92 29.21
C8 NAG O . -25.24 -64.44 29.34
N2 NAG O . -23.71 -66.29 29.20
O3 NAG O . -22.55 -67.78 31.37
O4 NAG O . -20.41 -69.56 30.61
O5 NAG O . -22.44 -69.34 27.57
O6 NAG O . -21.94 -71.92 28.25
O7 NAG O . -25.91 -66.73 29.11
C1 NAG O . -20.73 -70.54 31.62
C2 NAG O . -19.43 -71.13 32.19
C3 NAG O . -19.72 -72.15 33.31
C4 NAG O . -20.69 -71.56 34.33
C5 NAG O . -21.90 -70.93 33.65
C6 NAG O . -22.80 -70.19 34.62
C7 NAG O . -18.74 -72.73 30.34
C8 NAG O . -20.03 -73.49 30.46
N2 NAG O . -18.54 -71.68 31.16
O3 NAG O . -18.49 -72.52 33.92
O4 NAG O . -21.18 -72.62 35.15
O5 NAG O . -21.48 -69.97 32.67
O6 NAG O . -22.17 -69.01 35.10
O7 NAG O . -17.88 -73.06 29.52
C1 BMA O . -20.43 -72.71 36.38
C2 BMA O . -21.44 -72.87 37.52
C3 BMA O . -20.70 -73.17 38.83
C4 BMA O . -19.68 -74.30 38.67
C5 BMA O . -18.75 -74.00 37.49
C6 BMA O . -17.77 -75.13 37.21
O2 BMA O . -22.29 -73.99 37.28
O3 BMA O . -21.62 -73.49 39.88
O4 BMA O . -18.92 -74.43 39.86
O5 BMA O . -19.55 -73.81 36.32
O6 BMA O . -18.46 -76.15 36.51
C1 NAG P . -35.11 -45.48 19.70
C2 NAG P . -35.01 -45.52 21.23
C3 NAG P . -36.05 -44.59 21.87
C4 NAG P . -36.00 -43.20 21.26
C5 NAG P . -36.08 -43.29 19.75
C6 NAG P . -35.91 -41.96 19.05
C7 NAG P . -34.96 -47.26 22.96
C8 NAG P . -35.21 -48.72 23.27
N2 NAG P . -35.18 -46.88 21.70
O3 NAG P . -35.84 -44.51 23.26
O4 NAG P . -37.12 -42.48 21.75
O5 NAG P . -35.03 -44.14 19.25
O6 NAG P . -34.61 -41.83 18.49
O7 NAG P . -34.58 -46.48 23.82
C1 NAG P . -36.78 -41.29 22.48
C2 NAG P . -38.07 -40.48 22.57
C3 NAG P . -37.86 -39.22 23.39
C4 NAG P . -37.33 -39.59 24.77
C5 NAG P . -36.05 -40.40 24.60
C6 NAG P . -35.49 -40.88 25.92
C7 NAG P . -39.71 -40.64 20.75
C8 NAG P . -40.07 -40.20 19.36
N2 NAG P . -38.56 -40.16 21.24
O3 NAG P . -39.10 -38.53 23.50
O4 NAG P . -37.09 -38.41 25.54
O5 NAG P . -36.31 -41.56 23.81
O6 NAG P . -34.12 -41.22 25.80
O7 NAG P . -40.42 -41.39 21.40
C1 BMA P . -38.21 -38.22 26.44
C2 BMA P . -37.82 -37.17 27.52
C3 BMA P . -39.03 -36.92 28.43
C4 BMA P . -40.30 -36.59 27.61
C5 BMA P . -40.54 -37.67 26.54
C6 BMA P . -41.69 -37.33 25.62
O2 BMA P . -37.50 -35.92 26.92
O3 BMA P . -38.78 -35.89 29.37
O4 BMA P . -41.43 -36.52 28.46
O5 BMA P . -39.36 -37.77 25.73
O6 BMA P . -41.69 -38.27 24.55
C1 NAG Q . -37.22 -60.89 15.22
C2 NAG Q . -38.63 -61.27 15.63
C3 NAG Q . -38.84 -62.76 15.42
C4 NAG Q . -38.45 -63.17 14.00
C5 NAG Q . -37.10 -62.59 13.58
C6 NAG Q . -36.83 -62.74 12.10
C7 NAG Q . -39.61 -59.84 17.38
C8 NAG Q . -39.77 -59.63 18.85
N2 NAG Q . -38.89 -60.91 17.02
O3 NAG Q . -40.21 -63.07 15.65
O4 NAG Q . -38.34 -64.59 13.97
O5 NAG Q . -37.04 -61.19 13.86
O6 NAG Q . -36.27 -64.02 11.81
O7 NAG Q . -40.10 -59.08 16.54
C1 NAG Q . -39.10 -65.21 12.91
C2 NAG Q . -40.00 -66.30 13.51
C3 NAG Q . -40.81 -66.96 12.42
C4 NAG Q . -41.59 -65.93 11.61
C5 NAG Q . -40.64 -64.84 11.09
C6 NAG Q . -41.37 -63.71 10.41
C7 NAG Q . -38.28 -68.06 13.70
C8 NAG Q . -37.60 -69.02 14.63
N2 NAG Q . -39.21 -67.28 14.25
O3 NAG Q . -41.71 -67.89 13.01
O4 NAG Q . -42.22 -66.56 10.50
O5 NAG Q . -39.92 -64.26 12.19
O6 NAG Q . -42.24 -63.04 11.31
O7 NAG Q . -37.98 -68.00 12.50
C1 NAG R . -38.15 -35.77 -18.04
C2 NAG R . -39.07 -36.81 -18.67
C3 NAG R . -39.64 -36.29 -19.98
C4 NAG R . -40.27 -34.91 -19.79
C5 NAG R . -39.34 -33.96 -19.03
C6 NAG R . -40.01 -32.68 -18.61
C7 NAG R . -37.41 -38.47 -19.66
C8 NAG R . -36.73 -37.38 -20.45
N2 NAG R . -38.44 -38.12 -18.85
O3 NAG R . -40.61 -37.21 -20.47
O4 NAG R . -40.56 -34.36 -21.07
O5 NAG R . -38.89 -34.59 -17.81
O6 NAG R . -40.15 -31.75 -19.68
O7 NAG R . -37.02 -39.63 -19.71
C1 NAG R . -41.45 -31.15 -19.58
C2 NAG R . -42.48 -32.22 -19.96
C3 NAG R . -43.89 -31.66 -19.82
C4 NAG R . -44.08 -31.07 -18.41
C5 NAG R . -43.00 -30.04 -18.12
C6 NAG R . -43.09 -29.52 -16.71
C7 NAG R . -42.36 -32.01 -22.44
C8 NAG R . -42.07 -32.76 -23.72
N2 NAG R . -42.26 -32.72 -21.31
O3 NAG R . -44.82 -32.73 -20.09
O4 NAG R . -45.38 -30.51 -18.18
O5 NAG R . -41.73 -30.64 -18.26
O6 NAG R . -41.99 -28.67 -16.41
O7 NAG R . -42.63 -30.81 -22.45
C1 BMA R . -46.20 -30.16 -19.31
C2 BMA R . -47.34 -31.17 -19.35
C3 BMA R . -48.28 -30.84 -20.48
C4 BMA R . -48.76 -29.40 -20.44
C5 BMA R . -47.55 -28.39 -20.32
C6 BMA R . -48.01 -27.00 -20.10
O2 BMA R . -48.11 -31.06 -18.14
O3 BMA R . -49.40 -31.74 -20.47
O4 BMA R . -49.47 -29.11 -21.61
O5 BMA R . -46.69 -28.77 -19.25
O6 BMA R . -46.93 -26.13 -20.22
C1 NAG S . -38.70 -45.35 1.93
C2 NAG S . -39.91 -46.29 2.02
C3 NAG S . -40.82 -46.06 0.83
C4 NAG S . -41.20 -44.59 0.69
C5 NAG S . -39.94 -43.74 0.67
C6 NAG S . -40.22 -42.25 0.69
C7 NAG S . -39.68 -48.44 3.16
C8 NAG S . -39.19 -49.84 3.06
N2 NAG S . -39.49 -47.67 2.08
O3 NAG S . -42.00 -46.85 0.98
O4 NAG S . -41.93 -44.41 -0.52
O5 NAG S . -39.14 -44.01 1.83
O6 NAG S . -39.01 -41.51 0.61
O7 NAG S . -40.23 -48.02 4.17
C1 NAG S . -43.16 -43.68 -0.25
C2 NAG S . -43.52 -42.88 -1.50
C3 NAG S . -44.79 -42.09 -1.25
C4 NAG S . -45.92 -42.97 -0.74
C5 NAG S . -45.44 -43.84 0.43
C6 NAG S . -46.44 -44.89 0.84
C7 NAG S . -41.77 -42.16 -3.04
C8 NAG S . -40.68 -41.15 -3.30
N2 NAG S . -42.44 -42.01 -1.89
O3 NAG S . -45.18 -41.46 -2.48
O4 NAG S . -46.98 -42.15 -0.28
O5 NAG S . -44.24 -44.55 0.08
O6 NAG S . -46.60 -45.88 -0.17
O7 NAG S . -42.03 -43.05 -3.84
C1 BMA S . -48.22 -42.34 -1.00
C2 BMA S . -48.43 -41.13 -1.97
C3 BMA S . -49.67 -41.33 -2.84
C4 BMA S . -49.72 -42.77 -3.43
C5 BMA S . -49.52 -43.81 -2.33
C6 BMA S . -49.55 -45.23 -2.85
O2 BMA S . -47.34 -40.98 -2.87
O3 BMA S . -49.71 -40.38 -3.90
O4 BMA S . -50.97 -42.98 -4.06
O5 BMA S . -48.25 -43.57 -1.72
O6 BMA S . -50.70 -45.38 -3.67
C1 MAN S . -50.98 -39.70 -3.90
C2 MAN S . -51.53 -39.76 -5.35
C3 MAN S . -50.63 -38.94 -6.28
C4 MAN S . -50.45 -37.51 -5.74
C5 MAN S . -49.92 -37.56 -4.29
C6 MAN S . -49.83 -36.20 -3.65
O2 MAN S . -52.82 -39.18 -5.44
O3 MAN S . -51.16 -38.90 -7.60
O4 MAN S . -49.52 -36.81 -6.54
O5 MAN S . -50.82 -38.36 -3.48
O6 MAN S . -48.94 -35.40 -4.43
C1 NAG T . -40.38 13.24 -19.09
C2 NAG T . -41.63 12.68 -18.44
C3 NAG T . -42.55 11.98 -19.45
C4 NAG T . -42.28 12.30 -20.92
C5 NAG T . -41.17 13.31 -21.24
C6 NAG T . -41.59 14.29 -22.31
C7 NAG T . -40.67 10.66 -17.26
C8 NAG T . -40.13 10.10 -18.55
N2 NAG T . -41.34 11.83 -17.29
O3 NAG T . -43.90 12.28 -19.14
O4 NAG T . -41.87 11.08 -21.54
O5 NAG T . -40.74 14.07 -20.11
O6 NAG T . -41.83 13.63 -23.54
O7 NAG T . -40.50 10.06 -16.19
C1 NAG T . -42.80 10.76 -22.57
C2 NAG T . -42.01 10.11 -23.72
C3 NAG T . -42.96 9.66 -24.83
C4 NAG T . -44.04 8.75 -24.25
C5 NAG T . -44.75 9.48 -23.11
C6 NAG T . -45.79 8.64 -22.39
C7 NAG T . -39.77 11.10 -23.81
C8 NAG T . -38.91 12.12 -24.46
N2 NAG T . -41.03 11.03 -24.26
O3 NAG T . -42.22 9.00 -25.85
O4 NAG T . -45.01 8.42 -25.24
O5 NAG T . -43.80 9.85 -22.11
O6 NAG T . -45.40 7.27 -22.32
O7 NAG T . -39.34 10.30 -22.97
C1 NAG U . -26.86 42.50 9.67
C2 NAG U . -25.97 43.44 10.47
C3 NAG U . -25.55 42.83 11.81
C4 NAG U . -26.75 42.28 12.56
C5 NAG U . -27.63 41.42 11.63
C6 NAG U . -28.90 40.94 12.28
C7 NAG U . -23.81 43.28 9.14
C8 NAG U . -23.78 41.78 9.31
N2 NAG U . -24.84 43.96 9.71
O3 NAG U . -24.86 43.78 12.61
O4 NAG U . -26.30 41.46 13.62
O5 NAG U . -28.00 42.15 10.45
O6 NAG U . -30.06 41.54 11.71
O7 NAG U . -22.93 43.87 8.52
C1 NAG U . -26.31 42.05 14.97
C2 NAG U . -24.86 42.06 15.51
C3 NAG U . -24.85 42.67 16.91
C4 NAG U . -25.48 44.06 16.91
C5 NAG U . -26.88 44.00 16.30
C6 NAG U . -27.51 45.36 16.13
C7 NAG U . -23.16 40.43 14.92
C8 NAG U . -22.70 39.00 15.04
N2 NAG U . -24.30 40.72 15.52
O3 NAG U . -23.49 42.72 17.36
O4 NAG U . -25.53 44.55 18.24
O5 NAG U . -26.84 43.41 14.99
O6 NAG U . -27.36 46.15 17.30
O7 NAG U . -22.50 41.26 14.29
C1 NAG V . -34.94 -66.73 -17.30
C2 NAG V . -35.81 -66.28 -18.46
C3 NAG V . -37.24 -66.08 -17.99
C4 NAG V . -37.75 -67.33 -17.30
C5 NAG V . -36.79 -67.75 -16.19
C6 NAG V . -37.15 -69.06 -15.55
C7 NAG V . -34.55 -65.07 -20.17
C8 NAG V . -34.11 -63.73 -20.67
N2 NAG V . -35.30 -65.07 -19.06
O3 NAG V . -38.07 -65.75 -19.11
O4 NAG V . -39.03 -67.11 -16.71
O5 NAG V . -35.46 -67.91 -16.72
O6 NAG V . -37.76 -69.94 -16.49
O7 NAG V . -34.26 -66.10 -20.76
C1 NAG V . -40.03 -67.64 -17.58
C2 NAG V . -41.06 -68.42 -16.78
C3 NAG V . -42.16 -68.93 -17.69
C4 NAG V . -42.76 -67.79 -18.50
C5 NAG V . -41.66 -67.02 -19.22
C6 NAG V . -42.17 -65.80 -19.93
C7 NAG V . -40.59 -69.69 -14.73
C8 NAG V . -39.90 -70.90 -14.14
N2 NAG V . -40.45 -69.52 -16.05
O3 NAG V . -43.16 -69.57 -16.90
O4 NAG V . -43.68 -68.31 -19.45
O5 NAG V . -40.68 -66.57 -18.29
O6 NAG V . -43.02 -65.03 -19.08
O7 NAG V . -41.24 -68.92 -14.04
C1 BMA V . -45.03 -68.09 -19.03
C2 BMA V . -45.83 -69.31 -19.50
C3 BMA V . -47.28 -69.16 -19.07
C4 BMA V . -47.38 -68.93 -17.56
C5 BMA V . -46.51 -67.73 -17.15
C6 BMA V . -46.47 -67.51 -15.65
O2 BMA V . -45.34 -70.50 -18.88
O3 BMA V . -48.03 -70.31 -19.48
O4 BMA V . -48.73 -68.71 -17.19
O5 BMA V . -45.16 -67.94 -17.62
O6 BMA V . -46.69 -68.76 -15.00
C1 MAN V . -48.98 -69.96 -20.51
C2 MAN V . -49.56 -71.30 -21.07
C3 MAN V . -48.57 -71.94 -22.05
C4 MAN V . -48.23 -70.96 -23.16
C5 MAN V . -47.53 -69.75 -22.54
C6 MAN V . -47.16 -68.69 -23.57
O2 MAN V . -50.75 -71.08 -21.82
O3 MAN V . -49.08 -73.16 -22.59
O4 MAN V . -47.35 -71.58 -24.09
O5 MAN V . -48.41 -69.12 -21.55
O6 MAN V . -46.43 -67.66 -22.90
C1 NAG W . -16.09 -66.17 -24.87
C2 NAG W . -15.96 -66.77 -26.26
C3 NAG W . -16.18 -68.29 -26.22
C4 NAG W . -15.26 -68.92 -25.17
C5 NAG W . -15.44 -68.22 -23.83
C6 NAG W . -14.49 -68.71 -22.75
C7 NAG W . -16.78 -66.20 -28.51
C8 NAG W . -17.85 -65.50 -29.29
N2 NAG W . -16.91 -66.16 -27.18
O3 NAG W . -15.91 -68.85 -27.49
O4 NAG W . -15.59 -70.30 -25.05
O5 NAG W . -15.18 -66.82 -23.98
O6 NAG W . -13.14 -68.62 -23.18
O7 NAG W . -15.86 -66.77 -29.06
C1 NAG W . -14.40 -71.12 -25.01
C2 NAG W . -14.80 -72.56 -25.37
C3 NAG W . -13.59 -73.48 -25.36
C4 NAG W . -12.48 -72.92 -26.23
C5 NAG W . -12.17 -71.47 -25.84
C6 NAG W . -11.15 -70.83 -26.75
C7 NAG W . -15.98 -73.29 -23.25
C8 NAG W . -14.78 -72.92 -22.41
N2 NAG W . -15.91 -73.09 -24.58
O3 NAG W . -13.97 -74.77 -25.84
O4 NAG W . -11.31 -73.70 -26.10
O5 NAG W . -13.36 -70.67 -25.91
O6 NAG W . -9.84 -71.28 -26.47
O7 NAG W . -16.99 -73.76 -22.73
C1 NAG X . -17.50 -49.78 -28.99
C2 NAG X . -16.19 -49.30 -29.58
C3 NAG X . -16.33 -47.88 -30.09
C4 NAG X . -17.53 -47.72 -31.01
C5 NAG X . -18.78 -48.36 -30.39
C6 NAG X . -19.94 -48.41 -31.35
C7 NAG X . -14.12 -50.30 -28.72
C8 NAG X . -13.09 -50.27 -27.63
N2 NAG X . -15.12 -49.41 -28.62
O3 NAG X . -15.13 -47.51 -30.77
O4 NAG X . -17.85 -46.34 -31.18
O5 NAG X . -18.52 -49.69 -29.97
O6 NAG X . -21.13 -48.80 -30.69
O7 NAG X . -14.05 -51.09 -29.65
C1 NAG X . -17.25 -45.66 -32.31
C2 NAG X . -17.70 -46.28 -33.65
C3 NAG X . -18.87 -45.50 -34.24
C4 NAG X . -18.49 -44.06 -34.53
C5 NAG X . -17.46 -43.55 -33.52
C6 NAG X . -17.61 -42.08 -33.21
C7 NAG X . -16.01 -47.44 -35.02
C8 NAG X . -16.56 -48.72 -34.45
N2 NAG X . -16.59 -46.32 -34.60
O3 NAG X . -19.96 -45.57 -33.31
O4 NAG X . -17.94 -43.95 -35.84
O5 NAG X . -17.63 -44.26 -32.28
O6 NAG X . -16.47 -41.35 -33.63
O7 NAG X . -15.08 -47.44 -35.82
C1 BMA X . -18.81 -43.23 -36.76
C2 BMA X . -18.47 -41.72 -36.67
C3 BMA X . -19.20 -40.91 -37.76
C4 BMA X . -18.98 -41.54 -39.13
C5 BMA X . -19.41 -43.02 -39.09
C6 BMA X . -19.18 -43.71 -40.43
O2 BMA X . -17.08 -41.50 -36.86
O3 BMA X . -18.79 -39.55 -37.76
O4 BMA X . -19.72 -40.83 -40.14
O5 BMA X . -18.65 -43.72 -38.09
O6 BMA X . -19.02 -45.10 -40.20
C1 NAG Y . 19.32 -46.91 -14.23
C2 NAG Y . 20.20 -48.09 -14.64
C3 NAG Y . 21.63 -47.61 -14.91
C4 NAG Y . 21.64 -46.45 -15.88
C5 NAG Y . 20.69 -45.35 -15.40
C6 NAG Y . 20.55 -44.20 -16.38
C7 NAG Y . 20.53 -50.39 -13.87
C8 NAG Y . 20.45 -51.33 -12.69
N2 NAG Y . 20.18 -49.12 -13.62
O3 NAG Y . 22.39 -48.69 -15.44
O4 NAG Y . 22.96 -45.91 -15.96
O5 NAG Y . 19.38 -45.90 -15.22
O6 NAG Y . 20.40 -44.67 -17.72
O7 NAG Y . 20.86 -50.77 -14.98
C1 NAG Y . 23.43 -45.90 -17.33
C2 NAG Y . 24.83 -45.29 -17.32
C3 NAG Y . 25.42 -45.30 -18.74
C4 NAG Y . 25.39 -46.71 -19.30
C5 NAG Y . 23.96 -47.24 -19.25
C6 NAG Y . 23.85 -48.66 -19.74
C7 NAG Y . 24.15 -42.91 -17.32
C8 NAG Y . 24.27 -41.59 -16.60
N2 NAG Y . 24.82 -43.94 -16.79
O3 NAG Y . 26.76 -44.81 -18.70
O4 NAG Y . 25.86 -46.70 -20.64
O5 NAG Y . 23.48 -47.23 -17.91
O6 NAG Y . 22.76 -48.81 -20.66
O7 NAG Y . 23.48 -43.02 -18.34
C1 NAG Z . 0.30 -53.91 -22.71
C2 NAG Z . 0.60 -55.04 -23.67
C3 NAG Z . 2.10 -55.23 -23.82
C4 NAG Z . 2.75 -53.92 -24.22
C5 NAG Z . 2.37 -52.82 -23.23
C6 NAG Z . 2.88 -51.45 -23.62
C7 NAG Z . -1.03 -56.87 -23.87
C8 NAG Z . -1.54 -58.15 -23.27
N2 NAG Z . -0.01 -56.28 -23.22
O3 NAG Z . 2.36 -56.23 -24.80
O4 NAG Z . 4.17 -54.07 -24.24
O5 NAG Z . 0.95 -52.72 -23.14
O6 NAG Z . 2.42 -51.11 -24.93
O7 NAG Z . -1.51 -56.39 -24.88
C1 NAG Z . 4.66 -53.81 -25.57
C2 NAG Z . 6.15 -53.46 -25.49
C3 NAG Z . 6.70 -53.23 -26.88
C4 NAG Z . 6.39 -54.40 -27.80
C5 NAG Z . 4.89 -54.71 -27.76
C6 NAG Z . 4.50 -55.95 -28.54
C7 NAG Z . 6.99 -52.35 -23.48
C8 NAG Z . 7.12 -51.05 -22.75
N2 NAG Z . 6.36 -52.30 -24.66
O3 NAG Z . 8.12 -53.05 -26.79
O4 NAG Z . 6.75 -54.04 -29.14
O5 NAG Z . 4.48 -54.94 -26.41
O6 NAG Z . 3.42 -55.68 -29.42
O7 NAG Z . 7.44 -53.39 -23.03
C1 BMA Z . 7.62 -55.03 -29.72
C2 BMA Z . 8.01 -54.56 -31.15
C3 BMA Z . 8.93 -55.58 -31.78
C4 BMA Z . 10.10 -55.95 -30.86
C5 BMA Z . 9.59 -56.34 -29.46
C6 BMA Z . 10.71 -56.61 -28.48
O2 BMA Z . 8.73 -53.34 -31.09
O3 BMA Z . 9.42 -55.14 -33.05
O4 BMA Z . 10.82 -57.04 -31.41
O5 BMA Z . 8.80 -55.26 -28.95
O6 BMA Z . 11.45 -57.73 -28.96
C1 NAG AA . -31.90 -51.26 -22.79
C2 NAG AA . -33.30 -51.52 -22.21
C3 NAG AA . -34.11 -52.45 -23.10
C4 NAG AA . -34.11 -51.94 -24.54
C5 NAG AA . -32.68 -51.70 -25.01
C6 NAG AA . -32.61 -51.12 -26.40
C7 NAG AA . -32.77 -53.07 -20.27
C8 NAG AA . -32.10 -54.06 -21.19
N2 NAG AA . -33.29 -51.95 -20.81
O3 NAG AA . -35.43 -52.56 -22.60
O4 NAG AA . -34.75 -52.88 -25.40
O5 NAG AA . -32.03 -50.78 -24.13
O6 NAG AA . -33.14 -49.80 -26.43
O7 NAG AA . -32.85 -53.29 -19.07
C1 NAG AA . -36.01 -52.31 -25.81
C2 NAG AA . -36.47 -53.02 -27.08
C3 NAG AA . -37.84 -52.48 -27.51
C4 NAG AA . -38.83 -52.61 -26.36
C5 NAG AA . -38.29 -51.92 -25.12
C6 NAG AA . -39.17 -52.12 -23.90
C7 NAG AA . -34.74 -53.87 -28.58
C8 NAG AA . -33.80 -53.55 -29.70
N2 NAG AA . -35.51 -52.86 -28.16
O3 NAG AA . -38.30 -53.22 -28.63
O4 NAG AA . -40.07 -52.02 -26.73
O5 NAG AA . -37.00 -52.47 -24.78
O6 NAG AA . -38.58 -53.05 -22.98
O7 NAG AA . -34.80 -54.99 -28.09
C1 NAG BA . 35.91 -5.65 -25.92
C2 NAG BA . 36.66 -6.56 -24.94
C3 NAG BA . 37.58 -7.47 -25.72
C4 NAG BA . 36.88 -8.14 -26.91
C5 NAG BA . 35.95 -7.19 -27.67
C6 NAG BA . 35.04 -7.90 -28.64
C7 NAG BA . 37.73 -6.28 -22.76
C8 NAG BA . 38.53 -5.38 -21.86
N2 NAG BA . 37.40 -5.79 -23.95
O3 NAG BA . 38.11 -8.47 -24.85
O4 NAG BA . 37.87 -8.53 -27.84
O5 NAG BA . 35.13 -6.44 -26.77
O6 NAG BA . 33.93 -8.51 -27.99
O7 NAG BA . 37.42 -7.42 -22.42
C1 NAG BA . 38.28 -9.90 -27.70
C2 NAG BA . 39.48 -10.01 -28.62
C3 NAG BA . 40.02 -11.43 -28.61
C4 NAG BA . 40.36 -11.83 -27.18
C5 NAG BA . 39.17 -11.63 -26.25
C6 NAG BA . 39.52 -11.83 -24.80
C7 NAG BA . 39.88 -8.80 -30.74
C8 NAG BA . 41.13 -8.25 -30.11
N2 NAG BA . 39.14 -9.62 -29.99
O3 NAG BA . 41.18 -11.50 -29.44
O4 NAG BA . 40.76 -13.20 -27.15
O5 NAG BA . 38.67 -10.29 -26.37
O6 NAG BA . 40.10 -10.66 -24.24
O7 NAG BA . 39.57 -8.51 -31.88
C1 BMA BA . 42.19 -13.26 -26.99
C2 BMA BA . 42.60 -14.74 -26.84
C3 BMA BA . 44.14 -14.85 -26.87
C4 BMA BA . 44.76 -14.07 -28.06
C5 BMA BA . 44.26 -12.62 -28.02
C6 BMA BA . 44.79 -11.78 -29.17
O2 BMA BA . 42.11 -15.52 -27.92
O3 BMA BA . 44.55 -16.20 -26.90
O4 BMA BA . 46.18 -14.12 -28.00
O5 BMA BA . 42.84 -12.66 -28.11
O6 BMA BA . 44.00 -10.60 -29.25
C1 NAG CA . -8.89 56.64 -18.87
C2 NAG CA . -9.30 56.16 -20.28
C3 NAG CA . -8.09 55.70 -21.09
C4 NAG CA . -7.01 56.77 -21.08
C5 NAG CA . -6.68 57.18 -19.66
C6 NAG CA . -5.70 58.32 -19.58
C7 NAG CA . -10.34 53.89 -19.77
C8 NAG CA . -9.09 53.43 -19.06
N2 NAG CA . -10.36 55.15 -20.27
O3 NAG CA . -8.51 55.44 -22.42
O4 NAG CA . -5.82 56.26 -21.68
O5 NAG CA . -7.87 57.63 -18.99
O6 NAG CA . -4.39 57.91 -19.97
O7 NAG CA . -11.33 53.16 -19.87
C1 NAG CA . -5.69 56.67 -23.05
C2 NAG CA . -4.31 56.26 -23.53
C3 NAG CA . -4.15 56.58 -25.02
C4 NAG CA . -5.28 55.97 -25.84
C5 NAG CA . -6.63 56.43 -25.28
C6 NAG CA . -7.80 55.77 -25.95
C7 NAG CA . -2.28 56.23 -22.17
C8 NAG CA . -1.27 57.06 -21.43
N2 NAG CA . -3.26 56.90 -22.76
O3 NAG CA . -2.89 56.09 -25.48
O4 NAG CA . -5.16 56.37 -27.20
O5 NAG CA . -6.71 56.09 -23.88
O6 NAG CA . -7.56 54.38 -26.12
O7 NAG CA . -2.20 55.00 -22.20
C1 BMA CA . -4.95 55.17 -27.99
C2 BMA CA . -5.63 55.38 -29.37
C3 BMA CA . -5.35 54.18 -30.27
C4 BMA CA . -3.85 53.82 -30.29
C5 BMA CA . -3.32 53.66 -28.85
C6 BMA CA . -1.83 53.36 -28.80
O2 BMA CA . -5.11 56.53 -30.03
O3 BMA CA . -5.82 54.40 -31.59
O4 BMA CA . -3.65 52.62 -31.01
O5 BMA CA . -3.56 54.88 -28.15
O6 BMA CA . -1.45 53.33 -27.43
C1 NAG DA . 45.70 25.99 -41.71
C2 NAG DA . 46.24 27.16 -42.52
C3 NAG DA . 47.25 27.98 -41.68
C4 NAG DA . 46.67 28.38 -40.34
C5 NAG DA . 46.06 27.18 -39.60
C6 NAG DA . 45.18 27.61 -38.44
C7 NAG DA . 47.92 25.93 -43.85
C8 NAG DA . 48.38 25.59 -45.24
N2 NAG DA . 46.85 26.72 -43.77
O3 NAG DA . 47.61 29.14 -42.44
O4 NAG DA . 47.73 28.94 -39.56
O5 NAG DA . 45.18 26.46 -40.48
O6 NAG DA . 45.72 27.28 -37.17
O7 NAG DA . 48.52 25.52 -42.84
C1 NAG DA . 47.40 30.10 -38.76
C2 NAG DA . 48.22 30.07 -37.45
C3 NAG DA . 47.94 31.32 -36.61
C4 NAG DA . 48.10 32.59 -37.44
C5 NAG DA . 47.30 32.52 -38.73
C6 NAG DA . 47.57 33.68 -39.66
C7 NAG DA . 48.72 27.79 -36.74
C8 NAG DA . 48.30 26.63 -35.88
N2 NAG DA . 47.94 28.87 -36.69
O3 NAG DA . 48.83 31.33 -35.51
O4 NAG DA . 47.65 33.70 -36.66
O5 NAG DA . 47.65 31.33 -39.46
O6 NAG DA . 48.93 34.10 -39.64
O7 NAG DA . 49.73 27.75 -37.44
C1 NAG EA . -16.33 -18.11 -44.35
C2 NAG EA . -16.03 -17.82 -45.82
C3 NAG EA . -16.92 -16.70 -46.34
C4 NAG EA . -18.39 -17.00 -46.06
C5 NAG EA . -18.58 -17.29 -44.57
C6 NAG EA . -19.99 -17.69 -44.22
C7 NAG EA . -13.69 -18.41 -46.30
C8 NAG EA . -12.30 -17.89 -46.47
N2 NAG EA . -14.63 -17.50 -46.02
O3 NAG EA . -16.69 -16.56 -47.74
O4 NAG EA . -19.22 -15.88 -46.38
O5 NAG EA . -17.72 -18.37 -44.18
O6 NAG EA . -20.28 -19.00 -44.66
O7 NAG EA . -13.95 -19.61 -46.38
C1 NAG EA . -19.61 -15.85 -47.77
C2 NAG EA . -21.05 -16.35 -47.98
C3 NAG EA . -21.48 -16.17 -49.44
C4 NAG EA . -21.25 -14.74 -49.90
C5 NAG EA . -19.81 -14.33 -49.64
C6 NAG EA . -19.53 -12.88 -49.97
C7 NAG EA . -22.36 -18.33 -47.36
C8 NAG EA . -22.31 -19.78 -46.96
N2 NAG EA . -21.18 -17.74 -47.58
O3 NAG EA . -22.84 -16.52 -49.62
O4 NAG EA . -21.53 -14.62 -51.29
O5 NAG EA . -19.50 -14.49 -48.25
O6 NAG EA . -20.01 -12.54 -51.27
O7 NAG EA . -23.43 -17.73 -47.49
C1 NAG FA . 12.24 -16.35 34.16
C2 NAG FA . 11.48 -17.61 34.54
C3 NAG FA . 10.57 -17.35 35.74
C4 NAG FA . 11.38 -16.75 36.88
C5 NAG FA . 12.16 -15.52 36.41
C6 NAG FA . 13.07 -14.95 37.46
C7 NAG FA . 10.75 -19.39 33.01
C8 NAG FA . 9.89 -19.75 31.83
N2 NAG FA . 10.71 -18.11 33.42
O3 NAG FA . 9.96 -18.56 36.16
O4 NAG FA . 10.50 -16.36 37.94
O5 NAG FA . 13.00 -15.89 35.30
O6 NAG FA . 13.57 -13.68 37.08
O7 NAG FA . 11.46 -20.22 33.57
C1 NAG GA . 37.82 -11.06 4.09
C2 NAG GA . 37.93 -12.33 3.24
C3 NAG GA . 39.35 -12.89 3.30
C4 NAG GA . 40.37 -11.82 2.94
C5 NAG GA . 40.15 -10.58 3.82
C6 NAG GA . 41.05 -9.43 3.43
C7 NAG GA . 35.70 -13.36 3.20
C8 NAG GA . 34.84 -14.46 3.74
N2 NAG GA . 36.97 -13.32 3.66
O3 NAG GA . 39.46 -13.99 2.42
O4 NAG GA . 41.69 -12.31 3.15
O5 NAG GA . 38.81 -10.11 3.67
O6 NAG GA . 40.33 -8.39 2.79
O7 NAG GA . 35.28 -12.55 2.39
C1 NAG HA . 22.11 33.94 54.70
C2 NAG HA . 21.94 34.71 56.01
C3 NAG HA . 20.77 35.68 55.91
C4 NAG HA . 20.93 36.58 54.69
C5 NAG HA . 21.15 35.74 53.44
C6 NAG HA . 21.44 36.56 52.21
C7 NAG HA . 22.73 33.56 58.03
C8 NAG HA . 22.37 32.60 59.13
N2 NAG HA . 21.76 33.81 57.14
O3 NAG HA . 20.69 36.47 57.09
O4 NAG HA . 19.78 37.40 54.53
O5 NAG HA . 22.26 34.86 53.62
O6 NAG HA . 20.93 37.89 52.34
O7 NAG HA . 23.84 34.07 57.95
C1 NAG IA . 30.72 47.74 34.52
C2 NAG IA . 30.62 48.38 33.13
C3 NAG IA . 31.74 49.40 32.92
C4 NAG IA . 31.78 50.40 34.08
C5 NAG IA . 31.83 49.66 35.41
C6 NAG IA . 31.75 50.58 36.61
C7 NAG IA . 31.44 46.50 31.63
C8 NAG IA . 32.74 46.40 32.40
N2 NAG IA . 30.55 47.42 32.03
O3 NAG IA . 31.53 50.09 31.69
O4 NAG IA . 32.92 51.24 33.95
O5 NAG IA . 30.73 48.75 35.52
O6 NAG IA . 32.53 51.76 36.41
O7 NAG IA . 31.23 45.77 30.67
C1 NAG JA . 33.08 30.41 26.22
C2 NAG JA . 33.01 30.49 24.71
C3 NAG JA . 34.10 29.61 24.08
C4 NAG JA . 35.46 29.98 24.65
C5 NAG JA . 35.42 29.91 26.17
C6 NAG JA . 36.71 30.36 26.82
C7 NAG JA . 30.77 30.99 23.84
C8 NAG JA . 29.47 30.41 23.39
N2 NAG JA . 31.70 30.11 24.23
O3 NAG JA . 34.10 29.79 22.67
O4 NAG JA . 36.46 29.10 24.16
O5 NAG JA . 34.39 30.77 26.68
O6 NAG JA . 36.48 31.38 27.78
O7 NAG JA . 30.98 32.21 23.86
C1 MAN KA . -5.92 -35.48 45.23
C2 MAN KA . -4.42 -35.20 45.24
C3 MAN KA . -4.12 -33.86 45.92
C4 MAN KA . -5.01 -32.74 45.35
C5 MAN KA . -6.48 -33.16 45.47
C6 MAN KA . -7.44 -32.13 44.88
O2 MAN KA . -3.89 -35.08 43.91
O3 MAN KA . -2.75 -33.49 45.81
O4 MAN KA . -4.79 -31.53 46.05
O5 MAN KA . -6.69 -34.39 44.77
O6 MAN KA . -8.72 -32.35 45.42
C1 NAG LA . -4.46 33.41 43.31
C2 NAG LA . -4.14 33.35 44.81
C3 NAG LA . -5.40 32.95 45.58
C4 NAG LA . -6.55 33.88 45.22
C5 NAG LA . -6.73 33.96 43.70
C6 NAG LA . -7.78 34.97 43.28
C7 NAG LA . -2.97 31.18 44.72
C8 NAG LA . -1.72 30.44 45.12
N2 NAG LA . -3.03 32.46 45.09
O3 NAG LA . -5.13 33.01 46.98
O4 NAG LA . -7.75 33.40 45.81
O5 NAG LA . -5.51 34.34 43.08
O6 NAG LA . -7.92 36.00 44.25
O7 NAG LA . -3.87 30.62 44.10
C1 NAG MA . -24.86 1.74 34.16
C2 NAG MA . -24.10 0.46 34.49
C3 NAG MA . -24.58 -0.13 35.81
C4 NAG MA . -24.49 0.92 36.92
C5 NAG MA . -25.28 2.15 36.51
C6 NAG MA . -25.18 3.27 37.52
C7 NAG MA . -23.40 -1.55 33.26
C8 NAG MA . -23.68 -2.46 32.10
N2 NAG MA . -24.23 -0.52 33.41
O3 NAG MA . -23.77 -1.25 36.17
O4 NAG MA . -25.01 0.39 38.14
O5 NAG MA . -24.79 2.66 35.27
O6 NAG MA . -23.98 4.02 37.35
O7 NAG MA . -22.45 -1.74 34.02
C1 NAG NA . -39.18 -12.54 30.36
C2 NAG NA . -40.36 -13.00 31.21
C3 NAG NA . -40.68 -11.96 32.30
C4 NAG NA . -39.44 -11.65 33.10
C5 NAG NA . -38.28 -11.27 32.19
C6 NAG NA . -36.98 -11.08 32.93
C7 NAG NA . -42.29 -12.62 29.59
C8 NAG NA . -41.90 -11.17 29.42
N2 NAG NA . -41.54 -13.38 30.43
O3 NAG NA . -41.71 -12.47 33.15
O4 NAG NA . -39.69 -10.57 34.01
O5 NAG NA . -38.05 -12.29 31.22
O6 NAG NA . -36.99 -11.81 34.16
O7 NAG NA . -43.25 -13.09 29.00
C1 NAG OA . 4.41 55.26 25.11
C2 NAG OA . 3.71 54.25 24.18
C3 NAG OA . 2.29 54.71 23.86
C4 NAG OA . 1.51 55.01 25.13
C5 NAG OA . 2.27 56.02 25.97
C6 NAG OA . 1.60 56.30 27.31
C7 NAG OA . 4.70 54.93 22.03
C8 NAG OA . 5.50 54.47 20.85
N2 NAG OA . 4.47 54.00 22.98
O3 NAG OA . 1.62 53.72 23.10
O4 NAG OA . 0.22 55.54 24.80
O5 NAG OA . 3.58 55.51 26.27
O6 NAG OA . 0.30 56.83 27.12
O7 NAG OA . 4.31 56.09 22.13
C1 NAG PA . -28.63 59.17 0.10
C2 NAG PA . -29.59 59.67 1.18
C3 NAG PA . -29.11 61.00 1.75
C4 NAG PA . -27.66 60.90 2.21
C5 NAG PA . -26.78 60.35 1.09
C6 NAG PA . -25.36 60.12 1.53
C7 NAG PA . -31.94 58.97 0.97
C8 NAG PA . -33.26 59.25 0.31
N2 NAG PA . -30.94 59.80 0.65
O3 NAG PA . -29.94 61.39 2.83
O4 NAG PA . -27.18 62.18 2.60
O5 NAG PA . -27.31 59.09 0.64
O6 NAG PA . -25.28 59.02 2.43
O7 NAG PA . -31.79 58.04 1.74
C1 NAG QA . -43.68 23.14 16.80
C2 NAG QA . -43.75 23.85 18.17
C3 NAG QA . -44.15 22.85 19.26
C4 NAG QA . -45.38 22.04 18.85
C5 NAG QA . -45.11 21.41 17.49
C6 NAG QA . -46.27 20.60 16.95
C7 NAG QA . -42.03 25.57 17.89
C8 NAG QA . -40.68 26.06 18.35
N2 NAG QA . -42.47 24.46 18.49
O3 NAG QA . -44.45 23.57 20.45
O4 NAG QA . -45.61 21.01 19.80
O5 NAG QA . -44.88 22.46 16.55
O6 NAG QA . -47.46 21.37 16.92
O7 NAG QA . -42.65 26.13 17.01
C1 NAG RA . -41.45 -6.41 -0.15
C2 NAG RA . -42.87 -6.11 0.38
C3 NAG RA . -43.91 -6.99 -0.32
C4 NAG RA . -43.78 -6.87 -1.84
C5 NAG RA . -42.36 -7.18 -2.27
C6 NAG RA . -42.15 -7.00 -3.76
C7 NAG RA . -43.86 -5.62 2.56
C8 NAG RA . -43.82 -5.89 4.04
N2 NAG RA . -42.95 -6.26 1.81
O3 NAG RA . -45.22 -6.60 0.09
O4 NAG RA . -44.68 -7.77 -2.46
O5 NAG RA . -41.44 -6.29 -1.60
O6 NAG RA . -42.25 -5.63 -4.12
O7 NAG RA . -44.68 -4.85 2.07
C1 NAG SA . -47.28 48.57 -14.21
C2 NAG SA . -45.96 49.24 -14.57
C3 NAG SA . -46.22 50.59 -15.24
C4 NAG SA . -47.16 50.44 -16.42
C5 NAG SA . -48.43 49.70 -15.99
C6 NAG SA . -49.35 49.39 -17.14
C7 NAG SA . -45.39 50.18 -12.36
C8 NAG SA . -44.36 50.20 -11.26
N2 NAG SA . -45.11 49.39 -13.40
O3 NAG SA . -44.98 51.14 -15.67
O4 NAG SA . -47.51 51.72 -16.92
O5 NAG SA . -48.09 48.45 -15.38
O6 NAG SA . -49.43 50.46 -18.06
O7 NAG SA . -46.42 50.85 -12.29
C1 NAG TA . -18.75 0.91 -35.51
C2 NAG TA . -19.80 0.53 -34.45
C3 NAG TA . -20.80 -0.47 -35.03
C4 NAG TA . -21.41 0.08 -36.31
C5 NAG TA . -20.30 0.47 -37.29
C6 NAG TA . -20.82 1.12 -38.55
C7 NAG TA . -19.71 0.02 -32.05
C8 NAG TA . -18.91 -0.60 -30.94
N2 NAG TA . -19.16 -0.02 -33.26
O3 NAG TA . -21.83 -0.71 -34.08
O4 NAG TA . -22.24 -0.90 -36.92
O5 NAG TA . -19.41 1.41 -36.67
O6 NAG TA . -19.77 1.78 -39.26
O7 NAG TA . -20.81 0.54 -31.86
C1 NAG UA . 13.29 -19.49 -31.96
C2 NAG UA . 12.94 -20.25 -33.25
C3 NAG UA . 14.16 -20.33 -34.19
C4 NAG UA . 15.47 -20.31 -33.41
C5 NAG UA . 15.26 -20.99 -32.05
C6 NAG UA . 16.54 -21.17 -31.28
C7 NAG UA . 11.11 -21.85 -32.96
C8 NAG UA . 10.74 -23.28 -32.65
N2 NAG UA . 12.41 -21.57 -32.98
O3 NAG UA . 14.10 -19.24 -35.10
O4 NAG UA . 16.48 -20.99 -34.15
O5 NAG UA . 14.38 -20.18 -31.25
O6 NAG UA . 17.50 -20.20 -31.62
O7 NAG UA . 10.26 -21.00 -33.19
C1 NAG VA . -26.34 36.14 -31.82
C2 NAG VA . -27.40 36.20 -30.68
C3 NAG VA . -28.43 35.09 -30.85
C4 NAG VA . -29.04 35.11 -32.24
C5 NAG VA . -27.93 34.97 -33.26
C6 NAG VA . -28.42 35.00 -34.69
C7 NAG VA . -26.92 37.02 -28.41
C8 NAG VA . -26.21 36.73 -27.12
N2 NAG VA . -26.78 36.11 -29.37
O3 NAG VA . -29.45 35.20 -29.86
O4 NAG VA . -29.94 34.02 -32.38
O5 NAG VA . -27.01 36.05 -33.12
O6 NAG VA . -27.91 36.14 -35.37
O7 NAG VA . -27.59 38.05 -28.56
C1 MAN WA . -48.73 -72.29 -16.25
C2 MAN WA . -47.66 -72.12 -15.14
C3 MAN WA . -46.27 -72.01 -15.76
C4 MAN WA . -46.02 -73.14 -16.79
C5 MAN WA . -47.12 -73.10 -17.85
C6 MAN WA . -46.99 -74.22 -18.88
O2 MAN WA . -47.61 -73.27 -14.29
O3 MAN WA . -45.25 -72.01 -14.77
O4 MAN WA . -44.76 -72.96 -17.41
O5 MAN WA . -48.41 -73.28 -17.20
O6 MAN WA . -48.15 -74.20 -19.71
C1 NAG XA . 28.95 41.45 -28.42
C2 NAG XA . 27.44 41.67 -28.26
C3 NAG XA . 27.08 41.74 -26.77
C4 NAG XA . 27.55 40.46 -26.09
C5 NAG XA . 29.04 40.22 -26.31
C6 NAG XA . 29.50 38.89 -25.78
C7 NAG XA . 25.98 42.92 -29.80
C8 NAG XA . 25.70 44.25 -30.44
N2 NAG XA . 27.01 42.88 -28.96
O3 NAG XA . 25.68 41.90 -26.62
O4 NAG XA . 27.28 40.53 -24.69
O5 NAG XA . 29.34 40.23 -27.73
O6 NAG XA . 30.86 38.61 -26.12
O7 NAG XA . 25.29 41.92 -30.04
S DMS YA . 50.67 44.71 -10.42
O DMS YA . 50.45 43.29 -10.01
C1 DMS YA . 52.45 44.99 -10.66
C2 DMS YA . 50.38 45.80 -9.00
S DMS ZA . 45.49 58.23 -2.57
O DMS ZA . 46.48 57.85 -3.62
C1 DMS ZA . 43.85 57.66 -3.07
C2 DMS ZA . 45.26 60.03 -2.60
C1 NAG AB . 52.24 39.82 -12.90
C2 NAG AB . 53.21 39.86 -11.68
C3 NAG AB . 52.65 39.04 -10.51
C4 NAG AB . 51.19 39.36 -10.23
C5 NAG AB . 50.40 39.18 -11.52
C6 NAG AB . 48.93 39.47 -11.37
C7 NAG AB . 55.69 39.83 -11.59
C8 NAG AB . 55.60 40.97 -10.62
N2 NAG AB . 54.52 39.36 -12.06
O3 NAG AB . 53.42 39.27 -9.33
O4 NAG AB . 50.68 38.49 -9.23
O5 NAG AB . 50.92 40.11 -12.48
O6 NAG AB . 48.19 38.86 -12.42
O7 NAG AB . 56.76 39.35 -11.95
S DMS BB . 30.17 36.38 -3.45
O DMS BB . 29.15 37.48 -3.52
C1 DMS BB . 29.43 34.72 -3.35
C2 DMS BB . 31.19 36.32 -4.94
#